data_3K2B
#
_entry.id   3K2B
#
_cell.length_a   150.738
_cell.length_b   188.625
_cell.length_c   314.129
_cell.angle_alpha   90.00
_cell.angle_beta   90.00
_cell.angle_gamma   90.00
#
_symmetry.space_group_name_H-M   'I 2 2 2'
#
loop_
_entity.id
_entity.type
_entity.pdbx_description
1 polymer 'Glyceraldehyde-3-phosphate dehydrogenase A, chloroplastic'
2 non-polymer NICOTINAMIDE-ADENINE-DINUCLEOTIDE
3 non-polymer 'SULFATE ION'
4 water water
#
_entity_poly.entity_id   1
_entity_poly.type   'polypeptide(L)'
_entity_poly.pdbx_seq_one_letter_code
;AKLKVAINGFGRIGRNFLRCWHGRKDSPLDIIAINDTGGVKQASHLLKYDSTLGIFDADVKPSGETAISVDGKIIQVVSN
RNPSLLPWKELGIDIVIEGTGVFVDREGAGKHIEAGAKKVIITAPGKGDIPTYVVGVNADAYSHDEPIISNASCTTNCLA
PFVKVLDQKFGIIKGTMTTTHSYTGDQRLLDASHRDLRRARAAALNIVPTSTGAAKAVALVLPNLKGKLNGIALRVPTPN
VSVVDLVVQVSKKTFAEEVNAAFRDSAEKELKGILDVCDEPLVSVDFRCSDFSTTIDSSLTMVMGDDMVKVIAWYDNEWG
YSQRVVDLADIVANNWK
;
_entity_poly.pdbx_strand_id   A,B,C,D,E,F,G,H,O,Q
#
# COMPACT_ATOMS: atom_id res chain seq x y z
N ALA A 1 39.38 -30.88 24.39
CA ALA A 1 39.24 -29.87 23.32
C ALA A 1 38.72 -30.49 22.02
N LYS A 2 39.34 -30.13 20.91
CA LYS A 2 38.96 -30.63 19.58
C LYS A 2 37.54 -30.22 19.26
N LEU A 3 37.41 -29.10 18.59
CA LEU A 3 36.11 -28.56 18.21
C LEU A 3 35.34 -29.46 17.26
N LYS A 4 34.06 -29.66 17.55
CA LYS A 4 33.19 -30.48 16.72
C LYS A 4 32.79 -29.68 15.48
N VAL A 5 33.11 -30.21 14.31
CA VAL A 5 32.82 -29.55 13.04
C VAL A 5 31.66 -30.16 12.24
N ALA A 6 30.94 -29.30 11.51
CA ALA A 6 29.83 -29.72 10.66
C ALA A 6 30.01 -29.13 9.25
N ILE A 7 29.80 -29.96 8.23
CA ILE A 7 29.94 -29.53 6.85
C ILE A 7 28.58 -29.34 6.18
N ASN A 8 28.30 -28.12 5.73
CA ASN A 8 27.01 -27.82 5.09
C ASN A 8 27.11 -27.55 3.58
N GLY A 9 26.73 -28.55 2.80
CA GLY A 9 26.81 -28.44 1.35
C GLY A 9 27.92 -29.38 0.92
N PHE A 10 27.65 -30.68 0.99
CA PHE A 10 28.62 -31.72 0.64
C PHE A 10 29.03 -31.72 -0.83
N GLY A 11 29.24 -30.53 -1.39
CA GLY A 11 29.60 -30.40 -2.79
C GLY A 11 31.06 -30.67 -3.06
N ARG A 12 31.62 -29.96 -4.02
CA ARG A 12 33.03 -30.14 -4.36
C ARG A 12 33.89 -29.66 -3.20
N ILE A 13 33.65 -28.44 -2.73
CA ILE A 13 34.43 -27.92 -1.62
C ILE A 13 34.11 -28.68 -0.35
N GLY A 14 32.84 -29.03 -0.17
CA GLY A 14 32.45 -29.78 1.01
C GLY A 14 33.20 -31.09 1.09
N ARG A 15 33.20 -31.84 -0.01
CA ARG A 15 33.87 -33.12 -0.07
C ARG A 15 35.40 -33.00 -0.09
N ASN A 16 35.94 -31.98 -0.75
CA ASN A 16 37.39 -31.80 -0.77
C ASN A 16 37.85 -31.41 0.64
N PHE A 17 37.04 -30.61 1.32
CA PHE A 17 37.38 -30.18 2.67
C PHE A 17 37.56 -31.39 3.57
N LEU A 18 36.61 -32.31 3.50
CA LEU A 18 36.64 -33.52 4.31
C LEU A 18 37.90 -34.35 4.04
N ARG A 19 38.26 -34.46 2.77
CA ARG A 19 39.45 -35.23 2.41
C ARG A 19 40.72 -34.47 2.83
N CYS A 20 40.71 -33.15 2.70
CA CYS A 20 41.85 -32.36 3.11
C CYS A 20 42.08 -32.54 4.60
N TRP A 21 41.03 -32.32 5.38
CA TRP A 21 41.11 -32.48 6.82
C TRP A 21 41.56 -33.90 7.16
N HIS A 22 40.90 -34.88 6.56
CA HIS A 22 41.21 -36.29 6.80
C HIS A 22 42.70 -36.61 6.62
N GLY A 23 43.36 -35.88 5.73
CA GLY A 23 44.77 -36.13 5.51
C GLY A 23 45.68 -35.39 6.47
N ARG A 24 45.11 -34.55 7.33
CA ARG A 24 45.94 -33.82 8.26
C ARG A 24 46.35 -34.70 9.43
N LYS A 25 47.45 -34.34 10.09
CA LYS A 25 47.93 -35.07 11.25
C LYS A 25 47.86 -34.08 12.40
N ASP A 26 47.37 -34.55 13.55
CA ASP A 26 47.24 -33.68 14.70
C ASP A 26 46.32 -32.49 14.40
N SER A 27 45.06 -32.78 14.09
CA SER A 27 44.07 -31.76 13.78
C SER A 27 43.27 -31.32 15.01
N PRO A 28 43.07 -30.01 15.19
CA PRO A 28 42.30 -29.53 16.33
C PRO A 28 40.83 -29.73 16.01
N LEU A 29 40.57 -30.28 14.83
CA LEU A 29 39.19 -30.50 14.38
C LEU A 29 38.73 -31.94 14.32
N ASP A 30 37.42 -32.09 14.46
CA ASP A 30 36.76 -33.38 14.41
C ASP A 30 35.46 -33.15 13.66
N ILE A 31 35.41 -33.63 12.42
CA ILE A 31 34.23 -33.48 11.59
C ILE A 31 33.23 -34.55 11.99
N ILE A 32 32.08 -34.14 12.51
CA ILE A 32 31.10 -35.13 12.94
C ILE A 32 29.69 -34.98 12.37
N ALA A 33 29.52 -34.23 11.31
CA ALA A 33 28.19 -34.07 10.73
C ALA A 33 28.26 -33.51 9.33
N ILE A 34 27.38 -34.01 8.46
CA ILE A 34 27.31 -33.56 7.08
C ILE A 34 25.87 -33.25 6.74
N ASN A 35 25.63 -32.11 6.08
CA ASN A 35 24.29 -31.75 5.67
C ASN A 35 24.28 -31.35 4.20
N ASP A 36 23.37 -31.95 3.46
CA ASP A 36 23.21 -31.69 2.02
C ASP A 36 21.77 -32.03 1.70
N THR A 37 21.43 -32.13 0.43
CA THR A 37 20.06 -32.47 0.07
C THR A 37 20.05 -33.89 -0.50
N GLY A 38 21.04 -34.69 -0.14
CA GLY A 38 21.11 -36.04 -0.68
C GLY A 38 21.04 -37.20 0.29
N GLY A 39 21.44 -37.00 1.53
CA GLY A 39 21.40 -38.10 2.48
C GLY A 39 22.51 -39.11 2.24
N VAL A 40 22.65 -40.05 3.19
CA VAL A 40 23.68 -41.08 3.15
C VAL A 40 23.96 -41.72 1.78
N LYS A 41 22.97 -41.73 0.89
CA LYS A 41 23.16 -42.33 -0.43
C LYS A 41 24.28 -41.64 -1.20
N GLN A 42 24.01 -40.42 -1.67
CA GLN A 42 24.98 -39.64 -2.41
C GLN A 42 26.25 -39.52 -1.58
N ALA A 43 26.10 -39.06 -0.35
CA ALA A 43 27.20 -38.84 0.59
C ALA A 43 28.30 -39.89 0.62
N SER A 44 27.93 -41.14 0.87
CA SER A 44 28.92 -42.20 0.93
C SER A 44 29.58 -42.43 -0.43
N HIS A 45 28.75 -42.58 -1.45
CA HIS A 45 29.22 -42.84 -2.80
C HIS A 45 30.11 -41.79 -3.43
N LEU A 46 29.75 -40.52 -3.28
CA LEU A 46 30.53 -39.44 -3.89
C LEU A 46 31.75 -39.00 -3.11
N LEU A 47 31.88 -39.46 -1.87
CA LEU A 47 33.03 -39.13 -1.04
C LEU A 47 34.11 -40.13 -1.41
N LYS A 48 33.66 -41.33 -1.76
CA LYS A 48 34.52 -42.44 -2.13
C LYS A 48 35.02 -42.36 -3.58
N TYR A 49 34.10 -42.09 -4.50
CA TYR A 49 34.45 -42.00 -5.91
C TYR A 49 34.45 -40.56 -6.40
N ASP A 50 35.57 -40.13 -6.98
CA ASP A 50 35.69 -38.76 -7.43
C ASP A 50 36.36 -38.69 -8.80
N SER A 51 35.64 -38.19 -9.79
CA SER A 51 36.16 -38.08 -11.14
C SER A 51 37.37 -37.14 -11.18
N THR A 52 37.59 -36.39 -10.12
CA THR A 52 38.70 -35.45 -10.08
C THR A 52 39.79 -35.84 -9.11
N LEU A 53 39.40 -36.30 -7.92
CA LEU A 53 40.37 -36.70 -6.90
C LEU A 53 40.71 -38.16 -6.98
N GLY A 54 39.82 -38.95 -7.56
CA GLY A 54 40.05 -40.37 -7.63
C GLY A 54 39.40 -41.04 -6.43
N ILE A 55 39.61 -42.35 -6.30
CA ILE A 55 39.05 -43.10 -5.20
C ILE A 55 39.71 -42.74 -3.88
N PHE A 56 38.88 -42.34 -2.93
CA PHE A 56 39.35 -41.96 -1.60
C PHE A 56 39.95 -43.20 -0.91
N ASP A 57 41.22 -43.11 -0.52
CA ASP A 57 41.90 -44.20 0.16
C ASP A 57 41.43 -44.32 1.61
N ALA A 58 40.15 -44.61 1.81
CA ALA A 58 39.58 -44.75 3.14
C ALA A 58 38.39 -45.70 3.09
N ASP A 59 38.08 -46.34 4.21
CA ASP A 59 36.94 -47.23 4.24
C ASP A 59 35.69 -46.39 4.37
N VAL A 60 35.05 -46.10 3.25
CA VAL A 60 33.82 -45.30 3.29
C VAL A 60 32.62 -46.21 3.12
N LYS A 61 31.66 -46.05 4.03
CA LYS A 61 30.46 -46.85 3.98
C LYS A 61 29.39 -46.28 4.90
N PRO A 62 28.12 -46.49 4.54
CA PRO A 62 27.04 -46.00 5.38
C PRO A 62 27.00 -46.72 6.72
N SER A 63 26.52 -46.00 7.74
CA SER A 63 26.38 -46.52 9.08
C SER A 63 24.94 -46.19 9.42
N GLY A 64 24.09 -47.20 9.43
CA GLY A 64 22.68 -46.96 9.68
C GLY A 64 22.19 -46.22 8.45
N GLU A 65 21.01 -45.62 8.52
CA GLU A 65 20.48 -44.86 7.37
C GLU A 65 20.56 -43.37 7.63
N THR A 66 21.38 -42.97 8.59
CA THR A 66 21.48 -41.56 8.92
C THR A 66 22.91 -41.08 9.21
N ALA A 67 23.90 -41.87 8.80
CA ALA A 67 25.29 -41.50 9.00
C ALA A 67 26.20 -42.37 8.14
N ILE A 68 27.50 -42.05 8.18
CA ILE A 68 28.50 -42.81 7.45
C ILE A 68 29.74 -42.98 8.33
N SER A 69 30.58 -43.95 7.96
CA SER A 69 31.82 -44.21 8.70
C SER A 69 32.99 -44.09 7.74
N VAL A 70 33.98 -43.28 8.14
CA VAL A 70 35.17 -43.08 7.35
C VAL A 70 36.30 -43.59 8.23
N ASP A 71 36.79 -44.79 7.91
CA ASP A 71 37.84 -45.40 8.70
C ASP A 71 37.35 -45.57 10.13
N GLY A 72 36.13 -46.10 10.27
CA GLY A 72 35.54 -46.33 11.56
C GLY A 72 34.92 -45.11 12.22
N LYS A 73 35.52 -43.94 11.99
CA LYS A 73 35.00 -42.71 12.58
C LYS A 73 33.63 -42.40 11.98
N ILE A 74 32.60 -42.48 12.81
CA ILE A 74 31.26 -42.23 12.32
C ILE A 74 30.85 -40.77 12.30
N ILE A 75 30.30 -40.35 11.17
CA ILE A 75 29.85 -38.99 11.00
C ILE A 75 28.39 -38.95 10.56
N GLN A 76 27.58 -38.22 11.32
CA GLN A 76 26.17 -38.05 11.04
C GLN A 76 25.92 -37.47 9.65
N VAL A 77 24.79 -37.83 9.06
CA VAL A 77 24.42 -37.35 7.72
C VAL A 77 22.97 -36.83 7.76
N VAL A 78 22.81 -35.54 8.00
CA VAL A 78 21.49 -34.93 8.06
C VAL A 78 21.13 -34.44 6.67
N SER A 79 19.88 -34.02 6.47
CA SER A 79 19.47 -33.55 5.16
C SER A 79 18.31 -32.56 5.14
N ASN A 80 18.60 -31.31 5.45
CA ASN A 80 17.57 -30.26 5.45
C ASN A 80 18.07 -28.98 4.80
N ARG A 81 17.39 -28.53 3.75
CA ARG A 81 17.80 -27.32 3.04
C ARG A 81 17.65 -26.03 3.84
N ASN A 82 17.21 -26.13 5.10
CA ASN A 82 17.02 -24.94 5.92
C ASN A 82 17.85 -25.02 7.20
N PRO A 83 19.04 -24.40 7.18
CA PRO A 83 19.94 -24.39 8.34
C PRO A 83 19.20 -24.27 9.67
N SER A 84 18.21 -23.39 9.73
CA SER A 84 17.45 -23.20 10.96
C SER A 84 17.02 -24.51 11.61
N LEU A 85 16.66 -25.48 10.77
CA LEU A 85 16.20 -26.77 11.28
C LEU A 85 17.29 -27.83 11.44
N LEU A 86 18.56 -27.41 11.52
CA LEU A 86 19.63 -28.39 11.68
C LEU A 86 19.84 -28.79 13.14
N PRO A 87 20.23 -30.06 13.38
CA PRO A 87 20.47 -30.61 14.73
C PRO A 87 21.75 -30.11 15.37
N TRP A 88 22.10 -28.85 15.14
CA TRP A 88 23.34 -28.32 15.68
C TRP A 88 23.37 -28.28 17.21
N LYS A 89 22.35 -27.70 17.85
CA LYS A 89 22.34 -27.63 19.31
C LYS A 89 22.51 -28.98 19.99
N GLU A 90 21.93 -30.04 19.42
CA GLU A 90 22.04 -31.36 20.04
C GLU A 90 23.36 -32.07 19.72
N LEU A 91 23.90 -31.83 18.54
CA LEU A 91 25.16 -32.45 18.14
C LEU A 91 26.34 -31.74 18.78
N GLY A 92 26.09 -30.57 19.36
CA GLY A 92 27.15 -29.81 19.99
C GLY A 92 28.10 -29.24 18.95
N ILE A 93 27.55 -28.85 17.82
CA ILE A 93 28.33 -28.30 16.72
C ILE A 93 29.00 -26.98 17.07
N ASP A 94 30.31 -26.93 16.94
CA ASP A 94 31.06 -25.71 17.24
C ASP A 94 31.20 -24.83 16.01
N ILE A 95 31.88 -25.32 14.98
CA ILE A 95 32.06 -24.53 13.78
C ILE A 95 31.41 -25.22 12.58
N VAL A 96 30.87 -24.40 11.69
CA VAL A 96 30.17 -24.89 10.50
C VAL A 96 30.84 -24.46 9.19
N ILE A 97 31.18 -25.42 8.35
CA ILE A 97 31.80 -25.12 7.06
C ILE A 97 30.65 -24.96 6.05
N GLU A 98 30.32 -23.71 5.73
CA GLU A 98 29.22 -23.42 4.83
C GLU A 98 29.63 -23.46 3.36
N GLY A 99 29.35 -24.58 2.70
CA GLY A 99 29.71 -24.70 1.30
C GLY A 99 28.57 -24.97 0.35
N THR A 100 27.41 -24.38 0.61
CA THR A 100 26.25 -24.58 -0.25
C THR A 100 26.27 -23.52 -1.30
N GLY A 101 26.97 -22.43 -0.98
CA GLY A 101 27.05 -21.34 -1.92
C GLY A 101 25.73 -20.60 -2.05
N VAL A 102 24.85 -20.75 -1.06
CA VAL A 102 23.56 -20.10 -1.08
C VAL A 102 23.22 -19.40 0.22
N PHE A 103 24.09 -19.56 1.23
CA PHE A 103 23.92 -18.93 2.53
C PHE A 103 25.20 -18.14 2.80
N VAL A 104 25.45 -17.14 1.96
CA VAL A 104 26.67 -16.35 2.04
C VAL A 104 26.56 -14.94 2.59
N ASP A 105 25.57 -14.71 3.45
CA ASP A 105 25.37 -13.41 4.09
C ASP A 105 25.06 -13.69 5.56
N ARG A 106 25.03 -12.65 6.39
CA ARG A 106 24.74 -12.86 7.80
C ARG A 106 23.39 -13.52 8.03
N GLU A 107 22.33 -12.96 7.44
CA GLU A 107 20.99 -13.54 7.61
C GLU A 107 20.98 -15.01 7.26
N GLY A 108 21.82 -15.39 6.30
CA GLY A 108 21.92 -16.77 5.85
C GLY A 108 22.71 -17.59 6.84
N ALA A 109 24.03 -17.43 6.82
CA ALA A 109 24.91 -18.16 7.71
C ALA A 109 24.37 -18.16 9.14
N GLY A 110 23.93 -16.99 9.60
CA GLY A 110 23.38 -16.85 10.94
C GLY A 110 22.43 -17.97 11.35
N LYS A 111 21.68 -18.47 10.38
CA LYS A 111 20.74 -19.55 10.61
C LYS A 111 21.41 -20.73 11.30
N HIS A 112 22.70 -20.94 11.04
CA HIS A 112 23.43 -22.05 11.68
C HIS A 112 23.62 -21.77 13.17
N ILE A 113 23.79 -20.49 13.52
CA ILE A 113 23.94 -20.11 14.90
C ILE A 113 22.56 -20.25 15.52
N GLU A 114 21.57 -19.66 14.88
CA GLU A 114 20.20 -19.73 15.34
C GLU A 114 19.83 -21.19 15.57
N ALA A 115 20.61 -22.10 15.00
CA ALA A 115 20.33 -23.52 15.14
C ALA A 115 21.25 -24.25 16.12
N GLY A 116 22.14 -23.52 16.77
CA GLY A 116 23.01 -24.16 17.74
C GLY A 116 24.51 -23.97 17.59
N ALA A 117 24.99 -23.91 16.35
CA ALA A 117 26.42 -23.76 16.12
C ALA A 117 26.97 -22.44 16.63
N LYS A 118 28.22 -22.47 17.08
CA LYS A 118 28.88 -21.28 17.59
C LYS A 118 29.48 -20.41 16.49
N LYS A 119 30.12 -21.01 15.49
CA LYS A 119 30.72 -20.23 14.39
C LYS A 119 30.45 -20.75 12.99
N VAL A 120 30.58 -19.85 12.02
CA VAL A 120 30.36 -20.18 10.61
C VAL A 120 31.49 -19.64 9.72
N ILE A 121 32.01 -20.53 8.87
CA ILE A 121 33.08 -20.19 7.93
C ILE A 121 32.54 -20.38 6.52
N ILE A 122 32.22 -19.27 5.84
CA ILE A 122 31.69 -19.31 4.48
C ILE A 122 32.79 -19.63 3.46
N THR A 123 32.71 -20.78 2.81
CA THR A 123 33.70 -21.19 1.81
C THR A 123 33.52 -20.40 0.51
N ALA A 124 33.39 -19.08 0.63
CA ALA A 124 33.18 -18.18 -0.51
C ALA A 124 33.12 -16.73 -0.02
N PRO A 125 33.16 -15.76 -0.95
CA PRO A 125 33.11 -14.36 -0.53
C PRO A 125 31.80 -14.16 0.19
N GLY A 126 31.80 -13.28 1.19
CA GLY A 126 30.58 -13.03 1.94
C GLY A 126 29.90 -11.80 1.40
N LYS A 127 28.58 -11.71 1.53
CA LYS A 127 27.84 -10.53 1.06
C LYS A 127 27.91 -9.49 2.18
N GLY A 128 28.10 -8.23 1.81
CA GLY A 128 28.15 -7.20 2.83
C GLY A 128 29.49 -7.07 3.52
N ASP A 129 29.47 -6.91 4.83
CA ASP A 129 30.70 -6.74 5.59
C ASP A 129 31.12 -7.90 6.48
N ILE A 130 31.03 -9.11 5.95
CA ILE A 130 31.44 -10.27 6.71
C ILE A 130 32.95 -10.28 6.72
N PRO A 131 33.58 -10.51 7.89
CA PRO A 131 35.03 -10.54 8.01
C PRO A 131 35.65 -11.57 7.06
N THR A 132 36.39 -11.10 6.06
CA THR A 132 37.03 -11.97 5.08
C THR A 132 38.50 -12.18 5.42
N TYR A 133 38.99 -13.41 5.25
CA TYR A 133 40.37 -13.73 5.56
C TYR A 133 41.04 -14.61 4.51
N VAL A 134 42.36 -14.42 4.34
CA VAL A 134 43.14 -15.20 3.42
C VAL A 134 44.38 -15.66 4.16
N VAL A 135 44.43 -16.96 4.46
CA VAL A 135 45.56 -17.54 5.20
C VAL A 135 46.88 -17.18 4.54
N GLY A 136 47.80 -16.66 5.34
CA GLY A 136 49.10 -16.27 4.84
C GLY A 136 49.16 -14.79 4.49
N VAL A 137 47.99 -14.15 4.41
CA VAL A 137 47.90 -12.73 4.07
C VAL A 137 47.31 -11.90 5.21
N ASN A 138 46.34 -12.44 5.96
CA ASN A 138 45.76 -11.70 7.08
C ASN A 138 44.89 -12.51 8.06
N ALA A 139 44.78 -13.83 7.84
CA ALA A 139 43.96 -14.68 8.70
C ALA A 139 44.35 -14.53 10.16
N ASP A 140 45.58 -14.12 10.40
CA ASP A 140 46.06 -13.93 11.76
C ASP A 140 45.29 -12.81 12.45
N ALA A 141 44.69 -11.92 11.66
CA ALA A 141 43.94 -10.80 12.19
C ALA A 141 42.58 -11.23 12.71
N TYR A 142 42.21 -12.49 12.46
CA TYR A 142 40.95 -13.02 12.93
C TYR A 142 40.75 -12.77 14.43
N SER A 143 39.50 -12.53 14.83
CA SER A 143 39.14 -12.28 16.23
C SER A 143 38.08 -13.29 16.70
N HIS A 144 38.31 -13.88 17.87
CA HIS A 144 37.41 -14.88 18.46
C HIS A 144 35.93 -14.51 18.60
N ASP A 145 35.62 -13.22 18.60
CA ASP A 145 34.22 -12.80 18.74
C ASP A 145 33.56 -12.43 17.42
N GLU A 146 34.01 -13.06 16.34
CA GLU A 146 33.43 -12.83 15.03
C GLU A 146 32.73 -14.14 14.69
N PRO A 147 31.39 -14.18 14.84
CA PRO A 147 30.59 -15.37 14.57
C PRO A 147 30.65 -15.93 13.15
N ILE A 148 30.50 -15.06 12.16
CA ILE A 148 30.51 -15.49 10.77
C ILE A 148 31.67 -14.88 9.99
N ILE A 149 32.52 -15.73 9.42
CA ILE A 149 33.66 -15.23 8.63
C ILE A 149 33.71 -15.94 7.27
N SER A 150 34.40 -15.30 6.32
CA SER A 150 34.53 -15.83 4.97
C SER A 150 35.99 -16.11 4.60
N ASN A 151 36.22 -17.19 3.88
CA ASN A 151 37.56 -17.56 3.44
C ASN A 151 37.82 -17.03 2.03
N ALA A 152 37.04 -16.02 1.62
CA ALA A 152 37.17 -15.41 0.30
C ALA A 152 37.03 -16.44 -0.82
N SER A 153 37.23 -16.01 -2.06
CA SER A 153 37.12 -16.92 -3.19
C SER A 153 38.43 -17.68 -3.45
N CYS A 154 38.40 -18.63 -4.38
CA CYS A 154 39.59 -19.42 -4.69
C CYS A 154 40.61 -18.59 -5.45
N THR A 155 40.14 -17.72 -6.33
CA THR A 155 41.02 -16.86 -7.11
C THR A 155 41.68 -15.84 -6.19
N THR A 156 40.92 -15.32 -5.24
CA THR A 156 41.48 -14.35 -4.30
C THR A 156 42.60 -15.02 -3.51
N ASN A 157 42.39 -16.26 -3.09
CA ASN A 157 43.43 -16.96 -2.34
C ASN A 157 44.66 -17.18 -3.20
N CYS A 158 44.48 -17.29 -4.51
CA CYS A 158 45.64 -17.48 -5.38
C CYS A 158 46.35 -16.14 -5.56
N LEU A 159 45.59 -15.14 -5.98
CA LEU A 159 46.11 -13.80 -6.22
C LEU A 159 46.65 -13.06 -4.99
N ALA A 160 45.95 -13.13 -3.87
CA ALA A 160 46.39 -12.40 -2.67
C ALA A 160 47.83 -12.62 -2.23
N PRO A 161 48.26 -13.89 -2.12
CA PRO A 161 49.63 -14.21 -1.70
C PRO A 161 50.78 -13.63 -2.52
N PHE A 162 50.68 -13.62 -3.84
CA PHE A 162 51.79 -13.05 -4.59
C PHE A 162 51.65 -11.58 -4.87
N VAL A 163 50.44 -11.05 -4.67
CA VAL A 163 50.22 -9.62 -4.85
C VAL A 163 50.85 -9.01 -3.59
N LYS A 164 50.75 -9.74 -2.50
CA LYS A 164 51.32 -9.30 -1.23
C LYS A 164 52.83 -9.14 -1.42
N VAL A 165 53.46 -10.09 -2.09
CA VAL A 165 54.90 -10.04 -2.31
C VAL A 165 55.29 -8.90 -3.24
N LEU A 166 54.58 -8.77 -4.37
CA LEU A 166 54.87 -7.71 -5.34
C LEU A 166 54.76 -6.30 -4.77
N ASP A 167 53.69 -6.03 -4.04
CA ASP A 167 53.50 -4.70 -3.47
C ASP A 167 54.54 -4.43 -2.39
N GLN A 168 54.83 -5.46 -1.60
CA GLN A 168 55.78 -5.32 -0.51
C GLN A 168 57.16 -5.03 -1.06
N LYS A 169 57.55 -5.79 -2.07
CA LYS A 169 58.87 -5.69 -2.67
C LYS A 169 59.07 -4.69 -3.83
N PHE A 170 57.99 -4.29 -4.48
CA PHE A 170 58.13 -3.37 -5.61
C PHE A 170 57.11 -2.25 -5.59
N GLY A 171 56.08 -2.39 -4.78
CA GLY A 171 55.04 -1.38 -4.68
C GLY A 171 54.12 -1.38 -5.87
N ILE A 172 52.91 -1.89 -5.69
CA ILE A 172 51.93 -1.92 -6.78
C ILE A 172 51.17 -0.62 -6.98
N ILE A 173 51.45 0.06 -8.09
CA ILE A 173 50.77 1.32 -8.42
C ILE A 173 49.34 1.06 -8.91
N LYS A 174 49.22 0.11 -9.83
CA LYS A 174 47.93 -0.26 -10.40
C LYS A 174 48.14 -1.56 -11.17
N GLY A 175 47.08 -2.33 -11.34
CA GLY A 175 47.22 -3.56 -12.09
C GLY A 175 45.89 -4.06 -12.60
N THR A 176 45.96 -5.00 -13.54
CA THR A 176 44.78 -5.61 -14.12
C THR A 176 45.00 -7.11 -14.06
N MET A 177 43.94 -7.91 -14.07
CA MET A 177 44.10 -9.34 -13.97
C MET A 177 43.13 -10.19 -14.80
N THR A 178 43.57 -11.38 -15.23
CA THR A 178 42.73 -12.28 -15.99
C THR A 178 42.96 -13.72 -15.53
N THR A 179 41.90 -14.36 -15.05
CA THR A 179 42.03 -15.73 -14.59
C THR A 179 41.36 -16.75 -15.53
N THR A 180 42.19 -17.55 -16.21
CA THR A 180 41.72 -18.59 -17.11
C THR A 180 41.41 -19.66 -16.08
N HIS A 181 40.13 -19.86 -15.82
CA HIS A 181 39.65 -20.76 -14.78
C HIS A 181 38.95 -22.02 -15.27
N SER A 182 39.08 -23.11 -14.51
CA SER A 182 38.39 -24.34 -14.88
C SER A 182 36.89 -24.05 -14.71
N TYR A 183 36.02 -24.81 -15.39
CA TYR A 183 34.60 -24.57 -15.23
C TYR A 183 34.17 -25.22 -13.92
N THR A 184 33.14 -24.67 -13.31
CA THR A 184 32.64 -25.18 -12.06
C THR A 184 31.17 -25.59 -12.17
N GLY A 185 30.64 -26.13 -11.09
CA GLY A 185 29.25 -26.55 -11.09
C GLY A 185 28.26 -25.44 -11.31
N ASP A 186 28.71 -24.19 -11.35
CA ASP A 186 27.79 -23.07 -11.55
C ASP A 186 27.44 -22.86 -13.02
N GLN A 187 28.28 -23.39 -13.91
CA GLN A 187 28.05 -23.30 -15.33
C GLN A 187 27.16 -24.47 -15.74
N ARG A 188 26.57 -24.38 -16.93
CA ARG A 188 25.67 -25.41 -17.42
C ARG A 188 26.41 -26.40 -18.32
N LEU A 189 25.97 -27.65 -18.32
CA LEU A 189 26.59 -28.66 -19.16
C LEU A 189 26.34 -28.31 -20.63
N LEU A 190 25.08 -28.11 -20.99
CA LEU A 190 24.71 -27.72 -22.36
C LEU A 190 23.90 -26.43 -22.20
N ASP A 191 23.91 -25.58 -23.24
CA ASP A 191 23.19 -24.28 -23.22
C ASP A 191 21.83 -24.33 -22.52
N ALA A 192 21.78 -23.77 -21.32
CA ALA A 192 20.56 -23.76 -20.52
C ALA A 192 20.36 -22.45 -19.77
N SER A 193 19.35 -22.44 -18.91
CA SER A 193 18.98 -21.27 -18.13
C SER A 193 19.99 -20.84 -17.08
N HIS A 194 20.31 -19.55 -17.07
CA HIS A 194 21.24 -19.00 -16.12
C HIS A 194 21.05 -17.49 -16.07
N ARG A 195 21.21 -16.88 -14.89
CA ARG A 195 21.04 -15.43 -14.81
C ARG A 195 22.09 -14.78 -15.69
N ASP A 196 23.27 -15.39 -15.74
CA ASP A 196 24.36 -14.90 -16.58
C ASP A 196 24.28 -15.60 -17.95
N LEU A 197 24.15 -14.83 -19.02
CA LEU A 197 24.00 -15.43 -20.34
C LEU A 197 25.27 -16.06 -20.92
N ARG A 198 26.40 -15.91 -20.21
CA ARG A 198 27.64 -16.49 -20.68
C ARG A 198 27.76 -17.85 -20.00
N ARG A 199 27.62 -17.85 -18.68
CA ARG A 199 27.69 -19.09 -17.91
C ARG A 199 26.57 -20.05 -18.33
N ALA A 200 25.62 -19.52 -19.11
CA ALA A 200 24.50 -20.30 -19.59
C ALA A 200 24.95 -21.26 -20.68
N ARG A 201 25.99 -20.85 -21.41
CA ARG A 201 26.52 -21.64 -22.53
C ARG A 201 27.32 -22.86 -22.08
N ALA A 202 27.08 -23.99 -22.76
CA ALA A 202 27.76 -25.25 -22.45
C ALA A 202 29.19 -24.98 -22.00
N ALA A 203 29.49 -25.38 -20.76
CA ALA A 203 30.79 -25.18 -20.14
C ALA A 203 31.99 -25.88 -20.77
N ALA A 204 31.84 -27.15 -21.15
CA ALA A 204 32.97 -27.88 -21.74
C ALA A 204 33.12 -27.76 -23.25
N LEU A 205 32.68 -26.65 -23.83
CA LEU A 205 32.79 -26.45 -25.28
C LEU A 205 33.15 -25.01 -25.57
N ASN A 206 33.41 -24.23 -24.52
CA ASN A 206 33.69 -22.82 -24.74
C ASN A 206 34.69 -22.17 -23.81
N ILE A 207 35.10 -20.97 -24.22
CA ILE A 207 35.94 -20.12 -23.40
C ILE A 207 34.83 -19.12 -23.03
N VAL A 208 34.51 -19.05 -21.74
CA VAL A 208 33.42 -18.21 -21.27
C VAL A 208 33.76 -17.00 -20.40
N PRO A 209 33.68 -15.78 -20.98
CA PRO A 209 34.00 -14.60 -20.16
C PRO A 209 33.00 -14.53 -18.99
N THR A 210 33.46 -14.05 -17.84
CA THR A 210 32.59 -13.93 -16.67
C THR A 210 33.25 -13.03 -15.64
N SER A 211 32.45 -12.21 -14.98
CA SER A 211 33.01 -11.28 -14.02
C SER A 211 33.66 -11.98 -12.84
N THR A 212 34.48 -11.23 -12.12
CA THR A 212 35.17 -11.75 -10.96
C THR A 212 35.42 -10.60 -10.00
N GLY A 213 35.10 -10.80 -8.73
CA GLY A 213 35.30 -9.76 -7.76
C GLY A 213 36.58 -10.00 -6.98
N ALA A 214 37.45 -10.82 -7.55
CA ALA A 214 38.72 -11.17 -6.94
C ALA A 214 39.65 -9.96 -6.85
N ALA A 215 39.82 -9.28 -7.98
CA ALA A 215 40.69 -8.11 -8.05
C ALA A 215 40.39 -7.11 -6.93
N LYS A 216 39.13 -6.86 -6.63
CA LYS A 216 38.85 -5.92 -5.55
C LYS A 216 38.71 -6.56 -4.18
N ALA A 217 38.53 -7.87 -4.15
CA ALA A 217 38.41 -8.57 -2.87
C ALA A 217 39.78 -8.55 -2.19
N VAL A 218 40.84 -8.49 -3.00
CA VAL A 218 42.20 -8.46 -2.49
C VAL A 218 42.38 -7.28 -1.54
N ALA A 219 41.74 -6.16 -1.87
CA ALA A 219 41.84 -4.96 -1.05
C ALA A 219 41.27 -5.20 0.36
N LEU A 220 40.43 -6.22 0.48
CA LEU A 220 39.86 -6.54 1.77
C LEU A 220 40.92 -7.11 2.71
N VAL A 221 41.79 -7.97 2.20
CA VAL A 221 42.84 -8.58 3.03
C VAL A 221 44.22 -7.88 2.94
N LEU A 222 44.35 -6.98 1.96
CA LEU A 222 45.56 -6.17 1.75
C LEU A 222 45.04 -4.79 1.38
N PRO A 223 44.64 -3.98 2.38
CA PRO A 223 44.11 -2.62 2.16
C PRO A 223 44.85 -1.77 1.12
N ASN A 224 46.17 -1.78 1.16
CA ASN A 224 46.96 -0.98 0.23
C ASN A 224 46.62 -1.21 -1.24
N LEU A 225 45.82 -2.23 -1.51
CA LEU A 225 45.45 -2.57 -2.88
C LEU A 225 44.07 -2.10 -3.29
N LYS A 226 43.36 -1.44 -2.37
CA LYS A 226 42.03 -0.93 -2.67
C LYS A 226 42.05 0.07 -3.82
N GLY A 227 41.12 -0.10 -4.76
CA GLY A 227 41.02 0.78 -5.91
C GLY A 227 42.05 0.59 -7.01
N LYS A 228 43.13 -0.15 -6.71
CA LYS A 228 44.23 -0.37 -7.64
C LYS A 228 44.16 -1.53 -8.65
N LEU A 229 43.25 -2.49 -8.46
CA LEU A 229 43.16 -3.64 -9.37
C LEU A 229 41.76 -3.97 -9.85
N ASN A 230 41.66 -4.41 -11.09
CA ASN A 230 40.38 -4.83 -11.65
C ASN A 230 40.75 -6.11 -12.41
N GLY A 231 39.75 -6.87 -12.85
CA GLY A 231 40.06 -8.09 -13.57
C GLY A 231 38.85 -8.79 -14.14
N ILE A 232 39.10 -9.85 -14.90
CA ILE A 232 38.03 -10.63 -15.51
C ILE A 232 38.40 -12.11 -15.45
N ALA A 233 37.44 -12.96 -15.79
CA ALA A 233 37.67 -14.40 -15.80
C ALA A 233 37.28 -14.99 -17.15
N LEU A 234 37.84 -16.15 -17.45
CA LEU A 234 37.55 -16.85 -18.69
C LEU A 234 37.48 -18.32 -18.32
N ARG A 235 36.26 -18.84 -18.22
CA ARG A 235 36.05 -20.25 -17.90
C ARG A 235 36.41 -21.08 -19.15
N VAL A 236 37.24 -22.10 -18.97
CA VAL A 236 37.66 -22.94 -20.09
C VAL A 236 37.34 -24.41 -19.83
N PRO A 237 37.27 -25.23 -20.88
CA PRO A 237 36.96 -26.66 -20.78
C PRO A 237 37.88 -27.59 -20.00
N THR A 238 38.17 -27.26 -18.75
CA THR A 238 38.96 -28.14 -17.91
C THR A 238 38.14 -28.35 -16.64
N PRO A 239 38.17 -29.57 -16.07
CA PRO A 239 37.38 -29.83 -14.86
C PRO A 239 37.93 -29.22 -13.57
N ASN A 240 39.24 -29.06 -13.48
CA ASN A 240 39.84 -28.48 -12.29
C ASN A 240 41.22 -27.86 -12.55
N VAL A 241 41.60 -26.93 -11.67
CA VAL A 241 42.87 -26.20 -11.71
C VAL A 241 42.76 -24.94 -12.57
N SER A 242 43.18 -23.81 -12.02
CA SER A 242 43.10 -22.53 -12.72
C SER A 242 44.44 -21.78 -12.71
N VAL A 243 44.46 -20.66 -13.41
CA VAL A 243 45.65 -19.85 -13.47
C VAL A 243 45.28 -18.38 -13.57
N VAL A 244 46.01 -17.52 -12.83
CA VAL A 244 45.74 -16.09 -12.90
C VAL A 244 46.91 -15.44 -13.62
N ASP A 245 46.56 -14.58 -14.56
CA ASP A 245 47.48 -13.84 -15.40
C ASP A 245 47.41 -12.43 -14.83
N LEU A 246 48.40 -12.07 -14.01
CA LEU A 246 48.43 -10.76 -13.40
C LEU A 246 49.45 -9.83 -14.02
N VAL A 247 49.02 -8.60 -14.32
CA VAL A 247 49.90 -7.59 -14.89
C VAL A 247 49.81 -6.33 -14.03
N VAL A 248 50.94 -5.88 -13.47
CA VAL A 248 50.95 -4.69 -12.63
C VAL A 248 52.06 -3.70 -12.98
N GLN A 249 51.84 -2.45 -12.59
CA GLN A 249 52.83 -1.42 -12.81
C GLN A 249 53.40 -1.16 -11.44
N VAL A 250 54.69 -1.38 -11.28
CA VAL A 250 55.34 -1.20 -9.98
C VAL A 250 56.08 0.13 -9.83
N SER A 251 56.40 0.50 -8.59
CA SER A 251 57.10 1.75 -8.32
C SER A 251 58.57 1.54 -8.57
N LYS A 252 59.12 0.51 -7.95
CA LYS A 252 60.53 0.19 -8.09
C LYS A 252 60.79 -0.55 -9.41
N LYS A 253 61.77 -0.10 -10.19
CA LYS A 253 62.11 -0.76 -11.45
C LYS A 253 62.76 -2.10 -11.18
N THR A 254 62.34 -3.11 -11.93
CA THR A 254 62.86 -4.45 -11.75
C THR A 254 62.98 -5.22 -13.06
N PHE A 255 63.33 -6.49 -12.97
CA PHE A 255 63.46 -7.36 -14.13
C PHE A 255 62.97 -8.75 -13.74
N ALA A 256 62.51 -9.53 -14.71
CA ALA A 256 62.00 -10.88 -14.46
C ALA A 256 62.68 -11.67 -13.36
N GLU A 257 64.01 -11.76 -13.42
CA GLU A 257 64.78 -12.52 -12.43
C GLU A 257 64.62 -12.02 -11.00
N GLU A 258 64.59 -10.70 -10.84
CA GLU A 258 64.45 -10.09 -9.53
C GLU A 258 63.10 -10.42 -8.90
N VAL A 259 62.05 -10.43 -9.72
CA VAL A 259 60.70 -10.73 -9.27
C VAL A 259 60.63 -12.18 -8.77
N ASN A 260 61.04 -13.12 -9.62
CA ASN A 260 61.04 -14.53 -9.23
C ASN A 260 61.79 -14.71 -7.91
N ALA A 261 62.99 -14.15 -7.84
CA ALA A 261 63.82 -14.27 -6.64
C ALA A 261 63.02 -13.86 -5.41
N ALA A 262 62.26 -12.77 -5.53
CA ALA A 262 61.45 -12.32 -4.39
C ALA A 262 60.42 -13.39 -4.00
N PHE A 263 59.80 -14.02 -4.99
CA PHE A 263 58.81 -15.07 -4.73
C PHE A 263 59.45 -16.24 -4.01
N ARG A 264 60.58 -16.70 -4.54
CA ARG A 264 61.27 -17.81 -3.91
C ARG A 264 61.60 -17.43 -2.46
N ASP A 265 62.04 -16.18 -2.27
CA ASP A 265 62.37 -15.69 -0.94
C ASP A 265 61.16 -15.84 -0.05
N SER A 266 60.05 -15.22 -0.44
CA SER A 266 58.82 -15.33 0.35
C SER A 266 58.43 -16.79 0.49
N ALA A 267 58.60 -17.52 -0.60
CA ALA A 267 58.25 -18.94 -0.62
C ALA A 267 58.90 -19.72 0.49
N GLU A 268 60.12 -19.34 0.85
CA GLU A 268 60.87 -20.03 1.89
C GLU A 268 60.69 -19.44 3.27
N LYS A 269 60.01 -18.29 3.36
CA LYS A 269 59.84 -17.62 4.64
C LYS A 269 58.42 -17.23 5.07
N GLU A 270 57.99 -16.01 4.76
CA GLU A 270 56.66 -15.54 5.18
C GLU A 270 55.45 -16.28 4.56
N LEU A 271 55.58 -16.76 3.32
CA LEU A 271 54.48 -17.46 2.68
C LEU A 271 54.75 -18.96 2.54
N LYS A 272 55.67 -19.46 3.37
CA LYS A 272 56.02 -20.88 3.40
C LYS A 272 54.76 -21.73 3.54
N GLY A 273 54.55 -22.63 2.59
CA GLY A 273 53.40 -23.50 2.63
C GLY A 273 52.21 -22.90 1.91
N ILE A 274 52.28 -21.60 1.63
CA ILE A 274 51.19 -20.91 0.94
C ILE A 274 51.56 -20.55 -0.48
N LEU A 275 52.81 -20.18 -0.70
CA LEU A 275 53.31 -19.80 -2.03
C LEU A 275 54.48 -20.65 -2.50
N ASP A 276 54.51 -20.95 -3.79
CA ASP A 276 55.58 -21.74 -4.38
C ASP A 276 55.95 -21.19 -5.74
N VAL A 277 57.16 -21.54 -6.19
CA VAL A 277 57.64 -21.12 -7.50
C VAL A 277 58.00 -22.40 -8.23
N CYS A 278 57.47 -22.59 -9.43
CA CYS A 278 57.75 -23.79 -10.19
C CYS A 278 58.71 -23.47 -11.33
N ASP A 279 59.83 -24.20 -11.38
CA ASP A 279 60.81 -23.94 -12.43
C ASP A 279 60.79 -24.88 -13.64
N GLU A 280 59.93 -25.91 -13.60
CA GLU A 280 59.84 -26.82 -14.75
C GLU A 280 58.64 -26.50 -15.64
N PRO A 281 58.75 -26.83 -16.92
CA PRO A 281 57.69 -26.59 -17.90
C PRO A 281 56.48 -27.50 -17.71
N LEU A 282 55.61 -27.14 -16.77
CA LEU A 282 54.43 -27.95 -16.50
C LEU A 282 53.13 -27.47 -17.14
N VAL A 283 52.10 -28.30 -17.06
CA VAL A 283 50.78 -27.98 -17.61
C VAL A 283 49.75 -28.06 -16.49
N SER A 284 48.55 -27.55 -16.76
CA SER A 284 47.52 -27.51 -15.73
C SER A 284 47.35 -28.78 -14.89
N VAL A 285 47.39 -29.95 -15.51
CA VAL A 285 47.19 -31.16 -14.73
C VAL A 285 48.24 -31.41 -13.67
N ASP A 286 49.49 -31.10 -13.99
CA ASP A 286 50.57 -31.33 -13.06
C ASP A 286 50.33 -30.64 -11.72
N PHE A 287 49.40 -29.70 -11.71
CA PHE A 287 49.10 -28.98 -10.48
C PHE A 287 47.91 -29.47 -9.68
N ARG A 288 47.38 -30.64 -10.03
CA ARG A 288 46.25 -31.16 -9.26
C ARG A 288 46.78 -31.59 -7.90
N CYS A 289 46.01 -31.24 -6.87
CA CYS A 289 46.34 -31.56 -5.49
C CYS A 289 47.47 -30.76 -4.86
N SER A 290 47.75 -29.59 -5.42
CA SER A 290 48.78 -28.73 -4.88
C SER A 290 48.25 -28.06 -3.62
N ASP A 291 48.98 -28.20 -2.52
CA ASP A 291 48.56 -27.59 -1.26
C ASP A 291 48.84 -26.10 -1.21
N PHE A 292 49.44 -25.58 -2.28
CA PHE A 292 49.74 -24.16 -2.31
C PHE A 292 48.54 -23.39 -2.88
N SER A 293 48.36 -22.17 -2.41
CA SER A 293 47.26 -21.33 -2.86
C SER A 293 47.71 -20.68 -4.13
N THR A 294 49.03 -20.57 -4.25
CA THR A 294 49.61 -19.95 -5.43
C THR A 294 50.99 -20.51 -5.73
N THR A 295 51.16 -20.99 -6.97
CA THR A 295 52.41 -21.53 -7.46
C THR A 295 52.84 -20.77 -8.72
N ILE A 296 53.90 -19.97 -8.59
CA ILE A 296 54.39 -19.16 -9.68
C ILE A 296 55.04 -20.01 -10.77
N ASP A 297 54.85 -19.60 -12.02
CA ASP A 297 55.46 -20.30 -13.16
C ASP A 297 56.63 -19.39 -13.56
N SER A 298 57.69 -19.45 -12.77
CA SER A 298 58.88 -18.63 -12.97
C SER A 298 59.27 -18.28 -14.40
N SER A 299 59.24 -19.25 -15.30
CA SER A 299 59.66 -18.99 -16.67
C SER A 299 58.73 -18.14 -17.51
N LEU A 300 57.56 -17.82 -16.98
CA LEU A 300 56.60 -17.01 -17.73
C LEU A 300 56.68 -15.55 -17.31
N THR A 301 57.27 -15.29 -16.14
CA THR A 301 57.43 -13.94 -15.63
C THR A 301 58.07 -13.04 -16.66
N MET A 302 57.48 -11.88 -16.91
CA MET A 302 58.04 -10.94 -17.85
C MET A 302 57.96 -9.54 -17.26
N VAL A 303 58.86 -8.67 -17.71
CA VAL A 303 58.88 -7.28 -17.28
C VAL A 303 59.09 -6.48 -18.54
N MET A 304 58.14 -5.61 -18.83
CA MET A 304 58.21 -4.79 -20.04
C MET A 304 58.34 -3.33 -19.69
N GLY A 305 59.49 -2.74 -20.02
CA GLY A 305 59.69 -1.33 -19.74
C GLY A 305 60.15 -1.05 -18.32
N ASP A 306 60.86 -2.01 -17.73
CA ASP A 306 61.39 -1.88 -16.37
C ASP A 306 60.39 -2.05 -15.25
N ASP A 307 59.14 -1.64 -15.47
CA ASP A 307 58.16 -1.71 -14.39
C ASP A 307 56.78 -2.27 -14.67
N MET A 308 56.56 -2.83 -15.86
CA MET A 308 55.25 -3.42 -16.11
C MET A 308 55.47 -4.93 -15.96
N VAL A 309 55.18 -5.46 -14.77
CA VAL A 309 55.38 -6.88 -14.50
C VAL A 309 54.20 -7.77 -14.83
N LYS A 310 54.49 -8.93 -15.41
CA LYS A 310 53.46 -9.91 -15.75
C LYS A 310 53.82 -11.22 -15.07
N VAL A 311 52.97 -11.68 -14.17
CA VAL A 311 53.23 -12.91 -13.43
C VAL A 311 52.10 -13.89 -13.65
N ILE A 312 52.43 -15.17 -13.61
CA ILE A 312 51.45 -16.24 -13.79
C ILE A 312 51.60 -17.24 -12.66
N ALA A 313 50.47 -17.59 -12.05
CA ALA A 313 50.47 -18.54 -10.94
C ALA A 313 49.36 -19.55 -11.13
N TRP A 314 49.65 -20.81 -10.82
CA TRP A 314 48.67 -21.89 -10.94
C TRP A 314 48.10 -22.17 -9.57
N TYR A 315 46.96 -22.87 -9.55
CA TYR A 315 46.32 -23.27 -8.30
C TYR A 315 45.16 -24.23 -8.54
N ASP A 316 45.01 -25.18 -7.63
CA ASP A 316 43.91 -26.14 -7.70
C ASP A 316 42.73 -25.45 -6.98
N ASN A 317 41.83 -24.83 -7.74
CA ASN A 317 40.72 -24.13 -7.10
C ASN A 317 40.00 -24.97 -6.06
N GLU A 318 39.70 -26.22 -6.39
CA GLU A 318 39.04 -27.10 -5.43
C GLU A 318 39.90 -27.46 -4.21
N TRP A 319 40.88 -28.34 -4.44
CA TRP A 319 41.76 -28.86 -3.38
C TRP A 319 42.61 -27.82 -2.66
N GLY A 320 43.16 -26.88 -3.41
CA GLY A 320 43.99 -25.87 -2.78
C GLY A 320 43.15 -25.04 -1.84
N TYR A 321 42.06 -24.49 -2.37
CA TYR A 321 41.18 -23.67 -1.56
C TYR A 321 40.76 -24.40 -0.29
N SER A 322 40.34 -25.66 -0.44
CA SER A 322 39.91 -26.46 0.71
C SER A 322 41.00 -26.61 1.77
N GLN A 323 42.25 -26.75 1.35
CA GLN A 323 43.34 -26.86 2.30
C GLN A 323 43.40 -25.58 3.11
N ARG A 324 43.16 -24.45 2.45
CA ARG A 324 43.19 -23.16 3.14
C ARG A 324 41.97 -23.05 4.06
N VAL A 325 40.89 -23.76 3.73
CA VAL A 325 39.70 -23.71 4.56
C VAL A 325 39.97 -24.48 5.84
N VAL A 326 40.68 -25.60 5.74
CA VAL A 326 41.04 -26.34 6.92
C VAL A 326 41.92 -25.44 7.77
N ASP A 327 42.91 -24.81 7.13
CA ASP A 327 43.82 -23.90 7.83
C ASP A 327 43.09 -22.79 8.58
N LEU A 328 42.05 -22.22 7.95
CA LEU A 328 41.31 -21.13 8.59
C LEU A 328 40.51 -21.64 9.75
N ALA A 329 40.03 -22.88 9.65
CA ALA A 329 39.25 -23.53 10.71
C ALA A 329 40.19 -23.86 11.86
N ASP A 330 41.43 -24.23 11.54
CA ASP A 330 42.41 -24.52 12.58
C ASP A 330 42.61 -23.22 13.34
N ILE A 331 42.88 -22.17 12.57
CA ILE A 331 43.11 -20.83 13.12
C ILE A 331 41.97 -20.42 14.05
N VAL A 332 40.74 -20.63 13.59
CA VAL A 332 39.56 -20.29 14.39
C VAL A 332 39.53 -21.14 15.67
N ALA A 333 39.80 -22.43 15.54
CA ALA A 333 39.79 -23.33 16.69
C ALA A 333 40.95 -23.10 17.65
N ASN A 334 41.98 -22.37 17.23
CA ASN A 334 43.12 -22.15 18.11
C ASN A 334 43.04 -20.86 18.90
N ASN A 335 42.02 -20.07 18.61
CA ASN A 335 41.80 -18.81 19.31
C ASN A 335 40.40 -18.89 19.87
N TRP A 336 40.03 -20.08 20.33
CA TRP A 336 38.69 -20.33 20.86
C TRP A 336 38.53 -19.86 22.30
N LYS A 337 37.91 -18.68 22.43
CA LYS A 337 37.67 -18.06 23.73
C LYS A 337 36.36 -18.56 24.33
N ALA B 1 65.23 -57.42 -10.67
CA ALA B 1 66.02 -58.07 -9.58
C ALA B 1 66.62 -59.43 -9.97
N LYS B 2 66.80 -59.69 -11.26
CA LYS B 2 67.40 -60.94 -11.75
C LYS B 2 67.57 -60.99 -13.27
N LEU B 3 66.48 -60.81 -14.01
CA LEU B 3 66.51 -60.81 -15.49
C LEU B 3 66.58 -59.36 -15.95
N LYS B 4 67.47 -59.08 -16.91
CA LYS B 4 67.65 -57.71 -17.39
C LYS B 4 66.69 -57.31 -18.50
N VAL B 5 65.92 -56.24 -18.26
CA VAL B 5 64.93 -55.77 -19.23
C VAL B 5 65.23 -54.40 -19.87
N ALA B 6 64.86 -54.25 -21.13
CA ALA B 6 65.03 -52.99 -21.84
C ALA B 6 63.68 -52.63 -22.49
N ILE B 7 63.26 -51.39 -22.37
CA ILE B 7 61.97 -50.98 -22.95
C ILE B 7 62.17 -50.24 -24.27
N ASN B 8 61.68 -50.80 -25.38
CA ASN B 8 61.83 -50.11 -26.66
C ASN B 8 60.58 -49.30 -26.96
N GLY B 9 60.75 -47.98 -27.09
CA GLY B 9 59.61 -47.12 -27.32
C GLY B 9 59.08 -46.74 -25.94
N PHE B 10 59.32 -45.51 -25.54
CA PHE B 10 58.90 -45.03 -24.24
C PHE B 10 57.65 -44.18 -24.42
N GLY B 11 56.65 -44.78 -25.05
CA GLY B 11 55.38 -44.10 -25.29
C GLY B 11 54.43 -44.28 -24.12
N ARG B 12 53.15 -44.40 -24.39
CA ARG B 12 52.21 -44.59 -23.29
C ARG B 12 52.46 -45.96 -22.64
N ILE B 13 52.39 -47.03 -23.43
CA ILE B 13 52.60 -48.37 -22.86
C ILE B 13 53.92 -48.50 -22.14
N GLY B 14 55.00 -48.10 -22.79
CA GLY B 14 56.30 -48.19 -22.16
C GLY B 14 56.40 -47.55 -20.78
N ARG B 15 55.94 -46.31 -20.66
CA ARG B 15 56.02 -45.64 -19.38
C ARG B 15 55.08 -46.30 -18.37
N ASN B 16 53.88 -46.68 -18.80
CA ASN B 16 52.97 -47.35 -17.90
C ASN B 16 53.67 -48.62 -17.39
N PHE B 17 54.25 -49.37 -18.32
CA PHE B 17 54.96 -50.58 -17.98
C PHE B 17 55.99 -50.33 -16.87
N LEU B 18 56.81 -49.30 -17.06
CA LEU B 18 57.85 -48.98 -16.10
C LEU B 18 57.28 -48.73 -14.71
N ARG B 19 56.22 -47.94 -14.63
CA ARG B 19 55.62 -47.65 -13.33
C ARG B 19 54.97 -48.89 -12.73
N CYS B 20 54.34 -49.71 -13.56
CA CYS B 20 53.73 -50.94 -13.05
C CYS B 20 54.83 -51.75 -12.36
N TRP B 21 55.89 -52.04 -13.12
CA TRP B 21 57.00 -52.80 -12.58
C TRP B 21 57.58 -52.19 -11.31
N HIS B 22 57.77 -50.88 -11.33
CA HIS B 22 58.33 -50.18 -10.21
C HIS B 22 57.52 -50.43 -8.97
N GLY B 23 56.26 -50.78 -9.18
CA GLY B 23 55.39 -51.02 -8.06
C GLY B 23 55.26 -52.46 -7.62
N ARG B 24 55.89 -53.40 -8.32
CA ARG B 24 55.78 -54.80 -7.90
C ARG B 24 56.75 -55.12 -6.75
N LYS B 25 56.38 -56.05 -5.89
CA LYS B 25 57.24 -56.47 -4.81
C LYS B 25 57.94 -57.79 -5.17
N ASP B 26 59.22 -57.88 -4.86
CA ASP B 26 60.01 -59.06 -5.17
C ASP B 26 59.76 -59.41 -6.63
N SER B 27 60.46 -58.71 -7.51
CA SER B 27 60.30 -58.87 -8.94
C SER B 27 61.40 -59.64 -9.68
N PRO B 28 60.99 -60.46 -10.66
CA PRO B 28 61.89 -61.28 -11.46
C PRO B 28 62.69 -60.38 -12.39
N LEU B 29 62.10 -59.23 -12.71
CA LEU B 29 62.68 -58.29 -13.65
C LEU B 29 63.44 -57.13 -13.07
N ASP B 30 64.43 -56.69 -13.84
CA ASP B 30 65.28 -55.57 -13.48
C ASP B 30 65.40 -54.73 -14.75
N ILE B 31 64.80 -53.55 -14.74
CA ILE B 31 64.81 -52.65 -15.90
C ILE B 31 66.07 -51.81 -15.91
N ILE B 32 66.89 -52.00 -16.93
CA ILE B 32 68.13 -51.25 -17.01
C ILE B 32 68.30 -50.45 -18.30
N ALA B 33 67.29 -50.47 -19.16
CA ALA B 33 67.42 -49.73 -20.40
C ALA B 33 66.12 -49.26 -21.03
N ILE B 34 66.15 -48.01 -21.49
CA ILE B 34 65.02 -47.40 -22.13
C ILE B 34 65.52 -46.78 -23.42
N ASN B 35 65.02 -47.27 -24.54
CA ASN B 35 65.42 -46.69 -25.80
C ASN B 35 64.32 -45.72 -26.17
N ASP B 36 64.70 -44.45 -26.30
CA ASP B 36 63.76 -43.42 -26.65
C ASP B 36 64.48 -42.43 -27.54
N THR B 37 63.94 -42.21 -28.73
CA THR B 37 64.54 -41.27 -29.67
C THR B 37 64.55 -39.83 -29.16
N GLY B 38 63.78 -39.55 -28.11
CA GLY B 38 63.72 -38.20 -27.55
C GLY B 38 64.80 -37.79 -26.57
N GLY B 39 65.67 -38.72 -26.19
CA GLY B 39 66.74 -38.39 -25.26
C GLY B 39 66.37 -38.46 -23.78
N VAL B 40 67.38 -38.42 -22.92
CA VAL B 40 67.17 -38.50 -21.48
C VAL B 40 66.21 -37.43 -20.97
N LYS B 41 66.48 -36.18 -21.35
CA LYS B 41 65.68 -35.03 -20.94
C LYS B 41 64.17 -35.24 -21.09
N GLN B 42 63.73 -35.67 -22.26
CA GLN B 42 62.31 -35.90 -22.51
C GLN B 42 61.76 -37.09 -21.74
N ALA B 43 62.52 -38.17 -21.72
CA ALA B 43 62.11 -39.38 -21.03
C ALA B 43 61.90 -39.10 -19.55
N SER B 44 62.82 -38.36 -18.94
CA SER B 44 62.73 -38.05 -17.53
C SER B 44 61.46 -37.27 -17.16
N HIS B 45 61.09 -36.35 -18.04
CA HIS B 45 59.90 -35.50 -17.85
C HIS B 45 58.60 -36.28 -18.00
N LEU B 46 58.40 -36.89 -19.17
CA LEU B 46 57.17 -37.64 -19.42
C LEU B 46 56.99 -38.83 -18.48
N LEU B 47 58.05 -39.25 -17.82
CA LEU B 47 57.90 -40.34 -16.87
C LEU B 47 57.42 -39.74 -15.55
N LYS B 48 57.96 -38.58 -15.21
CA LYS B 48 57.61 -37.91 -13.97
C LYS B 48 56.22 -37.29 -14.00
N TYR B 49 55.89 -36.62 -15.10
CA TYR B 49 54.59 -35.97 -15.24
C TYR B 49 53.75 -36.67 -16.25
N ASP B 50 52.58 -37.15 -15.83
CA ASP B 50 51.70 -37.85 -16.72
C ASP B 50 50.29 -37.30 -16.62
N SER B 51 49.74 -36.80 -17.72
CA SER B 51 48.39 -36.24 -17.74
C SER B 51 47.32 -37.26 -17.40
N THR B 52 47.68 -38.55 -17.46
CA THR B 52 46.74 -39.63 -17.19
C THR B 52 46.97 -40.33 -15.86
N LEU B 53 48.22 -40.53 -15.49
CA LEU B 53 48.55 -41.23 -14.24
C LEU B 53 48.86 -40.29 -13.09
N GLY B 54 49.05 -39.01 -13.40
CA GLY B 54 49.40 -38.07 -12.35
C GLY B 54 50.90 -38.15 -12.12
N ILE B 55 51.41 -37.31 -11.22
CA ILE B 55 52.83 -37.30 -10.91
C ILE B 55 53.33 -38.62 -10.28
N PHE B 56 54.24 -39.29 -10.99
CA PHE B 56 54.83 -40.54 -10.51
C PHE B 56 55.54 -40.23 -9.18
N ASP B 57 55.10 -40.88 -8.12
CA ASP B 57 55.64 -40.68 -6.77
C ASP B 57 56.90 -41.47 -6.52
N ALA B 58 58.01 -40.94 -7.02
CA ALA B 58 59.32 -41.55 -6.87
C ALA B 58 60.29 -40.45 -7.24
N ASP B 59 61.54 -40.56 -6.80
CA ASP B 59 62.51 -39.53 -7.13
C ASP B 59 63.10 -39.81 -8.50
N VAL B 60 62.65 -39.05 -9.50
CA VAL B 60 63.12 -39.19 -10.87
C VAL B 60 64.14 -38.08 -11.20
N LYS B 61 65.41 -38.39 -11.01
CA LYS B 61 66.45 -37.43 -11.30
C LYS B 61 67.29 -38.00 -12.43
N PRO B 62 67.95 -37.15 -13.20
CA PRO B 62 68.76 -37.67 -14.29
C PRO B 62 70.00 -38.26 -13.62
N SER B 63 70.60 -39.27 -14.25
CA SER B 63 71.78 -39.96 -13.71
C SER B 63 72.92 -39.94 -14.71
N GLY B 64 74.03 -39.34 -14.32
CA GLY B 64 75.15 -39.26 -15.25
C GLY B 64 74.72 -38.38 -16.42
N GLU B 65 75.10 -38.76 -17.62
CA GLU B 65 74.74 -37.96 -18.78
C GLU B 65 73.76 -38.67 -19.72
N THR B 66 73.71 -39.99 -19.65
CA THR B 66 72.83 -40.78 -20.50
C THR B 66 71.94 -41.75 -19.74
N ALA B 67 71.54 -41.40 -18.52
CA ALA B 67 70.68 -42.29 -17.74
C ALA B 67 69.74 -41.49 -16.88
N ILE B 68 68.85 -42.20 -16.19
CA ILE B 68 67.94 -41.54 -15.27
C ILE B 68 67.92 -42.43 -14.04
N SER B 69 67.61 -41.84 -12.89
CA SER B 69 67.58 -42.59 -11.64
C SER B 69 66.15 -42.60 -11.13
N VAL B 70 65.55 -43.79 -11.06
CA VAL B 70 64.20 -43.93 -10.55
C VAL B 70 64.36 -44.56 -9.18
N ASP B 71 64.11 -43.78 -8.14
CA ASP B 71 64.28 -44.24 -6.76
C ASP B 71 65.63 -44.90 -6.53
N GLY B 72 66.67 -44.32 -7.12
CA GLY B 72 67.98 -44.89 -6.94
C GLY B 72 68.33 -45.94 -7.96
N LYS B 73 67.39 -46.29 -8.82
CA LYS B 73 67.67 -47.27 -9.87
C LYS B 73 68.19 -46.53 -11.11
N ILE B 74 69.40 -46.86 -11.54
CA ILE B 74 69.95 -46.21 -12.71
C ILE B 74 69.46 -46.97 -13.92
N ILE B 75 68.80 -46.26 -14.83
CA ILE B 75 68.29 -46.85 -16.05
C ILE B 75 68.90 -46.09 -17.21
N GLN B 76 69.53 -46.82 -18.13
CA GLN B 76 70.18 -46.20 -19.29
C GLN B 76 69.15 -45.74 -20.30
N VAL B 77 69.43 -44.61 -20.94
CA VAL B 77 68.55 -44.10 -21.98
C VAL B 77 69.38 -44.09 -23.25
N VAL B 78 69.10 -45.01 -24.15
CA VAL B 78 69.81 -45.09 -25.40
C VAL B 78 68.87 -44.42 -26.40
N SER B 79 69.29 -44.29 -27.66
CA SER B 79 68.44 -43.62 -28.63
C SER B 79 68.77 -43.92 -30.10
N ASN B 80 68.13 -44.94 -30.67
CA ASN B 80 68.37 -45.32 -32.07
C ASN B 80 67.11 -45.89 -32.73
N ARG B 81 66.70 -45.29 -33.86
CA ARG B 81 65.51 -45.75 -34.58
C ARG B 81 65.59 -47.20 -35.05
N ASN B 82 66.82 -47.69 -35.26
CA ASN B 82 67.04 -49.04 -35.75
C ASN B 82 67.34 -50.04 -34.61
N PRO B 83 66.36 -50.87 -34.25
CA PRO B 83 66.55 -51.86 -33.19
C PRO B 83 67.83 -52.68 -33.33
N SER B 84 68.19 -52.98 -34.57
CA SER B 84 69.38 -53.78 -34.84
C SER B 84 70.66 -53.18 -34.27
N LEU B 85 70.64 -51.87 -34.05
CA LEU B 85 71.82 -51.17 -33.56
C LEU B 85 71.92 -50.97 -32.04
N LEU B 86 70.81 -51.15 -31.32
CA LEU B 86 70.79 -50.97 -29.86
C LEU B 86 71.88 -51.77 -29.13
N PRO B 87 72.41 -51.22 -28.03
CA PRO B 87 73.47 -51.84 -27.22
C PRO B 87 73.01 -53.02 -26.38
N TRP B 88 72.14 -53.86 -26.94
CA TRP B 88 71.62 -54.99 -26.17
C TRP B 88 72.69 -55.96 -25.72
N LYS B 89 73.41 -56.58 -26.66
CA LYS B 89 74.45 -57.52 -26.26
C LYS B 89 75.38 -56.82 -25.28
N GLU B 90 75.59 -55.52 -25.48
CA GLU B 90 76.48 -54.76 -24.61
C GLU B 90 75.94 -54.61 -23.20
N LEU B 91 74.66 -54.25 -23.07
CA LEU B 91 74.10 -54.07 -21.75
C LEU B 91 73.73 -55.38 -21.05
N GLY B 92 73.67 -56.47 -21.82
CA GLY B 92 73.33 -57.77 -21.25
C GLY B 92 71.83 -58.03 -21.18
N ILE B 93 71.07 -57.34 -22.03
CA ILE B 93 69.62 -57.48 -22.04
C ILE B 93 69.07 -58.86 -22.39
N ASP B 94 68.16 -59.32 -21.54
CA ASP B 94 67.49 -60.61 -21.73
C ASP B 94 66.14 -60.43 -22.43
N ILE B 95 65.28 -59.59 -21.88
CA ILE B 95 63.96 -59.35 -22.48
C ILE B 95 63.77 -57.92 -22.96
N VAL B 96 63.16 -57.77 -24.12
CA VAL B 96 62.87 -56.45 -24.64
C VAL B 96 61.36 -56.29 -24.73
N ILE B 97 60.84 -55.19 -24.20
CA ILE B 97 59.42 -54.92 -24.28
C ILE B 97 59.24 -54.03 -25.50
N GLU B 98 58.84 -54.61 -26.61
CA GLU B 98 58.63 -53.84 -27.83
C GLU B 98 57.38 -52.97 -27.66
N GLY B 99 57.58 -51.67 -27.48
CA GLY B 99 56.45 -50.79 -27.30
C GLY B 99 56.42 -49.61 -28.26
N THR B 100 56.86 -49.83 -29.48
CA THR B 100 56.88 -48.75 -30.47
C THR B 100 55.70 -48.89 -31.40
N GLY B 101 55.23 -50.12 -31.55
CA GLY B 101 54.11 -50.39 -32.43
C GLY B 101 54.54 -50.33 -33.87
N VAL B 102 55.81 -50.61 -34.15
CA VAL B 102 56.32 -50.59 -35.53
C VAL B 102 57.32 -51.72 -35.79
N PHE B 103 57.32 -52.71 -34.92
CA PHE B 103 58.20 -53.87 -35.01
C PHE B 103 57.39 -54.99 -34.42
N VAL B 104 56.30 -55.33 -35.10
CA VAL B 104 55.36 -56.35 -34.65
C VAL B 104 55.57 -57.76 -35.20
N ASP B 105 56.18 -57.85 -36.38
CA ASP B 105 56.42 -59.14 -37.02
C ASP B 105 57.78 -59.69 -36.58
N ARG B 106 58.17 -60.83 -37.14
CA ARG B 106 59.45 -61.44 -36.79
C ARG B 106 60.67 -60.62 -37.19
N GLU B 107 60.78 -60.30 -38.47
CA GLU B 107 61.93 -59.51 -38.91
C GLU B 107 62.01 -58.26 -38.07
N GLY B 108 60.87 -57.59 -37.87
CA GLY B 108 60.84 -56.38 -37.07
C GLY B 108 61.42 -56.64 -35.69
N ALA B 109 60.61 -57.19 -34.80
CA ALA B 109 61.06 -57.47 -33.44
C ALA B 109 62.34 -58.31 -33.43
N GLY B 110 62.56 -59.07 -34.49
CA GLY B 110 63.73 -59.92 -34.55
C GLY B 110 65.03 -59.15 -34.40
N LYS B 111 65.05 -57.92 -34.89
CA LYS B 111 66.24 -57.10 -34.81
C LYS B 111 66.81 -56.99 -33.40
N HIS B 112 65.96 -57.01 -32.39
CA HIS B 112 66.41 -56.93 -31.00
C HIS B 112 67.29 -58.10 -30.68
N ILE B 113 66.97 -59.27 -31.23
CA ILE B 113 67.77 -60.45 -30.97
C ILE B 113 69.13 -60.32 -31.68
N GLU B 114 69.11 -59.78 -32.89
CA GLU B 114 70.36 -59.56 -33.60
C GLU B 114 71.20 -58.66 -32.71
N ALA B 115 70.56 -57.65 -32.13
CA ALA B 115 71.22 -56.69 -31.27
C ALA B 115 71.81 -57.26 -29.98
N GLY B 116 71.53 -58.52 -29.67
CA GLY B 116 72.07 -59.11 -28.46
C GLY B 116 71.05 -59.50 -27.41
N ALA B 117 69.79 -59.18 -27.66
CA ALA B 117 68.72 -59.51 -26.72
C ALA B 117 68.33 -60.97 -26.92
N LYS B 118 67.86 -61.60 -25.83
CA LYS B 118 67.45 -62.99 -25.88
C LYS B 118 65.97 -63.20 -26.23
N LYS B 119 65.09 -62.36 -25.69
CA LYS B 119 63.69 -62.50 -26.04
C LYS B 119 62.99 -61.17 -26.21
N VAL B 120 61.93 -61.19 -27.02
CA VAL B 120 61.16 -60.01 -27.32
C VAL B 120 59.66 -60.23 -27.00
N ILE B 121 59.04 -59.30 -26.28
CA ILE B 121 57.61 -59.38 -25.98
C ILE B 121 56.97 -58.20 -26.68
N ILE B 122 56.23 -58.46 -27.74
CA ILE B 122 55.57 -57.40 -28.50
C ILE B 122 54.27 -56.95 -27.83
N THR B 123 54.25 -55.74 -27.28
CA THR B 123 53.08 -55.21 -26.58
C THR B 123 51.92 -54.87 -27.51
N ALA B 124 51.68 -55.74 -28.47
CA ALA B 124 50.60 -55.56 -29.43
C ALA B 124 50.40 -56.87 -30.21
N PRO B 125 49.32 -56.96 -30.99
CA PRO B 125 49.07 -58.19 -31.76
C PRO B 125 50.27 -58.42 -32.67
N GLY B 126 50.76 -59.66 -32.76
CA GLY B 126 51.89 -59.94 -33.62
C GLY B 126 51.43 -60.13 -35.06
N LYS B 127 52.37 -60.22 -35.98
CA LYS B 127 52.02 -60.44 -37.38
C LYS B 127 52.52 -61.80 -37.80
N GLY B 128 51.65 -62.55 -38.48
CA GLY B 128 52.03 -63.87 -38.93
C GLY B 128 52.14 -64.88 -37.81
N ASP B 129 52.99 -65.88 -37.99
CA ASP B 129 53.18 -66.92 -36.99
C ASP B 129 53.98 -66.40 -35.81
N ILE B 130 53.29 -65.80 -34.85
CA ILE B 130 53.94 -65.29 -33.64
C ILE B 130 53.13 -65.72 -32.44
N PRO B 131 53.74 -66.53 -31.55
CA PRO B 131 53.03 -66.98 -30.35
C PRO B 131 52.33 -65.80 -29.67
N THR B 132 51.08 -65.99 -29.27
CA THR B 132 50.35 -64.92 -28.61
C THR B 132 49.73 -65.45 -27.34
N TYR B 133 49.85 -64.65 -26.28
CA TYR B 133 49.34 -65.05 -24.97
C TYR B 133 48.51 -63.99 -24.28
N VAL B 134 47.76 -64.43 -23.28
CA VAL B 134 46.91 -63.57 -22.48
C VAL B 134 46.99 -64.20 -21.10
N VAL B 135 47.56 -63.47 -20.14
CA VAL B 135 47.70 -64.02 -18.80
C VAL B 135 46.33 -64.36 -18.23
N GLY B 136 46.22 -65.55 -17.65
CA GLY B 136 44.97 -65.99 -17.08
C GLY B 136 44.21 -66.87 -18.06
N VAL B 137 44.59 -66.80 -19.34
CA VAL B 137 43.91 -67.59 -20.36
C VAL B 137 44.78 -68.70 -20.95
N ASN B 138 45.93 -68.35 -21.54
CA ASN B 138 46.82 -69.36 -22.11
C ASN B 138 48.31 -69.06 -21.96
N ALA B 139 48.66 -68.16 -21.06
CA ALA B 139 50.06 -67.80 -20.84
C ALA B 139 50.89 -68.98 -20.36
N ASP B 140 50.23 -69.95 -19.72
CA ASP B 140 50.95 -71.10 -19.22
C ASP B 140 51.50 -71.96 -20.36
N ALA B 141 50.98 -71.77 -21.57
CA ALA B 141 51.40 -72.54 -22.73
C ALA B 141 52.68 -72.02 -23.39
N TYR B 142 53.22 -70.95 -22.82
CA TYR B 142 54.45 -70.33 -23.32
C TYR B 142 55.60 -71.33 -23.20
N SER B 143 56.31 -71.51 -24.31
CA SER B 143 57.47 -72.40 -24.37
C SER B 143 58.75 -71.58 -24.34
N HIS B 144 59.68 -71.93 -23.45
CA HIS B 144 60.94 -71.21 -23.33
C HIS B 144 61.73 -71.17 -24.63
N ASP B 145 61.21 -71.84 -25.66
CA ASP B 145 61.86 -71.88 -26.98
C ASP B 145 61.62 -70.58 -27.75
N GLU B 146 60.35 -70.18 -27.80
CA GLU B 146 59.93 -68.98 -28.50
C GLU B 146 60.68 -67.71 -28.11
N PRO B 147 61.40 -67.12 -29.08
CA PRO B 147 62.16 -65.89 -28.82
C PRO B 147 61.31 -64.64 -28.88
N ILE B 148 60.40 -64.58 -29.83
CA ILE B 148 59.52 -63.42 -29.98
C ILE B 148 58.08 -63.85 -29.69
N ILE B 149 57.39 -63.13 -28.81
CA ILE B 149 56.02 -63.48 -28.48
C ILE B 149 55.14 -62.23 -28.43
N SER B 150 53.82 -62.43 -28.39
CA SER B 150 52.88 -61.32 -28.35
C SER B 150 51.99 -61.37 -27.11
N ASN B 151 51.60 -60.21 -26.61
CA ASN B 151 50.73 -60.14 -25.44
C ASN B 151 49.34 -59.66 -25.89
N ALA B 152 49.12 -59.74 -27.21
CA ALA B 152 47.86 -59.35 -27.87
C ALA B 152 47.50 -57.88 -27.60
N SER B 153 46.30 -57.47 -28.00
CA SER B 153 45.87 -56.09 -27.78
C SER B 153 45.23 -55.94 -26.41
N CYS B 154 44.97 -54.70 -26.01
CA CYS B 154 44.36 -54.44 -24.71
C CYS B 154 42.91 -54.96 -24.65
N THR B 155 42.17 -54.83 -25.75
CA THR B 155 40.80 -55.32 -25.79
C THR B 155 40.76 -56.85 -25.70
N THR B 156 41.64 -57.51 -26.44
CA THR B 156 41.70 -58.97 -26.39
C THR B 156 41.99 -59.45 -24.98
N ASN B 157 42.61 -58.58 -24.17
CA ASN B 157 42.91 -58.93 -22.79
C ASN B 157 41.69 -58.74 -21.90
N CYS B 158 40.68 -58.02 -22.39
CA CYS B 158 39.47 -57.83 -21.59
C CYS B 158 38.48 -58.97 -21.86
N LEU B 159 38.40 -59.41 -23.11
CA LEU B 159 37.50 -60.50 -23.51
C LEU B 159 37.92 -61.88 -22.99
N ALA B 160 38.98 -62.41 -23.59
CA ALA B 160 39.49 -63.73 -23.22
C ALA B 160 39.17 -64.16 -21.79
N PRO B 161 39.52 -63.35 -20.79
CA PRO B 161 39.21 -63.81 -19.43
C PRO B 161 37.76 -64.20 -19.17
N PHE B 162 36.81 -63.37 -19.59
CA PHE B 162 35.41 -63.70 -19.33
C PHE B 162 34.73 -64.45 -20.47
N VAL B 163 35.37 -64.54 -21.62
CA VAL B 163 34.81 -65.31 -22.73
C VAL B 163 35.19 -66.76 -22.46
N LYS B 164 36.29 -66.92 -21.74
CA LYS B 164 36.78 -68.23 -21.36
C LYS B 164 35.73 -68.84 -20.42
N VAL B 165 35.20 -67.98 -19.55
CA VAL B 165 34.20 -68.36 -18.56
C VAL B 165 32.86 -68.64 -19.22
N LEU B 166 32.41 -67.72 -20.08
CA LEU B 166 31.14 -67.90 -20.77
C LEU B 166 31.15 -69.16 -21.65
N ASP B 167 32.20 -69.36 -22.44
CA ASP B 167 32.24 -70.52 -23.31
C ASP B 167 32.33 -71.84 -22.53
N GLN B 168 33.01 -71.81 -21.39
CA GLN B 168 33.16 -73.00 -20.56
C GLN B 168 31.86 -73.35 -19.85
N LYS B 169 31.37 -72.42 -19.02
CA LYS B 169 30.16 -72.63 -18.26
C LYS B 169 28.83 -72.48 -19.00
N PHE B 170 28.86 -72.15 -20.29
CA PHE B 170 27.62 -71.98 -21.06
C PHE B 170 27.71 -72.29 -22.55
N GLY B 171 28.91 -72.56 -23.04
CA GLY B 171 29.10 -72.85 -24.44
C GLY B 171 28.67 -71.69 -25.33
N ILE B 172 29.61 -71.11 -26.05
CA ILE B 172 29.31 -69.98 -26.93
C ILE B 172 29.14 -70.42 -28.38
N ILE B 173 27.92 -70.29 -28.90
CA ILE B 173 27.67 -70.66 -30.28
C ILE B 173 28.35 -69.60 -31.14
N LYS B 174 27.95 -68.36 -30.94
CA LYS B 174 28.49 -67.24 -31.69
C LYS B 174 28.22 -65.92 -30.97
N GLY B 175 28.94 -64.87 -31.34
CA GLY B 175 28.73 -63.60 -30.69
C GLY B 175 29.31 -62.43 -31.45
N THR B 176 29.00 -61.23 -30.99
CA THR B 176 29.50 -60.02 -31.62
C THR B 176 29.99 -59.12 -30.49
N MET B 177 30.85 -58.17 -30.82
CA MET B 177 31.39 -57.30 -29.79
C MET B 177 31.66 -55.89 -30.29
N THR B 178 31.39 -54.92 -29.41
CA THR B 178 31.62 -53.51 -29.70
C THR B 178 32.30 -52.92 -28.48
N THR B 179 33.51 -52.40 -28.68
CA THR B 179 34.25 -51.79 -27.58
C THR B 179 34.25 -50.25 -27.65
N THR B 180 33.58 -49.61 -26.71
CA THR B 180 33.58 -48.16 -26.62
C THR B 180 34.93 -47.90 -25.96
N HIS B 181 35.87 -47.41 -26.75
CA HIS B 181 37.26 -47.20 -26.33
C HIS B 181 37.70 -45.72 -26.28
N SER B 182 38.64 -45.41 -25.40
CA SER B 182 39.15 -44.04 -25.27
C SER B 182 40.05 -43.79 -26.48
N TYR B 183 40.29 -42.53 -26.83
CA TYR B 183 41.16 -42.29 -27.98
C TYR B 183 42.60 -42.69 -27.64
N THR B 184 43.43 -42.78 -28.67
CA THR B 184 44.81 -43.17 -28.50
C THR B 184 45.69 -42.48 -29.53
N GLY B 185 46.99 -42.59 -29.33
CA GLY B 185 47.94 -41.97 -30.22
C GLY B 185 47.71 -42.10 -31.71
N ASP B 186 47.07 -43.17 -32.18
CA ASP B 186 46.84 -43.34 -33.62
C ASP B 186 45.75 -42.46 -34.22
N GLN B 187 45.07 -41.69 -33.38
CA GLN B 187 44.03 -40.80 -33.88
C GLN B 187 44.60 -39.41 -34.02
N ARG B 188 43.88 -38.53 -34.71
CA ARG B 188 44.35 -37.18 -34.95
C ARG B 188 43.68 -36.19 -34.03
N LEU B 189 44.44 -35.22 -33.54
CA LEU B 189 43.90 -34.22 -32.65
C LEU B 189 42.83 -33.39 -33.36
N LEU B 190 43.07 -33.13 -34.64
CA LEU B 190 42.12 -32.37 -35.47
C LEU B 190 42.09 -33.09 -36.82
N ASP B 191 41.06 -32.86 -37.62
CA ASP B 191 40.94 -33.52 -38.92
C ASP B 191 42.24 -33.37 -39.69
N ALA B 192 42.88 -34.50 -39.98
CA ALA B 192 44.13 -34.45 -40.71
C ALA B 192 44.43 -35.80 -41.31
N SER B 193 45.18 -35.76 -42.40
CA SER B 193 45.59 -36.94 -43.14
C SER B 193 45.88 -38.16 -42.25
N HIS B 194 45.30 -39.30 -42.63
CA HIS B 194 45.48 -40.56 -41.90
C HIS B 194 44.98 -41.65 -42.86
N ARG B 195 45.57 -42.83 -42.82
CA ARG B 195 45.13 -43.87 -43.74
C ARG B 195 43.66 -44.24 -43.53
N ASP B 196 43.23 -44.24 -42.27
CA ASP B 196 41.84 -44.55 -41.94
C ASP B 196 41.06 -43.23 -41.84
N LEU B 197 40.19 -42.97 -42.81
CA LEU B 197 39.40 -41.74 -42.84
C LEU B 197 38.56 -41.51 -41.59
N ARG B 198 38.45 -42.52 -40.76
CA ARG B 198 37.69 -42.41 -39.53
C ARG B 198 38.64 -41.87 -38.48
N ARG B 199 39.86 -42.41 -38.49
CA ARG B 199 40.87 -42.00 -37.52
C ARG B 199 41.48 -40.64 -37.82
N ALA B 200 41.22 -40.13 -39.02
CA ALA B 200 41.74 -38.83 -39.38
C ALA B 200 40.94 -37.71 -38.70
N ARG B 201 39.83 -38.09 -38.05
CA ARG B 201 38.94 -37.12 -37.41
C ARG B 201 39.21 -36.75 -35.96
N ALA B 202 39.16 -35.45 -35.68
CA ALA B 202 39.38 -34.90 -34.34
C ALA B 202 38.87 -35.86 -33.24
N ALA B 203 39.81 -36.54 -32.58
CA ALA B 203 39.52 -37.53 -31.54
C ALA B 203 38.68 -37.08 -30.36
N ALA B 204 39.02 -35.92 -29.78
CA ALA B 204 38.29 -35.43 -28.62
C ALA B 204 37.02 -34.71 -28.98
N LEU B 205 36.53 -34.92 -30.19
CA LEU B 205 35.31 -34.25 -30.62
C LEU B 205 34.23 -35.18 -31.12
N ASN B 206 34.63 -36.38 -31.53
CA ASN B 206 33.70 -37.35 -32.10
C ASN B 206 33.68 -38.73 -31.49
N ILE B 207 32.76 -39.52 -32.03
CA ILE B 207 32.61 -40.92 -31.68
C ILE B 207 33.14 -41.47 -33.00
N VAL B 208 34.27 -42.17 -32.96
CA VAL B 208 34.89 -42.69 -34.18
C VAL B 208 34.84 -44.19 -34.30
N PRO B 209 34.10 -44.70 -35.28
CA PRO B 209 34.07 -46.15 -35.40
C PRO B 209 35.37 -46.58 -36.05
N THR B 210 35.89 -47.72 -35.63
CA THR B 210 37.12 -48.23 -36.19
C THR B 210 37.10 -49.73 -36.00
N SER B 211 37.76 -50.45 -36.89
CA SER B 211 37.76 -51.90 -36.79
C SER B 211 38.65 -52.34 -35.65
N THR B 212 38.63 -53.64 -35.39
CA THR B 212 39.44 -54.25 -34.34
C THR B 212 39.46 -55.76 -34.52
N GLY B 213 40.64 -56.34 -34.57
CA GLY B 213 40.77 -57.78 -34.73
C GLY B 213 40.65 -58.52 -33.41
N ALA B 214 40.56 -57.77 -32.32
CA ALA B 214 40.45 -58.34 -30.97
C ALA B 214 39.49 -59.51 -30.95
N ALA B 215 38.40 -59.38 -31.69
CA ALA B 215 37.40 -60.43 -31.77
C ALA B 215 38.05 -61.72 -32.26
N LYS B 216 38.55 -61.69 -33.49
CA LYS B 216 39.21 -62.85 -34.09
C LYS B 216 40.38 -63.33 -33.25
N ALA B 217 41.12 -62.40 -32.66
CA ALA B 217 42.30 -62.71 -31.86
C ALA B 217 42.02 -63.62 -30.67
N VAL B 218 40.78 -63.64 -30.18
CA VAL B 218 40.50 -64.49 -29.04
C VAL B 218 40.70 -65.94 -29.42
N ALA B 219 40.47 -66.25 -30.71
CA ALA B 219 40.61 -67.61 -31.23
C ALA B 219 42.03 -68.17 -31.13
N LEU B 220 43.00 -67.31 -30.83
CA LEU B 220 44.38 -67.74 -30.73
C LEU B 220 44.65 -68.26 -29.32
N VAL B 221 44.04 -67.61 -28.32
CA VAL B 221 44.24 -67.99 -26.92
C VAL B 221 43.13 -68.89 -26.39
N LEU B 222 42.04 -68.95 -27.13
CA LEU B 222 40.91 -69.81 -26.78
C LEU B 222 40.49 -70.41 -28.12
N PRO B 223 41.22 -71.44 -28.57
CA PRO B 223 40.99 -72.15 -29.84
C PRO B 223 39.53 -72.43 -30.18
N ASN B 224 38.76 -72.75 -29.16
CA ASN B 224 37.35 -73.07 -29.31
C ASN B 224 36.48 -72.01 -29.98
N LEU B 225 36.81 -70.74 -29.79
CA LEU B 225 36.00 -69.67 -30.37
C LEU B 225 36.39 -69.29 -31.79
N LYS B 226 37.18 -70.12 -32.45
CA LYS B 226 37.60 -69.80 -33.82
C LYS B 226 36.42 -69.53 -34.77
N GLY B 227 36.45 -68.36 -35.41
CA GLY B 227 35.39 -68.00 -36.34
C GLY B 227 34.02 -67.71 -35.72
N LYS B 228 33.91 -67.79 -34.40
CA LYS B 228 32.63 -67.55 -33.73
C LYS B 228 32.35 -66.10 -33.35
N LEU B 229 33.40 -65.32 -33.09
CA LEU B 229 33.21 -63.91 -32.70
C LEU B 229 33.64 -62.92 -33.75
N ASN B 230 33.23 -61.69 -33.56
CA ASN B 230 33.58 -60.61 -34.46
C ASN B 230 33.10 -59.31 -33.83
N GLY B 231 33.74 -58.20 -34.19
CA GLY B 231 33.32 -56.95 -33.62
C GLY B 231 33.94 -55.72 -34.24
N ILE B 232 33.63 -54.58 -33.63
CA ILE B 232 34.12 -53.30 -34.07
C ILE B 232 34.42 -52.49 -32.82
N ALA B 233 34.87 -51.26 -33.02
CA ALA B 233 35.18 -50.37 -31.91
C ALA B 233 34.72 -48.97 -32.24
N LEU B 234 34.34 -48.25 -31.20
CA LEU B 234 33.89 -46.87 -31.32
C LEU B 234 34.79 -46.08 -30.40
N ARG B 235 35.61 -45.23 -30.99
CA ARG B 235 36.53 -44.40 -30.22
C ARG B 235 35.78 -43.19 -29.66
N VAL B 236 35.89 -42.96 -28.35
CA VAL B 236 35.20 -41.81 -27.75
C VAL B 236 36.12 -40.87 -26.97
N PRO B 237 35.73 -39.59 -26.86
CA PRO B 237 36.43 -38.49 -26.19
C PRO B 237 36.89 -38.63 -24.72
N THR B 238 37.51 -39.76 -24.40
CA THR B 238 38.07 -39.95 -23.07
C THR B 238 39.52 -40.35 -23.34
N PRO B 239 40.47 -39.84 -22.56
CA PRO B 239 41.91 -40.12 -22.72
C PRO B 239 42.34 -41.54 -22.31
N ASN B 240 41.60 -42.16 -21.41
CA ASN B 240 41.95 -43.51 -20.97
C ASN B 240 40.78 -44.26 -20.36
N VAL B 241 40.91 -45.59 -20.34
CA VAL B 241 39.90 -46.51 -19.81
C VAL B 241 38.86 -46.81 -20.88
N SER B 242 38.56 -48.09 -21.07
CA SER B 242 37.60 -48.48 -22.08
C SER B 242 36.63 -49.57 -21.59
N VAL B 243 35.56 -49.78 -22.34
CA VAL B 243 34.56 -50.77 -21.97
C VAL B 243 34.21 -51.68 -23.14
N VAL B 244 34.05 -52.98 -22.88
CA VAL B 244 33.69 -53.94 -23.94
C VAL B 244 32.24 -54.39 -23.80
N ASP B 245 31.50 -54.32 -24.92
CA ASP B 245 30.11 -54.73 -24.96
C ASP B 245 30.07 -56.06 -25.71
N LEU B 246 29.76 -57.13 -24.99
CA LEU B 246 29.71 -58.47 -25.61
C LEU B 246 28.32 -59.09 -25.64
N VAL B 247 27.98 -59.68 -26.78
CA VAL B 247 26.69 -60.34 -26.98
C VAL B 247 26.96 -61.70 -27.62
N VAL B 248 26.85 -62.76 -26.83
CA VAL B 248 27.06 -64.12 -27.33
C VAL B 248 25.81 -64.95 -27.14
N GLN B 249 25.59 -65.87 -28.06
CA GLN B 249 24.44 -66.75 -27.95
C GLN B 249 24.98 -68.02 -27.32
N VAL B 250 24.51 -68.39 -26.14
CA VAL B 250 25.00 -69.61 -25.51
C VAL B 250 24.11 -70.79 -25.89
N SER B 251 24.59 -71.98 -25.57
CA SER B 251 23.85 -73.20 -25.88
C SER B 251 23.09 -73.71 -24.65
N LYS B 252 23.48 -73.21 -23.48
CA LYS B 252 22.85 -73.60 -22.24
C LYS B 252 21.99 -72.49 -21.66
N LYS B 253 20.66 -72.61 -21.80
CA LYS B 253 19.75 -71.59 -21.26
C LYS B 253 20.29 -71.11 -19.91
N THR B 254 20.00 -69.86 -19.58
CA THR B 254 20.43 -69.29 -18.33
C THR B 254 19.81 -67.93 -18.13
N PHE B 255 20.14 -67.31 -17.01
CA PHE B 255 19.62 -65.99 -16.70
C PHE B 255 20.77 -65.11 -16.24
N ALA B 256 20.49 -63.82 -16.09
CA ALA B 256 21.50 -62.86 -15.68
C ALA B 256 22.22 -63.20 -14.37
N GLU B 257 21.47 -63.29 -13.27
CA GLU B 257 22.09 -63.56 -11.98
C GLU B 257 22.97 -64.81 -11.93
N GLU B 258 22.82 -65.68 -12.91
CA GLU B 258 23.65 -66.88 -12.94
C GLU B 258 24.97 -66.55 -13.61
N VAL B 259 24.87 -65.89 -14.76
CA VAL B 259 26.04 -65.49 -15.51
C VAL B 259 26.96 -64.77 -14.52
N ASN B 260 26.42 -63.74 -13.87
CA ASN B 260 27.19 -62.95 -12.91
C ASN B 260 27.76 -63.80 -11.80
N ALA B 261 26.96 -64.73 -11.28
CA ALA B 261 27.42 -65.60 -10.21
C ALA B 261 28.60 -66.39 -10.77
N ALA B 262 28.51 -66.75 -12.04
CA ALA B 262 29.57 -67.51 -12.69
C ALA B 262 30.87 -66.70 -12.66
N PHE B 263 30.81 -65.47 -13.18
CA PHE B 263 31.97 -64.60 -13.21
C PHE B 263 32.63 -64.48 -11.83
N ARG B 264 31.81 -64.32 -10.80
CA ARG B 264 32.31 -64.20 -9.43
C ARG B 264 33.11 -65.43 -9.00
N ASP B 265 32.83 -66.59 -9.61
CA ASP B 265 33.56 -67.81 -9.27
C ASP B 265 34.97 -67.73 -9.81
N SER B 266 35.09 -67.31 -11.08
CA SER B 266 36.39 -67.19 -11.71
C SER B 266 37.22 -66.18 -10.95
N ALA B 267 36.54 -65.20 -10.36
CA ALA B 267 37.22 -64.16 -9.61
C ALA B 267 38.06 -64.71 -8.46
N GLU B 268 37.48 -65.65 -7.71
CA GLU B 268 38.20 -66.20 -6.57
C GLU B 268 39.00 -67.45 -6.88
N LYS B 269 38.88 -67.95 -8.11
CA LYS B 269 39.60 -69.16 -8.47
C LYS B 269 40.63 -69.02 -9.60
N GLU B 270 40.36 -69.65 -10.74
CA GLU B 270 41.27 -69.67 -11.88
C GLU B 270 41.56 -68.31 -12.53
N LEU B 271 40.79 -67.28 -12.16
CA LEU B 271 40.99 -65.96 -12.74
C LEU B 271 41.21 -64.88 -11.67
N LYS B 272 41.79 -65.28 -10.53
CA LYS B 272 42.04 -64.31 -9.46
C LYS B 272 43.10 -63.31 -9.89
N GLY B 273 42.83 -62.03 -9.63
CA GLY B 273 43.78 -60.99 -10.00
C GLY B 273 43.70 -60.62 -11.47
N ILE B 274 42.78 -61.23 -12.20
CA ILE B 274 42.62 -60.95 -13.62
C ILE B 274 41.18 -60.55 -13.95
N LEU B 275 40.22 -61.29 -13.40
CA LEU B 275 38.81 -61.01 -13.62
C LEU B 275 38.25 -60.46 -12.32
N ASP B 276 37.31 -59.54 -12.43
CA ASP B 276 36.71 -58.94 -11.26
C ASP B 276 35.26 -58.54 -11.57
N VAL B 277 34.41 -58.65 -10.55
CA VAL B 277 32.99 -58.31 -10.68
C VAL B 277 32.73 -57.10 -9.82
N CYS B 278 32.18 -56.06 -10.42
CA CYS B 278 31.87 -54.84 -9.69
C CYS B 278 30.37 -54.65 -9.51
N ASP B 279 29.97 -54.47 -8.26
CA ASP B 279 28.56 -54.33 -7.93
C ASP B 279 28.13 -52.89 -7.69
N GLU B 280 29.07 -51.97 -7.54
CA GLU B 280 28.70 -50.58 -7.33
C GLU B 280 28.55 -49.90 -8.68
N PRO B 281 27.59 -48.96 -8.79
CA PRO B 281 27.30 -48.20 -10.02
C PRO B 281 28.35 -47.12 -10.34
N LEU B 282 29.48 -47.55 -10.92
CA LEU B 282 30.58 -46.65 -11.23
C LEU B 282 30.63 -46.17 -12.68
N VAL B 283 31.61 -45.31 -12.97
CA VAL B 283 31.84 -44.76 -14.30
C VAL B 283 33.31 -44.92 -14.67
N SER B 284 33.61 -44.80 -15.96
CA SER B 284 34.98 -44.98 -16.47
C SER B 284 36.14 -44.49 -15.59
N VAL B 285 36.10 -43.25 -15.15
CA VAL B 285 37.20 -42.74 -14.34
C VAL B 285 37.47 -43.57 -13.08
N ASP B 286 36.47 -44.33 -12.62
CA ASP B 286 36.65 -45.13 -11.42
C ASP B 286 37.53 -46.35 -11.68
N PHE B 287 37.73 -46.66 -12.95
CA PHE B 287 38.54 -47.80 -13.28
C PHE B 287 39.98 -47.45 -13.68
N ARG B 288 40.38 -46.21 -13.44
CA ARG B 288 41.76 -45.83 -13.72
C ARG B 288 42.68 -46.58 -12.75
N CYS B 289 43.71 -47.21 -13.30
CA CYS B 289 44.68 -47.96 -12.51
C CYS B 289 44.22 -49.31 -11.96
N SER B 290 43.19 -49.88 -12.57
CA SER B 290 42.69 -51.19 -12.16
C SER B 290 43.66 -52.26 -12.64
N ASP B 291 44.09 -53.11 -11.71
CA ASP B 291 45.02 -54.19 -12.02
C ASP B 291 44.34 -55.36 -12.74
N PHE B 292 43.01 -55.31 -12.83
CA PHE B 292 42.25 -56.36 -13.50
C PHE B 292 42.07 -56.08 -14.98
N SER B 293 42.43 -57.04 -15.83
CA SER B 293 42.30 -56.84 -17.26
C SER B 293 40.84 -56.72 -17.69
N THR B 294 39.95 -57.21 -16.84
CA THR B 294 38.51 -57.16 -17.12
C THR B 294 37.71 -57.13 -15.82
N THR B 295 36.73 -56.23 -15.76
CA THR B 295 35.85 -56.09 -14.60
C THR B 295 34.41 -56.07 -15.10
N ILE B 296 33.61 -57.01 -14.62
CA ILE B 296 32.23 -57.10 -15.06
C ILE B 296 31.40 -56.07 -14.36
N ASP B 297 30.50 -55.43 -15.10
CA ASP B 297 29.61 -54.47 -14.51
C ASP B 297 28.32 -55.26 -14.34
N SER B 298 28.26 -56.03 -13.24
CA SER B 298 27.13 -56.91 -12.95
C SER B 298 25.75 -56.33 -13.23
N SER B 299 25.47 -55.15 -12.70
CA SER B 299 24.16 -54.54 -12.88
C SER B 299 23.81 -54.22 -14.34
N LEU B 300 24.72 -54.52 -15.25
CA LEU B 300 24.46 -54.28 -16.66
C LEU B 300 24.25 -55.60 -17.37
N THR B 301 24.57 -56.70 -16.68
CA THR B 301 24.41 -58.05 -17.25
C THR B 301 22.95 -58.32 -17.62
N MET B 302 22.72 -58.71 -18.86
CA MET B 302 21.38 -58.99 -19.35
C MET B 302 21.32 -60.29 -20.13
N VAL B 303 20.21 -61.01 -19.98
CA VAL B 303 20.01 -62.26 -20.69
C VAL B 303 18.67 -62.17 -21.40
N MET B 304 18.69 -62.28 -22.73
CA MET B 304 17.47 -62.22 -23.52
C MET B 304 17.14 -63.55 -24.18
N GLY B 305 15.92 -64.04 -23.94
CA GLY B 305 15.51 -65.29 -24.54
C GLY B 305 16.33 -66.47 -24.08
N ASP B 306 16.52 -66.57 -22.77
CA ASP B 306 17.26 -67.68 -22.13
C ASP B 306 18.70 -67.94 -22.59
N ASP B 307 19.06 -67.54 -23.80
CA ASP B 307 20.42 -67.83 -24.27
C ASP B 307 21.19 -66.78 -25.04
N MET B 308 20.71 -65.54 -25.08
CA MET B 308 21.43 -64.46 -25.76
C MET B 308 21.97 -63.61 -24.61
N VAL B 309 23.24 -63.78 -24.28
CA VAL B 309 23.82 -63.04 -23.16
C VAL B 309 24.65 -61.83 -23.53
N LYS B 310 24.50 -60.78 -22.73
CA LYS B 310 25.24 -59.53 -22.91
C LYS B 310 26.02 -59.23 -21.63
N VAL B 311 27.33 -59.07 -21.77
CA VAL B 311 28.18 -58.76 -20.62
C VAL B 311 29.02 -57.51 -20.89
N ILE B 312 28.98 -56.56 -19.97
CA ILE B 312 29.73 -55.31 -20.10
C ILE B 312 30.97 -55.32 -19.20
N ALA B 313 32.16 -55.16 -19.78
CA ALA B 313 33.39 -55.18 -18.98
C ALA B 313 34.21 -53.90 -19.05
N TRP B 314 34.81 -53.52 -17.92
CA TRP B 314 35.62 -52.31 -17.84
C TRP B 314 37.12 -52.64 -17.81
N TYR B 315 37.92 -51.76 -18.41
CA TYR B 315 39.36 -51.96 -18.38
C TYR B 315 40.17 -50.71 -18.67
N ASP B 316 41.33 -50.61 -18.03
CA ASP B 316 42.24 -49.49 -18.23
C ASP B 316 43.17 -49.99 -19.35
N ASN B 317 42.84 -49.65 -20.60
CA ASN B 317 43.63 -50.10 -21.73
C ASN B 317 45.12 -49.83 -21.60
N GLU B 318 45.49 -48.85 -20.80
CA GLU B 318 46.89 -48.52 -20.60
C GLU B 318 47.52 -49.23 -19.41
N TRP B 319 47.00 -48.93 -18.23
CA TRP B 319 47.54 -49.50 -17.02
C TRP B 319 47.38 -51.01 -16.94
N GLY B 320 46.13 -51.47 -16.89
CA GLY B 320 45.86 -52.90 -16.80
C GLY B 320 46.63 -53.75 -17.79
N TYR B 321 46.69 -53.30 -19.03
CA TYR B 321 47.41 -54.03 -20.07
C TYR B 321 48.90 -54.08 -19.75
N SER B 322 49.40 -53.03 -19.11
CA SER B 322 50.81 -52.98 -18.76
C SER B 322 51.09 -53.96 -17.63
N GLN B 323 50.13 -54.06 -16.70
CA GLN B 323 50.28 -54.97 -15.58
C GLN B 323 50.39 -56.35 -16.14
N ARG B 324 49.74 -56.56 -17.29
CA ARG B 324 49.77 -57.86 -17.96
C ARG B 324 51.10 -58.10 -18.68
N VAL B 325 51.69 -57.05 -19.25
CA VAL B 325 52.97 -57.21 -19.94
C VAL B 325 54.00 -57.62 -18.92
N VAL B 326 53.85 -57.10 -17.70
CA VAL B 326 54.77 -57.42 -16.62
C VAL B 326 54.57 -58.86 -16.20
N ASP B 327 53.31 -59.30 -16.15
CA ASP B 327 52.98 -60.66 -15.76
C ASP B 327 53.57 -61.64 -16.76
N LEU B 328 53.36 -61.37 -18.04
CA LEU B 328 53.88 -62.24 -19.11
C LEU B 328 55.40 -62.25 -19.05
N ALA B 329 55.99 -61.09 -18.76
CA ALA B 329 57.44 -60.95 -18.66
C ALA B 329 57.93 -61.73 -17.45
N ASP B 330 57.11 -61.80 -16.41
CA ASP B 330 57.47 -62.55 -15.21
C ASP B 330 57.39 -64.04 -15.50
N ILE B 331 56.41 -64.43 -16.32
CA ILE B 331 56.25 -65.82 -16.68
C ILE B 331 57.50 -66.23 -17.45
N VAL B 332 57.88 -65.39 -18.41
CA VAL B 332 59.05 -65.64 -19.23
C VAL B 332 60.28 -65.73 -18.33
N ALA B 333 60.29 -64.94 -17.27
CA ALA B 333 61.41 -64.92 -16.33
C ALA B 333 61.51 -66.16 -15.46
N ASN B 334 60.37 -66.72 -15.07
CA ASN B 334 60.40 -67.91 -14.22
C ASN B 334 60.29 -69.22 -15.00
N ASN B 335 60.55 -69.15 -16.29
CA ASN B 335 60.51 -70.33 -17.14
C ASN B 335 61.71 -70.23 -18.08
N TRP B 336 62.80 -69.68 -17.53
CA TRP B 336 64.05 -69.45 -18.24
C TRP B 336 64.99 -70.64 -18.08
N LYS B 337 65.03 -71.48 -19.12
CA LYS B 337 65.88 -72.67 -19.11
C LYS B 337 67.24 -72.32 -19.70
N ALA C 1 42.68 -12.89 -67.93
CA ALA C 1 43.04 -14.23 -67.39
C ALA C 1 43.12 -14.19 -65.86
N LYS C 2 42.62 -15.24 -65.21
CA LYS C 2 42.65 -15.34 -63.75
C LYS C 2 43.95 -15.98 -63.29
N LEU C 3 44.42 -15.58 -62.11
CA LEU C 3 45.65 -16.11 -61.55
C LEU C 3 45.51 -17.55 -61.09
N LYS C 4 46.48 -18.37 -61.46
CA LYS C 4 46.46 -19.79 -61.10
C LYS C 4 47.11 -20.00 -59.73
N VAL C 5 46.35 -20.64 -58.85
CA VAL C 5 46.77 -20.88 -57.47
C VAL C 5 46.97 -22.35 -57.11
N ALA C 6 48.07 -22.61 -56.43
CA ALA C 6 48.39 -23.97 -55.96
C ALA C 6 48.42 -23.93 -54.44
N ILE C 7 47.92 -25.00 -53.81
CA ILE C 7 47.89 -25.07 -52.36
C ILE C 7 48.83 -26.17 -51.89
N ASN C 8 49.88 -25.78 -51.17
CA ASN C 8 50.83 -26.76 -50.66
C ASN C 8 50.56 -26.99 -49.19
N GLY C 9 50.01 -28.17 -48.91
CA GLY C 9 49.66 -28.52 -47.56
C GLY C 9 48.16 -28.38 -47.45
N PHE C 10 47.44 -29.47 -47.67
CA PHE C 10 45.99 -29.43 -47.61
C PHE C 10 45.55 -29.79 -46.19
N GLY C 11 46.04 -29.01 -45.23
CA GLY C 11 45.70 -29.26 -43.84
C GLY C 11 44.58 -28.34 -43.38
N ARG C 12 44.63 -27.87 -42.16
CA ARG C 12 43.58 -26.99 -41.66
C ARG C 12 43.53 -25.64 -42.39
N ILE C 13 44.64 -24.92 -42.44
CA ILE C 13 44.65 -23.65 -43.13
C ILE C 13 44.51 -23.86 -44.64
N GLY C 14 45.04 -24.96 -45.14
CA GLY C 14 44.92 -25.22 -46.55
C GLY C 14 43.45 -25.38 -46.94
N ARG C 15 42.75 -26.26 -46.25
CA ARG C 15 41.35 -26.52 -46.55
C ARG C 15 40.40 -25.37 -46.20
N ASN C 16 40.77 -24.56 -45.22
CA ASN C 16 39.95 -23.41 -44.86
C ASN C 16 40.09 -22.38 -45.98
N PHE C 17 41.28 -22.33 -46.56
CA PHE C 17 41.58 -21.40 -47.64
C PHE C 17 40.71 -21.68 -48.87
N LEU C 18 40.58 -22.94 -49.24
CA LEU C 18 39.76 -23.28 -50.41
C LEU C 18 38.30 -22.94 -50.15
N ARG C 19 37.76 -23.41 -49.03
CA ARG C 19 36.37 -23.13 -48.67
C ARG C 19 36.10 -21.63 -48.50
N CYS C 20 37.13 -20.89 -48.15
CA CYS C 20 36.96 -19.44 -48.01
C CYS C 20 36.83 -18.91 -49.43
N TRP C 21 37.83 -19.22 -50.24
CA TRP C 21 37.88 -18.79 -51.64
C TRP C 21 36.59 -19.13 -52.39
N HIS C 22 36.13 -20.37 -52.19
CA HIS C 22 34.91 -20.86 -52.83
C HIS C 22 33.77 -19.89 -52.55
N GLY C 23 33.62 -19.51 -51.29
CA GLY C 23 32.56 -18.60 -50.93
C GLY C 23 32.83 -17.18 -51.39
N ARG C 24 33.93 -16.97 -52.07
CA ARG C 24 34.26 -15.62 -52.53
C ARG C 24 33.42 -15.19 -53.72
N LYS C 25 33.40 -13.88 -53.93
CA LYS C 25 32.64 -13.27 -55.00
C LYS C 25 33.58 -12.69 -56.07
N ASP C 26 33.70 -13.38 -57.19
CA ASP C 26 34.58 -12.91 -58.26
C ASP C 26 36.05 -12.96 -57.87
N SER C 27 36.48 -14.10 -57.35
CA SER C 27 37.87 -14.27 -56.95
C SER C 27 38.77 -14.03 -58.16
N PRO C 28 39.79 -13.18 -58.00
CA PRO C 28 40.70 -12.91 -59.13
C PRO C 28 41.62 -14.12 -59.26
N LEU C 29 41.29 -15.17 -58.52
CA LEU C 29 42.09 -16.39 -58.49
C LEU C 29 41.31 -17.63 -58.93
N ASP C 30 42.04 -18.68 -59.24
CA ASP C 30 41.45 -19.94 -59.66
C ASP C 30 42.29 -21.10 -59.11
N ILE C 31 41.85 -21.68 -58.00
CA ILE C 31 42.58 -22.79 -57.40
C ILE C 31 42.57 -23.95 -58.39
N ILE C 32 43.74 -24.30 -58.90
CA ILE C 32 43.83 -25.38 -59.88
C ILE C 32 44.67 -26.57 -59.46
N ALA C 33 45.31 -26.49 -58.31
CA ALA C 33 46.13 -27.61 -57.85
C ALA C 33 46.29 -27.64 -56.35
N ILE C 34 46.38 -28.85 -55.82
CA ILE C 34 46.56 -29.09 -54.40
C ILE C 34 47.74 -30.05 -54.36
N ASN C 35 48.48 -30.03 -53.26
CA ASN C 35 49.62 -30.93 -53.09
C ASN C 35 49.70 -31.31 -51.62
N ASP C 36 49.88 -32.59 -51.35
CA ASP C 36 49.95 -33.07 -49.98
C ASP C 36 50.18 -34.57 -49.94
N THR C 37 50.91 -35.00 -48.92
CA THR C 37 51.25 -36.40 -48.71
C THR C 37 50.03 -37.27 -48.42
N GLY C 38 49.18 -37.49 -49.42
CA GLY C 38 47.99 -38.31 -49.18
C GLY C 38 47.16 -38.76 -50.37
N GLY C 39 47.24 -38.06 -51.50
CA GLY C 39 46.45 -38.46 -52.66
C GLY C 39 45.02 -37.95 -52.64
N VAL C 40 44.20 -38.46 -53.56
CA VAL C 40 42.79 -38.04 -53.66
C VAL C 40 41.88 -38.54 -52.53
N LYS C 41 42.20 -39.72 -51.99
CA LYS C 41 41.41 -40.30 -50.90
C LYS C 41 41.22 -39.29 -49.77
N GLN C 42 42.31 -38.77 -49.23
CA GLN C 42 42.27 -37.80 -48.13
C GLN C 42 41.83 -36.43 -48.61
N ALA C 43 42.58 -35.87 -49.56
CA ALA C 43 42.28 -34.55 -50.09
C ALA C 43 40.79 -34.36 -50.31
N SER C 44 40.11 -35.40 -50.77
CA SER C 44 38.68 -35.31 -51.05
C SER C 44 37.81 -35.45 -49.82
N HIS C 45 37.91 -36.59 -49.15
CA HIS C 45 37.10 -36.85 -47.96
C HIS C 45 37.17 -35.75 -46.91
N LEU C 46 38.39 -35.28 -46.64
CA LEU C 46 38.59 -34.25 -45.63
C LEU C 46 38.11 -32.86 -46.03
N LEU C 47 37.95 -32.61 -47.32
CA LEU C 47 37.46 -31.33 -47.79
C LEU C 47 35.92 -31.31 -47.72
N LYS C 48 35.32 -32.50 -47.77
CA LYS C 48 33.87 -32.62 -47.74
C LYS C 48 33.35 -32.70 -46.32
N TYR C 49 34.10 -33.40 -45.47
CA TYR C 49 33.73 -33.56 -44.07
C TYR C 49 34.71 -32.86 -43.12
N ASP C 50 34.20 -31.94 -42.30
CA ASP C 50 35.05 -31.19 -41.39
C ASP C 50 34.43 -31.09 -39.98
N SER C 51 35.11 -31.66 -38.99
CA SER C 51 34.64 -31.64 -37.60
C SER C 51 34.49 -30.24 -37.02
N THR C 52 35.17 -29.27 -37.63
CA THR C 52 35.13 -27.89 -37.16
C THR C 52 34.18 -27.01 -37.98
N LEU C 53 34.33 -27.05 -39.30
CA LEU C 53 33.52 -26.26 -40.23
C LEU C 53 32.17 -26.89 -40.57
N GLY C 54 32.15 -28.21 -40.77
CA GLY C 54 30.93 -28.91 -41.11
C GLY C 54 31.12 -29.50 -42.49
N ILE C 55 30.03 -29.98 -43.10
CA ILE C 55 30.09 -30.56 -44.44
C ILE C 55 30.11 -29.44 -45.47
N PHE C 56 30.97 -29.56 -46.46
CA PHE C 56 31.10 -28.55 -47.52
C PHE C 56 29.90 -28.59 -48.46
N ASP C 57 29.15 -27.50 -48.51
CA ASP C 57 27.99 -27.44 -49.39
C ASP C 57 28.50 -27.16 -50.79
N ALA C 58 28.97 -28.23 -51.43
CA ALA C 58 29.51 -28.21 -52.77
C ALA C 58 29.72 -29.67 -53.13
N ASP C 59 29.94 -29.95 -54.41
CA ASP C 59 30.15 -31.32 -54.86
C ASP C 59 31.63 -31.63 -54.84
N VAL C 60 32.04 -32.47 -53.90
CA VAL C 60 33.44 -32.84 -53.76
C VAL C 60 33.62 -34.33 -54.01
N LYS C 61 33.83 -34.70 -55.25
CA LYS C 61 34.04 -36.10 -55.60
C LYS C 61 35.37 -36.28 -56.32
N PRO C 62 36.06 -37.40 -56.07
CA PRO C 62 37.33 -37.60 -56.75
C PRO C 62 37.11 -37.41 -58.26
N SER C 63 38.18 -37.12 -59.00
CA SER C 63 38.06 -36.92 -60.44
C SER C 63 39.21 -37.61 -61.15
N GLY C 64 39.26 -38.93 -61.05
CA GLY C 64 40.33 -39.67 -61.68
C GLY C 64 41.39 -39.95 -60.66
N GLU C 65 42.39 -40.75 -61.03
CA GLU C 65 43.46 -41.10 -60.12
C GLU C 65 44.24 -39.91 -59.55
N THR C 66 44.16 -38.75 -60.21
CA THR C 66 44.91 -37.58 -59.73
C THR C 66 44.18 -36.25 -59.80
N ALA C 67 43.06 -36.13 -59.10
CA ALA C 67 42.30 -34.89 -59.07
C ALA C 67 40.99 -35.05 -58.34
N ILE C 68 40.42 -33.93 -57.94
CA ILE C 68 39.14 -33.92 -57.24
C ILE C 68 38.27 -32.92 -57.99
N SER C 69 36.96 -33.07 -57.87
CA SER C 69 36.04 -32.18 -58.55
C SER C 69 35.21 -31.45 -57.52
N VAL C 70 35.22 -30.12 -57.60
CA VAL C 70 34.45 -29.33 -56.67
C VAL C 70 33.46 -28.48 -57.46
N ASP C 71 32.21 -28.91 -57.48
CA ASP C 71 31.17 -28.19 -58.20
C ASP C 71 31.51 -28.04 -59.69
N GLY C 72 31.94 -29.14 -60.30
CA GLY C 72 32.27 -29.11 -61.72
C GLY C 72 33.70 -28.74 -62.03
N LYS C 73 34.35 -28.01 -61.13
CA LYS C 73 35.74 -27.62 -61.36
C LYS C 73 36.67 -28.76 -60.96
N ILE C 74 37.74 -28.94 -61.72
CA ILE C 74 38.69 -30.00 -61.43
C ILE C 74 39.96 -29.39 -60.87
N ILE C 75 40.51 -30.03 -59.85
CA ILE C 75 41.73 -29.55 -59.20
C ILE C 75 42.74 -30.69 -59.13
N GLN C 76 43.93 -30.41 -59.65
CA GLN C 76 45.02 -31.38 -59.66
C GLN C 76 45.53 -31.68 -58.26
N VAL C 77 45.52 -32.96 -57.89
CA VAL C 77 46.00 -33.36 -56.57
C VAL C 77 47.34 -34.07 -56.73
N VAL C 78 48.44 -33.31 -56.65
CA VAL C 78 49.77 -33.90 -56.77
C VAL C 78 50.20 -34.36 -55.39
N SER C 79 51.33 -35.07 -55.29
CA SER C 79 51.73 -35.57 -53.98
C SER C 79 53.21 -35.86 -53.83
N ASN C 80 53.98 -34.81 -53.59
CA ASN C 80 55.42 -34.91 -53.42
C ASN C 80 55.87 -33.99 -52.31
N ARG C 81 56.61 -34.54 -51.35
CA ARG C 81 57.11 -33.77 -50.21
C ARG C 81 58.13 -32.70 -50.56
N ASN C 82 58.86 -32.90 -51.65
CA ASN C 82 59.89 -31.98 -52.11
C ASN C 82 59.41 -30.93 -53.10
N PRO C 83 59.08 -29.73 -52.62
CA PRO C 83 58.59 -28.61 -53.43
C PRO C 83 59.32 -28.34 -54.74
N SER C 84 60.60 -28.73 -54.82
CA SER C 84 61.36 -28.51 -56.06
C SER C 84 60.84 -29.39 -57.18
N LEU C 85 60.18 -30.49 -56.81
CA LEU C 85 59.66 -31.45 -57.77
C LEU C 85 58.16 -31.33 -58.02
N LEU C 86 57.61 -30.13 -57.95
CA LEU C 86 56.19 -29.97 -58.19
C LEU C 86 55.92 -29.39 -59.57
N PRO C 87 54.85 -29.89 -60.23
CA PRO C 87 54.41 -29.48 -61.57
C PRO C 87 54.00 -28.03 -61.69
N TRP C 88 54.69 -27.14 -60.99
CA TRP C 88 54.35 -25.73 -61.01
C TRP C 88 54.58 -25.03 -62.35
N LYS C 89 55.73 -25.26 -62.96
CA LYS C 89 56.02 -24.65 -64.25
C LYS C 89 55.10 -25.31 -65.27
N GLU C 90 54.99 -26.63 -65.16
CA GLU C 90 54.16 -27.41 -66.07
C GLU C 90 52.67 -27.09 -65.99
N LEU C 91 52.20 -26.61 -64.83
CA LEU C 91 50.79 -26.28 -64.68
C LEU C 91 50.56 -24.78 -64.78
N GLY C 92 51.64 -24.04 -65.04
CA GLY C 92 51.55 -22.60 -65.14
C GLY C 92 50.99 -21.95 -63.90
N ILE C 93 51.54 -22.31 -62.74
CA ILE C 93 51.10 -21.75 -61.45
C ILE C 93 51.64 -20.35 -61.16
N ASP C 94 50.76 -19.45 -60.76
CA ASP C 94 51.16 -18.07 -60.45
C ASP C 94 51.47 -17.87 -58.97
N ILE C 95 50.51 -18.24 -58.12
CA ILE C 95 50.65 -18.09 -56.68
C ILE C 95 50.52 -19.40 -55.94
N VAL C 96 51.48 -19.68 -55.05
CA VAL C 96 51.40 -20.88 -54.25
C VAL C 96 51.07 -20.48 -52.81
N ILE C 97 50.14 -21.21 -52.21
CA ILE C 97 49.75 -20.97 -50.82
C ILE C 97 50.52 -22.00 -50.01
N GLU C 98 51.59 -21.56 -49.37
CA GLU C 98 52.44 -22.44 -48.58
C GLU C 98 51.81 -22.65 -47.22
N GLY C 99 51.18 -23.80 -47.04
CA GLY C 99 50.54 -24.09 -45.77
C GLY C 99 51.04 -25.37 -45.15
N THR C 100 52.27 -25.76 -45.47
CA THR C 100 52.85 -26.98 -44.92
C THR C 100 53.38 -26.74 -43.53
N GLY C 101 53.80 -25.50 -43.28
CA GLY C 101 54.37 -25.18 -41.98
C GLY C 101 55.80 -25.67 -41.88
N VAL C 102 56.40 -26.02 -43.01
CA VAL C 102 57.76 -26.53 -43.08
C VAL C 102 58.58 -26.00 -44.28
N PHE C 103 58.16 -24.84 -44.78
CA PHE C 103 58.82 -24.15 -45.89
C PHE C 103 58.57 -22.66 -45.66
N VAL C 104 58.56 -22.27 -44.40
CA VAL C 104 58.30 -20.90 -44.03
C VAL C 104 59.55 -20.02 -44.09
N ASP C 105 60.68 -20.64 -44.42
CA ASP C 105 61.96 -19.94 -44.55
C ASP C 105 62.27 -19.70 -46.02
N ARG C 106 62.94 -18.59 -46.32
CA ARG C 106 63.25 -18.24 -47.70
C ARG C 106 63.84 -19.30 -48.62
N GLU C 107 64.88 -20.01 -48.18
CA GLU C 107 65.46 -21.03 -49.05
C GLU C 107 64.43 -22.13 -49.34
N GLY C 108 63.57 -22.40 -48.37
CA GLY C 108 62.56 -23.42 -48.54
C GLY C 108 61.40 -22.94 -49.40
N ALA C 109 60.91 -21.74 -49.13
CA ALA C 109 59.81 -21.19 -49.90
C ALA C 109 60.21 -20.95 -51.36
N GLY C 110 61.49 -20.71 -51.58
CA GLY C 110 61.96 -20.47 -52.94
C GLY C 110 61.91 -21.68 -53.85
N LYS C 111 61.94 -22.87 -53.24
CA LYS C 111 61.90 -24.09 -54.00
C LYS C 111 60.68 -24.08 -54.92
N HIS C 112 59.57 -23.50 -54.46
CA HIS C 112 58.34 -23.41 -55.24
C HIS C 112 58.55 -22.56 -56.48
N ILE C 113 59.36 -21.53 -56.36
CA ILE C 113 59.63 -20.67 -57.50
C ILE C 113 60.56 -21.39 -58.47
N GLU C 114 61.53 -22.14 -57.94
CA GLU C 114 62.44 -22.88 -58.81
C GLU C 114 61.66 -23.89 -59.61
N ALA C 115 60.56 -24.36 -59.03
CA ALA C 115 59.73 -25.38 -59.67
C ALA C 115 58.69 -24.87 -60.66
N GLY C 116 58.67 -23.57 -60.89
CA GLY C 116 57.70 -23.03 -61.83
C GLY C 116 56.88 -21.89 -61.31
N ALA C 117 56.36 -22.04 -60.09
CA ALA C 117 55.56 -20.99 -59.48
C ALA C 117 56.29 -19.66 -59.55
N LYS C 118 55.56 -18.57 -59.77
CA LYS C 118 56.19 -17.26 -59.85
C LYS C 118 56.08 -16.53 -58.52
N LYS C 119 55.24 -17.05 -57.62
CA LYS C 119 55.07 -16.42 -56.32
C LYS C 119 54.63 -17.40 -55.22
N VAL C 120 54.99 -17.08 -53.98
CA VAL C 120 54.64 -17.94 -52.85
C VAL C 120 54.18 -17.15 -51.64
N ILE C 121 53.06 -17.55 -51.04
CA ILE C 121 52.57 -16.86 -49.86
C ILE C 121 52.59 -17.80 -48.68
N ILE C 122 53.48 -17.52 -47.74
CA ILE C 122 53.63 -18.34 -46.54
C ILE C 122 52.50 -17.99 -45.58
N THR C 123 51.69 -18.99 -45.26
CA THR C 123 50.56 -18.83 -44.36
C THR C 123 51.03 -18.83 -42.94
N ALA C 124 52.23 -18.32 -42.69
CA ALA C 124 52.78 -18.31 -41.35
C ALA C 124 53.91 -17.30 -41.24
N PRO C 125 54.39 -17.02 -40.02
CA PRO C 125 55.48 -16.06 -39.90
C PRO C 125 56.63 -16.60 -40.73
N GLY C 126 57.33 -15.73 -41.45
CA GLY C 126 58.44 -16.21 -42.27
C GLY C 126 59.82 -16.01 -41.67
N LYS C 127 60.79 -16.76 -42.19
CA LYS C 127 62.17 -16.66 -41.73
C LYS C 127 63.00 -16.30 -42.97
N GLY C 128 63.93 -15.37 -42.82
CA GLY C 128 64.75 -14.97 -43.95
C GLY C 128 64.30 -13.64 -44.51
N ASP C 129 64.73 -13.30 -45.71
CA ASP C 129 64.33 -12.02 -46.29
C ASP C 129 62.94 -12.18 -46.89
N ILE C 130 61.93 -12.20 -46.01
CA ILE C 130 60.55 -12.37 -46.40
C ILE C 130 59.70 -11.21 -45.88
N PRO C 131 59.19 -10.35 -46.78
CA PRO C 131 58.36 -9.20 -46.38
C PRO C 131 57.14 -9.74 -45.66
N THR C 132 56.67 -9.05 -44.62
CA THR C 132 55.51 -9.54 -43.89
C THR C 132 54.36 -8.56 -44.08
N TYR C 133 53.16 -9.08 -44.34
CA TYR C 133 51.99 -8.22 -44.55
C TYR C 133 50.76 -8.65 -43.75
N VAL C 134 49.94 -7.67 -43.37
CA VAL C 134 48.71 -7.92 -42.62
C VAL C 134 47.62 -7.02 -43.19
N VAL C 135 46.65 -7.64 -43.86
CA VAL C 135 45.55 -6.90 -44.49
C VAL C 135 44.82 -5.99 -43.52
N GLY C 136 44.63 -4.75 -43.94
CA GLY C 136 43.95 -3.78 -43.09
C GLY C 136 44.95 -3.02 -42.26
N VAL C 137 46.18 -3.54 -42.18
CA VAL C 137 47.24 -2.90 -41.41
C VAL C 137 48.38 -2.33 -42.26
N ASN C 138 48.81 -3.07 -43.27
CA ASN C 138 49.92 -2.59 -44.09
C ASN C 138 50.13 -3.36 -45.39
N ALA C 139 49.19 -4.22 -45.76
CA ALA C 139 49.32 -4.97 -47.01
C ALA C 139 49.38 -3.97 -48.14
N ASP C 140 48.82 -2.79 -47.91
CA ASP C 140 48.86 -1.75 -48.91
C ASP C 140 50.29 -1.54 -49.37
N ALA C 141 51.24 -1.87 -48.51
CA ALA C 141 52.66 -1.70 -48.83
C ALA C 141 53.30 -2.79 -49.71
N TYR C 142 52.55 -3.82 -50.06
CA TYR C 142 53.10 -4.88 -50.90
C TYR C 142 53.65 -4.32 -52.22
N SER C 143 54.56 -5.05 -52.85
CA SER C 143 55.16 -4.63 -54.12
C SER C 143 55.18 -5.83 -55.07
N HIS C 144 54.71 -5.63 -56.29
CA HIS C 144 54.66 -6.71 -57.28
C HIS C 144 56.00 -7.46 -57.45
N ASP C 145 57.12 -6.77 -57.28
CA ASP C 145 58.40 -7.45 -57.46
C ASP C 145 58.87 -8.29 -56.28
N GLU C 146 57.96 -8.61 -55.36
CA GLU C 146 58.31 -9.43 -54.21
C GLU C 146 57.74 -10.83 -54.43
N PRO C 147 58.60 -11.80 -54.72
CA PRO C 147 58.23 -13.19 -54.96
C PRO C 147 57.72 -13.99 -53.77
N ILE C 148 58.32 -13.77 -52.61
CA ILE C 148 57.90 -14.51 -51.42
C ILE C 148 57.52 -13.62 -50.23
N ILE C 149 56.26 -13.76 -49.77
CA ILE C 149 55.78 -12.96 -48.64
C ILE C 149 55.03 -13.79 -47.59
N SER C 150 54.97 -13.25 -46.38
CA SER C 150 54.28 -13.93 -45.28
C SER C 150 53.01 -13.20 -44.90
N ASN C 151 51.98 -13.96 -44.55
CA ASN C 151 50.73 -13.35 -44.13
C ASN C 151 50.72 -13.31 -42.60
N ALA C 152 51.85 -13.65 -42.00
CA ALA C 152 52.01 -13.66 -40.54
C ALA C 152 51.26 -14.82 -39.86
N SER C 153 51.05 -14.70 -38.56
CA SER C 153 50.36 -15.74 -37.80
C SER C 153 48.97 -15.25 -37.41
N CYS C 154 48.09 -16.18 -37.09
CA CYS C 154 46.72 -15.86 -36.70
C CYS C 154 46.62 -14.88 -35.52
N THR C 155 47.62 -14.89 -34.63
CA THR C 155 47.57 -14.00 -33.48
C THR C 155 47.97 -12.57 -33.82
N THR C 156 48.90 -12.41 -34.76
CA THR C 156 49.34 -11.09 -35.16
C THR C 156 48.23 -10.37 -35.90
N ASN C 157 47.41 -11.15 -36.63
CA ASN C 157 46.31 -10.55 -37.38
C ASN C 157 45.19 -10.12 -36.45
N CYS C 158 45.11 -10.72 -35.27
CA CYS C 158 44.08 -10.32 -34.32
C CYS C 158 44.58 -9.13 -33.54
N LEU C 159 45.86 -9.18 -33.20
CA LEU C 159 46.51 -8.15 -32.42
C LEU C 159 46.80 -6.86 -33.22
N ALA C 160 47.49 -7.02 -34.35
CA ALA C 160 47.86 -5.89 -35.19
C ALA C 160 46.77 -4.85 -35.43
N PRO C 161 45.60 -5.28 -35.94
CA PRO C 161 44.49 -4.36 -36.22
C PRO C 161 44.15 -3.40 -35.10
N PHE C 162 43.88 -3.92 -33.92
CA PHE C 162 43.53 -3.05 -32.83
C PHE C 162 44.68 -2.44 -32.04
N VAL C 163 45.90 -2.88 -32.34
CA VAL C 163 47.07 -2.28 -31.69
C VAL C 163 47.29 -1.00 -32.50
N LYS C 164 46.99 -1.08 -33.78
CA LYS C 164 47.13 0.06 -34.69
C LYS C 164 46.24 1.17 -34.15
N VAL C 165 44.96 0.85 -33.94
CA VAL C 165 44.00 1.82 -33.44
C VAL C 165 44.43 2.36 -32.08
N LEU C 166 44.69 1.48 -31.11
CA LEU C 166 45.12 1.89 -29.78
C LEU C 166 46.33 2.84 -29.80
N ASP C 167 47.34 2.49 -30.60
CA ASP C 167 48.54 3.31 -30.68
C ASP C 167 48.26 4.66 -31.30
N GLN C 168 47.69 4.64 -32.50
CA GLN C 168 47.35 5.87 -33.21
C GLN C 168 46.54 6.86 -32.36
N LYS C 169 45.44 6.38 -31.78
CA LYS C 169 44.57 7.23 -30.97
C LYS C 169 44.94 7.50 -29.50
N PHE C 170 45.84 6.70 -28.92
CA PHE C 170 46.19 6.90 -27.50
C PHE C 170 47.69 6.85 -27.21
N GLY C 171 48.46 6.28 -28.12
CA GLY C 171 49.90 6.19 -27.94
C GLY C 171 50.30 5.12 -26.95
N ILE C 172 50.59 3.94 -27.47
CA ILE C 172 51.00 2.81 -26.65
C ILE C 172 52.45 2.96 -26.17
N ILE C 173 52.64 3.17 -24.86
CA ILE C 173 54.01 3.29 -24.33
C ILE C 173 54.59 1.87 -24.36
N LYS C 174 53.98 0.98 -23.60
CA LYS C 174 54.40 -0.42 -23.59
C LYS C 174 53.26 -1.30 -23.13
N GLY C 175 53.36 -2.60 -23.39
CA GLY C 175 52.30 -3.48 -22.97
C GLY C 175 52.66 -4.93 -23.09
N THR C 176 51.80 -5.77 -22.50
CA THR C 176 51.96 -7.22 -22.50
C THR C 176 50.68 -7.84 -23.07
N MET C 177 50.76 -9.11 -23.45
CA MET C 177 49.60 -9.76 -24.05
C MET C 177 49.52 -11.27 -23.85
N THR C 178 48.31 -11.78 -23.74
CA THR C 178 48.17 -13.22 -23.57
C THR C 178 47.06 -13.76 -24.46
N THR C 179 47.36 -14.76 -25.26
CA THR C 179 46.29 -15.29 -26.07
C THR C 179 45.86 -16.65 -25.56
N THR C 180 44.65 -16.72 -25.05
CA THR C 180 44.10 -17.99 -24.60
C THR C 180 43.67 -18.58 -25.96
N HIS C 181 44.49 -19.48 -26.49
CA HIS C 181 44.30 -20.06 -27.82
C HIS C 181 43.76 -21.49 -27.88
N SER C 182 42.98 -21.74 -28.91
CA SER C 182 42.39 -23.06 -29.11
C SER C 182 43.55 -23.98 -29.53
N TYR C 183 43.54 -25.25 -29.13
CA TYR C 183 44.67 -26.10 -29.51
C TYR C 183 44.76 -26.32 -31.00
N THR C 184 45.96 -26.66 -31.46
CA THR C 184 46.21 -26.92 -32.87
C THR C 184 46.81 -28.31 -33.01
N GLY C 185 46.97 -28.75 -34.26
CA GLY C 185 47.50 -30.07 -34.51
C GLY C 185 48.98 -30.22 -34.20
N ASP C 186 49.59 -29.16 -33.68
CA ASP C 186 51.00 -29.22 -33.34
C ASP C 186 51.17 -29.87 -31.97
N GLN C 187 50.18 -29.72 -31.10
CA GLN C 187 50.22 -30.30 -29.76
C GLN C 187 49.87 -31.79 -29.91
N ARG C 188 50.06 -32.58 -28.86
CA ARG C 188 49.78 -34.01 -28.93
C ARG C 188 48.40 -34.31 -28.38
N LEU C 189 47.82 -35.44 -28.82
CA LEU C 189 46.51 -35.85 -28.34
C LEU C 189 46.69 -36.44 -26.94
N LEU C 190 47.72 -37.25 -26.75
CA LEU C 190 48.05 -37.85 -25.45
C LEU C 190 49.50 -37.56 -25.17
N ASP C 191 49.89 -37.53 -23.89
CA ASP C 191 51.29 -37.23 -23.52
C ASP C 191 52.26 -37.94 -24.47
N ALA C 192 52.98 -37.16 -25.26
CA ALA C 192 53.92 -37.73 -26.22
C ALA C 192 55.06 -36.77 -26.54
N SER C 193 56.16 -37.33 -27.03
CA SER C 193 57.35 -36.56 -27.36
C SER C 193 57.10 -35.35 -28.24
N HIS C 194 57.83 -34.27 -27.94
CA HIS C 194 57.72 -33.01 -28.65
C HIS C 194 58.96 -32.20 -28.28
N ARG C 195 59.40 -31.30 -29.16
CA ARG C 195 60.58 -30.51 -28.82
C ARG C 195 60.24 -29.64 -27.62
N ASP C 196 58.99 -29.18 -27.57
CA ASP C 196 58.48 -28.37 -26.48
C ASP C 196 57.82 -29.33 -25.49
N LEU C 197 58.33 -29.41 -24.27
CA LEU C 197 57.78 -30.31 -23.27
C LEU C 197 56.39 -29.94 -22.76
N ARG C 198 55.89 -28.77 -23.13
CA ARG C 198 54.55 -28.39 -22.70
C ARG C 198 53.54 -28.85 -23.76
N ARG C 199 53.88 -28.65 -25.04
CA ARG C 199 53.02 -29.05 -26.15
C ARG C 199 52.95 -30.56 -26.25
N ALA C 200 53.83 -31.22 -25.53
CA ALA C 200 53.90 -32.68 -25.51
C ALA C 200 52.75 -33.24 -24.67
N ARG C 201 52.23 -32.42 -23.76
CA ARG C 201 51.15 -32.85 -22.86
C ARG C 201 49.80 -32.91 -23.53
N ALA C 202 49.00 -33.89 -23.10
CA ALA C 202 47.64 -34.14 -23.62
C ALA C 202 46.84 -32.87 -23.88
N ALA C 203 46.78 -32.50 -25.16
CA ALA C 203 46.12 -31.28 -25.60
C ALA C 203 44.71 -31.00 -25.09
N ALA C 204 43.80 -31.96 -25.23
CA ALA C 204 42.43 -31.74 -24.80
C ALA C 204 42.21 -31.85 -23.29
N LEU C 205 43.25 -32.22 -22.55
CA LEU C 205 43.10 -32.35 -21.11
C LEU C 205 43.70 -31.17 -20.34
N ASN C 206 44.56 -30.39 -20.98
CA ASN C 206 45.23 -29.30 -20.28
C ASN C 206 45.17 -27.88 -20.81
N ILE C 207 45.59 -26.98 -19.92
CA ILE C 207 45.76 -25.56 -20.20
C ILE C 207 47.28 -25.60 -20.37
N VAL C 208 47.75 -25.46 -21.61
CA VAL C 208 49.17 -25.54 -21.94
C VAL C 208 49.87 -24.22 -22.33
N PRO C 209 50.71 -23.68 -21.43
CA PRO C 209 51.39 -22.44 -21.75
C PRO C 209 52.42 -22.67 -22.87
N THR C 210 52.61 -21.67 -23.72
CA THR C 210 53.56 -21.77 -24.81
C THR C 210 53.87 -20.36 -25.33
N SER C 211 55.07 -20.20 -25.88
CA SER C 211 55.47 -18.88 -26.37
C SER C 211 54.71 -18.43 -27.60
N THR C 212 54.86 -17.15 -27.92
CA THR C 212 54.23 -16.56 -29.08
C THR C 212 55.11 -15.44 -29.62
N GLY C 213 55.14 -15.28 -30.94
CA GLY C 213 55.96 -14.24 -31.54
C GLY C 213 55.15 -13.01 -31.88
N ALA C 214 53.83 -13.16 -31.82
CA ALA C 214 52.92 -12.08 -32.13
C ALA C 214 53.36 -10.73 -31.57
N ALA C 215 53.58 -10.67 -30.27
CA ALA C 215 53.97 -9.42 -29.63
C ALA C 215 55.17 -8.73 -30.26
N LYS C 216 56.10 -9.51 -30.78
CA LYS C 216 57.27 -8.92 -31.37
C LYS C 216 57.03 -8.74 -32.86
N ALA C 217 56.23 -9.63 -33.43
CA ALA C 217 55.89 -9.60 -34.85
C ALA C 217 55.13 -8.32 -35.22
N VAL C 218 54.24 -7.87 -34.32
CA VAL C 218 53.46 -6.67 -34.55
C VAL C 218 54.37 -5.56 -35.06
N ALA C 219 55.57 -5.49 -34.50
CA ALA C 219 56.52 -4.46 -34.88
C ALA C 219 56.90 -4.47 -36.34
N LEU C 220 56.66 -5.57 -37.03
CA LEU C 220 57.00 -5.66 -38.44
C LEU C 220 56.00 -4.89 -39.29
N VAL C 221 54.76 -4.91 -38.86
CA VAL C 221 53.71 -4.24 -39.61
C VAL C 221 53.37 -2.90 -38.98
N LEU C 222 53.79 -2.71 -37.74
CA LEU C 222 53.55 -1.45 -37.01
C LEU C 222 54.87 -1.02 -36.40
N PRO C 223 55.82 -0.62 -37.25
CA PRO C 223 57.14 -0.18 -36.83
C PRO C 223 57.15 0.51 -35.48
N ASN C 224 56.23 1.45 -35.26
CA ASN C 224 56.22 2.16 -34.00
C ASN C 224 56.14 1.26 -32.75
N LEU C 225 55.56 0.08 -32.89
CA LEU C 225 55.45 -0.82 -31.74
C LEU C 225 56.72 -1.62 -31.46
N LYS C 226 57.78 -1.36 -32.21
CA LYS C 226 59.03 -2.09 -32.01
C LYS C 226 59.59 -1.99 -30.61
N GLY C 227 59.76 -3.15 -29.96
CA GLY C 227 60.31 -3.19 -28.62
C GLY C 227 59.36 -2.83 -27.49
N LYS C 228 58.10 -2.59 -27.80
CA LYS C 228 57.13 -2.20 -26.79
C LYS C 228 56.26 -3.35 -26.25
N LEU C 229 55.87 -4.28 -27.12
CA LEU C 229 55.04 -5.38 -26.69
C LEU C 229 55.77 -6.63 -26.23
N ASN C 230 55.00 -7.62 -25.82
CA ASN C 230 55.56 -8.85 -25.31
C ASN C 230 54.40 -9.76 -24.87
N GLY C 231 54.55 -11.07 -25.02
CA GLY C 231 53.46 -11.94 -24.62
C GLY C 231 53.67 -13.45 -24.58
N ILE C 232 52.62 -14.17 -24.20
CA ILE C 232 52.65 -15.62 -24.12
C ILE C 232 51.30 -16.16 -24.55
N ALA C 233 51.18 -17.47 -24.59
CA ALA C 233 49.93 -18.12 -25.01
C ALA C 233 49.51 -19.23 -24.04
N LEU C 234 48.21 -19.46 -23.97
CA LEU C 234 47.70 -20.51 -23.12
C LEU C 234 46.81 -21.33 -24.05
N ARG C 235 47.26 -22.53 -24.40
CA ARG C 235 46.50 -23.42 -25.27
C ARG C 235 45.44 -24.08 -24.43
N VAL C 236 44.17 -23.96 -24.83
CA VAL C 236 43.09 -24.57 -24.07
C VAL C 236 42.29 -25.61 -24.86
N PRO C 237 41.59 -26.50 -24.14
CA PRO C 237 40.79 -27.57 -24.72
C PRO C 237 39.61 -27.20 -25.62
N THR C 238 39.88 -26.42 -26.67
CA THR C 238 38.86 -26.05 -27.63
C THR C 238 39.50 -26.30 -28.98
N PRO C 239 38.73 -26.80 -29.95
CA PRO C 239 39.22 -27.10 -31.30
C PRO C 239 39.45 -25.91 -32.24
N ASN C 240 38.82 -24.79 -31.95
CA ASN C 240 38.99 -23.61 -32.79
C ASN C 240 38.43 -22.39 -32.11
N VAL C 241 38.84 -21.22 -32.59
CA VAL C 241 38.44 -19.93 -32.03
C VAL C 241 39.35 -19.64 -30.84
N SER C 242 39.91 -18.45 -30.83
CA SER C 242 40.81 -18.06 -29.77
C SER C 242 40.54 -16.61 -29.37
N VAL C 243 41.23 -16.17 -28.33
CA VAL C 243 41.07 -14.80 -27.83
C VAL C 243 42.40 -14.22 -27.39
N VAL C 244 42.64 -12.94 -27.71
CA VAL C 244 43.88 -12.31 -27.28
C VAL C 244 43.53 -11.27 -26.21
N ASP C 245 44.30 -11.28 -25.14
CA ASP C 245 44.10 -10.40 -24.02
C ASP C 245 45.27 -9.43 -23.95
N LEU C 246 45.01 -8.17 -24.30
CA LEU C 246 46.04 -7.15 -24.32
C LEU C 246 45.88 -6.11 -23.24
N VAL C 247 47.01 -5.70 -22.68
CA VAL C 247 47.08 -4.70 -21.63
C VAL C 247 48.22 -3.78 -22.05
N VAL C 248 47.89 -2.51 -22.29
CA VAL C 248 48.91 -1.56 -22.69
C VAL C 248 48.79 -0.32 -21.83
N GLN C 249 49.92 0.36 -21.65
CA GLN C 249 49.93 1.59 -20.88
C GLN C 249 49.90 2.67 -21.95
N VAL C 250 48.75 3.30 -22.13
CA VAL C 250 48.65 4.33 -23.16
C VAL C 250 49.21 5.65 -22.68
N SER C 251 49.57 6.51 -23.63
CA SER C 251 50.16 7.80 -23.31
C SER C 251 49.08 8.84 -22.98
N LYS C 252 47.94 8.73 -23.62
CA LYS C 252 46.85 9.67 -23.38
C LYS C 252 45.83 9.08 -22.42
N LYS C 253 45.64 9.74 -21.28
CA LYS C 253 44.68 9.28 -20.27
C LYS C 253 43.33 9.06 -20.95
N THR C 254 42.67 7.95 -20.59
CA THR C 254 41.40 7.63 -21.20
C THR C 254 40.48 6.77 -20.32
N PHE C 255 39.45 6.21 -20.93
CA PHE C 255 38.53 5.37 -20.20
C PHE C 255 37.88 4.34 -21.10
N ALA C 256 37.45 3.23 -20.50
CA ALA C 256 36.83 2.15 -21.22
C ALA C 256 35.87 2.59 -22.34
N GLU C 257 34.92 3.45 -22.02
CA GLU C 257 33.95 3.89 -23.02
C GLU C 257 34.61 4.59 -24.22
N GLU C 258 35.52 5.52 -23.92
CA GLU C 258 36.23 6.25 -24.98
C GLU C 258 36.98 5.27 -25.87
N VAL C 259 37.57 4.24 -25.26
CA VAL C 259 38.32 3.23 -26.02
C VAL C 259 37.42 2.47 -26.99
N ASN C 260 36.31 1.93 -26.50
CA ASN C 260 35.38 1.19 -27.35
C ASN C 260 34.90 2.02 -28.53
N ALA C 261 34.71 3.31 -28.32
CA ALA C 261 34.26 4.19 -29.38
C ALA C 261 35.29 4.16 -30.49
N ALA C 262 36.53 4.47 -30.13
CA ALA C 262 37.64 4.51 -31.06
C ALA C 262 37.59 3.27 -31.96
N PHE C 263 37.33 2.11 -31.37
CA PHE C 263 37.28 0.88 -32.16
C PHE C 263 36.10 0.88 -33.12
N ARG C 264 34.90 1.21 -32.62
CA ARG C 264 33.71 1.25 -33.46
C ARG C 264 33.93 2.17 -34.66
N ASP C 265 34.64 3.27 -34.45
CA ASP C 265 34.94 4.19 -35.55
C ASP C 265 35.73 3.38 -36.58
N SER C 266 36.89 2.89 -36.14
CA SER C 266 37.76 2.09 -36.99
C SER C 266 36.97 1.03 -37.71
N ALA C 267 36.11 0.33 -36.98
CA ALA C 267 35.32 -0.73 -37.59
C ALA C 267 34.49 -0.19 -38.76
N GLU C 268 34.10 1.07 -38.68
CA GLU C 268 33.31 1.69 -39.75
C GLU C 268 34.16 2.28 -40.85
N LYS C 269 35.28 2.90 -40.49
CA LYS C 269 36.16 3.52 -41.47
C LYS C 269 37.28 2.63 -42.02
N GLU C 270 38.51 2.89 -41.58
CA GLU C 270 39.67 2.14 -42.06
C GLU C 270 39.67 0.62 -41.91
N LEU C 271 39.31 0.11 -40.74
CA LEU C 271 39.33 -1.33 -40.54
C LEU C 271 38.02 -2.01 -40.91
N LYS C 272 37.27 -1.33 -41.77
CA LYS C 272 35.99 -1.84 -42.24
C LYS C 272 36.16 -3.25 -42.79
N GLY C 273 35.54 -4.22 -42.13
CA GLY C 273 35.63 -5.59 -42.59
C GLY C 273 36.71 -6.42 -41.92
N ILE C 274 37.69 -5.76 -41.31
CA ILE C 274 38.78 -6.49 -40.65
C ILE C 274 38.59 -6.53 -39.14
N LEU C 275 38.07 -5.43 -38.58
CA LEU C 275 37.82 -5.30 -37.15
C LEU C 275 36.32 -5.21 -36.90
N ASP C 276 35.88 -5.54 -35.69
CA ASP C 276 34.46 -5.48 -35.40
C ASP C 276 34.14 -5.52 -33.92
N VAL C 277 33.49 -4.48 -33.43
CA VAL C 277 33.13 -4.40 -32.02
C VAL C 277 31.86 -5.19 -31.75
N CYS C 278 31.92 -6.10 -30.79
CA CYS C 278 30.76 -6.90 -30.41
C CYS C 278 30.29 -6.43 -29.03
N ASP C 279 28.99 -6.19 -28.91
CA ASP C 279 28.42 -5.74 -27.64
C ASP C 279 27.52 -6.81 -27.03
N GLU C 280 27.54 -8.01 -27.61
CA GLU C 280 26.73 -9.11 -27.12
C GLU C 280 27.52 -9.98 -26.13
N PRO C 281 26.87 -10.42 -25.04
CA PRO C 281 27.55 -11.25 -24.04
C PRO C 281 27.71 -12.66 -24.61
N LEU C 282 28.60 -12.80 -25.58
CA LEU C 282 28.83 -14.08 -26.24
C LEU C 282 29.94 -14.96 -25.71
N VAL C 283 30.19 -16.07 -26.38
CA VAL C 283 31.24 -16.99 -26.00
C VAL C 283 31.93 -17.53 -27.25
N SER C 284 33.13 -18.08 -27.06
CA SER C 284 33.94 -18.61 -28.15
C SER C 284 33.23 -19.15 -29.37
N VAL C 285 32.41 -20.17 -29.20
CA VAL C 285 31.71 -20.79 -30.32
C VAL C 285 30.87 -19.82 -31.17
N ASP C 286 30.37 -18.75 -30.55
CA ASP C 286 29.58 -17.77 -31.27
C ASP C 286 30.42 -17.09 -32.35
N PHE C 287 31.73 -17.35 -32.34
CA PHE C 287 32.59 -16.69 -33.32
C PHE C 287 33.12 -17.60 -34.42
N ARG C 288 32.65 -18.84 -34.44
CA ARG C 288 33.04 -19.78 -35.48
C ARG C 288 32.70 -19.11 -36.80
N CYS C 289 33.64 -19.13 -37.74
CA CYS C 289 33.42 -18.52 -39.05
C CYS C 289 33.35 -17.00 -39.07
N SER C 290 33.84 -16.35 -38.03
CA SER C 290 33.83 -14.89 -38.03
C SER C 290 34.78 -14.41 -39.11
N ASP C 291 34.30 -13.55 -40.01
CA ASP C 291 35.16 -13.04 -41.08
C ASP C 291 36.08 -11.91 -40.62
N PHE C 292 35.93 -11.49 -39.37
CA PHE C 292 36.75 -10.43 -38.83
C PHE C 292 38.08 -10.97 -38.27
N SER C 293 39.14 -10.20 -38.44
CA SER C 293 40.44 -10.61 -37.93
C SER C 293 40.49 -10.35 -36.44
N THR C 294 39.65 -9.42 -36.00
CA THR C 294 39.59 -9.08 -34.58
C THR C 294 38.26 -8.45 -34.22
N THR C 295 37.64 -9.00 -33.19
CA THR C 295 36.35 -8.56 -32.69
C THR C 295 36.44 -8.25 -31.20
N ILE C 296 36.50 -6.96 -30.90
CA ILE C 296 36.59 -6.47 -29.52
C ILE C 296 35.33 -6.85 -28.73
N ASP C 297 35.50 -7.33 -27.51
CA ASP C 297 34.36 -7.72 -26.66
C ASP C 297 34.08 -6.53 -25.77
N SER C 298 33.79 -5.39 -26.40
CA SER C 298 33.52 -4.13 -25.71
C SER C 298 33.16 -4.14 -24.23
N SER C 299 32.31 -5.06 -23.78
CA SER C 299 31.95 -5.07 -22.35
C SER C 299 33.07 -5.49 -21.41
N LEU C 300 34.08 -6.15 -21.95
CA LEU C 300 35.21 -6.62 -21.16
C LEU C 300 36.29 -5.55 -21.03
N THR C 301 36.27 -4.58 -21.95
CA THR C 301 37.23 -3.49 -21.95
C THR C 301 37.34 -2.81 -20.60
N MET C 302 38.55 -2.71 -20.06
CA MET C 302 38.76 -2.06 -18.79
C MET C 302 39.84 -0.99 -18.90
N VAL C 303 39.82 -0.05 -17.98
CA VAL C 303 40.80 1.02 -17.95
C VAL C 303 41.13 1.26 -16.50
N MET C 304 42.33 0.84 -16.10
CA MET C 304 42.77 0.97 -14.72
C MET C 304 43.72 2.15 -14.50
N GLY C 305 43.37 3.01 -13.56
CA GLY C 305 44.22 4.14 -13.27
C GLY C 305 44.33 5.16 -14.38
N ASP C 306 43.32 5.21 -15.25
CA ASP C 306 43.30 6.16 -16.36
C ASP C 306 44.18 5.88 -17.57
N ASP C 307 45.30 5.15 -17.39
CA ASP C 307 46.15 4.89 -18.54
C ASP C 307 46.56 3.45 -18.79
N MET C 308 46.02 2.52 -17.99
CA MET C 308 46.32 1.09 -18.18
C MET C 308 45.07 0.45 -18.76
N VAL C 309 45.13 0.10 -20.04
CA VAL C 309 43.99 -0.49 -20.75
C VAL C 309 44.02 -2.00 -20.95
N LYS C 310 42.87 -2.63 -20.76
CA LYS C 310 42.71 -4.07 -20.94
C LYS C 310 41.70 -4.24 -22.07
N VAL C 311 42.07 -5.02 -23.08
CA VAL C 311 41.17 -5.24 -24.22
C VAL C 311 41.17 -6.70 -24.62
N ILE C 312 40.00 -7.29 -24.73
CA ILE C 312 39.86 -8.69 -25.13
C ILE C 312 39.24 -8.74 -26.53
N ALA C 313 39.90 -9.41 -27.47
CA ALA C 313 39.39 -9.50 -28.84
C ALA C 313 39.34 -10.93 -29.34
N TRP C 314 38.21 -11.32 -29.94
CA TRP C 314 38.05 -12.67 -30.44
C TRP C 314 38.46 -12.84 -31.88
N TYR C 315 38.74 -14.07 -32.26
CA TYR C 315 39.07 -14.40 -33.63
C TYR C 315 39.03 -15.90 -33.86
N ASP C 316 38.60 -16.27 -35.06
CA ASP C 316 38.52 -17.65 -35.46
C ASP C 316 39.87 -17.88 -36.12
N ASN C 317 40.78 -18.55 -35.41
CA ASN C 317 42.12 -18.75 -35.95
C ASN C 317 42.22 -19.55 -37.23
N GLU C 318 41.25 -20.41 -37.53
CA GLU C 318 41.33 -21.14 -38.79
C GLU C 318 40.68 -20.29 -39.87
N TRP C 319 39.38 -20.09 -39.76
CA TRP C 319 38.63 -19.35 -40.77
C TRP C 319 39.02 -17.88 -40.99
N GLY C 320 39.03 -17.11 -39.92
CA GLY C 320 39.39 -15.70 -40.03
C GLY C 320 40.71 -15.49 -40.72
N TYR C 321 41.71 -16.28 -40.33
CA TYR C 321 43.04 -16.17 -40.92
C TYR C 321 42.94 -16.51 -42.40
N SER C 322 42.41 -17.69 -42.71
CA SER C 322 42.27 -18.13 -44.09
C SER C 322 41.64 -17.06 -45.00
N GLN C 323 40.59 -16.40 -44.52
CA GLN C 323 39.94 -15.36 -45.31
C GLN C 323 40.99 -14.30 -45.59
N ARG C 324 41.70 -13.90 -44.55
CA ARG C 324 42.75 -12.92 -44.66
C ARG C 324 43.78 -13.35 -45.70
N VAL C 325 44.11 -14.63 -45.72
CA VAL C 325 45.07 -15.16 -46.69
C VAL C 325 44.55 -14.95 -48.08
N VAL C 326 43.24 -15.12 -48.25
CA VAL C 326 42.60 -14.93 -49.54
C VAL C 326 42.69 -13.45 -49.94
N ASP C 327 42.36 -12.56 -49.00
CA ASP C 327 42.40 -11.13 -49.26
C ASP C 327 43.80 -10.70 -49.71
N LEU C 328 44.83 -11.32 -49.13
CA LEU C 328 46.21 -11.01 -49.48
C LEU C 328 46.55 -11.61 -50.84
N ALA C 329 45.91 -12.74 -51.16
CA ALA C 329 46.14 -13.38 -52.45
C ALA C 329 45.50 -12.49 -53.51
N ASP C 330 44.33 -11.92 -53.20
CA ASP C 330 43.66 -11.04 -54.13
C ASP C 330 44.52 -9.78 -54.32
N ILE C 331 45.12 -9.30 -53.23
CA ILE C 331 45.95 -8.11 -53.31
C ILE C 331 47.17 -8.37 -54.20
N VAL C 332 47.74 -9.55 -54.07
CA VAL C 332 48.92 -9.91 -54.86
C VAL C 332 48.55 -10.03 -56.34
N ALA C 333 47.28 -10.35 -56.59
CA ALA C 333 46.80 -10.49 -57.95
C ALA C 333 46.57 -9.11 -58.56
N ASN C 334 45.85 -8.26 -57.84
CA ASN C 334 45.55 -6.92 -58.33
C ASN C 334 46.77 -6.04 -58.54
N ASN C 335 47.91 -6.43 -57.99
CA ASN C 335 49.13 -5.64 -58.17
C ASN C 335 50.01 -6.34 -59.19
N TRP C 336 49.51 -7.46 -59.71
CA TRP C 336 50.21 -8.26 -60.69
C TRP C 336 50.57 -7.43 -61.90
N LYS C 337 51.85 -7.13 -62.03
CA LYS C 337 52.37 -6.34 -63.13
C LYS C 337 53.16 -7.27 -64.05
N LYS D 2 -1.97 -22.17 -39.08
CA LYS D 2 -3.31 -21.94 -38.47
C LYS D 2 -3.72 -23.05 -37.49
N LEU D 3 -3.17 -22.97 -36.28
CA LEU D 3 -3.45 -23.92 -35.20
C LEU D 3 -2.44 -23.59 -34.08
N LYS D 4 -2.86 -22.67 -33.22
CA LYS D 4 -2.06 -22.16 -32.10
C LYS D 4 -1.33 -23.17 -31.22
N VAL D 5 0.00 -23.14 -31.29
CA VAL D 5 0.87 -24.03 -30.52
C VAL D 5 1.64 -23.28 -29.42
N ALA D 6 1.80 -23.95 -28.28
CA ALA D 6 2.52 -23.39 -27.13
C ALA D 6 3.65 -24.34 -26.69
N ILE D 7 4.88 -23.84 -26.71
CA ILE D 7 6.05 -24.63 -26.32
C ILE D 7 6.29 -24.50 -24.81
N ASN D 8 6.11 -25.58 -24.07
CA ASN D 8 6.33 -25.56 -22.63
C ASN D 8 7.71 -26.14 -22.29
N GLY D 9 8.59 -25.30 -21.76
CA GLY D 9 9.93 -25.73 -21.42
C GLY D 9 10.84 -25.37 -22.58
N PHE D 10 11.44 -24.18 -22.53
CA PHE D 10 12.29 -23.72 -23.60
C PHE D 10 13.73 -24.26 -23.54
N GLY D 11 13.85 -25.58 -23.33
CA GLY D 11 15.16 -26.21 -23.23
C GLY D 11 15.77 -26.57 -24.58
N ARG D 12 16.61 -27.59 -24.60
CA ARG D 12 17.25 -28.01 -25.83
C ARG D 12 16.17 -28.32 -26.87
N ILE D 13 15.30 -29.28 -26.54
CA ILE D 13 14.22 -29.68 -27.45
C ILE D 13 13.34 -28.47 -27.75
N GLY D 14 12.84 -27.83 -26.70
CA GLY D 14 12.00 -26.66 -26.88
C GLY D 14 12.53 -25.72 -27.95
N ARG D 15 13.79 -25.31 -27.78
CA ARG D 15 14.45 -24.39 -28.73
C ARG D 15 14.82 -25.06 -30.05
N ASN D 16 15.13 -26.34 -30.02
CA ASN D 16 15.46 -27.04 -31.26
C ASN D 16 14.18 -27.19 -32.06
N PHE D 17 13.07 -27.38 -31.34
CA PHE D 17 11.75 -27.52 -31.93
C PHE D 17 11.37 -26.29 -32.73
N LEU D 18 11.44 -25.13 -32.08
CA LEU D 18 11.09 -23.86 -32.71
C LEU D 18 11.94 -23.52 -33.92
N ARG D 19 13.15 -24.06 -34.00
CA ARG D 19 14.01 -23.78 -35.14
C ARG D 19 13.69 -24.69 -36.31
N CYS D 20 13.38 -25.95 -36.01
CA CYS D 20 13.02 -26.93 -37.04
C CYS D 20 11.76 -26.44 -37.71
N TRP D 21 10.80 -26.06 -36.87
CA TRP D 21 9.52 -25.54 -37.34
C TRP D 21 9.73 -24.30 -38.18
N HIS D 22 10.45 -23.31 -37.64
CA HIS D 22 10.72 -22.09 -38.37
C HIS D 22 11.21 -22.45 -39.77
N GLY D 23 11.82 -23.62 -39.89
CA GLY D 23 12.35 -24.05 -41.17
C GLY D 23 11.34 -24.66 -42.12
N ARG D 24 10.24 -25.16 -41.56
CA ARG D 24 9.19 -25.77 -42.38
C ARG D 24 8.62 -24.75 -43.36
N LYS D 25 8.60 -25.15 -44.63
CA LYS D 25 8.11 -24.32 -45.72
C LYS D 25 6.65 -23.90 -45.68
N ASP D 26 5.81 -24.62 -44.94
CA ASP D 26 4.39 -24.26 -44.86
C ASP D 26 3.64 -25.06 -43.80
N SER D 27 4.00 -24.83 -42.55
CA SER D 27 3.39 -25.55 -41.43
C SER D 27 1.96 -25.18 -41.06
N PRO D 28 1.18 -26.19 -40.62
CA PRO D 28 -0.20 -25.99 -40.21
C PRO D 28 -0.13 -25.55 -38.75
N LEU D 29 1.10 -25.34 -38.30
CA LEU D 29 1.40 -24.94 -36.93
C LEU D 29 1.80 -23.47 -36.78
N ASP D 30 1.17 -22.80 -35.82
CA ASP D 30 1.49 -21.41 -35.53
C ASP D 30 1.80 -21.31 -34.03
N ILE D 31 3.08 -21.21 -33.71
CA ILE D 31 3.55 -21.11 -32.33
C ILE D 31 3.23 -19.72 -31.83
N ILE D 32 2.41 -19.63 -30.79
CA ILE D 32 2.05 -18.31 -30.31
C ILE D 32 2.59 -17.98 -28.91
N ALA D 33 3.18 -18.97 -28.25
CA ALA D 33 3.70 -18.72 -26.91
C ALA D 33 4.76 -19.69 -26.39
N ILE D 34 5.72 -19.13 -25.67
CA ILE D 34 6.81 -19.87 -25.05
C ILE D 34 6.61 -19.72 -23.54
N ASN D 35 6.88 -20.78 -22.77
CA ASN D 35 6.76 -20.71 -21.32
C ASN D 35 7.94 -21.37 -20.63
N ASP D 36 8.90 -20.58 -20.19
CA ASP D 36 10.06 -21.12 -19.49
C ASP D 36 10.21 -20.45 -18.12
N THR D 37 11.01 -21.04 -17.26
CA THR D 37 11.25 -20.47 -15.94
C THR D 37 12.42 -19.50 -15.98
N GLY D 38 12.56 -18.73 -17.05
CA GLY D 38 13.69 -17.81 -17.13
C GLY D 38 13.57 -16.52 -17.93
N GLY D 39 12.50 -15.76 -17.73
CA GLY D 39 12.36 -14.49 -18.43
C GLY D 39 12.53 -14.45 -19.94
N VAL D 40 12.08 -13.34 -20.53
CA VAL D 40 12.12 -13.13 -21.97
C VAL D 40 13.53 -12.94 -22.55
N LYS D 41 14.34 -12.13 -21.88
CA LYS D 41 15.70 -11.87 -22.35
C LYS D 41 16.48 -13.16 -22.57
N GLN D 42 16.62 -13.96 -21.52
CA GLN D 42 17.32 -15.22 -21.64
C GLN D 42 16.69 -16.11 -22.71
N ALA D 43 15.42 -15.86 -23.02
CA ALA D 43 14.71 -16.61 -24.04
C ALA D 43 15.17 -16.21 -25.43
N SER D 44 15.16 -14.91 -25.72
CA SER D 44 15.61 -14.45 -27.02
C SER D 44 17.08 -14.76 -27.25
N HIS D 45 17.91 -14.42 -26.27
CA HIS D 45 19.34 -14.67 -26.35
C HIS D 45 19.65 -16.14 -26.65
N LEU D 46 19.26 -17.03 -25.74
CA LEU D 46 19.51 -18.46 -25.92
C LEU D 46 19.02 -19.04 -27.25
N LEU D 47 17.97 -18.43 -27.80
CA LEU D 47 17.41 -18.86 -29.07
C LEU D 47 18.30 -18.44 -30.22
N LYS D 48 18.81 -17.22 -30.14
CA LYS D 48 19.67 -16.65 -31.19
C LYS D 48 21.06 -17.30 -31.30
N TYR D 49 21.66 -17.63 -30.16
CA TYR D 49 23.00 -18.23 -30.13
C TYR D 49 22.95 -19.64 -29.53
N ASP D 50 23.46 -20.60 -30.28
CA ASP D 50 23.43 -21.98 -29.82
C ASP D 50 24.77 -22.71 -30.00
N SER D 51 25.39 -23.08 -28.89
CA SER D 51 26.69 -23.77 -28.96
C SER D 51 26.66 -25.02 -29.84
N THR D 52 25.54 -25.72 -29.88
CA THR D 52 25.42 -26.95 -30.68
C THR D 52 24.84 -26.75 -32.08
N LEU D 53 23.90 -25.80 -32.20
CA LEU D 53 23.25 -25.51 -33.48
C LEU D 53 23.94 -24.42 -34.29
N GLY D 54 24.54 -23.46 -33.60
CA GLY D 54 25.19 -22.35 -34.27
C GLY D 54 24.24 -21.17 -34.16
N ILE D 55 24.64 -20.02 -34.68
CA ILE D 55 23.77 -18.85 -34.61
C ILE D 55 22.53 -19.02 -35.49
N PHE D 56 21.37 -18.85 -34.87
CA PHE D 56 20.07 -18.96 -35.54
C PHE D 56 19.87 -17.84 -36.56
N ASP D 57 19.96 -18.20 -37.84
CA ASP D 57 19.81 -17.24 -38.93
C ASP D 57 18.38 -16.69 -39.04
N ALA D 58 18.15 -15.54 -38.43
CA ALA D 58 16.84 -14.92 -38.47
C ALA D 58 16.91 -13.54 -37.83
N ASP D 59 15.90 -13.18 -37.08
CA ASP D 59 15.85 -11.91 -36.39
C ASP D 59 15.21 -12.18 -35.05
N VAL D 60 16.03 -12.47 -34.05
CA VAL D 60 15.49 -12.78 -32.74
C VAL D 60 15.67 -11.67 -31.73
N LYS D 61 14.90 -10.59 -31.91
CA LYS D 61 14.97 -9.46 -30.99
C LYS D 61 13.72 -9.45 -30.11
N PRO D 62 13.87 -9.13 -28.82
CA PRO D 62 12.71 -9.12 -27.93
C PRO D 62 11.71 -8.01 -28.28
N SER D 63 10.43 -8.35 -28.27
CA SER D 63 9.34 -7.42 -28.57
C SER D 63 8.54 -7.14 -27.29
N GLY D 64 9.03 -6.21 -26.49
CA GLY D 64 8.35 -5.90 -25.24
C GLY D 64 8.97 -6.74 -24.14
N GLU D 65 8.48 -6.56 -22.92
CA GLU D 65 9.01 -7.30 -21.79
C GLU D 65 8.26 -8.59 -21.50
N THR D 66 7.35 -8.97 -22.40
CA THR D 66 6.58 -10.20 -22.21
C THR D 66 6.41 -11.01 -23.50
N ALA D 67 7.32 -10.81 -24.45
CA ALA D 67 7.27 -11.53 -25.73
C ALA D 67 8.45 -11.22 -26.64
N ILE D 68 8.68 -12.08 -27.62
CA ILE D 68 9.80 -11.89 -28.57
C ILE D 68 9.31 -11.90 -30.03
N SER D 69 10.11 -11.33 -30.93
CA SER D 69 9.77 -11.25 -32.34
C SER D 69 10.73 -12.03 -33.20
N VAL D 70 10.38 -13.29 -33.49
CA VAL D 70 11.25 -14.13 -34.30
C VAL D 70 11.01 -13.99 -35.80
N ASP D 71 11.94 -13.35 -36.48
CA ASP D 71 11.90 -13.18 -37.92
C ASP D 71 10.59 -12.56 -38.38
N GLY D 72 10.11 -11.56 -37.65
CA GLY D 72 8.87 -10.90 -37.99
C GLY D 72 7.77 -11.19 -36.99
N LYS D 73 7.27 -12.43 -37.05
CA LYS D 73 6.21 -12.93 -36.17
C LYS D 73 6.49 -12.57 -34.71
N ILE D 74 5.45 -12.60 -33.88
CA ILE D 74 5.62 -12.27 -32.48
C ILE D 74 5.12 -13.37 -31.56
N ILE D 75 6.03 -13.92 -30.76
CA ILE D 75 5.67 -15.00 -29.85
C ILE D 75 5.64 -14.50 -28.41
N GLN D 76 4.55 -14.76 -27.71
CA GLN D 76 4.45 -14.34 -26.32
C GLN D 76 5.40 -15.23 -25.55
N VAL D 77 5.93 -14.71 -24.45
CA VAL D 77 6.83 -15.50 -23.62
C VAL D 77 6.38 -15.36 -22.17
N VAL D 78 5.67 -16.36 -21.67
CA VAL D 78 5.20 -16.35 -20.31
C VAL D 78 6.21 -17.10 -19.44
N SER D 79 5.95 -17.17 -18.13
CA SER D 79 6.88 -17.86 -17.23
C SER D 79 6.24 -18.33 -15.93
N ASN D 80 5.87 -19.61 -15.89
CA ASN D 80 5.26 -20.18 -14.70
C ASN D 80 5.60 -21.66 -14.50
N ARG D 81 6.02 -21.99 -13.29
CA ARG D 81 6.42 -23.34 -12.90
C ARG D 81 5.21 -24.26 -12.75
N ASN D 82 4.03 -23.68 -12.86
CA ASN D 82 2.78 -24.44 -12.73
C ASN D 82 2.01 -24.38 -14.06
N PRO D 83 1.73 -25.55 -14.67
CA PRO D 83 0.99 -25.54 -15.93
C PRO D 83 -0.43 -24.97 -15.72
N SER D 84 -1.07 -25.38 -14.64
CA SER D 84 -2.43 -24.94 -14.32
C SER D 84 -2.61 -23.41 -14.43
N LEU D 85 -1.55 -22.67 -14.13
CA LEU D 85 -1.58 -21.20 -14.16
C LEU D 85 -1.30 -20.63 -15.54
N LEU D 86 -1.05 -21.51 -16.51
CA LEU D 86 -0.74 -21.06 -17.86
C LEU D 86 -1.97 -20.57 -18.61
N PRO D 87 -1.83 -19.40 -19.27
CA PRO D 87 -2.87 -18.74 -20.06
C PRO D 87 -3.17 -19.46 -21.37
N TRP D 88 -3.60 -20.71 -21.28
CA TRP D 88 -3.88 -21.47 -22.49
C TRP D 88 -5.22 -21.08 -23.09
N LYS D 89 -6.29 -21.10 -22.29
CA LYS D 89 -7.60 -20.72 -22.81
C LYS D 89 -7.59 -19.29 -23.33
N GLU D 90 -6.98 -18.39 -22.55
CA GLU D 90 -6.89 -16.97 -22.89
C GLU D 90 -6.09 -16.72 -24.17
N LEU D 91 -5.35 -17.73 -24.60
CA LEU D 91 -4.55 -17.64 -25.83
C LEU D 91 -5.08 -18.60 -26.88
N GLY D 92 -5.95 -19.51 -26.45
CA GLY D 92 -6.51 -20.48 -27.37
C GLY D 92 -5.46 -21.42 -27.93
N ILE D 93 -4.88 -22.25 -27.07
CA ILE D 93 -3.88 -23.20 -27.51
C ILE D 93 -4.54 -24.57 -27.68
N ASP D 94 -4.17 -25.25 -28.76
CA ASP D 94 -4.73 -26.55 -29.07
C ASP D 94 -3.77 -27.61 -28.58
N ILE D 95 -2.48 -27.42 -28.91
CA ILE D 95 -1.42 -28.35 -28.53
C ILE D 95 -0.20 -27.70 -27.89
N VAL D 96 0.12 -28.18 -26.69
CA VAL D 96 1.25 -27.68 -25.92
C VAL D 96 2.37 -28.71 -25.96
N ILE D 97 3.47 -28.35 -26.62
CA ILE D 97 4.62 -29.26 -26.69
C ILE D 97 5.25 -29.21 -25.29
N GLU D 98 5.12 -30.33 -24.59
CA GLU D 98 5.61 -30.47 -23.22
C GLU D 98 7.06 -30.95 -23.14
N GLY D 99 7.98 -30.02 -23.33
CA GLY D 99 9.39 -30.35 -23.28
C GLY D 99 10.13 -29.78 -22.07
N THR D 100 9.75 -30.22 -20.88
CA THR D 100 10.38 -29.75 -19.65
C THR D 100 11.03 -30.95 -18.99
N GLY D 101 10.53 -32.14 -19.32
CA GLY D 101 11.07 -33.34 -18.72
C GLY D 101 10.40 -33.67 -17.41
N VAL D 102 9.61 -32.73 -16.88
CA VAL D 102 8.91 -32.92 -15.61
C VAL D 102 7.53 -33.57 -15.74
N PHE D 103 6.64 -32.89 -16.45
CA PHE D 103 5.26 -33.37 -16.64
C PHE D 103 5.15 -34.42 -17.73
N VAL D 104 5.59 -35.64 -17.43
CA VAL D 104 5.56 -36.70 -18.42
C VAL D 104 4.50 -37.78 -18.19
N ASP D 105 3.53 -37.50 -17.32
CA ASP D 105 2.46 -38.44 -17.04
C ASP D 105 1.13 -37.68 -17.04
N ARG D 106 0.03 -38.40 -17.15
CA ARG D 106 -1.32 -37.82 -17.18
C ARG D 106 -1.61 -36.75 -16.13
N GLU D 107 -1.41 -37.07 -14.87
CA GLU D 107 -1.66 -36.13 -13.79
C GLU D 107 -0.92 -34.82 -14.06
N GLY D 108 0.34 -34.95 -14.49
CA GLY D 108 1.16 -33.79 -14.78
C GLY D 108 0.83 -33.13 -16.10
N ALA D 109 1.09 -33.82 -17.20
CA ALA D 109 0.81 -33.30 -18.54
C ALA D 109 -0.61 -32.72 -18.62
N GLY D 110 -1.51 -33.30 -17.82
CA GLY D 110 -2.90 -32.86 -17.79
C GLY D 110 -3.12 -31.40 -17.47
N LYS D 111 -2.48 -30.91 -16.41
CA LYS D 111 -2.63 -29.52 -15.99
C LYS D 111 -2.67 -28.57 -17.19
N HIS D 112 -1.98 -28.94 -18.26
CA HIS D 112 -1.97 -28.12 -19.47
C HIS D 112 -3.34 -28.08 -20.11
N ILE D 113 -3.92 -29.25 -20.31
CA ILE D 113 -5.25 -29.35 -20.88
C ILE D 113 -6.23 -28.86 -19.82
N GLU D 114 -5.86 -29.08 -18.57
CA GLU D 114 -6.68 -28.67 -17.44
C GLU D 114 -6.54 -27.16 -17.21
N ALA D 115 -6.27 -26.41 -18.27
CA ALA D 115 -6.11 -24.97 -18.15
C ALA D 115 -6.21 -24.24 -19.49
N GLY D 116 -6.68 -24.95 -20.51
CA GLY D 116 -6.79 -24.33 -21.82
C GLY D 116 -6.51 -25.31 -22.94
N ALA D 117 -5.23 -25.55 -23.20
CA ALA D 117 -4.83 -26.46 -24.26
C ALA D 117 -5.76 -27.67 -24.31
N LYS D 118 -6.05 -28.15 -25.52
CA LYS D 118 -6.93 -29.31 -25.67
C LYS D 118 -6.13 -30.55 -26.01
N LYS D 119 -4.82 -30.39 -26.20
CA LYS D 119 -3.98 -31.53 -26.56
C LYS D 119 -2.50 -31.27 -26.24
N VAL D 120 -1.84 -32.26 -25.64
CA VAL D 120 -0.43 -32.14 -25.26
C VAL D 120 0.45 -33.22 -25.92
N ILE D 121 1.64 -32.82 -26.37
CA ILE D 121 2.57 -33.77 -26.99
C ILE D 121 3.86 -33.83 -26.16
N ILE D 122 3.92 -34.76 -25.21
CA ILE D 122 5.10 -34.92 -24.38
C ILE D 122 6.30 -35.31 -25.25
N THR D 123 7.36 -34.52 -25.18
CA THR D 123 8.57 -34.78 -25.97
C THR D 123 9.50 -35.78 -25.27
N ALA D 124 8.91 -36.85 -24.76
CA ALA D 124 9.66 -37.89 -24.06
C ALA D 124 8.68 -38.98 -23.68
N PRO D 125 9.18 -40.11 -23.14
CA PRO D 125 8.30 -41.21 -22.74
C PRO D 125 7.20 -40.75 -21.80
N GLY D 126 6.10 -41.51 -21.77
CA GLY D 126 4.99 -41.18 -20.89
C GLY D 126 4.74 -42.26 -19.87
N LYS D 127 4.39 -41.87 -18.64
CA LYS D 127 4.13 -42.83 -17.57
C LYS D 127 2.89 -43.71 -17.80
N GLY D 128 3.01 -44.99 -17.42
CA GLY D 128 1.93 -45.94 -17.57
C GLY D 128 1.12 -45.87 -18.86
N ASP D 129 -0.20 -46.00 -18.71
CA ASP D 129 -1.14 -45.95 -19.83
C ASP D 129 -1.15 -44.57 -20.49
N ILE D 130 -0.46 -44.47 -21.63
CA ILE D 130 -0.37 -43.20 -22.36
C ILE D 130 0.05 -43.47 -23.81
N PRO D 131 -0.75 -42.98 -24.76
CA PRO D 131 -0.53 -43.12 -26.20
C PRO D 131 0.87 -42.71 -26.67
N THR D 132 1.63 -43.68 -27.20
CA THR D 132 2.99 -43.42 -27.69
C THR D 132 3.05 -43.56 -29.21
N TYR D 133 3.76 -42.66 -29.87
CA TYR D 133 3.89 -42.67 -31.32
C TYR D 133 5.27 -42.30 -31.87
N VAL D 134 5.73 -43.08 -32.86
CA VAL D 134 7.00 -42.87 -33.54
C VAL D 134 6.67 -42.66 -35.02
N VAL D 135 6.87 -41.45 -35.54
CA VAL D 135 6.57 -41.18 -36.94
C VAL D 135 7.29 -42.16 -37.86
N GLY D 136 6.52 -42.81 -38.72
CA GLY D 136 7.11 -43.76 -39.66
C GLY D 136 7.03 -45.21 -39.20
N VAL D 137 6.44 -45.43 -38.03
CA VAL D 137 6.33 -46.78 -37.51
C VAL D 137 4.90 -47.10 -37.09
N ASN D 138 4.23 -46.14 -36.46
CA ASN D 138 2.87 -46.33 -36.02
C ASN D 138 2.20 -45.00 -35.71
N ALA D 139 2.65 -43.93 -36.37
CA ALA D 139 2.07 -42.61 -36.14
C ALA D 139 0.67 -42.54 -36.71
N ASP D 140 0.36 -43.43 -37.64
CA ASP D 140 -0.96 -43.46 -38.26
C ASP D 140 -2.03 -43.89 -37.27
N ALA D 141 -1.67 -44.79 -36.36
CA ALA D 141 -2.60 -45.29 -35.35
C ALA D 141 -3.14 -44.18 -34.45
N TYR D 142 -2.64 -42.96 -34.65
CA TYR D 142 -3.07 -41.81 -33.87
C TYR D 142 -4.52 -41.44 -34.17
N SER D 143 -5.37 -41.54 -33.17
CA SER D 143 -6.77 -41.19 -33.32
C SER D 143 -6.96 -39.86 -32.59
N HIS D 144 -7.75 -38.95 -33.17
CA HIS D 144 -7.97 -37.66 -32.54
C HIS D 144 -8.52 -37.83 -31.12
N ASP D 145 -8.91 -39.06 -30.80
CA ASP D 145 -9.45 -39.38 -29.48
C ASP D 145 -8.39 -39.12 -28.39
N GLU D 146 -7.12 -39.28 -28.74
CA GLU D 146 -5.98 -39.08 -27.84
C GLU D 146 -5.83 -37.61 -27.43
N PRO D 147 -5.99 -37.32 -26.13
CA PRO D 147 -5.87 -35.95 -25.61
C PRO D 147 -4.39 -35.66 -25.32
N ILE D 148 -3.67 -36.72 -24.96
CA ILE D 148 -2.25 -36.65 -24.63
C ILE D 148 -1.50 -37.78 -25.35
N ILE D 149 -0.31 -37.48 -25.86
CA ILE D 149 0.50 -38.47 -26.54
C ILE D 149 1.97 -38.18 -26.33
N SER D 150 2.79 -39.22 -26.46
CA SER D 150 4.24 -39.13 -26.29
C SER D 150 4.91 -39.40 -27.63
N ASN D 151 6.00 -38.70 -27.91
CA ASN D 151 6.72 -38.89 -29.16
C ASN D 151 7.92 -39.79 -28.88
N ALA D 152 7.86 -40.50 -27.75
CA ALA D 152 8.91 -41.41 -27.31
C ALA D 152 10.23 -40.69 -27.01
N SER D 153 11.35 -41.40 -27.09
CA SER D 153 12.64 -40.78 -26.83
C SER D 153 13.47 -40.82 -28.10
N CYS D 154 14.47 -39.95 -28.18
CA CYS D 154 15.37 -39.85 -29.33
C CYS D 154 15.92 -41.21 -29.78
N THR D 155 16.12 -42.12 -28.83
CA THR D 155 16.64 -43.45 -29.15
C THR D 155 15.57 -44.37 -29.70
N THR D 156 14.40 -44.37 -29.08
CA THR D 156 13.32 -45.21 -29.56
C THR D 156 12.98 -44.80 -31.00
N ASN D 157 13.08 -43.50 -31.30
CA ASN D 157 12.79 -43.02 -32.64
C ASN D 157 13.86 -43.41 -33.65
N CYS D 158 14.99 -43.92 -33.16
CA CYS D 158 16.06 -44.34 -34.06
C CYS D 158 16.01 -45.85 -34.14
N LEU D 159 15.65 -46.47 -33.03
CA LEU D 159 15.57 -47.92 -32.92
C LEU D 159 14.34 -48.51 -33.59
N ALA D 160 13.19 -47.89 -33.36
CA ALA D 160 11.92 -48.37 -33.92
C ALA D 160 11.89 -48.47 -35.44
N PRO D 161 12.34 -47.42 -36.13
CA PRO D 161 12.29 -47.53 -37.59
C PRO D 161 12.95 -48.77 -38.17
N PHE D 162 14.27 -48.89 -38.06
CA PHE D 162 14.93 -50.06 -38.64
C PHE D 162 14.71 -51.38 -37.90
N VAL D 163 14.13 -51.35 -36.70
CA VAL D 163 13.86 -52.60 -36.00
C VAL D 163 12.63 -53.22 -36.65
N LYS D 164 11.79 -52.35 -37.21
CA LYS D 164 10.59 -52.77 -37.93
C LYS D 164 11.03 -53.44 -39.23
N VAL D 165 11.85 -52.72 -40.01
CA VAL D 165 12.35 -53.24 -41.28
C VAL D 165 13.00 -54.62 -41.11
N LEU D 166 13.64 -54.84 -39.97
CA LEU D 166 14.30 -56.12 -39.69
C LEU D 166 13.29 -57.23 -39.43
N ASP D 167 12.33 -56.96 -38.58
CA ASP D 167 11.31 -57.94 -38.24
C ASP D 167 10.44 -58.26 -39.46
N GLN D 168 10.08 -57.22 -40.23
CA GLN D 168 9.27 -57.41 -41.42
C GLN D 168 10.02 -58.17 -42.50
N LYS D 169 11.33 -58.19 -42.42
CA LYS D 169 12.13 -58.88 -43.44
C LYS D 169 12.97 -60.09 -43.00
N PHE D 170 13.17 -60.27 -41.70
CA PHE D 170 13.95 -61.41 -41.22
C PHE D 170 13.34 -61.94 -39.92
N GLY D 171 12.37 -61.20 -39.40
CA GLY D 171 11.69 -61.59 -38.18
C GLY D 171 12.60 -61.74 -36.97
N ILE D 172 12.52 -60.75 -36.08
CA ILE D 172 13.33 -60.73 -34.88
C ILE D 172 12.87 -61.75 -33.83
N ILE D 173 13.73 -62.71 -33.50
CA ILE D 173 13.40 -63.70 -32.48
C ILE D 173 13.52 -63.00 -31.13
N LYS D 174 14.70 -62.44 -30.89
CA LYS D 174 15.03 -61.70 -29.66
C LYS D 174 16.08 -60.66 -30.03
N GLY D 175 16.31 -59.69 -29.17
CA GLY D 175 17.30 -58.68 -29.49
C GLY D 175 17.85 -57.93 -28.29
N THR D 176 19.10 -57.49 -28.40
CA THR D 176 19.73 -56.72 -27.32
C THR D 176 20.21 -55.41 -27.91
N MET D 177 20.30 -54.37 -27.08
CA MET D 177 20.69 -53.07 -27.61
C MET D 177 21.48 -52.16 -26.67
N THR D 178 22.50 -51.50 -27.21
CA THR D 178 23.32 -50.57 -26.45
C THR D 178 23.45 -49.28 -27.26
N THR D 179 23.27 -48.15 -26.59
CA THR D 179 23.35 -46.86 -27.26
C THR D 179 24.51 -45.98 -26.75
N THR D 180 25.47 -45.69 -27.63
CA THR D 180 26.60 -44.83 -27.29
C THR D 180 26.06 -43.42 -27.53
N HIS D 181 25.60 -42.80 -26.45
CA HIS D 181 24.92 -41.51 -26.46
C HIS D 181 25.65 -40.29 -25.87
N SER D 182 25.53 -39.14 -26.54
CA SER D 182 26.13 -37.87 -26.07
C SER D 182 25.45 -37.54 -24.75
N TYR D 183 26.17 -36.94 -23.81
CA TYR D 183 25.54 -36.61 -22.53
C TYR D 183 24.43 -35.59 -22.72
N THR D 184 23.61 -35.38 -21.70
CA THR D 184 22.51 -34.42 -21.78
C THR D 184 22.24 -33.76 -20.45
N GLY D 185 21.52 -32.64 -20.49
CA GLY D 185 21.20 -31.88 -19.30
C GLY D 185 20.95 -32.65 -18.01
N ASP D 186 20.51 -33.89 -18.13
CA ASP D 186 20.21 -34.71 -16.97
C ASP D 186 21.47 -34.98 -16.14
N GLN D 187 22.62 -35.03 -16.81
CA GLN D 187 23.90 -35.30 -16.17
C GLN D 187 24.52 -34.05 -15.52
N ARG D 188 25.30 -34.28 -14.46
CA ARG D 188 25.98 -33.21 -13.73
C ARG D 188 27.31 -32.88 -14.40
N LEU D 189 27.68 -31.60 -14.38
CA LEU D 189 28.93 -31.12 -15.00
C LEU D 189 30.16 -31.63 -14.25
N LEU D 190 30.08 -31.63 -12.92
CA LEU D 190 31.16 -32.14 -12.07
C LEU D 190 30.44 -32.98 -11.04
N ASP D 191 31.11 -33.99 -10.50
CA ASP D 191 30.47 -34.86 -9.51
C ASP D 191 29.65 -34.09 -8.51
N ALA D 192 28.33 -34.28 -8.58
CA ALA D 192 27.38 -33.61 -7.69
C ALA D 192 26.19 -34.52 -7.46
N SER D 193 25.51 -34.32 -6.33
CA SER D 193 24.36 -35.13 -5.93
C SER D 193 23.37 -35.39 -7.05
N HIS D 194 22.82 -36.59 -7.04
CA HIS D 194 21.84 -37.00 -8.04
C HIS D 194 21.16 -38.31 -7.64
N ARG D 195 19.89 -38.45 -8.03
CA ARG D 195 19.12 -39.65 -7.73
C ARG D 195 19.85 -40.87 -8.29
N ASP D 196 20.37 -40.72 -9.51
CA ASP D 196 21.11 -41.77 -10.21
C ASP D 196 22.61 -41.58 -9.97
N LEU D 197 23.19 -42.45 -9.14
CA LEU D 197 24.62 -42.34 -8.83
C LEU D 197 25.54 -42.30 -10.05
N ARG D 198 25.03 -42.70 -11.21
CA ARG D 198 25.85 -42.68 -12.41
C ARG D 198 25.68 -41.35 -13.11
N ARG D 199 24.49 -40.80 -13.05
CA ARG D 199 24.25 -39.49 -13.68
C ARG D 199 24.82 -38.34 -12.85
N ALA D 200 25.37 -38.68 -11.68
CA ALA D 200 25.96 -37.68 -10.78
C ALA D 200 27.41 -37.36 -11.17
N ARG D 201 28.04 -38.27 -11.90
CA ARG D 201 29.44 -38.12 -12.30
C ARG D 201 29.68 -37.09 -13.40
N ALA D 202 30.87 -36.48 -13.38
CA ALA D 202 31.25 -35.48 -14.35
C ALA D 202 31.00 -35.96 -15.81
N ALA D 203 29.92 -35.45 -16.40
CA ALA D 203 29.49 -35.79 -17.75
C ALA D 203 30.58 -35.80 -18.82
N ALA D 204 31.35 -34.72 -18.89
CA ALA D 204 32.38 -34.60 -19.91
C ALA D 204 33.69 -35.35 -19.64
N LEU D 205 33.78 -36.03 -18.50
CA LEU D 205 35.00 -36.77 -18.16
C LEU D 205 34.82 -38.28 -18.20
N ASN D 206 33.57 -38.73 -18.23
CA ASN D 206 33.31 -40.17 -18.20
C ASN D 206 32.47 -40.81 -19.29
N ILE D 207 32.54 -42.14 -19.30
CA ILE D 207 31.73 -42.98 -20.16
C ILE D 207 30.74 -43.40 -19.06
N VAL D 208 29.53 -42.87 -19.09
CA VAL D 208 28.56 -43.15 -18.05
C VAL D 208 27.42 -44.13 -18.37
N PRO D 209 27.47 -45.32 -17.77
CA PRO D 209 26.43 -46.35 -17.97
C PRO D 209 25.12 -45.84 -17.38
N THR D 210 24.07 -45.83 -18.20
CA THR D 210 22.77 -45.38 -17.73
C THR D 210 21.69 -46.25 -18.35
N SER D 211 20.71 -46.62 -17.53
CA SER D 211 19.63 -47.48 -18.03
C SER D 211 18.68 -46.67 -18.91
N THR D 212 17.88 -47.37 -19.70
CA THR D 212 16.94 -46.71 -20.61
C THR D 212 15.73 -47.57 -20.92
N GLY D 213 14.66 -46.92 -21.39
CA GLY D 213 13.46 -47.63 -21.76
C GLY D 213 13.58 -47.99 -23.23
N ALA D 214 13.97 -46.99 -24.03
CA ALA D 214 14.17 -47.12 -25.46
C ALA D 214 13.87 -48.49 -26.05
N ALA D 215 14.61 -49.51 -25.62
CA ALA D 215 14.44 -50.89 -26.12
C ALA D 215 13.04 -51.44 -25.92
N LYS D 216 12.59 -51.43 -24.66
CA LYS D 216 11.26 -51.92 -24.33
C LYS D 216 10.24 -51.00 -25.01
N ALA D 217 10.59 -49.73 -25.15
CA ALA D 217 9.72 -48.75 -25.78
C ALA D 217 9.31 -49.19 -27.17
N VAL D 218 10.28 -49.72 -27.92
CA VAL D 218 10.03 -50.21 -29.27
C VAL D 218 8.80 -51.13 -29.26
N ALA D 219 8.64 -51.89 -28.17
CA ALA D 219 7.50 -52.79 -28.03
C ALA D 219 6.20 -52.01 -28.21
N LEU D 220 6.13 -50.83 -27.61
CA LEU D 220 4.94 -50.00 -27.70
C LEU D 220 4.59 -49.57 -29.12
N VAL D 221 5.58 -49.18 -29.91
CA VAL D 221 5.31 -48.75 -31.28
C VAL D 221 5.29 -49.91 -32.27
N LEU D 222 5.79 -51.07 -31.84
CA LEU D 222 5.82 -52.29 -32.64
C LEU D 222 5.47 -53.46 -31.72
N PRO D 223 4.18 -53.57 -31.35
CA PRO D 223 3.63 -54.62 -30.47
C PRO D 223 4.30 -55.98 -30.61
N ASN D 224 4.68 -56.28 -31.84
CA ASN D 224 5.30 -57.56 -32.19
C ASN D 224 6.71 -57.75 -31.62
N LEU D 225 7.15 -56.85 -30.75
CA LEU D 225 8.48 -56.96 -30.16
C LEU D 225 8.46 -57.09 -28.65
N LYS D 226 7.28 -57.00 -28.06
CA LYS D 226 7.17 -57.09 -26.60
C LYS D 226 7.95 -58.30 -26.10
N GLY D 227 8.66 -58.11 -24.99
CA GLY D 227 9.44 -59.18 -24.40
C GLY D 227 10.60 -59.76 -25.21
N LYS D 228 11.18 -58.95 -26.10
CA LYS D 228 12.28 -59.44 -26.91
C LYS D 228 13.54 -58.56 -26.90
N LEU D 229 13.35 -57.25 -26.85
CA LEU D 229 14.48 -56.35 -26.84
C LEU D 229 14.78 -55.84 -25.44
N ASN D 230 15.98 -55.29 -25.27
CA ASN D 230 16.42 -54.72 -24.00
C ASN D 230 17.76 -54.04 -24.23
N GLY D 231 18.39 -53.55 -23.17
CA GLY D 231 19.68 -52.93 -23.36
C GLY D 231 19.94 -51.69 -22.53
N ILE D 232 21.23 -51.35 -22.40
CA ILE D 232 21.64 -50.19 -21.63
C ILE D 232 22.07 -49.06 -22.55
N ALA D 233 22.48 -47.95 -21.94
CA ALA D 233 22.95 -46.78 -22.68
C ALA D 233 24.34 -46.43 -22.14
N LEU D 234 25.17 -45.86 -23.01
CA LEU D 234 26.50 -45.43 -22.62
C LEU D 234 26.73 -43.96 -22.91
N ARG D 235 26.57 -43.12 -21.91
CA ARG D 235 26.78 -41.70 -22.05
C ARG D 235 28.29 -41.42 -22.25
N VAL D 236 28.61 -40.63 -23.27
CA VAL D 236 30.00 -40.29 -23.58
C VAL D 236 30.19 -38.78 -23.79
N PRO D 237 31.44 -38.30 -23.65
CA PRO D 237 31.84 -36.90 -23.80
C PRO D 237 31.53 -36.10 -25.07
N THR D 238 30.35 -36.31 -25.65
CA THR D 238 29.99 -35.51 -26.80
C THR D 238 28.72 -34.76 -26.39
N PRO D 239 28.59 -33.51 -26.84
CA PRO D 239 27.44 -32.66 -26.52
C PRO D 239 26.21 -32.88 -27.42
N ASN D 240 26.38 -33.66 -28.49
CA ASN D 240 25.30 -33.96 -29.41
C ASN D 240 25.64 -35.08 -30.40
N VAL D 241 24.59 -35.79 -30.84
CA VAL D 241 24.66 -36.94 -31.76
C VAL D 241 24.92 -38.23 -30.99
N SER D 242 24.21 -39.29 -31.32
CA SER D 242 24.37 -40.57 -30.64
C SER D 242 24.34 -41.71 -31.65
N VAL D 243 24.70 -42.92 -31.19
CA VAL D 243 24.70 -44.09 -32.07
C VAL D 243 24.17 -45.30 -31.33
N VAL D 244 23.22 -46.01 -31.95
CA VAL D 244 22.63 -47.22 -31.37
C VAL D 244 23.27 -48.47 -31.98
N ASP D 245 23.63 -49.40 -31.12
CA ASP D 245 24.26 -50.66 -31.51
C ASP D 245 23.28 -51.80 -31.26
N LEU D 246 22.48 -52.13 -32.28
CA LEU D 246 21.48 -53.19 -32.16
C LEU D 246 21.98 -54.56 -32.57
N VAL D 247 21.72 -55.55 -31.73
CA VAL D 247 22.10 -56.92 -31.99
C VAL D 247 20.83 -57.76 -31.82
N VAL D 248 20.38 -58.34 -32.93
CA VAL D 248 19.18 -59.16 -32.95
C VAL D 248 19.44 -60.52 -33.56
N GLN D 249 18.65 -61.49 -33.12
CA GLN D 249 18.75 -62.84 -33.65
C GLN D 249 17.51 -62.98 -34.52
N VAL D 250 17.70 -63.12 -35.83
CA VAL D 250 16.57 -63.28 -36.72
C VAL D 250 16.38 -64.76 -37.01
N SER D 251 15.24 -65.13 -37.60
CA SER D 251 14.99 -66.53 -37.92
C SER D 251 15.45 -66.84 -39.33
N LYS D 252 15.20 -65.92 -40.26
CA LYS D 252 15.58 -66.10 -41.65
C LYS D 252 17.09 -65.97 -41.89
N LYS D 253 17.79 -67.11 -42.06
CA LYS D 253 19.24 -67.05 -42.30
C LYS D 253 19.51 -65.93 -43.29
N THR D 254 20.52 -65.11 -42.99
CA THR D 254 20.84 -63.98 -43.85
C THR D 254 22.30 -63.56 -43.75
N PHE D 255 22.67 -62.49 -44.46
CA PHE D 255 24.03 -61.99 -44.45
C PHE D 255 24.05 -60.46 -44.53
N ALA D 256 25.23 -59.89 -44.28
CA ALA D 256 25.42 -58.44 -44.29
C ALA D 256 24.70 -57.63 -45.39
N GLU D 257 25.20 -57.68 -46.62
CA GLU D 257 24.60 -56.92 -47.72
C GLU D 257 23.12 -57.12 -47.95
N GLU D 258 22.58 -58.26 -47.52
CA GLU D 258 21.15 -58.50 -47.69
C GLU D 258 20.44 -57.52 -46.75
N VAL D 259 20.86 -57.52 -45.48
CA VAL D 259 20.30 -56.64 -44.47
C VAL D 259 20.34 -55.19 -44.91
N ASN D 260 21.49 -54.77 -45.46
CA ASN D 260 21.62 -53.40 -45.92
C ASN D 260 20.69 -53.12 -47.10
N ALA D 261 20.61 -54.05 -48.03
CA ALA D 261 19.72 -53.88 -49.18
C ALA D 261 18.32 -53.60 -48.65
N ALA D 262 17.94 -54.35 -47.63
CA ALA D 262 16.62 -54.20 -47.00
C ALA D 262 16.44 -52.77 -46.51
N PHE D 263 17.45 -52.25 -45.81
CA PHE D 263 17.38 -50.90 -45.29
C PHE D 263 17.29 -49.86 -46.40
N ARG D 264 18.07 -50.04 -47.47
CA ARG D 264 18.07 -49.08 -48.58
C ARG D 264 16.72 -48.96 -49.26
N ASP D 265 16.00 -50.08 -49.42
CA ASP D 265 14.68 -50.06 -50.04
C ASP D 265 13.79 -49.18 -49.19
N SER D 266 13.48 -49.67 -47.99
CA SER D 266 12.65 -48.95 -47.04
C SER D 266 13.06 -47.49 -47.00
N ALA D 267 14.36 -47.24 -47.17
CA ALA D 267 14.86 -45.89 -47.14
C ALA D 267 14.17 -45.00 -48.14
N GLU D 268 13.93 -45.53 -49.34
CA GLU D 268 13.27 -44.74 -50.38
C GLU D 268 11.81 -45.12 -50.63
N LYS D 269 11.20 -45.80 -49.66
CA LYS D 269 9.81 -46.22 -49.77
C LYS D 269 9.00 -45.76 -48.56
N GLU D 270 8.67 -46.70 -47.66
CA GLU D 270 7.87 -46.36 -46.48
C GLU D 270 8.60 -45.54 -45.42
N LEU D 271 9.92 -45.40 -45.59
CA LEU D 271 10.73 -44.65 -44.63
C LEU D 271 11.57 -43.53 -45.22
N LYS D 272 11.18 -43.01 -46.39
CA LYS D 272 11.94 -41.92 -47.00
C LYS D 272 11.80 -40.73 -46.06
N GLY D 273 12.91 -40.05 -45.79
CA GLY D 273 12.90 -38.91 -44.89
C GLY D 273 12.99 -39.31 -43.43
N ILE D 274 12.84 -40.61 -43.16
CA ILE D 274 12.90 -41.15 -41.80
C ILE D 274 14.14 -42.00 -41.58
N LEU D 275 14.36 -42.98 -42.47
CA LEU D 275 15.54 -43.84 -42.39
C LEU D 275 16.42 -43.52 -43.60
N ASP D 276 17.72 -43.69 -43.42
CA ASP D 276 18.69 -43.42 -44.48
C ASP D 276 19.88 -44.37 -44.36
N VAL D 277 20.52 -44.64 -45.48
CA VAL D 277 21.68 -45.52 -45.47
C VAL D 277 22.91 -44.76 -45.93
N CYS D 278 23.91 -44.73 -45.06
CA CYS D 278 25.16 -44.03 -45.32
C CYS D 278 26.29 -44.99 -45.62
N ASP D 279 26.91 -44.84 -46.79
CA ASP D 279 28.02 -45.69 -47.19
C ASP D 279 29.37 -44.94 -47.10
N GLU D 280 29.44 -43.95 -46.23
CA GLU D 280 30.64 -43.13 -46.06
C GLU D 280 31.30 -43.37 -44.71
N PRO D 281 32.64 -43.44 -44.68
CA PRO D 281 33.35 -43.65 -43.42
C PRO D 281 33.31 -42.33 -42.66
N LEU D 282 32.16 -42.03 -42.07
CA LEU D 282 31.98 -40.76 -41.35
C LEU D 282 32.03 -40.89 -39.83
N VAL D 283 31.91 -39.76 -39.14
CA VAL D 283 31.94 -39.74 -37.69
C VAL D 283 30.81 -38.87 -37.12
N SER D 284 30.46 -39.11 -35.86
CA SER D 284 29.36 -38.41 -35.19
C SER D 284 29.05 -36.98 -35.66
N VAL D 285 30.06 -36.11 -35.66
CA VAL D 285 29.86 -34.72 -36.05
C VAL D 285 29.28 -34.55 -37.45
N ASP D 286 29.54 -35.52 -38.33
CA ASP D 286 29.01 -35.45 -39.70
C ASP D 286 27.51 -35.57 -39.74
N PHE D 287 26.95 -36.24 -38.75
CA PHE D 287 25.52 -36.44 -38.69
C PHE D 287 24.76 -35.38 -37.92
N ARG D 288 25.41 -34.25 -37.66
CA ARG D 288 24.75 -33.15 -36.95
C ARG D 288 23.73 -32.45 -37.84
N CYS D 289 22.50 -32.36 -37.37
CA CYS D 289 21.42 -31.71 -38.11
C CYS D 289 20.76 -32.58 -39.17
N SER D 290 21.00 -33.88 -39.13
CA SER D 290 20.38 -34.77 -40.11
C SER D 290 18.89 -34.78 -39.81
N ASP D 291 18.08 -35.05 -40.82
CA ASP D 291 16.63 -35.10 -40.62
C ASP D 291 16.09 -36.53 -40.56
N PHE D 292 16.98 -37.52 -40.56
CA PHE D 292 16.56 -38.91 -40.50
C PHE D 292 16.66 -39.46 -39.08
N SER D 293 15.55 -40.00 -38.57
CA SER D 293 15.51 -40.57 -37.25
C SER D 293 16.60 -41.62 -37.08
N THR D 294 16.87 -42.38 -38.13
CA THR D 294 17.88 -43.41 -38.06
C THR D 294 18.65 -43.58 -39.37
N THR D 295 19.97 -43.38 -39.31
CA THR D 295 20.84 -43.49 -40.47
C THR D 295 21.77 -44.67 -40.27
N ILE D 296 21.58 -45.74 -41.03
CA ILE D 296 22.44 -46.91 -40.87
C ILE D 296 23.84 -46.67 -41.44
N ASP D 297 24.84 -47.09 -40.69
CA ASP D 297 26.24 -46.97 -41.12
C ASP D 297 26.47 -48.29 -41.85
N SER D 298 26.21 -48.29 -43.16
CA SER D 298 26.31 -49.49 -43.97
C SER D 298 27.51 -50.39 -43.80
N SER D 299 28.72 -49.82 -43.88
CA SER D 299 29.94 -50.62 -43.77
C SER D 299 30.18 -51.29 -42.44
N LEU D 300 29.34 -50.99 -41.44
CA LEU D 300 29.50 -51.58 -40.12
C LEU D 300 28.57 -52.75 -39.87
N THR D 301 27.70 -53.05 -40.84
CA THR D 301 26.75 -54.15 -40.70
C THR D 301 27.48 -55.47 -40.69
N MET D 302 27.25 -56.28 -39.65
CA MET D 302 27.88 -57.59 -39.54
C MET D 302 26.82 -58.65 -39.35
N VAL D 303 27.19 -59.90 -39.64
CA VAL D 303 26.28 -61.03 -39.49
C VAL D 303 27.07 -62.28 -39.10
N MET D 304 26.83 -62.79 -37.91
CA MET D 304 27.51 -63.99 -37.43
C MET D 304 26.53 -65.16 -37.32
N GLY D 305 26.97 -66.33 -37.78
CA GLY D 305 26.13 -67.51 -37.73
C GLY D 305 24.84 -67.43 -38.52
N ASP D 306 24.83 -66.65 -39.59
CA ASP D 306 23.65 -66.51 -40.44
C ASP D 306 22.45 -65.79 -39.83
N ASP D 307 22.23 -65.93 -38.53
CA ASP D 307 21.08 -65.27 -37.94
C ASP D 307 21.28 -64.36 -36.73
N MET D 308 22.49 -63.80 -36.58
CA MET D 308 22.74 -62.85 -35.50
C MET D 308 23.18 -61.59 -36.24
N VAL D 309 22.33 -60.56 -36.22
CA VAL D 309 22.64 -59.35 -36.94
C VAL D 309 22.98 -58.15 -36.08
N LYS D 310 24.06 -57.46 -36.44
CA LYS D 310 24.49 -56.26 -35.70
C LYS D 310 24.45 -55.06 -36.63
N VAL D 311 23.64 -54.07 -36.27
CA VAL D 311 23.52 -52.86 -37.07
C VAL D 311 23.82 -51.60 -36.27
N ILE D 312 24.57 -50.68 -36.90
CA ILE D 312 24.93 -49.41 -36.28
C ILE D 312 24.20 -48.27 -37.01
N ALA D 313 23.49 -47.44 -36.26
CA ALA D 313 22.74 -46.34 -36.85
C ALA D 313 22.99 -45.00 -36.14
N TRP D 314 23.19 -43.95 -36.94
CA TRP D 314 23.46 -42.62 -36.43
C TRP D 314 22.21 -41.75 -36.38
N TYR D 315 22.13 -40.91 -35.36
CA TYR D 315 21.01 -39.98 -35.18
C TYR D 315 21.35 -38.80 -34.27
N ASP D 316 20.93 -37.62 -34.70
CA ASP D 316 21.13 -36.37 -33.96
C ASP D 316 20.04 -36.38 -32.87
N ASN D 317 20.41 -36.72 -31.65
CA ASN D 317 19.43 -36.80 -30.57
C ASN D 317 18.67 -35.52 -30.23
N GLU D 318 19.05 -34.38 -30.80
CA GLU D 318 18.34 -33.14 -30.51
C GLU D 318 17.51 -32.66 -31.69
N TRP D 319 18.15 -32.54 -32.84
CA TRP D 319 17.49 -32.07 -34.05
C TRP D 319 16.57 -33.13 -34.64
N GLY D 320 17.17 -34.23 -35.07
CA GLY D 320 16.39 -35.31 -35.65
C GLY D 320 15.12 -35.59 -34.87
N TYR D 321 15.25 -35.72 -33.55
CA TYR D 321 14.09 -35.97 -32.71
C TYR D 321 13.13 -34.80 -32.80
N SER D 322 13.63 -33.59 -32.63
CA SER D 322 12.79 -32.40 -32.70
C SER D 322 11.98 -32.34 -34.01
N GLN D 323 12.57 -32.79 -35.12
CA GLN D 323 11.90 -32.81 -36.42
C GLN D 323 10.66 -33.70 -36.39
N ARG D 324 10.77 -34.85 -35.74
CA ARG D 324 9.67 -35.77 -35.62
C ARG D 324 8.58 -35.15 -34.74
N VAL D 325 8.98 -34.39 -33.72
CA VAL D 325 8.01 -33.76 -32.84
C VAL D 325 7.22 -32.73 -33.67
N VAL D 326 7.91 -32.08 -34.60
CA VAL D 326 7.24 -31.10 -35.46
C VAL D 326 6.44 -31.84 -36.54
N ASP D 327 6.45 -33.16 -36.47
CA ASP D 327 5.72 -33.97 -37.42
C ASP D 327 4.57 -34.63 -36.71
N LEU D 328 4.83 -35.10 -35.50
CA LEU D 328 3.77 -35.73 -34.74
C LEU D 328 2.78 -34.62 -34.39
N ALA D 329 3.20 -33.38 -34.60
CA ALA D 329 2.34 -32.23 -34.33
C ALA D 329 1.52 -32.05 -35.60
N ASP D 330 2.19 -32.21 -36.74
CA ASP D 330 1.57 -32.11 -38.06
C ASP D 330 0.49 -33.19 -38.10
N ILE D 331 0.85 -34.40 -37.70
CA ILE D 331 -0.08 -35.52 -37.66
C ILE D 331 -1.29 -35.03 -36.89
N VAL D 332 -1.07 -34.60 -35.65
CA VAL D 332 -2.17 -34.12 -34.81
C VAL D 332 -2.99 -33.05 -35.52
N ALA D 333 -2.36 -31.92 -35.85
CA ALA D 333 -3.07 -30.85 -36.55
C ALA D 333 -3.99 -31.40 -37.65
N ASN D 334 -3.43 -32.23 -38.52
CA ASN D 334 -4.17 -32.84 -39.62
C ASN D 334 -5.46 -33.53 -39.18
N ASN D 335 -5.34 -34.56 -38.36
CA ASN D 335 -6.50 -35.29 -37.86
C ASN D 335 -7.24 -34.51 -36.79
N TRP D 336 -7.53 -33.24 -37.06
CA TRP D 336 -8.24 -32.44 -36.06
C TRP D 336 -9.75 -32.40 -36.27
N LYS D 337 -10.47 -33.05 -35.35
CA LYS D 337 -11.92 -33.08 -35.42
C LYS D 337 -12.47 -32.00 -34.48
N ALA E 1 32.72 34.86 -11.71
CA ALA E 1 32.04 33.97 -12.70
C ALA E 1 32.87 33.85 -13.98
N LYS E 2 33.75 32.86 -14.04
CA LYS E 2 34.59 32.65 -15.21
C LYS E 2 34.61 31.19 -15.72
N LEU E 3 34.66 30.23 -14.80
CA LEU E 3 34.67 28.81 -15.17
C LEU E 3 33.25 28.35 -15.55
N LYS E 4 32.95 28.44 -16.83
CA LYS E 4 31.64 28.05 -17.38
C LYS E 4 31.07 26.78 -16.71
N VAL E 5 29.77 26.82 -16.37
CA VAL E 5 29.10 25.67 -15.75
C VAL E 5 27.82 25.38 -16.49
N ALA E 6 27.44 24.10 -16.57
CA ALA E 6 26.21 23.71 -17.26
C ALA E 6 25.20 23.11 -16.29
N ILE E 7 23.98 22.87 -16.78
CA ILE E 7 22.93 22.30 -15.96
C ILE E 7 22.10 21.28 -16.73
N ASN E 8 22.19 20.03 -16.28
CA ASN E 8 21.44 18.93 -16.89
C ASN E 8 20.47 18.45 -15.81
N GLY E 9 19.18 18.51 -16.10
CA GLY E 9 18.19 18.11 -15.11
C GLY E 9 17.82 19.33 -14.31
N PHE E 10 16.73 19.99 -14.70
CA PHE E 10 16.28 21.22 -14.04
C PHE E 10 15.08 21.02 -13.12
N GLY E 11 15.14 19.97 -12.29
CA GLY E 11 14.07 19.70 -11.36
C GLY E 11 14.26 20.47 -10.07
N ARG E 12 13.97 19.85 -8.94
CA ARG E 12 14.13 20.56 -7.68
C ARG E 12 15.57 21.05 -7.46
N ILE E 13 16.48 20.12 -7.20
CA ILE E 13 17.88 20.51 -6.95
C ILE E 13 18.40 21.54 -7.97
N GLY E 14 18.11 21.28 -9.24
CA GLY E 14 18.53 22.14 -10.34
C GLY E 14 18.28 23.62 -10.17
N ARG E 15 17.06 23.99 -9.82
CA ARG E 15 16.75 25.41 -9.63
C ARG E 15 17.24 25.89 -8.27
N ASN E 16 17.40 24.94 -7.35
CA ASN E 16 17.88 25.25 -6.02
C ASN E 16 19.35 25.65 -6.08
N PHE E 17 20.03 25.16 -7.10
CA PHE E 17 21.46 25.44 -7.33
C PHE E 17 21.68 26.85 -7.89
N LEU E 18 20.78 27.25 -8.80
CA LEU E 18 20.85 28.56 -9.43
C LEU E 18 20.50 29.62 -8.39
N ARG E 19 19.67 29.24 -7.43
CA ARG E 19 19.25 30.16 -6.38
C ARG E 19 20.38 30.42 -5.37
N CYS E 20 21.04 29.34 -4.93
CA CYS E 20 22.15 29.44 -3.98
C CYS E 20 23.27 30.21 -4.64
N TRP E 21 23.54 29.88 -5.90
CA TRP E 21 24.58 30.52 -6.68
C TRP E 21 24.36 32.05 -6.80
N HIS E 22 23.16 32.47 -7.20
CA HIS E 22 22.84 33.90 -7.37
C HIS E 22 22.95 34.73 -6.10
N GLY E 23 22.75 34.10 -4.95
CA GLY E 23 22.84 34.82 -3.70
C GLY E 23 24.31 34.98 -3.33
N ARG E 24 25.09 33.95 -3.63
CA ARG E 24 26.52 33.93 -3.34
C ARG E 24 27.21 35.25 -3.66
N LYS E 25 27.95 35.76 -2.69
CA LYS E 25 28.68 37.01 -2.89
C LYS E 25 29.85 36.68 -3.82
N ASP E 26 29.50 36.36 -5.06
CA ASP E 26 30.45 36.00 -6.13
C ASP E 26 31.16 34.68 -5.88
N SER E 27 31.22 33.85 -6.91
CA SER E 27 31.88 32.55 -6.84
C SER E 27 32.53 32.24 -8.18
N PRO E 28 33.55 31.37 -8.18
CA PRO E 28 34.27 30.97 -9.40
C PRO E 28 33.38 30.30 -10.47
N LEU E 29 32.06 30.34 -10.28
CA LEU E 29 31.14 29.71 -11.24
C LEU E 29 30.34 30.69 -12.09
N ASP E 30 29.88 30.21 -13.24
CA ASP E 30 29.09 31.01 -14.17
C ASP E 30 28.29 30.13 -15.11
N ILE E 31 27.05 29.82 -14.73
CA ILE E 31 26.18 28.98 -15.56
C ILE E 31 25.83 29.68 -16.88
N ILE E 32 26.02 28.96 -17.98
CA ILE E 32 25.72 29.49 -19.31
C ILE E 32 24.83 28.54 -20.11
N ALA E 33 24.75 27.27 -19.67
CA ALA E 33 23.93 26.28 -20.35
C ALA E 33 22.94 25.58 -19.40
N ILE E 34 21.74 25.33 -19.91
CA ILE E 34 20.70 24.67 -19.13
C ILE E 34 19.94 23.69 -20.00
N ASN E 35 19.98 22.41 -19.62
CA ASN E 35 19.26 21.38 -20.37
C ASN E 35 17.89 21.14 -19.75
N ASP E 36 17.00 22.11 -19.98
CA ASP E 36 15.63 22.09 -19.48
C ASP E 36 14.72 21.27 -20.41
N THR E 37 14.34 20.08 -19.94
CA THR E 37 13.48 19.17 -20.71
C THR E 37 12.16 19.82 -21.11
N GLY E 38 11.99 21.09 -20.75
CA GLY E 38 10.77 21.81 -21.09
C GLY E 38 11.04 23.09 -21.86
N GLY E 39 9.99 23.90 -22.02
CA GLY E 39 10.12 25.14 -22.76
C GLY E 39 10.96 26.21 -22.10
N VAL E 40 10.87 27.41 -22.67
CA VAL E 40 11.60 28.57 -22.16
C VAL E 40 10.82 29.16 -21.00
N LYS E 41 9.50 29.04 -21.06
CA LYS E 41 8.64 29.54 -19.98
C LYS E 41 8.82 28.67 -18.75
N GLN E 42 8.68 27.37 -18.94
CA GLN E 42 8.83 26.40 -17.86
C GLN E 42 10.11 26.59 -17.04
N ALA E 43 11.19 26.91 -17.71
CA ALA E 43 12.47 27.12 -17.03
C ALA E 43 12.50 28.54 -16.46
N SER E 44 11.58 29.38 -16.93
CA SER E 44 11.49 30.77 -16.48
C SER E 44 10.51 30.95 -15.32
N HIS E 45 9.33 30.33 -15.47
CA HIS E 45 8.27 30.41 -14.47
C HIS E 45 8.64 29.70 -13.17
N LEU E 46 8.95 28.40 -13.28
CA LEU E 46 9.33 27.57 -12.13
C LEU E 46 10.62 28.06 -11.46
N LEU E 47 11.25 29.04 -12.07
CA LEU E 47 12.49 29.61 -11.55
C LEU E 47 12.22 31.03 -11.02
N LYS E 48 11.00 31.51 -11.23
CA LYS E 48 10.61 32.84 -10.76
C LYS E 48 9.66 32.70 -9.59
N TYR E 49 8.77 31.72 -9.67
CA TYR E 49 7.79 31.43 -8.63
C TYR E 49 8.03 30.01 -8.13
N ASP E 50 8.51 29.89 -6.91
CA ASP E 50 8.76 28.59 -6.31
C ASP E 50 7.84 28.46 -5.11
N SER E 51 7.11 27.35 -5.04
CA SER E 51 6.22 27.17 -3.90
C SER E 51 7.02 27.14 -2.61
N THR E 52 8.09 26.35 -2.57
CA THR E 52 8.92 26.23 -1.37
C THR E 52 9.70 27.51 -1.05
N LEU E 53 10.47 28.01 -2.03
CA LEU E 53 11.26 29.21 -1.81
C LEU E 53 10.50 30.50 -2.15
N GLY E 54 9.20 30.40 -2.37
CA GLY E 54 8.40 31.57 -2.70
C GLY E 54 8.81 32.23 -4.00
N ILE E 55 8.47 33.51 -4.14
CA ILE E 55 8.83 34.25 -5.35
C ILE E 55 10.35 34.46 -5.35
N PHE E 56 10.90 34.90 -6.47
CA PHE E 56 12.34 35.12 -6.56
C PHE E 56 12.72 36.54 -6.97
N ASP E 57 13.44 37.20 -6.08
CA ASP E 57 13.88 38.56 -6.28
C ASP E 57 14.99 38.63 -7.33
N ALA E 58 14.59 38.62 -8.60
CA ALA E 58 15.50 38.67 -9.74
C ALA E 58 14.70 38.50 -11.04
N ASP E 59 14.33 39.63 -11.65
CA ASP E 59 13.57 39.62 -12.91
C ASP E 59 13.97 38.48 -13.85
N VAL E 60 13.17 37.42 -13.87
CA VAL E 60 13.40 36.26 -14.72
C VAL E 60 12.42 36.28 -15.90
N LYS E 61 12.97 36.44 -17.10
CA LYS E 61 12.16 36.50 -18.32
C LYS E 61 12.77 35.66 -19.46
N PRO E 62 12.16 35.73 -20.66
CA PRO E 62 12.70 34.96 -21.80
C PRO E 62 13.70 35.75 -22.64
N SER E 63 14.40 35.03 -23.51
CA SER E 63 15.39 35.61 -24.41
C SER E 63 15.33 34.83 -25.71
N GLY E 64 14.53 35.33 -26.64
CA GLY E 64 14.39 34.64 -27.91
C GLY E 64 13.55 33.40 -27.67
N GLU E 65 14.11 32.24 -27.95
CA GLU E 65 13.39 30.97 -27.74
C GLU E 65 14.34 29.81 -27.49
N THR E 66 15.58 30.14 -27.14
CA THR E 66 16.59 29.12 -26.87
C THR E 66 17.37 29.49 -25.60
N ALA E 67 17.11 30.68 -25.08
CA ALA E 67 17.77 31.18 -23.87
C ALA E 67 16.79 31.98 -23.01
N ILE E 68 17.27 32.51 -21.88
CA ILE E 68 16.44 33.31 -20.99
C ILE E 68 17.22 34.45 -20.35
N SER E 69 16.50 35.43 -19.82
CA SER E 69 17.11 36.59 -19.16
C SER E 69 16.99 36.46 -17.64
N VAL E 70 18.07 36.81 -16.93
CA VAL E 70 18.10 36.74 -15.48
C VAL E 70 18.92 37.91 -14.91
N ASP E 71 18.28 39.08 -14.79
CA ASP E 71 18.95 40.28 -14.28
C ASP E 71 19.98 40.78 -15.29
N GLY E 72 19.60 40.73 -16.57
CA GLY E 72 20.50 41.15 -17.63
C GLY E 72 21.18 39.95 -18.24
N LYS E 73 21.73 39.10 -17.38
CA LYS E 73 22.42 37.89 -17.80
C LYS E 73 21.43 36.98 -18.50
N ILE E 74 21.61 36.80 -19.80
CA ILE E 74 20.71 35.97 -20.58
C ILE E 74 21.27 34.56 -20.83
N ILE E 75 21.36 33.78 -19.77
CA ILE E 75 21.87 32.41 -19.85
C ILE E 75 21.04 31.59 -20.86
N GLN E 76 21.72 30.68 -21.56
CA GLN E 76 21.10 29.83 -22.58
C GLN E 76 20.04 28.88 -22.02
N VAL E 77 19.39 28.12 -22.90
CA VAL E 77 18.36 27.15 -22.52
C VAL E 77 18.24 26.08 -23.59
N VAL E 78 19.08 25.05 -23.51
CA VAL E 78 19.03 23.97 -24.50
C VAL E 78 17.77 23.14 -24.26
N SER E 79 17.80 21.86 -24.67
CA SER E 79 16.66 20.98 -24.48
C SER E 79 16.79 19.66 -25.23
N ASN E 80 17.38 18.65 -24.59
CA ASN E 80 17.55 17.34 -25.20
C ASN E 80 17.77 16.30 -24.11
N ARG E 81 17.08 15.16 -24.25
CA ARG E 81 17.17 14.06 -23.28
C ARG E 81 18.45 13.24 -23.39
N ASN E 82 19.15 13.35 -24.52
CA ASN E 82 20.38 12.61 -24.73
C ASN E 82 21.57 13.52 -24.42
N PRO E 83 22.29 13.24 -23.31
CA PRO E 83 23.44 14.01 -22.86
C PRO E 83 24.58 14.20 -23.88
N SER E 84 24.81 13.20 -24.73
CA SER E 84 25.87 13.28 -25.73
C SER E 84 25.62 14.38 -26.74
N LEU E 85 24.35 14.67 -27.00
CA LEU E 85 23.94 15.69 -27.97
C LEU E 85 24.01 17.12 -27.41
N LEU E 86 24.16 17.23 -26.10
CA LEU E 86 24.24 18.53 -25.46
C LEU E 86 25.43 19.33 -26.00
N PRO E 87 25.20 20.60 -26.34
CA PRO E 87 26.21 21.52 -26.89
C PRO E 87 27.26 21.97 -25.86
N TRP E 88 27.96 21.01 -25.28
CA TRP E 88 28.98 21.28 -24.26
C TRP E 88 30.31 21.70 -24.90
N LYS E 89 30.54 21.25 -26.13
CA LYS E 89 31.77 21.58 -26.84
C LYS E 89 31.64 22.88 -27.63
N GLU E 90 30.44 23.46 -27.64
CA GLU E 90 30.21 24.70 -28.36
C GLU E 90 30.23 25.90 -27.43
N LEU E 91 29.59 25.75 -26.28
CA LEU E 91 29.54 26.82 -25.29
C LEU E 91 30.74 26.72 -24.35
N GLY E 92 31.58 25.71 -24.58
CA GLY E 92 32.79 25.50 -23.80
C GLY E 92 32.60 25.06 -22.37
N ILE E 93 31.47 24.39 -22.11
CA ILE E 93 31.14 23.92 -20.78
C ILE E 93 32.31 23.19 -20.11
N ASP E 94 32.67 23.66 -18.92
CA ASP E 94 33.75 23.07 -18.12
C ASP E 94 33.21 21.98 -17.19
N ILE E 95 32.31 22.36 -16.29
CA ILE E 95 31.69 21.43 -15.33
C ILE E 95 30.16 21.41 -15.44
N VAL E 96 29.60 20.23 -15.66
CA VAL E 96 28.15 20.03 -15.79
C VAL E 96 27.51 19.48 -14.50
N ILE E 97 26.37 20.06 -14.12
CA ILE E 97 25.64 19.62 -12.93
C ILE E 97 24.64 18.55 -13.33
N GLU E 98 24.86 17.35 -12.81
CA GLU E 98 23.99 16.21 -13.09
C GLU E 98 22.78 16.19 -12.17
N GLY E 99 21.68 16.79 -12.64
CA GLY E 99 20.47 16.83 -11.85
C GLY E 99 19.30 16.20 -12.57
N THR E 100 19.56 15.13 -13.32
CA THR E 100 18.49 14.44 -14.04
C THR E 100 18.05 13.28 -13.19
N GLY E 101 18.98 12.84 -12.34
CA GLY E 101 18.72 11.71 -11.46
C GLY E 101 18.68 10.40 -12.23
N VAL E 102 18.88 10.50 -13.55
CA VAL E 102 18.86 9.32 -14.42
C VAL E 102 20.22 9.01 -15.06
N PHE E 103 21.25 9.77 -14.69
CA PHE E 103 22.60 9.56 -15.21
C PHE E 103 23.58 9.56 -14.03
N VAL E 104 23.40 8.59 -13.13
CA VAL E 104 24.23 8.47 -11.93
C VAL E 104 25.44 7.53 -12.08
N ASP E 105 25.53 6.86 -13.22
CA ASP E 105 26.64 5.96 -13.49
C ASP E 105 27.60 6.70 -14.43
N ARG E 106 28.87 6.29 -14.41
CA ARG E 106 29.86 6.93 -15.27
C ARG E 106 29.45 6.90 -16.76
N GLU E 107 28.85 5.81 -17.20
CA GLU E 107 28.43 5.66 -18.59
C GLU E 107 27.43 6.74 -19.01
N GLY E 108 26.44 6.97 -18.17
CA GLY E 108 25.44 7.98 -18.46
C GLY E 108 26.07 9.35 -18.23
N ALA E 109 26.82 9.47 -17.13
CA ALA E 109 27.49 10.70 -16.75
C ALA E 109 28.61 11.08 -17.71
N GLY E 110 29.07 10.09 -18.48
CA GLY E 110 30.13 10.32 -19.43
C GLY E 110 29.62 11.09 -20.65
N LYS E 111 28.40 10.80 -21.06
CA LYS E 111 27.80 11.47 -22.22
C LYS E 111 28.02 12.98 -22.14
N HIS E 112 28.19 13.48 -20.91
CA HIS E 112 28.40 14.90 -20.68
C HIS E 112 29.79 15.33 -21.12
N ILE E 113 30.81 14.73 -20.51
CA ILE E 113 32.19 15.04 -20.85
C ILE E 113 32.38 14.71 -22.33
N GLU E 114 31.75 13.61 -22.74
CA GLU E 114 31.82 13.14 -24.12
C GLU E 114 30.94 13.99 -25.03
N ALA E 115 30.97 15.31 -24.81
CA ALA E 115 30.19 16.23 -25.62
C ALA E 115 30.77 17.64 -25.58
N GLY E 116 31.72 17.86 -24.68
CA GLY E 116 32.35 19.16 -24.56
C GLY E 116 32.52 19.57 -23.11
N ALA E 117 31.91 18.77 -22.22
CA ALA E 117 31.99 19.02 -20.79
C ALA E 117 33.32 18.47 -20.29
N LYS E 118 33.92 19.14 -19.33
CA LYS E 118 35.21 18.71 -18.82
C LYS E 118 35.14 17.96 -17.48
N LYS E 119 34.05 18.16 -16.75
CA LYS E 119 33.84 17.51 -15.46
C LYS E 119 32.34 17.39 -15.20
N VAL E 120 31.95 16.54 -14.25
CA VAL E 120 30.52 16.38 -13.95
C VAL E 120 30.28 16.04 -12.47
N ILE E 121 29.83 17.02 -11.68
CA ILE E 121 29.55 16.77 -10.26
C ILE E 121 28.07 16.41 -10.11
N ILE E 122 27.80 15.11 -9.94
CA ILE E 122 26.45 14.60 -9.80
C ILE E 122 25.88 14.88 -8.40
N THR E 123 24.85 15.73 -8.35
CA THR E 123 24.18 16.12 -7.12
C THR E 123 23.38 14.96 -6.55
N ALA E 124 24.03 13.81 -6.42
CA ALA E 124 23.38 12.62 -5.90
C ALA E 124 24.42 11.52 -5.77
N PRO E 125 24.04 10.39 -5.16
CA PRO E 125 24.97 9.26 -4.99
C PRO E 125 25.42 8.68 -6.32
N GLY E 126 26.65 8.20 -6.38
CA GLY E 126 27.18 7.64 -7.61
C GLY E 126 26.93 6.16 -7.73
N LYS E 127 27.14 5.61 -8.91
CA LYS E 127 26.94 4.18 -9.13
C LYS E 127 28.24 3.40 -9.17
N GLY E 128 28.42 2.52 -8.18
CA GLY E 128 29.62 1.71 -8.12
C GLY E 128 30.89 2.40 -7.66
N ASP E 129 31.69 2.85 -8.62
CA ASP E 129 32.97 3.50 -8.32
C ASP E 129 33.12 4.93 -8.83
N ILE E 130 32.48 5.88 -8.15
CA ILE E 130 32.56 7.29 -8.52
C ILE E 130 33.07 8.05 -7.31
N PRO E 131 34.08 8.90 -7.49
CA PRO E 131 34.61 9.68 -6.36
C PRO E 131 33.50 10.46 -5.67
N THR E 132 33.23 10.15 -4.40
CA THR E 132 32.18 10.84 -3.66
C THR E 132 32.75 11.83 -2.63
N TYR E 133 32.51 13.12 -2.87
CA TYR E 133 33.01 14.17 -1.99
C TYR E 133 31.93 14.93 -1.21
N VAL E 134 32.23 15.12 0.08
CA VAL E 134 31.33 15.78 1.03
C VAL E 134 31.97 16.99 1.73
N VAL E 135 31.50 18.19 1.39
CA VAL E 135 32.01 19.42 1.98
C VAL E 135 31.88 19.37 3.50
N GLY E 136 32.99 19.58 4.20
CA GLY E 136 32.99 19.54 5.65
C GLY E 136 33.57 18.24 6.17
N VAL E 137 33.63 17.22 5.32
CA VAL E 137 34.15 15.91 5.69
C VAL E 137 35.40 15.52 4.90
N ASN E 138 35.21 15.24 3.61
CA ASN E 138 36.32 14.85 2.74
C ASN E 138 36.41 15.61 1.41
N ALA E 139 35.78 16.77 1.33
CA ALA E 139 35.81 17.54 0.08
C ALA E 139 37.25 17.84 -0.34
N ASP E 140 38.15 17.84 0.64
CA ASP E 140 39.56 18.10 0.40
C ASP E 140 40.25 17.03 -0.44
N ALA E 141 39.78 15.79 -0.33
CA ALA E 141 40.35 14.66 -1.06
C ALA E 141 40.17 14.76 -2.58
N TYR E 142 39.48 15.81 -3.03
CA TYR E 142 39.23 15.99 -4.46
C TYR E 142 40.52 16.01 -5.29
N SER E 143 40.58 15.15 -6.31
CA SER E 143 41.73 15.08 -7.19
C SER E 143 41.34 15.83 -8.46
N HIS E 144 42.09 16.90 -8.79
CA HIS E 144 41.79 17.71 -9.96
C HIS E 144 41.58 16.93 -11.25
N ASP E 145 41.63 15.61 -11.19
CA ASP E 145 41.40 14.83 -12.38
C ASP E 145 40.56 13.58 -12.16
N GLU E 146 39.31 13.84 -11.81
CA GLU E 146 38.28 12.84 -11.59
C GLU E 146 37.11 13.49 -12.33
N PRO E 147 36.92 13.13 -13.60
CA PRO E 147 35.89 13.63 -14.52
C PRO E 147 34.46 13.49 -14.00
N ILE E 148 34.26 12.49 -13.14
CA ILE E 148 32.94 12.24 -12.59
C ILE E 148 33.01 11.94 -11.09
N ILE E 149 32.49 12.86 -10.28
CA ILE E 149 32.48 12.68 -8.84
C ILE E 149 31.04 12.66 -8.34
N SER E 150 30.86 12.82 -7.03
CA SER E 150 29.53 12.80 -6.44
C SER E 150 29.45 13.68 -5.18
N ASN E 151 28.30 14.32 -4.98
CA ASN E 151 28.09 15.18 -3.83
C ASN E 151 27.21 14.42 -2.81
N ALA E 152 27.12 13.10 -2.99
CA ALA E 152 26.33 12.23 -2.12
C ALA E 152 24.84 12.61 -2.15
N SER E 153 24.16 12.46 -1.01
CA SER E 153 22.75 12.80 -0.91
C SER E 153 22.52 13.75 0.26
N CYS E 154 21.34 14.38 0.30
CA CYS E 154 20.98 15.29 1.36
C CYS E 154 21.18 14.63 2.74
N THR E 155 20.86 13.34 2.79
CA THR E 155 20.98 12.53 4.00
C THR E 155 22.43 12.46 4.46
N THR E 156 23.26 11.78 3.68
CA THR E 156 24.68 11.61 3.97
C THR E 156 25.40 12.95 4.18
N ASN E 157 24.83 14.03 3.66
CA ASN E 157 25.39 15.37 3.78
C ASN E 157 25.19 15.94 5.18
N CYS E 158 24.10 15.51 5.83
CA CYS E 158 23.76 15.96 7.18
C CYS E 158 24.50 15.17 8.23
N LEU E 159 24.29 13.85 8.22
CA LEU E 159 24.92 12.95 9.17
C LEU E 159 26.45 13.12 9.20
N ALA E 160 27.08 12.94 8.04
CA ALA E 160 28.54 13.04 7.89
C ALA E 160 29.23 14.13 8.72
N PRO E 161 28.83 15.41 8.57
CA PRO E 161 29.49 16.47 9.36
C PRO E 161 29.57 16.22 10.87
N PHE E 162 28.63 15.46 11.42
CA PHE E 162 28.69 15.20 12.85
C PHE E 162 29.01 13.73 13.19
N VAL E 163 28.85 12.82 12.23
CA VAL E 163 29.18 11.41 12.44
C VAL E 163 30.72 11.34 12.43
N LYS E 164 31.34 12.50 12.21
CA LYS E 164 32.80 12.63 12.17
C LYS E 164 33.27 13.17 13.53
N VAL E 165 32.45 14.05 14.12
CA VAL E 165 32.76 14.62 15.41
C VAL E 165 32.55 13.51 16.44
N LEU E 166 31.50 12.70 16.22
CA LEU E 166 31.18 11.59 17.12
C LEU E 166 32.23 10.50 17.13
N ASP E 167 32.56 10.00 15.94
CA ASP E 167 33.57 8.96 15.79
C ASP E 167 34.93 9.47 16.28
N GLN E 168 35.17 10.78 16.11
CA GLN E 168 36.44 11.38 16.53
C GLN E 168 36.45 11.82 18.01
N LYS E 169 35.32 12.31 18.50
CA LYS E 169 35.23 12.78 19.88
C LYS E 169 34.89 11.73 20.93
N PHE E 170 34.40 10.56 20.50
CA PHE E 170 34.05 9.52 21.46
C PHE E 170 34.40 8.13 20.95
N GLY E 171 34.33 7.96 19.64
CA GLY E 171 34.63 6.66 19.06
C GLY E 171 33.39 5.81 18.87
N ILE E 172 32.95 5.71 17.63
CA ILE E 172 31.76 4.93 17.32
C ILE E 172 32.13 3.47 17.03
N ILE E 173 31.70 2.58 17.93
CA ILE E 173 31.95 1.15 17.81
C ILE E 173 31.10 0.57 16.66
N LYS E 174 29.79 0.67 16.81
CA LYS E 174 28.81 0.21 15.81
C LYS E 174 27.68 1.25 15.90
N GLY E 175 26.84 1.32 14.87
CA GLY E 175 25.77 2.32 14.92
C GLY E 175 24.66 2.18 13.89
N THR E 176 23.63 3.02 14.06
CA THR E 176 22.47 3.02 13.16
C THR E 176 21.65 4.32 13.32
N MET E 177 21.16 4.86 12.21
CA MET E 177 20.38 6.11 12.23
C MET E 177 19.02 5.99 11.57
N THR E 178 18.27 7.08 11.59
CA THR E 178 16.94 7.12 10.98
C THR E 178 16.64 8.56 10.56
N THR E 179 15.93 8.72 9.45
CA THR E 179 15.63 10.06 8.96
C THR E 179 14.19 10.32 8.56
N THR E 180 13.57 11.28 9.26
CA THR E 180 12.21 11.71 8.99
C THR E 180 12.42 12.69 7.83
N HIS E 181 12.21 12.15 6.63
CA HIS E 181 12.42 12.88 5.40
C HIS E 181 11.14 13.33 4.70
N SER E 182 11.16 14.54 4.15
CA SER E 182 10.01 15.07 3.42
C SER E 182 9.77 14.17 2.21
N TYR E 183 8.71 14.46 1.49
CA TYR E 183 8.40 13.71 0.28
C TYR E 183 9.20 14.42 -0.80
N THR E 184 9.60 13.67 -1.83
CA THR E 184 10.38 14.27 -2.91
C THR E 184 9.74 14.03 -4.26
N GLY E 185 10.19 14.79 -5.27
CA GLY E 185 9.65 14.62 -6.60
C GLY E 185 9.68 13.16 -7.03
N ASP E 186 10.47 12.33 -6.35
CA ASP E 186 10.60 10.91 -6.67
C ASP E 186 9.39 10.05 -6.26
N GLN E 187 8.56 10.56 -5.36
CA GLN E 187 7.37 9.84 -4.89
C GLN E 187 6.14 10.25 -5.69
N ARG E 188 5.18 9.34 -5.78
CA ARG E 188 3.96 9.63 -6.54
C ARG E 188 3.03 10.53 -5.73
N LEU E 189 2.42 11.52 -6.39
CA LEU E 189 1.48 12.42 -5.72
C LEU E 189 0.32 11.59 -5.21
N LEU E 190 0.06 10.50 -5.91
CA LEU E 190 -1.00 9.57 -5.58
C LEU E 190 -0.53 8.18 -6.03
N ASP E 191 -0.93 7.15 -5.30
CA ASP E 191 -0.57 5.78 -5.64
C ASP E 191 -0.39 5.57 -7.12
N ALA E 192 0.86 5.69 -7.57
CA ALA E 192 1.20 5.51 -8.98
C ALA E 192 2.25 4.42 -9.18
N SER E 193 2.97 4.47 -10.30
CA SER E 193 3.98 3.48 -10.62
C SER E 193 5.38 3.88 -10.18
N HIS E 194 6.02 2.99 -9.41
CA HIS E 194 7.37 3.22 -8.91
C HIS E 194 8.02 1.88 -8.55
N ARG E 195 9.32 1.78 -8.76
CA ARG E 195 10.07 0.57 -8.45
C ARG E 195 9.95 0.31 -6.95
N ASP E 196 10.01 1.40 -6.19
CA ASP E 196 9.91 1.38 -4.73
C ASP E 196 8.43 1.29 -4.35
N LEU E 197 7.97 0.11 -3.96
CA LEU E 197 6.57 -0.10 -3.58
C LEU E 197 6.11 0.70 -2.35
N ARG E 198 6.93 1.66 -1.92
CA ARG E 198 6.59 2.50 -0.78
C ARG E 198 6.67 3.94 -1.25
N ARG E 199 7.65 4.23 -2.10
CA ARG E 199 7.78 5.57 -2.64
C ARG E 199 6.68 5.74 -3.70
N ALA E 200 6.00 4.62 -3.97
CA ALA E 200 4.92 4.59 -4.95
C ALA E 200 3.59 5.04 -4.34
N ARG E 201 3.59 5.30 -3.04
CA ARG E 201 2.40 5.74 -2.34
C ARG E 201 2.31 7.26 -2.27
N ALA E 202 1.08 7.79 -2.33
CA ALA E 202 0.83 9.23 -2.31
C ALA E 202 1.67 9.94 -1.25
N ALA E 203 2.51 10.85 -1.73
CA ALA E 203 3.41 11.58 -0.87
C ALA E 203 2.77 12.23 0.35
N ALA E 204 1.96 13.25 0.12
CA ALA E 204 1.32 14.01 1.19
C ALA E 204 0.18 13.35 1.96
N LEU E 205 0.05 12.02 1.91
CA LEU E 205 -1.02 11.37 2.64
C LEU E 205 -0.51 10.45 3.74
N ASN E 206 0.75 10.05 3.64
CA ASN E 206 1.32 9.17 4.66
C ASN E 206 2.80 9.33 4.92
N ILE E 207 3.27 8.59 5.93
CA ILE E 207 4.65 8.58 6.33
C ILE E 207 5.23 7.38 5.58
N VAL E 208 6.18 7.65 4.69
CA VAL E 208 6.76 6.59 3.89
C VAL E 208 8.20 6.17 4.22
N PRO E 209 8.39 4.89 4.55
CA PRO E 209 9.69 4.34 4.88
C PRO E 209 10.33 3.84 3.58
N THR E 210 11.37 4.54 3.12
CA THR E 210 12.07 4.17 1.90
C THR E 210 13.51 3.80 2.26
N SER E 211 14.18 3.05 1.39
CA SER E 211 15.57 2.67 1.65
C SER E 211 16.54 3.83 1.40
N THR E 212 17.47 4.01 2.33
CA THR E 212 18.46 5.07 2.21
C THR E 212 19.88 4.52 2.26
N GLY E 213 20.56 4.58 1.11
CA GLY E 213 21.93 4.11 1.07
C GLY E 213 22.79 5.23 1.60
N ALA E 214 22.26 5.95 2.57
CA ALA E 214 22.96 7.08 3.19
C ALA E 214 23.71 6.69 4.46
N ALA E 215 23.47 5.47 4.94
CA ALA E 215 24.16 4.98 6.13
C ALA E 215 25.40 4.26 5.63
N LYS E 216 25.31 3.81 4.38
CA LYS E 216 26.39 3.12 3.69
C LYS E 216 27.29 4.17 3.03
N ALA E 217 26.69 5.28 2.60
CA ALA E 217 27.41 6.36 1.92
C ALA E 217 28.23 7.22 2.88
N VAL E 218 27.89 7.17 4.17
CA VAL E 218 28.66 7.93 5.14
C VAL E 218 29.93 7.11 5.39
N ALA E 219 29.97 5.93 4.78
CA ALA E 219 31.12 5.03 4.90
C ALA E 219 32.08 5.34 3.74
N LEU E 220 31.62 6.15 2.80
CA LEU E 220 32.42 6.57 1.65
C LEU E 220 33.13 7.87 2.02
N VAL E 221 32.39 8.78 2.65
CA VAL E 221 32.94 10.07 3.06
C VAL E 221 33.97 9.85 4.18
N LEU E 222 33.70 8.85 5.02
CA LEU E 222 34.57 8.48 6.15
C LEU E 222 34.72 6.95 6.18
N PRO E 223 35.66 6.40 5.39
CA PRO E 223 35.92 4.96 5.31
C PRO E 223 36.02 4.27 6.65
N ASN E 224 36.37 5.02 7.69
CA ASN E 224 36.51 4.43 9.01
C ASN E 224 35.20 4.10 9.71
N LEU E 225 34.08 4.47 9.11
CA LEU E 225 32.79 4.15 9.71
C LEU E 225 32.14 3.05 8.90
N LYS E 226 32.94 2.40 8.05
CA LYS E 226 32.48 1.31 7.19
C LYS E 226 32.09 0.07 8.00
N GLY E 227 30.91 -0.46 7.71
CA GLY E 227 30.42 -1.62 8.42
C GLY E 227 30.09 -1.31 9.87
N LYS E 228 29.70 -0.06 10.14
CA LYS E 228 29.36 0.34 11.50
C LYS E 228 28.01 1.05 11.61
N LEU E 229 27.57 1.68 10.53
CA LEU E 229 26.29 2.39 10.52
C LEU E 229 25.30 1.71 9.57
N ASN E 230 24.03 2.11 9.69
CA ASN E 230 22.94 1.61 8.85
C ASN E 230 21.61 2.20 9.33
N GLY E 231 20.58 2.11 8.50
CA GLY E 231 19.30 2.65 8.90
C GLY E 231 18.28 2.73 7.79
N ILE E 232 17.23 3.52 8.04
CA ILE E 232 16.14 3.72 7.09
C ILE E 232 15.80 5.20 6.95
N ALA E 233 14.72 5.49 6.22
CA ALA E 233 14.26 6.85 6.00
C ALA E 233 12.73 6.92 6.05
N LEU E 234 12.21 7.96 6.70
CA LEU E 234 10.76 8.13 6.81
C LEU E 234 10.30 9.38 6.09
N ARG E 235 9.50 9.18 5.04
CA ARG E 235 8.96 10.27 4.23
C ARG E 235 7.70 10.85 4.88
N VAL E 236 7.69 12.16 5.13
CA VAL E 236 6.55 12.80 5.77
C VAL E 236 5.93 13.97 4.99
N PRO E 237 4.59 14.03 4.94
CA PRO E 237 3.73 15.01 4.27
C PRO E 237 4.07 16.48 4.40
N THR E 238 5.35 16.81 4.45
CA THR E 238 5.80 18.20 4.49
C THR E 238 6.49 18.39 3.15
N PRO E 239 6.46 19.60 2.59
CA PRO E 239 7.13 19.80 1.30
C PRO E 239 8.66 19.71 1.39
N ASN E 240 9.27 20.50 2.26
CA ASN E 240 10.71 20.52 2.40
C ASN E 240 11.21 20.35 3.84
N VAL E 241 12.53 20.38 4.00
CA VAL E 241 13.21 20.23 5.29
C VAL E 241 13.03 18.84 5.88
N SER E 242 14.05 18.36 6.57
CA SER E 242 13.98 17.03 7.18
C SER E 242 14.78 17.00 8.47
N VAL E 243 15.03 15.80 8.98
CA VAL E 243 15.78 15.64 10.20
C VAL E 243 16.37 14.24 10.23
N VAL E 244 17.29 13.99 11.16
CA VAL E 244 17.92 12.68 11.29
C VAL E 244 18.16 12.30 12.75
N ASP E 245 17.99 11.01 13.02
CA ASP E 245 18.15 10.44 14.36
C ASP E 245 19.11 9.25 14.35
N LEU E 246 20.37 9.51 14.70
CA LEU E 246 21.40 8.47 14.75
C LEU E 246 21.62 7.97 16.17
N VAL E 247 21.83 6.66 16.30
CA VAL E 247 22.07 6.01 17.59
C VAL E 247 23.34 5.17 17.49
N VAL E 248 24.48 5.77 17.81
CA VAL E 248 25.75 5.05 17.74
C VAL E 248 26.14 4.55 19.13
N GLN E 249 27.01 3.54 19.15
CA GLN E 249 27.47 2.94 20.40
C GLN E 249 28.90 3.37 20.68
N VAL E 250 29.08 4.61 21.12
CA VAL E 250 30.43 5.10 21.41
C VAL E 250 31.09 4.23 22.47
N SER E 251 32.42 4.23 22.51
CA SER E 251 33.17 3.44 23.49
C SER E 251 33.68 4.37 24.59
N LYS E 252 33.56 5.67 24.35
CA LYS E 252 33.98 6.68 25.31
C LYS E 252 32.75 7.14 26.09
N LYS E 253 32.76 6.90 27.40
CA LYS E 253 31.64 7.30 28.25
C LYS E 253 31.47 8.81 28.31
N THR E 254 30.23 9.26 28.09
CA THR E 254 29.93 10.70 28.11
C THR E 254 28.52 11.01 28.60
N PHE E 255 28.37 12.19 29.18
CA PHE E 255 27.09 12.65 29.67
C PHE E 255 26.49 13.51 28.56
N ALA E 256 25.28 13.13 28.12
CA ALA E 256 24.56 13.82 27.05
C ALA E 256 24.95 15.28 26.80
N GLU E 257 25.18 16.06 27.85
CA GLU E 257 25.55 17.46 27.69
C GLU E 257 26.96 17.61 27.12
N GLU E 258 27.76 16.56 27.23
CA GLU E 258 29.15 16.57 26.75
C GLU E 258 29.22 16.42 25.23
N VAL E 259 28.16 15.86 24.65
CA VAL E 259 28.09 15.67 23.21
C VAL E 259 27.64 16.98 22.53
N ASN E 260 26.57 17.57 23.04
CA ASN E 260 26.07 18.83 22.48
C ASN E 260 27.13 19.92 22.59
N ALA E 261 27.76 20.00 23.76
CA ALA E 261 28.81 20.97 24.00
C ALA E 261 30.01 20.66 23.10
N ALA E 262 30.05 19.41 22.63
CA ALA E 262 31.13 18.93 21.75
C ALA E 262 30.84 19.27 20.28
N PHE E 263 29.66 19.84 20.02
CA PHE E 263 29.25 20.23 18.66
C PHE E 263 29.31 21.75 18.46
N ARG E 264 29.42 22.50 19.55
CA ARG E 264 29.48 23.96 19.45
C ARG E 264 30.85 24.47 19.02
N ASP E 265 31.90 23.68 19.28
CA ASP E 265 33.25 24.06 18.89
C ASP E 265 33.49 23.64 17.44
N SER E 266 32.77 22.61 16.99
CA SER E 266 32.89 22.14 15.61
C SER E 266 32.35 23.27 14.74
N ALA E 267 31.16 23.73 15.13
CA ALA E 267 30.45 24.79 14.43
C ALA E 267 31.16 26.13 14.38
N GLU E 268 32.01 26.41 15.36
CA GLU E 268 32.74 27.67 15.36
C GLU E 268 34.10 27.56 14.68
N LYS E 269 34.65 26.35 14.67
CA LYS E 269 35.95 26.09 14.06
C LYS E 269 35.88 25.41 12.69
N GLU E 270 36.40 24.20 12.61
CA GLU E 270 36.46 23.41 11.37
C GLU E 270 35.15 23.23 10.59
N LEU E 271 34.06 22.92 11.30
CA LEU E 271 32.77 22.72 10.64
C LEU E 271 31.92 23.99 10.58
N LYS E 272 32.52 25.14 10.90
CA LYS E 272 31.80 26.40 10.85
C LYS E 272 31.13 26.60 9.50
N GLY E 273 29.84 26.91 9.52
CA GLY E 273 29.11 27.12 8.28
C GLY E 273 28.69 25.84 7.61
N ILE E 274 29.05 24.70 8.21
CA ILE E 274 28.71 23.38 7.67
C ILE E 274 28.03 22.48 8.73
N LEU E 275 27.84 23.05 9.92
CA LEU E 275 27.19 22.37 11.05
C LEU E 275 26.87 23.44 12.10
N ASP E 276 25.61 23.55 12.49
CA ASP E 276 25.20 24.52 13.50
C ASP E 276 24.54 23.76 14.65
N VAL E 277 24.53 24.38 15.83
CA VAL E 277 23.90 23.75 16.99
C VAL E 277 22.68 24.58 17.39
N CYS E 278 21.54 23.91 17.52
CA CYS E 278 20.28 24.57 17.85
C CYS E 278 19.62 24.20 19.19
N ASP E 279 19.86 25.01 20.22
CA ASP E 279 19.27 24.78 21.53
C ASP E 279 17.90 25.46 21.61
N GLU E 280 17.39 25.84 20.45
CA GLU E 280 16.09 26.50 20.34
C GLU E 280 14.94 25.50 20.11
N PRO E 281 13.81 25.69 20.80
CA PRO E 281 12.62 24.83 20.69
C PRO E 281 11.82 25.16 19.42
N LEU E 282 12.11 24.45 18.33
CA LEU E 282 11.46 24.74 17.07
C LEU E 282 10.99 23.52 16.28
N VAL E 283 10.38 23.81 15.12
CA VAL E 283 9.87 22.76 14.25
C VAL E 283 10.72 22.59 13.00
N SER E 284 10.10 22.20 11.89
CA SER E 284 10.82 22.00 10.65
C SER E 284 10.68 23.19 9.70
N VAL E 285 9.59 23.93 9.81
CA VAL E 285 9.40 25.09 8.94
C VAL E 285 10.39 26.16 9.36
N ASP E 286 11.04 25.94 10.50
CA ASP E 286 12.01 26.89 11.05
C ASP E 286 13.43 26.68 10.50
N PHE E 287 13.65 25.54 9.85
CA PHE E 287 14.96 25.23 9.28
C PHE E 287 14.96 25.40 7.77
N ARG E 288 14.01 26.16 7.26
CA ARG E 288 13.92 26.43 5.83
C ARG E 288 14.78 27.67 5.60
N CYS E 289 15.65 27.60 4.60
CA CYS E 289 16.57 28.68 4.26
C CYS E 289 17.82 28.50 5.13
N SER E 290 18.13 27.24 5.44
CA SER E 290 19.28 26.92 6.29
C SER E 290 20.53 26.57 5.48
N ASP E 291 21.54 27.42 5.61
CA ASP E 291 22.81 27.25 4.91
C ASP E 291 23.62 26.11 5.52
N PHE E 292 23.25 25.72 6.73
CA PHE E 292 23.94 24.64 7.40
C PHE E 292 23.47 23.28 6.90
N SER E 293 24.42 22.44 6.52
CA SER E 293 24.15 21.10 6.00
C SER E 293 23.66 20.19 7.13
N THR E 294 23.73 20.69 8.36
CA THR E 294 23.30 19.94 9.52
C THR E 294 23.15 20.84 10.76
N THR E 295 21.97 20.77 11.38
CA THR E 295 21.66 21.55 12.58
C THR E 295 21.21 20.63 13.73
N ILE E 296 22.12 20.43 14.68
CA ILE E 296 21.91 19.59 15.85
C ILE E 296 20.98 20.25 16.86
N ASP E 297 19.90 19.55 17.23
CA ASP E 297 18.97 20.08 18.21
C ASP E 297 19.49 19.65 19.59
N SER E 298 20.30 20.51 20.21
CA SER E 298 20.90 20.21 21.51
C SER E 298 19.90 19.75 22.57
N SER E 299 18.93 20.61 22.86
CA SER E 299 17.92 20.29 23.88
C SER E 299 17.34 18.90 23.74
N LEU E 300 17.44 18.31 22.54
CA LEU E 300 16.89 16.98 22.32
C LEU E 300 17.90 15.84 22.51
N THR E 301 19.15 16.06 22.14
CA THR E 301 20.18 15.03 22.25
C THR E 301 20.44 14.56 23.68
N MET E 302 20.58 13.23 23.81
CA MET E 302 20.80 12.57 25.10
C MET E 302 21.76 11.39 24.98
N VAL E 303 22.03 10.72 26.10
CA VAL E 303 22.91 9.55 26.10
C VAL E 303 22.53 8.53 27.17
N MET E 304 22.23 7.32 26.72
CA MET E 304 21.83 6.21 27.60
C MET E 304 23.01 5.28 27.92
N GLY E 305 23.14 4.94 29.19
CA GLY E 305 24.21 4.06 29.62
C GLY E 305 25.62 4.57 29.35
N ASP E 306 25.78 5.88 29.31
CA ASP E 306 27.09 6.50 29.06
C ASP E 306 27.62 6.28 27.63
N ASP E 307 27.28 5.14 27.04
CA ASP E 307 27.76 4.84 25.69
C ASP E 307 26.75 4.77 24.54
N MET E 308 25.48 5.09 24.79
CA MET E 308 24.49 5.07 23.72
C MET E 308 23.99 6.51 23.50
N VAL E 309 24.43 7.10 22.40
CA VAL E 309 24.07 8.49 22.07
C VAL E 309 23.04 8.66 20.94
N LYS E 310 22.10 9.57 21.19
CA LYS E 310 21.05 9.90 20.23
C LYS E 310 21.33 11.31 19.71
N VAL E 311 21.29 11.45 18.39
CA VAL E 311 21.56 12.72 17.76
C VAL E 311 20.48 13.14 16.79
N ILE E 312 19.79 14.24 17.14
CA ILE E 312 18.73 14.77 16.31
C ILE E 312 19.27 15.94 15.49
N ALA E 313 19.41 15.71 14.19
CA ALA E 313 19.96 16.70 13.28
C ALA E 313 19.04 17.11 12.15
N TRP E 314 19.07 18.42 11.86
CA TRP E 314 18.26 19.02 10.81
C TRP E 314 19.07 19.42 9.56
N TYR E 315 18.36 19.51 8.44
CA TYR E 315 18.99 19.89 7.18
C TYR E 315 17.96 20.21 6.13
N ASP E 316 18.15 21.34 5.47
CA ASP E 316 17.24 21.78 4.41
C ASP E 316 17.54 20.89 3.20
N ASN E 317 17.25 19.60 3.36
CA ASN E 317 17.49 18.57 2.34
C ASN E 317 17.46 19.00 0.88
N GLU E 318 16.63 19.99 0.57
CA GLU E 318 16.50 20.51 -0.79
C GLU E 318 17.39 21.74 -1.03
N TRP E 319 17.21 22.78 -0.21
CA TRP E 319 17.99 24.01 -0.36
C TRP E 319 19.43 23.95 0.18
N GLY E 320 19.62 23.35 1.35
CA GLY E 320 20.95 23.24 1.93
C GLY E 320 21.87 22.43 1.05
N TYR E 321 21.41 21.24 0.66
CA TYR E 321 22.21 20.36 -0.19
C TYR E 321 22.66 21.13 -1.43
N SER E 322 21.78 21.96 -1.96
CA SER E 322 22.11 22.74 -3.14
C SER E 322 23.14 23.84 -2.80
N GLN E 323 23.23 24.21 -1.52
CA GLN E 323 24.22 25.20 -1.14
C GLN E 323 25.57 24.50 -1.07
N ARG E 324 25.53 23.19 -0.83
CA ARG E 324 26.73 22.35 -0.76
C ARG E 324 27.25 22.00 -2.15
N VAL E 325 26.34 21.84 -3.10
CA VAL E 325 26.73 21.52 -4.46
C VAL E 325 27.42 22.74 -5.09
N VAL E 326 27.16 23.93 -4.53
CA VAL E 326 27.80 25.15 -5.06
C VAL E 326 29.24 25.27 -4.53
N ASP E 327 29.46 24.78 -3.30
CA ASP E 327 30.79 24.79 -2.69
C ASP E 327 31.69 23.80 -3.42
N LEU E 328 31.15 22.62 -3.69
CA LEU E 328 31.86 21.56 -4.38
C LEU E 328 32.23 21.98 -5.81
N ALA E 329 31.34 22.76 -6.43
CA ALA E 329 31.59 23.24 -7.78
C ALA E 329 32.63 24.35 -7.72
N ASP E 330 32.85 24.89 -6.53
CA ASP E 330 33.85 25.94 -6.35
C ASP E 330 35.23 25.32 -6.13
N ILE E 331 35.27 24.12 -5.54
CA ILE E 331 36.55 23.43 -5.29
C ILE E 331 37.15 23.07 -6.63
N VAL E 332 36.33 22.41 -7.44
CA VAL E 332 36.73 22.01 -8.78
C VAL E 332 37.43 23.19 -9.44
N ALA E 333 36.75 24.33 -9.43
CA ALA E 333 37.28 25.55 -10.02
C ALA E 333 38.58 25.98 -9.33
N ASN E 334 38.59 25.93 -8.00
CA ASN E 334 39.76 26.35 -7.23
C ASN E 334 40.96 25.40 -7.41
N ASN E 335 40.68 24.15 -7.76
CA ASN E 335 41.73 23.17 -8.00
C ASN E 335 41.81 22.90 -9.49
N TRP E 336 41.15 23.75 -10.26
CA TRP E 336 41.11 23.63 -11.71
C TRP E 336 42.21 24.46 -12.36
N LYS F 2 4.03 59.40 17.81
CA LYS F 2 2.75 60.14 17.67
C LYS F 2 1.64 59.45 18.47
N LEU F 3 1.20 58.27 18.02
CA LEU F 3 0.15 57.52 18.70
C LEU F 3 0.60 56.14 19.19
N LYS F 4 0.30 55.86 20.45
CA LYS F 4 0.66 54.59 21.08
C LYS F 4 -0.42 53.56 20.83
N VAL F 5 0.00 52.39 20.35
CA VAL F 5 -0.92 51.30 20.05
C VAL F 5 -0.77 50.15 21.04
N ALA F 6 -1.86 49.44 21.29
CA ALA F 6 -1.85 48.31 22.22
C ALA F 6 -2.69 47.19 21.61
N ILE F 7 -2.03 46.10 21.24
CA ILE F 7 -2.70 44.97 20.63
C ILE F 7 -3.26 43.98 21.66
N ASN F 8 -4.57 43.73 21.60
CA ASN F 8 -5.22 42.78 22.50
C ASN F 8 -5.80 41.60 21.71
N GLY F 9 -4.97 40.59 21.50
CA GLY F 9 -5.36 39.42 20.74
C GLY F 9 -4.19 39.05 19.85
N PHE F 10 -3.04 38.86 20.48
CA PHE F 10 -1.78 38.53 19.81
C PHE F 10 -1.77 37.19 19.10
N GLY F 11 -2.89 36.84 18.47
CA GLY F 11 -2.96 35.57 17.76
C GLY F 11 -2.34 35.65 16.38
N ARG F 12 -3.10 35.27 15.36
CA ARG F 12 -2.60 35.33 13.99
C ARG F 12 -2.68 36.76 13.50
N ILE F 13 -3.90 37.28 13.38
CA ILE F 13 -4.10 38.66 12.91
C ILE F 13 -3.24 39.56 13.79
N GLY F 14 -3.09 39.18 15.05
CA GLY F 14 -2.29 39.95 15.97
C GLY F 14 -0.84 40.00 15.52
N ARG F 15 -0.11 38.90 15.74
CA ARG F 15 1.31 38.82 15.36
C ARG F 15 1.63 39.21 13.90
N ASN F 16 0.62 39.15 13.03
CA ASN F 16 0.79 39.49 11.61
C ASN F 16 0.80 41.02 11.50
N PHE F 17 -0.14 41.64 12.18
CA PHE F 17 -0.27 43.10 12.21
C PHE F 17 1.07 43.77 12.58
N LEU F 18 1.73 43.19 13.58
CA LEU F 18 3.01 43.66 14.12
C LEU F 18 4.18 43.57 13.14
N ARG F 19 4.30 42.45 12.43
CA ARG F 19 5.38 42.31 11.47
C ARG F 19 5.10 43.21 10.27
N CYS F 20 3.83 43.59 10.12
CA CYS F 20 3.41 44.48 9.03
C CYS F 20 3.90 45.90 9.32
N TRP F 21 3.30 46.51 10.35
CA TRP F 21 3.64 47.86 10.77
C TRP F 21 5.14 48.04 11.02
N HIS F 22 5.81 46.97 11.43
CA HIS F 22 7.25 46.99 11.71
C HIS F 22 8.06 47.37 10.46
N GLY F 23 7.68 46.79 9.32
CA GLY F 23 8.37 47.06 8.07
C GLY F 23 7.87 48.31 7.35
N ARG F 24 7.02 49.07 8.03
CA ARG F 24 6.49 50.30 7.47
C ARG F 24 7.55 51.40 7.47
N LYS F 25 7.37 52.40 6.60
CA LYS F 25 8.31 53.50 6.51
C LYS F 25 7.81 54.66 7.39
N ASP F 26 7.98 54.48 8.70
CA ASP F 26 7.57 55.46 9.69
C ASP F 26 6.07 55.75 9.64
N SER F 27 5.30 54.94 10.35
CA SER F 27 3.85 55.12 10.40
C SER F 27 3.46 55.88 11.66
N PRO F 28 2.36 56.65 11.60
CA PRO F 28 1.85 57.44 12.73
C PRO F 28 1.43 56.60 13.95
N LEU F 29 1.99 55.41 14.07
CA LEU F 29 1.68 54.50 15.17
C LEU F 29 2.94 54.14 15.96
N ASP F 30 2.74 53.54 17.13
CA ASP F 30 3.84 53.13 17.99
C ASP F 30 3.37 52.08 19.01
N ILE F 31 3.61 50.80 18.69
CA ILE F 31 3.22 49.72 19.57
C ILE F 31 3.99 49.77 20.88
N ILE F 32 3.27 49.67 22.00
CA ILE F 32 3.89 49.74 23.30
C ILE F 32 3.50 48.60 24.23
N ALA F 33 2.34 47.99 23.98
CA ALA F 33 1.88 46.90 24.84
C ALA F 33 1.24 45.77 24.06
N ILE F 34 1.24 44.59 24.68
CA ILE F 34 0.67 43.38 24.10
C ILE F 34 -0.08 42.62 25.19
N ASN F 35 -1.34 42.29 24.92
CA ASN F 35 -2.14 41.55 25.89
C ASN F 35 -2.93 40.40 25.26
N ASP F 36 -2.58 39.18 25.63
CA ASP F 36 -3.30 38.02 25.12
C ASP F 36 -3.71 37.18 26.32
N THR F 37 -2.98 36.10 26.54
CA THR F 37 -3.23 35.20 27.65
C THR F 37 -1.91 34.49 27.91
N GLY F 38 -1.08 34.47 26.86
CA GLY F 38 0.22 33.83 26.95
C GLY F 38 1.16 34.56 27.88
N GLY F 39 1.75 35.64 27.41
CA GLY F 39 2.67 36.40 28.23
C GLY F 39 4.12 36.23 27.81
N VAL F 40 4.89 37.29 27.96
CA VAL F 40 6.31 37.32 27.62
C VAL F 40 6.80 36.18 26.74
N LYS F 41 7.18 35.07 27.36
CA LYS F 41 7.69 33.91 26.63
C LYS F 41 6.96 33.61 25.33
N GLN F 42 5.63 33.44 25.41
CA GLN F 42 4.84 33.14 24.23
C GLN F 42 4.99 34.19 23.13
N ALA F 43 4.63 35.44 23.44
CA ALA F 43 4.75 36.51 22.46
C ALA F 43 6.09 36.44 21.74
N SER F 44 7.16 36.33 22.51
CA SER F 44 8.53 36.27 21.99
C SER F 44 8.80 35.10 21.03
N HIS F 45 8.53 33.87 21.47
CA HIS F 45 8.77 32.69 20.62
C HIS F 45 7.80 32.64 19.44
N LEU F 46 6.66 33.31 19.56
CA LEU F 46 5.67 33.32 18.49
C LEU F 46 5.92 34.41 17.45
N LEU F 47 6.46 35.55 17.88
CA LEU F 47 6.75 36.62 16.94
C LEU F 47 8.09 36.40 16.23
N LYS F 48 8.92 35.52 16.79
CA LYS F 48 10.24 35.22 16.22
C LYS F 48 10.19 34.18 15.11
N TYR F 49 9.40 33.13 15.31
CA TYR F 49 9.28 32.08 14.32
C TYR F 49 7.82 32.02 13.87
N ASP F 50 7.57 31.62 12.63
CA ASP F 50 6.20 31.58 12.13
C ASP F 50 6.00 30.63 10.95
N SER F 51 4.81 30.07 10.85
CA SER F 51 4.45 29.16 9.76
C SER F 51 3.52 29.91 8.79
N THR F 52 4.10 30.82 8.01
CA THR F 52 3.36 31.63 7.06
C THR F 52 4.29 32.74 6.57
N LEU F 53 4.92 33.40 7.54
CA LEU F 53 5.84 34.50 7.28
C LEU F 53 7.27 34.02 7.47
N GLY F 54 7.43 32.75 7.81
CA GLY F 54 8.75 32.19 8.04
C GLY F 54 9.34 32.89 9.25
N ILE F 55 10.66 32.96 9.32
CA ILE F 55 11.33 33.61 10.45
C ILE F 55 11.15 35.13 10.33
N PHE F 56 11.31 35.84 11.45
CA PHE F 56 11.20 37.29 11.45
C PHE F 56 12.59 37.90 11.58
N ASP F 57 12.94 38.76 10.63
CA ASP F 57 14.24 39.41 10.60
C ASP F 57 14.30 40.59 11.57
N ALA F 58 14.10 40.28 12.85
CA ALA F 58 14.13 41.31 13.90
C ALA F 58 14.69 40.73 15.21
N ASP F 59 15.38 41.57 15.97
CA ASP F 59 15.98 41.17 17.25
C ASP F 59 14.89 40.92 18.29
N VAL F 60 14.20 39.78 18.17
CA VAL F 60 13.12 39.41 19.09
C VAL F 60 13.61 38.76 20.38
N LYS F 61 13.17 39.28 21.52
CA LYS F 61 13.56 38.75 22.82
C LYS F 61 12.86 39.42 24.00
N PRO F 62 12.53 38.63 25.03
CA PRO F 62 11.85 39.07 26.26
C PRO F 62 12.65 39.99 27.17
N SER F 63 12.14 41.21 27.36
CA SER F 63 12.80 42.20 28.20
C SER F 63 12.15 42.28 29.58
N GLY F 64 12.60 41.44 30.49
CA GLY F 64 12.03 41.44 31.83
C GLY F 64 11.00 40.35 32.05
N GLU F 65 10.18 40.52 33.10
CA GLU F 65 9.15 39.55 33.43
C GLU F 65 7.78 39.88 32.84
N THR F 66 7.72 40.99 32.11
CA THR F 66 6.48 41.41 31.48
C THR F 66 6.77 42.38 30.32
N ALA F 67 7.50 41.88 29.33
CA ALA F 67 7.87 42.67 28.15
C ALA F 67 8.88 41.92 27.28
N ILE F 68 9.10 42.44 26.08
CA ILE F 68 10.04 41.86 25.14
C ILE F 68 10.62 43.00 24.34
N SER F 69 11.34 42.68 23.28
CA SER F 69 11.90 43.72 22.42
C SER F 69 11.88 43.19 21.00
N VAL F 70 12.05 44.10 20.06
CA VAL F 70 12.08 43.78 18.64
C VAL F 70 12.93 44.84 17.96
N ASP F 71 14.24 44.61 17.93
CA ASP F 71 15.18 45.55 17.33
C ASP F 71 15.37 46.72 18.28
N GLY F 72 15.49 46.41 19.57
CA GLY F 72 15.67 47.44 20.57
C GLY F 72 14.36 47.95 21.17
N LYS F 73 13.49 48.49 20.32
CA LYS F 73 12.20 49.01 20.76
C LYS F 73 11.42 47.98 21.56
N ILE F 74 11.58 48.03 22.89
CA ILE F 74 10.92 47.10 23.78
C ILE F 74 9.40 47.25 23.72
N ILE F 75 8.69 46.16 23.98
CA ILE F 75 7.23 46.17 23.92
C ILE F 75 6.57 45.45 25.10
N GLN F 76 6.06 46.24 26.05
CA GLN F 76 5.39 45.72 27.24
C GLN F 76 4.49 44.54 26.93
N VAL F 77 4.47 43.56 27.82
CA VAL F 77 3.61 42.38 27.65
C VAL F 77 2.76 42.15 28.89
N VAL F 78 1.46 42.44 28.75
CA VAL F 78 0.51 42.29 29.84
C VAL F 78 -0.37 41.07 29.58
N SER F 79 -0.97 40.54 30.64
CA SER F 79 -1.84 39.37 30.51
C SER F 79 -3.10 39.58 31.38
N ASN F 80 -4.23 39.06 30.90
CA ASN F 80 -5.53 39.17 31.60
C ASN F 80 -6.65 39.04 30.56
N ARG F 81 -7.65 38.21 30.84
CA ARG F 81 -8.74 38.00 29.91
C ARG F 81 -9.80 39.12 29.93
N ASN F 82 -9.59 40.10 30.79
CA ASN F 82 -10.54 41.21 30.89
C ASN F 82 -9.88 42.53 30.48
N PRO F 83 -10.28 43.08 29.31
CA PRO F 83 -9.72 44.35 28.81
C PRO F 83 -9.94 45.48 29.80
N SER F 84 -10.97 45.33 30.64
CA SER F 84 -11.29 46.34 31.63
C SER F 84 -10.12 46.54 32.58
N LEU F 85 -9.63 45.43 33.14
CA LEU F 85 -8.50 45.46 34.08
C LEU F 85 -7.15 45.77 33.44
N LEU F 86 -7.16 46.38 32.26
CA LEU F 86 -5.91 46.69 31.58
C LEU F 86 -5.42 48.13 31.75
N PRO F 87 -4.10 48.30 31.93
CA PRO F 87 -3.40 49.58 32.12
C PRO F 87 -3.33 50.42 30.86
N TRP F 88 -4.45 50.53 30.15
CA TRP F 88 -4.49 51.32 28.94
C TRP F 88 -4.36 52.80 29.32
N LYS F 89 -4.53 53.10 30.60
CA LYS F 89 -4.40 54.47 31.08
C LYS F 89 -3.01 54.74 31.64
N GLU F 90 -2.40 53.72 32.24
CA GLU F 90 -1.05 53.85 32.82
C GLU F 90 0.03 53.63 31.76
N LEU F 91 -0.38 53.50 30.50
CA LEU F 91 0.53 53.31 29.39
C LEU F 91 0.19 54.33 28.32
N GLY F 92 -0.87 55.07 28.57
CA GLY F 92 -1.32 56.10 27.64
C GLY F 92 -1.75 55.60 26.28
N ILE F 93 -2.27 54.38 26.23
CA ILE F 93 -2.73 53.77 24.98
C ILE F 93 -3.91 54.50 24.35
N ASP F 94 -3.78 54.84 23.08
CA ASP F 94 -4.83 55.55 22.35
C ASP F 94 -5.72 54.60 21.57
N ILE F 95 -5.11 53.85 20.66
CA ILE F 95 -5.82 52.91 19.81
C ILE F 95 -5.43 51.46 20.11
N VAL F 96 -6.42 50.64 20.48
CA VAL F 96 -6.18 49.23 20.78
C VAL F 96 -6.67 48.33 19.65
N ILE F 97 -5.79 47.47 19.16
CA ILE F 97 -6.12 46.55 18.09
C ILE F 97 -6.80 45.34 18.70
N GLU F 98 -8.13 45.34 18.70
CA GLU F 98 -8.90 44.24 19.26
C GLU F 98 -8.92 43.03 18.31
N GLY F 99 -7.99 42.11 18.52
CA GLY F 99 -7.90 40.95 17.66
C GLY F 99 -8.08 39.59 18.30
N THR F 100 -8.80 39.54 19.43
CA THR F 100 -9.05 38.27 20.11
C THR F 100 -10.28 37.62 19.46
N GLY F 101 -10.99 38.41 18.67
CA GLY F 101 -12.17 37.92 18.00
C GLY F 101 -13.27 37.55 18.97
N VAL F 102 -13.13 37.95 20.23
CA VAL F 102 -14.13 37.64 21.25
C VAL F 102 -14.91 38.89 21.67
N PHE F 103 -14.25 40.05 21.58
CA PHE F 103 -14.88 41.32 21.93
C PHE F 103 -15.16 42.05 20.63
N VAL F 104 -16.39 41.86 20.12
CA VAL F 104 -16.80 42.45 18.85
C VAL F 104 -17.85 43.57 18.89
N ASP F 105 -18.53 43.74 20.02
CA ASP F 105 -19.55 44.79 20.14
C ASP F 105 -19.09 45.91 21.06
N ARG F 106 -19.91 46.95 21.17
CA ARG F 106 -19.59 48.07 22.03
C ARG F 106 -19.46 47.55 23.45
N GLU F 107 -20.33 46.61 23.79
CA GLU F 107 -20.31 45.99 25.10
C GLU F 107 -18.89 45.54 25.44
N GLY F 108 -18.45 44.45 24.80
CA GLY F 108 -17.13 43.91 25.05
C GLY F 108 -15.93 44.75 24.64
N ALA F 109 -15.92 45.23 23.41
CA ALA F 109 -14.82 46.06 22.90
C ALA F 109 -14.72 47.38 23.67
N GLY F 110 -15.81 47.78 24.31
CA GLY F 110 -15.84 49.01 25.07
C GLY F 110 -15.06 48.89 26.37
N LYS F 111 -14.76 47.65 26.75
CA LYS F 111 -13.99 47.42 27.97
C LYS F 111 -12.65 48.13 27.89
N HIS F 112 -12.16 48.36 26.67
CA HIS F 112 -10.88 49.04 26.47
C HIS F 112 -10.96 50.51 26.88
N ILE F 113 -12.01 51.20 26.42
CA ILE F 113 -12.20 52.62 26.73
C ILE F 113 -12.42 52.81 28.22
N GLU F 114 -13.03 51.83 28.88
CA GLU F 114 -13.23 51.90 30.32
C GLU F 114 -12.04 51.19 30.95
N ALA F 115 -10.90 51.31 30.27
CA ALA F 115 -9.64 50.71 30.70
C ALA F 115 -8.53 51.75 30.60
N GLY F 116 -8.77 52.80 29.82
CA GLY F 116 -7.79 53.87 29.67
C GLY F 116 -7.38 54.26 28.27
N ALA F 117 -7.83 53.49 27.28
CA ALA F 117 -7.49 53.75 25.88
C ALA F 117 -8.53 54.65 25.23
N LYS F 118 -8.25 55.07 24.00
CA LYS F 118 -9.15 55.93 23.26
C LYS F 118 -9.94 55.18 22.19
N LYS F 119 -9.25 54.69 21.17
CA LYS F 119 -9.91 53.95 20.10
C LYS F 119 -9.70 52.44 20.20
N VAL F 120 -10.60 51.69 19.59
CA VAL F 120 -10.51 50.23 19.56
C VAL F 120 -10.87 49.79 18.14
N ILE F 121 -10.09 48.88 17.58
CA ILE F 121 -10.35 48.41 16.23
C ILE F 121 -10.47 46.89 16.15
N ILE F 122 -11.71 46.42 16.07
CA ILE F 122 -12.02 45.01 15.97
C ILE F 122 -11.56 44.50 14.60
N THR F 123 -10.76 43.45 14.58
CA THR F 123 -10.28 42.91 13.31
C THR F 123 -11.29 41.90 12.77
N ALA F 124 -12.56 42.31 12.69
CA ALA F 124 -13.61 41.44 12.18
C ALA F 124 -14.95 42.14 12.29
N PRO F 125 -15.95 41.70 11.50
CA PRO F 125 -17.28 42.29 11.53
C PRO F 125 -17.76 42.63 12.94
N GLY F 126 -18.31 43.85 13.08
CA GLY F 126 -18.81 44.31 14.35
C GLY F 126 -20.21 43.81 14.68
N LYS F 127 -20.44 43.54 15.96
CA LYS F 127 -21.74 43.05 16.43
C LYS F 127 -22.75 44.18 16.58
N GLY F 128 -23.39 44.54 15.47
CA GLY F 128 -24.39 45.59 15.49
C GLY F 128 -24.10 46.90 14.80
N ASP F 129 -24.26 47.98 15.56
CA ASP F 129 -24.06 49.34 15.05
C ASP F 129 -22.62 49.86 15.00
N ILE F 130 -21.65 49.06 15.44
CA ILE F 130 -20.25 49.51 15.41
C ILE F 130 -19.88 49.83 13.96
N PRO F 131 -19.34 51.03 13.72
CA PRO F 131 -18.93 51.51 12.38
C PRO F 131 -18.01 50.55 11.61
N THR F 132 -18.55 49.93 10.58
CA THR F 132 -17.78 48.99 9.77
C THR F 132 -17.32 49.66 8.47
N TYR F 133 -16.08 49.37 8.07
CA TYR F 133 -15.50 49.94 6.85
C TYR F 133 -14.53 48.97 6.18
N VAL F 134 -13.82 49.50 5.19
CA VAL F 134 -12.82 48.75 4.41
C VAL F 134 -11.90 49.78 3.77
N VAL F 135 -10.61 49.69 4.06
CA VAL F 135 -9.64 50.63 3.50
C VAL F 135 -9.71 50.62 1.97
N GLY F 136 -10.48 51.57 1.43
CA GLY F 136 -10.63 51.68 0.00
C GLY F 136 -12.06 52.00 -0.43
N VAL F 137 -13.02 51.64 0.40
CA VAL F 137 -14.41 51.90 0.08
C VAL F 137 -14.95 53.06 0.90
N ASN F 138 -15.91 52.80 1.79
CA ASN F 138 -16.46 53.85 2.63
C ASN F 138 -15.50 54.18 3.76
N ALA F 139 -14.20 54.08 3.47
CA ALA F 139 -13.17 54.35 4.48
C ALA F 139 -12.94 55.84 4.69
N ASP F 140 -13.62 56.66 3.88
CA ASP F 140 -13.50 58.11 3.98
C ASP F 140 -14.50 58.70 4.99
N ALA F 141 -15.27 57.83 5.63
CA ALA F 141 -16.27 58.25 6.61
C ALA F 141 -15.78 58.21 8.06
N TYR F 142 -14.66 58.88 8.31
CA TYR F 142 -14.07 58.94 9.65
C TYR F 142 -13.78 60.41 10.04
N SER F 143 -13.93 60.76 11.31
CA SER F 143 -13.67 62.13 11.75
C SER F 143 -13.39 62.29 13.25
N HIS F 144 -13.09 61.18 13.91
CA HIS F 144 -12.79 61.16 15.34
C HIS F 144 -14.03 61.25 16.23
N ASP F 145 -15.01 60.38 15.96
CA ASP F 145 -16.25 60.33 16.74
C ASP F 145 -16.56 58.91 17.16
N GLU F 146 -16.07 57.95 16.38
CA GLU F 146 -16.31 56.54 16.65
C GLU F 146 -15.29 55.93 17.60
N PRO F 147 -15.71 55.63 18.84
CA PRO F 147 -14.84 55.04 19.87
C PRO F 147 -14.52 53.58 19.57
N ILE F 148 -15.32 52.97 18.70
CA ILE F 148 -15.12 51.57 18.31
C ILE F 148 -15.53 51.31 16.87
N ILE F 149 -14.67 50.59 16.15
CA ILE F 149 -14.94 50.26 14.76
C ILE F 149 -14.39 48.87 14.43
N SER F 150 -14.89 48.30 13.35
CA SER F 150 -14.47 46.97 12.92
C SER F 150 -14.05 47.02 11.45
N ASN F 151 -12.76 46.79 11.21
CA ASN F 151 -12.18 46.80 9.87
C ASN F 151 -12.87 45.77 8.95
N ALA F 152 -14.01 45.24 9.39
CA ALA F 152 -14.78 44.26 8.65
C ALA F 152 -14.08 42.89 8.58
N SER F 153 -14.54 42.03 7.68
CA SER F 153 -13.96 40.70 7.52
C SER F 153 -12.87 40.72 6.46
N CYS F 154 -12.05 39.68 6.44
CA CYS F 154 -11.00 39.59 5.45
C CYS F 154 -11.63 39.41 4.07
N THR F 155 -12.76 38.70 4.03
CA THR F 155 -13.49 38.41 2.79
C THR F 155 -14.33 39.59 2.30
N THR F 156 -14.38 40.66 3.08
CA THR F 156 -15.12 41.84 2.70
C THR F 156 -14.14 42.82 2.07
N ASN F 157 -12.88 42.70 2.45
CA ASN F 157 -11.81 43.56 1.95
C ASN F 157 -11.30 43.17 0.57
N CYS F 158 -11.70 41.97 0.12
CA CYS F 158 -11.29 41.49 -1.19
C CYS F 158 -12.49 41.54 -2.14
N LEU F 159 -13.68 41.42 -1.58
CA LEU F 159 -14.90 41.43 -2.37
C LEU F 159 -15.33 42.86 -2.64
N ALA F 160 -15.95 43.49 -1.65
CA ALA F 160 -16.45 44.87 -1.76
C ALA F 160 -15.65 45.79 -2.69
N PRO F 161 -14.32 45.85 -2.51
CA PRO F 161 -13.50 46.70 -3.37
C PRO F 161 -13.86 46.62 -4.86
N PHE F 162 -13.77 45.44 -5.46
CA PHE F 162 -14.09 45.32 -6.87
C PHE F 162 -15.58 45.11 -7.15
N VAL F 163 -16.37 44.97 -6.09
CA VAL F 163 -17.81 44.83 -6.23
C VAL F 163 -18.27 46.27 -6.39
N LYS F 164 -17.36 47.17 -6.06
CA LYS F 164 -17.57 48.61 -6.15
C LYS F 164 -17.42 48.94 -7.64
N VAL F 165 -16.29 48.51 -8.20
CA VAL F 165 -15.99 48.74 -9.61
C VAL F 165 -17.09 48.14 -10.48
N LEU F 166 -17.31 46.83 -10.37
CA LEU F 166 -18.34 46.15 -11.16
C LEU F 166 -19.68 46.87 -11.15
N ASP F 167 -20.08 47.36 -9.98
CA ASP F 167 -21.36 48.05 -9.83
C ASP F 167 -21.30 49.50 -10.28
N GLN F 168 -20.09 50.05 -10.35
CA GLN F 168 -19.87 51.44 -10.73
C GLN F 168 -19.78 51.58 -12.25
N LYS F 169 -18.98 50.72 -12.88
CA LYS F 169 -18.80 50.75 -14.33
C LYS F 169 -19.86 49.97 -15.10
N PHE F 170 -20.58 49.07 -14.43
CA PHE F 170 -21.60 48.27 -15.10
C PHE F 170 -22.94 48.24 -14.36
N GLY F 171 -22.92 48.49 -13.06
CA GLY F 171 -24.15 48.45 -12.28
C GLY F 171 -24.48 47.00 -12.02
N ILE F 172 -24.89 46.68 -10.80
CA ILE F 172 -25.22 45.30 -10.44
C ILE F 172 -26.69 45.08 -10.14
N ILE F 173 -27.25 44.03 -10.73
CA ILE F 173 -28.66 43.67 -10.56
C ILE F 173 -28.83 42.63 -9.47
N LYS F 174 -27.86 41.72 -9.36
CA LYS F 174 -27.86 40.65 -8.36
C LYS F 174 -26.62 39.78 -8.54
N GLY F 175 -26.20 39.11 -7.48
CA GLY F 175 -25.04 38.26 -7.57
C GLY F 175 -24.94 37.21 -6.49
N THR F 176 -24.23 36.14 -6.82
CA THR F 176 -24.01 35.03 -5.90
C THR F 176 -22.50 34.89 -5.74
N MET F 177 -22.03 34.60 -4.52
CA MET F 177 -20.59 34.51 -4.29
C MET F 177 -20.07 33.33 -3.46
N THR F 178 -19.07 32.64 -3.99
CA THR F 178 -18.45 31.50 -3.31
C THR F 178 -16.97 31.81 -3.14
N THR F 179 -16.52 31.90 -1.90
CA THR F 179 -15.12 32.19 -1.64
C THR F 179 -14.37 30.95 -1.15
N THR F 180 -13.60 30.33 -2.04
CA THR F 180 -12.83 29.16 -1.64
C THR F 180 -11.77 29.71 -0.71
N HIS F 181 -12.12 29.70 0.57
CA HIS F 181 -11.30 30.24 1.65
C HIS F 181 -10.43 29.20 2.35
N SER F 182 -9.26 29.63 2.84
CA SER F 182 -8.36 28.72 3.55
C SER F 182 -8.98 28.43 4.91
N TYR F 183 -8.32 27.58 5.70
CA TYR F 183 -8.85 27.27 7.01
C TYR F 183 -8.32 28.24 8.07
N THR F 184 -9.20 28.64 8.99
CA THR F 184 -8.82 29.55 10.05
C THR F 184 -8.77 28.79 11.39
N GLY F 185 -8.33 29.47 12.44
CA GLY F 185 -8.24 28.84 13.75
C GLY F 185 -9.59 28.45 14.35
N ASP F 186 -10.67 28.93 13.74
CA ASP F 186 -12.02 28.61 14.25
C ASP F 186 -12.42 27.18 13.95
N GLN F 187 -11.81 26.60 12.90
CA GLN F 187 -12.11 25.24 12.53
C GLN F 187 -11.31 24.31 13.42
N ARG F 188 -11.68 23.03 13.40
CA ARG F 188 -11.02 22.03 14.22
C ARG F 188 -9.93 21.28 13.45
N LEU F 189 -8.88 20.89 14.16
CA LEU F 189 -7.77 20.16 13.57
C LEU F 189 -8.17 18.72 13.23
N LEU F 190 -8.93 18.11 14.13
CA LEU F 190 -9.43 16.75 13.95
C LEU F 190 -10.84 16.76 14.48
N ASP F 191 -11.76 16.11 13.78
CA ASP F 191 -13.16 16.06 14.20
C ASP F 191 -13.36 16.21 15.70
N ALA F 192 -13.85 17.37 16.09
CA ALA F 192 -14.10 17.70 17.47
C ALA F 192 -15.40 18.49 17.50
N SER F 193 -15.99 18.63 18.68
CA SER F 193 -17.25 19.35 18.81
C SER F 193 -17.06 20.81 18.40
N HIS F 194 -18.13 21.38 17.86
CA HIS F 194 -18.13 22.75 17.40
C HIS F 194 -19.58 23.12 17.06
N ARG F 195 -19.99 24.34 17.42
CA ARG F 195 -21.36 24.78 17.13
C ARG F 195 -21.69 24.41 15.69
N ASP F 196 -20.82 24.78 14.76
CA ASP F 196 -21.04 24.45 13.35
C ASP F 196 -20.49 23.05 13.16
N LEU F 197 -21.35 22.13 12.73
CA LEU F 197 -20.98 20.75 12.51
C LEU F 197 -19.98 20.58 11.37
N ARG F 198 -20.04 21.48 10.40
CA ARG F 198 -19.10 21.40 9.28
C ARG F 198 -17.72 21.75 9.84
N ARG F 199 -17.59 22.95 10.42
CA ARG F 199 -16.31 23.40 10.96
C ARG F 199 -15.73 22.49 12.05
N ALA F 200 -16.44 21.42 12.38
CA ALA F 200 -15.98 20.49 13.40
C ALA F 200 -15.12 19.39 12.78
N ARG F 201 -15.16 19.29 11.45
CA ARG F 201 -14.39 18.27 10.76
C ARG F 201 -12.93 18.68 10.51
N ALA F 202 -12.05 17.69 10.39
CA ALA F 202 -10.63 17.92 10.15
C ALA F 202 -10.41 18.95 9.04
N ALA F 203 -9.88 20.10 9.43
CA ALA F 203 -9.62 21.22 8.51
C ALA F 203 -8.74 20.87 7.31
N ALA F 204 -7.65 20.17 7.60
CA ALA F 204 -6.71 19.80 6.56
C ALA F 204 -7.14 18.63 5.68
N LEU F 205 -8.14 17.87 6.11
CA LEU F 205 -8.57 16.72 5.34
C LEU F 205 -9.78 16.92 4.43
N ASN F 206 -10.51 18.03 4.58
CA ASN F 206 -11.71 18.22 3.77
C ASN F 206 -11.93 19.59 3.18
N ILE F 207 -12.93 19.64 2.31
CA ILE F 207 -13.39 20.87 1.69
C ILE F 207 -14.65 21.07 2.55
N VAL F 208 -14.56 21.95 3.55
CA VAL F 208 -15.67 22.20 4.48
C VAL F 208 -16.62 23.34 4.06
N PRO F 209 -17.84 23.00 3.59
CA PRO F 209 -18.76 24.07 3.20
C PRO F 209 -19.24 24.76 4.47
N THR F 210 -19.10 26.09 4.51
CA THR F 210 -19.51 26.86 5.68
C THR F 210 -20.11 28.20 5.25
N SER F 211 -20.69 28.91 6.21
CA SER F 211 -21.33 30.20 5.97
C SER F 211 -20.35 31.36 5.92
N THR F 212 -20.77 32.44 5.28
CA THR F 212 -19.94 33.64 5.17
C THR F 212 -20.79 34.90 5.28
N GLY F 213 -20.24 35.92 5.94
CA GLY F 213 -20.98 37.16 6.10
C GLY F 213 -20.60 38.19 5.05
N ALA F 214 -19.44 38.02 4.45
CA ALA F 214 -18.92 38.93 3.43
C ALA F 214 -19.98 39.44 2.44
N ALA F 215 -20.79 38.52 1.90
CA ALA F 215 -21.80 38.89 0.93
C ALA F 215 -22.75 39.97 1.43
N LYS F 216 -23.70 39.57 2.26
CA LYS F 216 -24.68 40.49 2.82
C LYS F 216 -24.00 41.67 3.50
N ALA F 217 -22.76 41.47 3.93
CA ALA F 217 -22.00 42.50 4.63
C ALA F 217 -21.36 43.56 3.73
N VAL F 218 -21.39 43.35 2.42
CA VAL F 218 -20.81 44.32 1.49
C VAL F 218 -21.71 45.54 1.31
N ALA F 219 -22.98 45.42 1.69
CA ALA F 219 -23.92 46.53 1.58
C ALA F 219 -23.70 47.54 2.70
N LEU F 220 -22.62 47.37 3.46
CA LEU F 220 -22.30 48.30 4.54
C LEU F 220 -21.29 49.31 4.04
N VAL F 221 -20.39 48.85 3.18
CA VAL F 221 -19.36 49.72 2.60
C VAL F 221 -19.82 50.21 1.21
N LEU F 222 -20.74 49.47 0.61
CA LEU F 222 -21.31 49.81 -0.69
C LEU F 222 -22.80 49.46 -0.67
N PRO F 223 -23.57 50.09 0.24
CA PRO F 223 -25.01 49.90 0.43
C PRO F 223 -25.88 49.79 -0.83
N ASN F 224 -25.34 50.25 -1.96
CA ASN F 224 -26.09 50.20 -3.22
C ASN F 224 -26.62 48.78 -3.42
N LEU F 225 -25.89 47.80 -2.89
CA LEU F 225 -26.30 46.41 -3.00
C LEU F 225 -27.49 46.18 -2.09
N LYS F 226 -28.68 46.27 -2.68
CA LYS F 226 -29.92 46.07 -1.94
C LYS F 226 -30.09 44.58 -1.67
N GLY F 227 -29.18 44.03 -0.86
CA GLY F 227 -29.24 42.61 -0.55
C GLY F 227 -29.21 41.81 -1.84
N LYS F 228 -28.49 42.33 -2.82
CA LYS F 228 -28.36 41.68 -4.12
C LYS F 228 -27.31 40.56 -4.07
N LEU F 229 -26.45 40.62 -3.05
CA LEU F 229 -25.39 39.64 -2.88
C LEU F 229 -25.56 38.69 -1.70
N ASN F 230 -25.24 37.43 -1.94
CA ASN F 230 -25.32 36.38 -0.94
C ASN F 230 -24.53 35.16 -1.39
N GLY F 231 -23.77 34.56 -0.46
CA GLY F 231 -22.97 33.39 -0.79
C GLY F 231 -22.52 32.50 0.35
N ILE F 232 -21.80 31.44 -0.01
CA ILE F 232 -21.27 30.48 0.95
C ILE F 232 -19.75 30.49 0.88
N ALA F 233 -19.13 29.77 1.80
CA ALA F 233 -17.67 29.69 1.83
C ALA F 233 -17.26 28.23 1.85
N LEU F 234 -16.10 27.94 1.26
CA LEU F 234 -15.59 26.57 1.23
C LEU F 234 -14.17 26.61 1.75
N ARG F 235 -13.99 26.25 3.01
CA ARG F 235 -12.66 26.24 3.62
C ARG F 235 -11.86 25.05 3.11
N VAL F 236 -10.81 25.33 2.33
CA VAL F 236 -9.97 24.27 1.77
C VAL F 236 -8.70 24.09 2.60
N PRO F 237 -8.06 22.91 2.52
CA PRO F 237 -6.84 22.62 3.28
C PRO F 237 -5.58 23.37 2.87
N THR F 238 -5.55 24.69 3.08
CA THR F 238 -4.37 25.49 2.78
C THR F 238 -4.18 26.45 3.95
N PRO F 239 -3.00 26.42 4.59
CA PRO F 239 -2.66 27.28 5.74
C PRO F 239 -2.97 28.75 5.63
N ASN F 240 -3.11 29.27 4.42
CA ASN F 240 -3.42 30.69 4.26
C ASN F 240 -3.68 31.12 2.82
N VAL F 241 -4.17 32.34 2.64
CA VAL F 241 -4.50 32.90 1.33
C VAL F 241 -5.79 32.27 0.81
N SER F 242 -6.75 33.12 0.44
CA SER F 242 -8.02 32.62 -0.06
C SER F 242 -8.38 33.29 -1.38
N VAL F 243 -9.52 32.93 -1.94
CA VAL F 243 -9.98 33.48 -3.21
C VAL F 243 -11.50 33.50 -3.29
N VAL F 244 -12.06 34.62 -3.72
CA VAL F 244 -13.52 34.74 -3.82
C VAL F 244 -14.01 34.70 -5.26
N ASP F 245 -14.89 33.74 -5.56
CA ASP F 245 -15.45 33.59 -6.89
C ASP F 245 -16.79 34.30 -6.96
N LEU F 246 -16.76 35.55 -7.36
CA LEU F 246 -17.97 36.37 -7.49
C LEU F 246 -18.61 36.13 -8.86
N VAL F 247 -19.92 36.04 -8.88
CA VAL F 247 -20.63 35.84 -10.14
C VAL F 247 -21.87 36.71 -10.08
N VAL F 248 -21.83 37.82 -10.81
CA VAL F 248 -22.97 38.75 -10.80
C VAL F 248 -23.49 39.04 -12.20
N GLN F 249 -24.74 39.50 -12.25
CA GLN F 249 -25.39 39.85 -13.50
C GLN F 249 -25.49 41.37 -13.54
N VAL F 250 -25.14 41.96 -14.69
CA VAL F 250 -25.19 43.40 -14.84
C VAL F 250 -26.26 43.90 -15.81
N SER F 251 -26.52 45.20 -15.75
CA SER F 251 -27.48 45.84 -16.61
C SER F 251 -26.68 46.58 -17.68
N LYS F 252 -25.42 46.18 -17.82
CA LYS F 252 -24.51 46.78 -18.79
C LYS F 252 -23.76 45.68 -19.57
N LYS F 253 -24.30 45.31 -20.73
CA LYS F 253 -23.68 44.27 -21.56
C LYS F 253 -22.18 44.47 -21.66
N THR F 254 -21.43 43.37 -21.67
CA THR F 254 -19.98 43.48 -21.73
C THR F 254 -19.29 42.19 -22.17
N PHE F 255 -18.00 42.12 -21.85
CA PHE F 255 -17.14 40.97 -22.16
C PHE F 255 -15.96 41.00 -21.19
N ALA F 256 -15.22 39.90 -21.12
CA ALA F 256 -14.09 39.78 -20.21
C ALA F 256 -13.21 41.04 -20.16
N GLU F 257 -12.66 41.42 -21.30
CA GLU F 257 -11.78 42.59 -21.38
C GLU F 257 -12.36 43.90 -20.85
N GLU F 258 -13.51 44.30 -21.37
CA GLU F 258 -14.12 45.54 -20.91
C GLU F 258 -14.26 45.52 -19.38
N VAL F 259 -14.30 44.32 -18.81
CA VAL F 259 -14.41 44.18 -17.36
C VAL F 259 -13.01 44.29 -16.77
N ASN F 260 -12.08 43.48 -17.30
CA ASN F 260 -10.70 43.51 -16.84
C ASN F 260 -10.12 44.89 -17.10
N ALA F 261 -10.96 45.76 -17.66
CA ALA F 261 -10.56 47.13 -17.96
C ALA F 261 -10.80 47.97 -16.72
N ALA F 262 -12.05 48.04 -16.29
CA ALA F 262 -12.43 48.82 -15.11
C ALA F 262 -11.51 48.51 -13.93
N PHE F 263 -10.87 47.35 -13.98
CA PHE F 263 -9.97 46.96 -12.90
C PHE F 263 -8.60 47.63 -13.01
N ARG F 264 -7.81 47.23 -14.01
CA ARG F 264 -6.48 47.82 -14.22
C ARG F 264 -6.62 49.34 -14.17
N ASP F 265 -7.81 49.81 -14.53
CA ASP F 265 -8.14 51.22 -14.54
C ASP F 265 -8.07 51.74 -13.11
N SER F 266 -8.93 51.20 -12.27
CA SER F 266 -8.99 51.60 -10.86
C SER F 266 -7.85 51.01 -10.05
N ALA F 267 -6.97 50.27 -10.72
CA ALA F 267 -5.81 49.65 -10.09
C ALA F 267 -4.61 50.59 -10.19
N GLU F 268 -4.68 51.52 -11.15
CA GLU F 268 -3.63 52.50 -11.35
C GLU F 268 -4.07 53.86 -10.81
N LYS F 269 -5.34 53.95 -10.43
CA LYS F 269 -5.88 55.20 -9.91
C LYS F 269 -6.61 55.08 -8.57
N GLU F 270 -7.93 54.89 -8.60
CA GLU F 270 -8.70 54.78 -7.35
C GLU F 270 -8.08 53.79 -6.36
N LEU F 271 -8.37 52.52 -6.58
CA LEU F 271 -7.86 51.47 -5.70
C LEU F 271 -6.42 51.05 -6.00
N LYS F 272 -5.49 51.99 -5.86
CA LYS F 272 -4.09 51.67 -6.09
C LYS F 272 -3.54 51.07 -4.80
N GLY F 273 -2.77 50.00 -4.93
CA GLY F 273 -2.21 49.35 -3.76
C GLY F 273 -3.31 48.62 -3.03
N ILE F 274 -4.43 48.45 -3.71
CA ILE F 274 -5.61 47.77 -3.15
C ILE F 274 -6.16 46.75 -4.14
N LEU F 275 -6.69 47.23 -5.25
CA LEU F 275 -7.28 46.36 -6.26
C LEU F 275 -6.37 46.14 -7.48
N ASP F 276 -5.21 45.56 -7.24
CA ASP F 276 -4.24 45.25 -8.29
C ASP F 276 -4.86 44.20 -9.23
N VAL F 277 -4.15 43.85 -10.31
CA VAL F 277 -4.66 42.87 -11.27
C VAL F 277 -3.51 42.05 -11.89
N CYS F 278 -3.32 40.84 -11.40
CA CYS F 278 -2.28 39.94 -11.89
C CYS F 278 -2.68 39.21 -13.17
N ASP F 279 -1.73 39.08 -14.10
CA ASP F 279 -1.98 38.42 -15.37
C ASP F 279 -1.40 37.02 -15.43
N GLU F 280 -0.21 36.85 -14.85
CA GLU F 280 0.45 35.56 -14.84
C GLU F 280 -0.46 34.48 -14.28
N PRO F 281 -0.23 33.22 -14.67
CA PRO F 281 -1.02 32.07 -14.20
C PRO F 281 -0.48 31.51 -12.87
N LEU F 282 -0.83 32.17 -11.77
CA LEU F 282 -0.37 31.79 -10.44
C LEU F 282 -1.35 30.88 -9.69
N VAL F 283 -0.98 30.50 -8.47
CA VAL F 283 -1.79 29.65 -7.61
C VAL F 283 -1.67 29.95 -6.12
N SER F 284 -2.41 30.95 -5.65
CA SER F 284 -2.44 31.35 -4.25
C SER F 284 -1.08 31.45 -3.55
N VAL F 285 -0.43 30.32 -3.35
CA VAL F 285 0.87 30.28 -2.68
C VAL F 285 1.77 31.43 -3.13
N ASP F 286 1.51 31.95 -4.33
CA ASP F 286 2.29 33.07 -4.87
C ASP F 286 1.84 34.39 -4.27
N PHE F 287 0.63 34.41 -3.70
CA PHE F 287 0.09 35.64 -3.14
C PHE F 287 0.35 35.81 -1.65
N ARG F 288 1.07 34.85 -1.05
CA ARG F 288 1.39 34.92 0.38
C ARG F 288 2.15 36.21 0.66
N CYS F 289 1.52 37.08 1.43
CA CYS F 289 2.06 38.39 1.82
C CYS F 289 1.61 39.52 0.91
N SER F 290 0.73 39.20 -0.03
CA SER F 290 0.19 40.18 -0.97
C SER F 290 -0.38 41.37 -0.19
N ASP F 291 0.06 42.58 -0.54
CA ASP F 291 -0.39 43.80 0.12
C ASP F 291 -1.63 44.45 -0.48
N PHE F 292 -2.21 43.83 -1.50
CA PHE F 292 -3.39 44.39 -2.13
C PHE F 292 -4.63 43.69 -1.61
N SER F 293 -5.58 44.48 -1.12
CA SER F 293 -6.83 43.92 -0.61
C SER F 293 -7.35 42.87 -1.56
N THR F 294 -7.62 43.27 -2.80
CA THR F 294 -8.13 42.36 -3.82
C THR F 294 -7.19 42.32 -5.02
N THR F 295 -7.03 41.15 -5.62
CA THR F 295 -6.13 40.99 -6.77
C THR F 295 -6.79 40.17 -7.87
N ILE F 296 -7.45 40.84 -8.81
CA ILE F 296 -8.11 40.15 -9.91
C ILE F 296 -7.20 39.13 -10.59
N ASP F 297 -7.81 38.20 -11.34
CA ASP F 297 -7.06 37.17 -12.05
C ASP F 297 -7.37 37.24 -13.55
N SER F 298 -6.90 38.32 -14.18
CA SER F 298 -7.08 38.57 -15.60
C SER F 298 -7.38 37.33 -16.44
N SER F 299 -6.46 36.37 -16.41
CA SER F 299 -6.58 35.14 -17.16
C SER F 299 -7.88 34.34 -16.98
N LEU F 300 -8.56 34.52 -15.86
CA LEU F 300 -9.80 33.79 -15.60
C LEU F 300 -11.07 34.49 -16.03
N THR F 301 -11.17 35.77 -15.70
CA THR F 301 -12.33 36.59 -16.01
C THR F 301 -13.21 36.03 -17.14
N MET F 302 -14.51 35.99 -16.92
CA MET F 302 -15.45 35.49 -17.91
C MET F 302 -16.78 36.22 -17.92
N VAL F 303 -17.35 36.35 -19.11
CA VAL F 303 -18.64 36.99 -19.31
C VAL F 303 -19.27 36.31 -20.51
N MET F 304 -20.53 35.93 -20.37
CA MET F 304 -21.22 35.28 -21.47
C MET F 304 -22.72 35.46 -21.30
N GLY F 305 -23.36 35.88 -22.38
CA GLY F 305 -24.79 36.15 -22.34
C GLY F 305 -24.92 37.65 -22.21
N ASP F 306 -23.75 38.29 -22.14
CA ASP F 306 -23.63 39.75 -22.03
C ASP F 306 -23.88 40.33 -20.63
N ASP F 307 -24.72 39.67 -19.84
CA ASP F 307 -25.04 40.17 -18.51
C ASP F 307 -24.43 39.43 -17.32
N MET F 308 -24.22 38.12 -17.44
CA MET F 308 -23.64 37.37 -16.34
C MET F 308 -22.11 37.42 -16.34
N VAL F 309 -21.56 38.12 -15.37
CA VAL F 309 -20.10 38.29 -15.23
C VAL F 309 -19.54 37.37 -14.15
N LYS F 310 -18.30 36.95 -14.32
CA LYS F 310 -17.63 36.09 -13.35
C LYS F 310 -16.23 36.63 -13.10
N VAL F 311 -15.95 37.03 -11.87
CA VAL F 311 -14.65 37.59 -11.51
C VAL F 311 -13.96 36.87 -10.34
N ILE F 312 -12.70 36.50 -10.55
CA ILE F 312 -11.92 35.80 -9.53
C ILE F 312 -10.94 36.75 -8.85
N ALA F 313 -10.75 36.60 -7.55
CA ALA F 313 -9.83 37.48 -6.82
C ALA F 313 -9.13 36.81 -5.63
N TRP F 314 -7.81 36.99 -5.58
CA TRP F 314 -6.99 36.43 -4.51
C TRP F 314 -6.81 37.42 -3.38
N TYR F 315 -6.37 36.92 -2.22
CA TYR F 315 -6.13 37.78 -1.06
C TYR F 315 -5.55 37.04 0.14
N ASP F 316 -4.37 37.47 0.57
CA ASP F 316 -3.75 36.87 1.74
C ASP F 316 -4.57 37.37 2.92
N ASN F 317 -5.64 36.64 3.22
CA ASN F 317 -6.54 36.99 4.30
C ASN F 317 -5.88 37.21 5.67
N GLU F 318 -4.61 36.86 5.80
CA GLU F 318 -3.94 37.03 7.08
C GLU F 318 -2.95 38.21 7.13
N TRP F 319 -2.06 38.28 6.14
CA TRP F 319 -1.06 39.34 6.05
C TRP F 319 -1.61 40.60 5.38
N GLY F 320 -2.39 40.42 4.32
CA GLY F 320 -2.96 41.54 3.60
C GLY F 320 -4.07 42.24 4.36
N TYR F 321 -4.85 41.49 5.12
CA TYR F 321 -5.91 42.09 5.92
C TYR F 321 -5.24 42.90 7.03
N SER F 322 -4.12 42.39 7.53
CA SER F 322 -3.37 43.06 8.59
C SER F 322 -2.66 44.30 8.01
N GLN F 323 -2.83 44.49 6.71
CA GLN F 323 -2.25 45.64 6.03
C GLN F 323 -3.33 46.71 5.98
N ARG F 324 -4.56 46.30 5.67
CA ARG F 324 -5.69 47.22 5.64
C ARG F 324 -6.03 47.62 7.06
N VAL F 325 -5.60 46.79 8.02
CA VAL F 325 -5.83 47.10 9.43
C VAL F 325 -4.91 48.28 9.78
N VAL F 326 -3.66 48.15 9.36
CA VAL F 326 -2.64 49.18 9.60
C VAL F 326 -2.99 50.44 8.82
N ASP F 327 -3.62 50.27 7.66
CA ASP F 327 -4.02 51.39 6.83
C ASP F 327 -5.19 52.16 7.45
N LEU F 328 -6.21 51.45 7.90
CA LEU F 328 -7.34 52.12 8.54
C LEU F 328 -6.84 52.58 9.90
N ALA F 329 -5.77 51.94 10.35
CA ALA F 329 -5.16 52.25 11.64
C ALA F 329 -4.59 53.66 11.61
N ASP F 330 -3.97 54.00 10.51
CA ASP F 330 -3.38 55.32 10.36
C ASP F 330 -4.46 56.30 9.93
N ILE F 331 -5.57 55.78 9.39
CA ILE F 331 -6.69 56.63 8.97
C ILE F 331 -7.41 57.08 10.24
N VAL F 332 -6.96 56.55 11.37
CA VAL F 332 -7.52 56.91 12.66
C VAL F 332 -6.60 58.00 13.22
N ALA F 333 -5.39 58.07 12.66
CA ALA F 333 -4.36 59.04 13.06
C ALA F 333 -4.22 60.14 12.00
N ASN F 334 -5.08 60.12 10.99
CA ASN F 334 -5.08 61.13 9.93
C ASN F 334 -6.38 61.92 10.03
N ASN F 335 -7.11 61.66 11.11
CA ASN F 335 -8.37 62.33 11.38
C ASN F 335 -8.52 62.19 12.89
N TRP F 336 -7.38 62.29 13.57
CA TRP F 336 -7.29 62.17 15.02
C TRP F 336 -6.91 63.50 15.67
N LYS F 337 -7.91 64.31 16.01
CA LYS F 337 -7.64 65.60 16.65
C LYS F 337 -7.19 65.38 18.10
N LYS G 2 -22.62 -6.59 30.61
CA LYS G 2 -23.54 -6.48 31.78
C LYS G 2 -22.94 -5.59 32.88
N LEU G 3 -21.79 -5.00 32.61
CA LEU G 3 -21.14 -4.10 33.57
C LEU G 3 -21.26 -2.71 32.97
N LYS G 4 -22.24 -1.96 33.45
CA LYS G 4 -22.55 -0.62 32.95
C LYS G 4 -21.36 0.35 32.90
N VAL G 5 -21.03 0.76 31.68
CA VAL G 5 -19.90 1.66 31.40
C VAL G 5 -20.28 3.07 30.91
N ALA G 6 -19.50 4.06 31.33
CA ALA G 6 -19.72 5.45 30.97
C ALA G 6 -18.49 6.13 30.34
N ILE G 7 -18.64 6.57 29.09
CA ILE G 7 -17.58 7.23 28.35
C ILE G 7 -17.53 8.73 28.66
N ASN G 8 -16.56 9.18 29.45
CA ASN G 8 -16.46 10.60 29.77
C ASN G 8 -15.46 11.30 28.85
N GLY G 9 -15.97 12.14 27.95
CA GLY G 9 -15.16 12.86 26.99
C GLY G 9 -15.32 12.10 25.70
N PHE G 10 -16.34 12.47 24.91
CA PHE G 10 -16.63 11.80 23.66
C PHE G 10 -15.83 12.33 22.46
N GLY G 11 -14.51 12.41 22.65
CA GLY G 11 -13.62 12.88 21.60
C GLY G 11 -12.99 11.73 20.82
N ARG G 12 -11.94 12.00 20.07
CA ARG G 12 -11.29 10.95 19.29
C ARG G 12 -11.27 9.59 20.00
N ILE G 13 -10.57 9.51 21.13
CA ILE G 13 -10.49 8.25 21.85
C ILE G 13 -11.86 7.73 22.27
N GLY G 14 -12.70 8.63 22.79
CA GLY G 14 -14.03 8.23 23.22
C GLY G 14 -14.88 7.64 22.10
N ARG G 15 -14.90 8.30 20.95
CA ARG G 15 -15.68 7.80 19.82
C ARG G 15 -15.06 6.53 19.25
N ASN G 16 -13.74 6.49 19.19
CA ASN G 16 -13.07 5.30 18.68
C ASN G 16 -13.46 4.16 19.65
N PHE G 17 -13.37 4.42 20.94
CA PHE G 17 -13.70 3.40 21.94
C PHE G 17 -15.07 2.81 21.71
N LEU G 18 -16.08 3.66 21.52
CA LEU G 18 -17.43 3.16 21.32
C LEU G 18 -17.54 2.30 20.06
N ARG G 19 -16.84 2.70 18.99
CA ARG G 19 -16.89 1.91 17.78
C ARG G 19 -16.17 0.59 17.99
N CYS G 20 -14.97 0.64 18.57
CA CYS G 20 -14.21 -0.57 18.85
C CYS G 20 -15.10 -1.55 19.60
N TRP G 21 -15.81 -1.04 20.58
CA TRP G 21 -16.69 -1.86 21.40
C TRP G 21 -17.89 -2.37 20.62
N HIS G 22 -18.47 -1.52 19.79
CA HIS G 22 -19.61 -1.93 18.98
C HIS G 22 -19.12 -2.96 17.99
N GLY G 23 -17.98 -3.60 18.28
CA GLY G 23 -17.44 -4.58 17.37
C GLY G 23 -16.84 -5.82 18.00
N ARG G 24 -17.29 -6.14 19.20
CA ARG G 24 -16.81 -7.32 19.90
C ARG G 24 -18.05 -8.19 20.17
N LYS G 25 -17.97 -9.49 19.89
CA LYS G 25 -19.12 -10.34 20.14
C LYS G 25 -19.27 -10.60 21.64
N ASP G 26 -20.50 -10.55 22.12
CA ASP G 26 -20.80 -10.76 23.54
C ASP G 26 -19.76 -10.10 24.44
N SER G 27 -19.83 -8.78 24.55
CA SER G 27 -18.89 -8.02 25.38
C SER G 27 -19.40 -7.98 26.82
N PRO G 28 -18.48 -7.96 27.80
CA PRO G 28 -18.82 -7.92 29.22
C PRO G 28 -19.23 -6.50 29.60
N LEU G 29 -19.11 -5.60 28.63
CA LEU G 29 -19.40 -4.20 28.85
C LEU G 29 -20.66 -3.71 28.14
N ASP G 30 -21.43 -2.87 28.84
CA ASP G 30 -22.62 -2.29 28.23
C ASP G 30 -22.56 -0.79 28.47
N ILE G 31 -22.22 -0.05 27.41
CA ILE G 31 -22.13 1.40 27.50
C ILE G 31 -23.53 1.95 27.67
N ILE G 32 -23.81 2.55 28.82
CA ILE G 32 -25.14 3.09 29.03
C ILE G 32 -25.19 4.60 28.86
N ALA G 33 -24.06 5.28 29.05
CA ALA G 33 -24.03 6.72 28.91
C ALA G 33 -22.72 7.29 28.42
N ILE G 34 -22.82 8.46 27.78
CA ILE G 34 -21.72 9.23 27.20
C ILE G 34 -21.86 10.65 27.71
N ASN G 35 -20.82 11.20 28.33
CA ASN G 35 -20.87 12.58 28.79
C ASN G 35 -19.80 13.40 28.13
N ASP G 36 -20.21 14.45 27.42
CA ASP G 36 -19.27 15.36 26.78
C ASP G 36 -19.82 16.78 26.87
N THR G 37 -18.91 17.75 26.88
CA THR G 37 -19.29 19.16 26.96
C THR G 37 -19.88 19.67 25.63
N GLY G 38 -20.32 18.75 24.78
CA GLY G 38 -20.87 19.13 23.50
C GLY G 38 -22.37 19.26 23.43
N GLY G 39 -23.04 18.16 23.18
CA GLY G 39 -24.49 18.18 23.08
C GLY G 39 -24.97 16.82 22.61
N VAL G 40 -26.21 16.73 22.14
CA VAL G 40 -26.70 15.44 21.68
C VAL G 40 -26.83 15.46 20.18
N LYS G 41 -26.83 16.66 19.60
CA LYS G 41 -26.92 16.77 18.16
C LYS G 41 -25.55 16.48 17.55
N GLN G 42 -24.50 16.88 18.27
CA GLN G 42 -23.13 16.66 17.80
C GLN G 42 -22.71 15.21 18.04
N ALA G 43 -22.82 14.77 19.29
CA ALA G 43 -22.45 13.41 19.63
C ALA G 43 -22.92 12.45 18.53
N SER G 44 -24.19 12.54 18.17
CA SER G 44 -24.74 11.68 17.15
C SER G 44 -24.06 11.82 15.79
N HIS G 45 -23.87 13.07 15.35
CA HIS G 45 -23.25 13.37 14.06
C HIS G 45 -21.76 12.99 13.96
N LEU G 46 -20.98 13.34 14.99
CA LEU G 46 -19.57 13.01 14.97
C LEU G 46 -19.31 11.52 15.16
N LEU G 47 -20.29 10.79 15.68
CA LEU G 47 -20.14 9.37 15.88
C LEU G 47 -20.46 8.67 14.57
N LYS G 48 -21.26 9.32 13.73
CA LYS G 48 -21.66 8.74 12.46
C LYS G 48 -20.65 9.00 11.35
N TYR G 49 -20.23 10.25 11.22
CA TYR G 49 -19.30 10.63 10.18
C TYR G 49 -17.94 11.01 10.78
N ASP G 50 -16.93 10.24 10.44
CA ASP G 50 -15.59 10.49 10.96
C ASP G 50 -14.57 10.59 9.84
N SER G 51 -13.77 11.65 9.88
CA SER G 51 -12.75 11.90 8.87
C SER G 51 -11.69 10.83 8.79
N THR G 52 -11.38 10.21 9.92
CA THR G 52 -10.36 9.18 9.93
C THR G 52 -10.97 7.80 9.79
N LEU G 53 -11.98 7.49 10.61
CA LEU G 53 -12.63 6.18 10.57
C LEU G 53 -13.65 6.00 9.46
N GLY G 54 -14.08 7.10 8.84
CA GLY G 54 -15.09 7.00 7.79
C GLY G 54 -16.50 6.92 8.36
N ILE G 55 -17.46 6.47 7.58
CA ILE G 55 -18.83 6.39 8.07
C ILE G 55 -19.09 5.11 8.86
N PHE G 56 -19.61 5.28 10.07
CA PHE G 56 -19.91 4.17 10.97
C PHE G 56 -21.07 3.33 10.43
N ASP G 57 -20.77 2.08 10.07
CA ASP G 57 -21.77 1.18 9.52
C ASP G 57 -22.80 0.71 10.55
N ALA G 58 -23.32 1.65 11.33
CA ALA G 58 -24.34 1.33 12.33
C ALA G 58 -25.56 2.21 12.07
N ASP G 59 -26.55 2.13 12.92
CA ASP G 59 -27.74 2.94 12.73
C ASP G 59 -27.78 3.97 13.84
N VAL G 60 -27.05 5.06 13.64
CA VAL G 60 -26.98 6.11 14.63
C VAL G 60 -28.13 7.10 14.46
N LYS G 61 -28.84 7.38 15.55
CA LYS G 61 -29.97 8.30 15.54
C LYS G 61 -30.03 9.02 16.89
N PRO G 62 -30.58 10.24 16.91
CA PRO G 62 -30.67 10.97 18.18
C PRO G 62 -31.98 10.72 18.92
N SER G 63 -32.20 9.50 19.39
CA SER G 63 -33.45 9.18 20.09
C SER G 63 -33.63 9.97 21.38
N GLY G 64 -34.25 11.14 21.27
CA GLY G 64 -34.49 11.98 22.43
C GLY G 64 -33.64 13.23 22.45
N GLU G 65 -33.81 14.06 23.48
CA GLU G 65 -33.03 15.29 23.60
C GLU G 65 -31.83 15.07 24.52
N THR G 66 -31.70 13.85 25.01
CA THR G 66 -30.61 13.48 25.92
C THR G 66 -30.27 12.02 25.73
N ALA G 67 -30.21 11.57 24.48
CA ALA G 67 -29.89 10.18 24.19
C ALA G 67 -29.76 9.92 22.69
N ILE G 68 -29.03 8.86 22.36
CA ILE G 68 -28.81 8.48 20.97
C ILE G 68 -28.97 6.98 20.80
N SER G 69 -29.42 6.57 19.63
CA SER G 69 -29.62 5.17 19.32
C SER G 69 -28.48 4.68 18.44
N VAL G 70 -27.99 3.49 18.74
CA VAL G 70 -26.92 2.89 17.96
C VAL G 70 -27.39 1.45 17.72
N ASP G 71 -27.91 1.22 16.52
CA ASP G 71 -28.46 -0.09 16.15
C ASP G 71 -29.48 -0.53 17.18
N GLY G 72 -30.52 0.28 17.37
CA GLY G 72 -31.54 -0.07 18.33
C GLY G 72 -31.12 0.29 19.73
N LYS G 73 -29.96 -0.23 20.16
CA LYS G 73 -29.45 0.05 21.50
C LYS G 73 -29.39 1.56 21.78
N ILE G 74 -29.99 1.98 22.89
CA ILE G 74 -30.01 3.39 23.24
C ILE G 74 -29.03 3.71 24.36
N ILE G 75 -28.24 4.77 24.18
CA ILE G 75 -27.27 5.19 25.17
C ILE G 75 -27.54 6.63 25.57
N GLN G 76 -27.53 6.89 26.88
CA GLN G 76 -27.81 8.21 27.42
C GLN G 76 -26.65 9.20 27.28
N VAL G 77 -26.95 10.40 26.78
CA VAL G 77 -25.96 11.46 26.59
C VAL G 77 -26.20 12.63 27.54
N VAL G 78 -25.18 13.01 28.30
CA VAL G 78 -25.29 14.12 29.24
C VAL G 78 -24.17 15.14 29.04
N SER G 79 -24.35 16.35 29.59
CA SER G 79 -23.37 17.42 29.48
C SER G 79 -23.15 18.13 30.79
N ASN G 80 -21.93 18.06 31.30
CA ASN G 80 -21.57 18.73 32.54
C ASN G 80 -20.06 18.65 32.65
N ARG G 81 -19.41 19.79 32.55
CA ARG G 81 -17.96 19.85 32.61
C ARG G 81 -17.46 19.42 33.97
N ASN G 82 -18.37 19.19 34.92
CA ASN G 82 -17.94 18.77 36.24
C ASN G 82 -18.22 17.31 36.51
N PRO G 83 -17.16 16.49 36.67
CA PRO G 83 -17.29 15.06 36.94
C PRO G 83 -18.16 14.79 38.16
N SER G 84 -18.01 15.66 39.17
CA SER G 84 -18.75 15.54 40.42
C SER G 84 -20.26 15.53 40.27
N LEU G 85 -20.78 16.44 39.45
CA LEU G 85 -22.22 16.56 39.25
C LEU G 85 -22.82 15.51 38.32
N LEU G 86 -22.06 14.48 37.98
CA LEU G 86 -22.54 13.45 37.07
C LEU G 86 -23.37 12.35 37.73
N PRO G 87 -24.40 11.84 37.00
CA PRO G 87 -25.33 10.79 37.43
C PRO G 87 -24.80 9.37 37.42
N TRP G 88 -23.61 9.15 37.98
CA TRP G 88 -23.05 7.81 37.98
C TRP G 88 -23.73 6.96 39.03
N LYS G 89 -23.86 7.50 40.24
CA LYS G 89 -24.51 6.76 41.31
C LYS G 89 -25.91 6.35 40.81
N GLU G 90 -26.62 7.26 40.15
CA GLU G 90 -27.97 6.98 39.64
C GLU G 90 -27.99 5.92 38.56
N LEU G 91 -27.17 6.11 37.53
CA LEU G 91 -27.08 5.17 36.42
C LEU G 91 -26.34 3.89 36.76
N GLY G 92 -26.08 3.67 38.05
CA GLY G 92 -25.39 2.47 38.48
C GLY G 92 -24.15 2.18 37.65
N ILE G 93 -23.38 3.21 37.38
CA ILE G 93 -22.16 3.10 36.57
C ILE G 93 -21.01 2.41 37.30
N ASP G 94 -20.46 1.38 36.66
CA ASP G 94 -19.35 0.63 37.24
C ASP G 94 -17.99 1.15 36.79
N ILE G 95 -17.83 1.26 35.48
CA ILE G 95 -16.57 1.70 34.90
C ILE G 95 -16.73 2.96 34.06
N VAL G 96 -15.95 3.99 34.41
CA VAL G 96 -15.98 5.22 33.66
C VAL G 96 -14.70 5.32 32.85
N ILE G 97 -14.81 5.29 31.53
CA ILE G 97 -13.66 5.41 30.67
C ILE G 97 -13.33 6.90 30.64
N GLU G 98 -12.48 7.33 31.55
CA GLU G 98 -12.10 8.72 31.61
C GLU G 98 -11.23 9.02 30.41
N GLY G 99 -11.81 9.73 29.43
CA GLY G 99 -11.08 10.07 28.23
C GLY G 99 -11.29 11.49 27.76
N THR G 100 -11.29 12.43 28.71
CA THR G 100 -11.48 13.84 28.39
C THR G 100 -10.12 14.46 28.17
N GLY G 101 -9.13 13.90 28.85
CA GLY G 101 -7.78 14.41 28.73
C GLY G 101 -7.51 15.50 29.75
N VAL G 102 -8.45 15.71 30.67
CA VAL G 102 -8.25 16.76 31.67
C VAL G 102 -8.56 16.36 33.09
N PHE G 103 -8.42 15.08 33.40
CA PHE G 103 -8.65 14.55 34.75
C PHE G 103 -7.77 13.32 34.83
N VAL G 104 -6.46 13.55 34.80
CA VAL G 104 -5.54 12.44 34.81
C VAL G 104 -4.86 12.16 36.13
N ASP G 105 -5.12 12.98 37.15
CA ASP G 105 -4.55 12.76 38.47
C ASP G 105 -5.65 12.19 39.36
N ARG G 106 -5.27 11.55 40.46
CA ARG G 106 -6.23 10.93 41.38
C ARG G 106 -7.38 11.84 41.79
N GLU G 107 -7.06 13.07 42.16
CA GLU G 107 -8.09 14.00 42.60
C GLU G 107 -9.02 14.39 41.46
N GLY G 108 -8.44 14.70 40.31
CA GLY G 108 -9.22 15.10 39.16
C GLY G 108 -10.03 13.99 38.52
N ALA G 109 -9.71 12.73 38.83
CA ALA G 109 -10.43 11.60 38.25
C ALA G 109 -11.28 10.92 39.32
N GLY G 110 -10.93 11.17 40.58
CA GLY G 110 -11.65 10.58 41.69
C GLY G 110 -13.08 11.08 41.77
N LYS G 111 -13.32 12.25 41.19
CA LYS G 111 -14.67 12.82 41.20
C LYS G 111 -15.66 11.79 40.67
N HIS G 112 -15.32 11.18 39.54
CA HIS G 112 -16.19 10.18 38.93
C HIS G 112 -16.72 9.17 39.94
N ILE G 113 -15.86 8.80 40.88
CA ILE G 113 -16.24 7.83 41.90
C ILE G 113 -17.12 8.52 42.93
N GLU G 114 -16.75 9.75 43.30
CA GLU G 114 -17.53 10.52 44.26
C GLU G 114 -18.92 10.67 43.68
N ALA G 115 -18.99 10.77 42.36
CA ALA G 115 -20.26 10.94 41.66
C ALA G 115 -21.05 9.64 41.56
N GLY G 116 -20.50 8.56 42.08
CA GLY G 116 -21.22 7.29 42.05
C GLY G 116 -20.69 6.17 41.17
N ALA G 117 -19.54 6.37 40.55
CA ALA G 117 -18.97 5.32 39.71
C ALA G 117 -18.05 4.49 40.58
N LYS G 118 -17.96 3.20 40.30
CA LYS G 118 -17.13 2.29 41.08
C LYS G 118 -15.67 2.19 40.63
N LYS G 119 -15.42 2.43 39.34
CA LYS G 119 -14.07 2.33 38.81
C LYS G 119 -13.80 3.30 37.66
N VAL G 120 -12.54 3.69 37.51
CA VAL G 120 -12.17 4.62 36.45
C VAL G 120 -10.94 4.19 35.67
N ILE G 121 -11.02 4.29 34.35
CA ILE G 121 -9.93 3.95 33.45
C ILE G 121 -9.52 5.20 32.69
N ILE G 122 -8.34 5.73 33.00
CA ILE G 122 -7.85 6.95 32.36
C ILE G 122 -7.14 6.61 31.05
N THR G 123 -7.66 7.13 29.94
CA THR G 123 -7.08 6.86 28.62
C THR G 123 -5.82 7.68 28.35
N ALA G 124 -4.90 7.63 29.30
CA ALA G 124 -3.63 8.35 29.18
C ALA G 124 -2.82 8.12 30.45
N PRO G 125 -1.55 8.54 30.45
CA PRO G 125 -0.70 8.36 31.64
C PRO G 125 -1.33 9.11 32.80
N GLY G 126 -1.25 8.55 34.00
CA GLY G 126 -1.84 9.24 35.13
C GLY G 126 -0.87 9.98 36.04
N LYS G 127 -1.02 11.30 36.14
CA LYS G 127 -0.16 12.10 37.01
C LYS G 127 -0.35 11.63 38.44
N GLY G 128 0.69 11.02 39.01
CA GLY G 128 0.57 10.54 40.39
C GLY G 128 0.76 9.04 40.49
N ASP G 129 0.66 8.50 41.70
CA ASP G 129 0.84 7.07 41.91
C ASP G 129 -0.34 6.25 41.38
N ILE G 130 -0.84 6.62 40.20
CA ILE G 130 -1.95 5.93 39.58
C ILE G 130 -1.45 4.67 38.90
N PRO G 131 -1.97 3.50 39.30
CA PRO G 131 -1.52 2.24 38.68
C PRO G 131 -1.62 2.31 37.17
N THR G 132 -0.56 1.89 36.48
CA THR G 132 -0.57 1.89 35.02
C THR G 132 -0.45 0.46 34.53
N TYR G 133 -1.21 0.13 33.49
CA TYR G 133 -1.22 -1.22 32.94
C TYR G 133 -1.26 -1.22 31.42
N VAL G 134 -0.36 -2.00 30.82
CA VAL G 134 -0.31 -2.14 29.36
C VAL G 134 -0.78 -3.55 29.02
N VAL G 135 -1.99 -3.66 28.49
CA VAL G 135 -2.55 -4.95 28.10
C VAL G 135 -1.57 -5.73 27.24
N GLY G 136 -1.28 -6.95 27.66
CA GLY G 136 -0.34 -7.80 26.93
C GLY G 136 0.90 -7.98 27.77
N VAL G 137 1.20 -6.98 28.58
CA VAL G 137 2.36 -6.99 29.46
C VAL G 137 1.87 -7.24 30.89
N ASN G 138 2.07 -6.25 31.77
CA ASN G 138 1.67 -6.36 33.19
C ASN G 138 0.17 -6.24 33.43
N ALA G 139 -0.60 -6.04 32.37
CA ALA G 139 -2.05 -5.89 32.51
C ALA G 139 -2.69 -6.90 33.46
N ASP G 140 -2.07 -8.06 33.62
CA ASP G 140 -2.63 -9.06 34.51
C ASP G 140 -2.50 -8.67 35.98
N ALA G 141 -1.51 -7.83 36.26
CA ALA G 141 -1.25 -7.37 37.62
C ALA G 141 -2.42 -6.58 38.24
N TYR G 142 -3.32 -6.08 37.40
CA TYR G 142 -4.46 -5.32 37.88
C TYR G 142 -5.17 -6.00 39.05
N SER G 143 -5.26 -5.28 40.16
CA SER G 143 -5.92 -5.77 41.37
C SER G 143 -7.26 -5.06 41.57
N HIS G 144 -8.35 -5.82 41.55
CA HIS G 144 -9.68 -5.26 41.69
C HIS G 144 -9.83 -4.29 42.86
N ASP G 145 -8.84 -4.26 43.74
CA ASP G 145 -8.87 -3.37 44.90
C ASP G 145 -8.41 -1.95 44.54
N GLU G 146 -8.36 -1.65 43.25
CA GLU G 146 -7.94 -0.33 42.80
C GLU G 146 -9.09 0.32 42.04
N PRO G 147 -9.44 1.55 42.43
CA PRO G 147 -10.52 2.34 41.81
C PRO G 147 -10.12 3.10 40.56
N ILE G 148 -8.91 3.66 40.56
CA ILE G 148 -8.40 4.42 39.41
C ILE G 148 -7.10 3.82 38.84
N ILE G 149 -7.11 3.55 37.53
CA ILE G 149 -5.95 2.99 36.86
C ILE G 149 -5.72 3.68 35.52
N SER G 150 -4.47 3.64 35.04
CA SER G 150 -4.10 4.25 33.76
C SER G 150 -3.84 3.17 32.71
N ASN G 151 -4.08 3.48 31.44
CA ASN G 151 -3.83 2.52 30.39
C ASN G 151 -2.64 2.99 29.57
N ALA G 152 -1.85 3.88 30.16
CA ALA G 152 -0.66 4.44 29.52
C ALA G 152 -1.01 5.20 28.25
N SER G 153 0.00 5.65 27.51
CA SER G 153 -0.26 6.38 26.28
C SER G 153 -0.27 5.44 25.09
N CYS G 154 -0.49 5.99 23.90
CA CYS G 154 -0.51 5.22 22.68
C CYS G 154 0.89 4.68 22.41
N THR G 155 1.86 5.58 22.38
CA THR G 155 3.25 5.21 22.14
C THR G 155 3.72 4.12 23.10
N THR G 156 3.29 4.19 24.34
CA THR G 156 3.69 3.21 25.34
C THR G 156 3.04 1.84 25.16
N ASN G 157 1.89 1.78 24.49
CA ASN G 157 1.22 0.50 24.27
C ASN G 157 1.74 -0.26 23.06
N CYS G 158 2.63 0.36 22.31
CA CYS G 158 3.21 -0.30 21.15
C CYS G 158 4.60 -0.73 21.55
N LEU G 159 5.35 0.25 22.04
CA LEU G 159 6.71 0.10 22.50
C LEU G 159 6.87 -0.98 23.58
N ALA G 160 6.13 -0.81 24.67
CA ALA G 160 6.20 -1.73 25.79
C ALA G 160 6.13 -3.21 25.39
N PRO G 161 5.06 -3.62 24.67
CA PRO G 161 4.87 -5.01 24.25
C PRO G 161 6.06 -5.72 23.61
N PHE G 162 6.71 -5.11 22.62
CA PHE G 162 7.81 -5.79 21.99
C PHE G 162 9.12 -5.63 22.74
N VAL G 163 9.22 -4.62 23.59
CA VAL G 163 10.42 -4.46 24.40
C VAL G 163 10.46 -5.64 25.37
N LYS G 164 9.28 -6.04 25.84
CA LYS G 164 9.18 -7.18 26.77
C LYS G 164 9.80 -8.44 26.15
N VAL G 165 9.51 -8.68 24.87
CA VAL G 165 10.05 -9.84 24.17
C VAL G 165 11.56 -9.68 24.00
N LEU G 166 12.00 -8.51 23.53
CA LEU G 166 13.41 -8.25 23.34
C LEU G 166 14.20 -8.57 24.60
N ASP G 167 13.80 -7.95 25.70
CA ASP G 167 14.44 -8.13 27.00
C ASP G 167 14.50 -9.58 27.47
N GLN G 168 13.37 -10.06 27.95
CA GLN G 168 13.26 -11.42 28.48
C GLN G 168 13.56 -12.54 27.48
N LYS G 169 14.40 -12.24 26.49
CA LYS G 169 14.78 -13.23 25.50
C LYS G 169 16.07 -12.82 24.77
N PHE G 170 16.52 -11.59 25.03
CA PHE G 170 17.74 -11.10 24.41
C PHE G 170 18.46 -10.17 25.37
N GLY G 171 17.80 -9.86 26.48
CA GLY G 171 18.37 -8.96 27.46
C GLY G 171 18.49 -7.56 26.88
N ILE G 172 17.74 -6.62 27.44
CA ILE G 172 17.79 -5.24 26.95
C ILE G 172 18.68 -4.36 27.82
N ILE G 173 19.99 -4.39 27.53
CA ILE G 173 20.93 -3.59 28.30
C ILE G 173 20.47 -2.14 28.36
N LYS G 174 20.22 -1.56 27.19
CA LYS G 174 19.77 -0.18 27.10
C LYS G 174 18.90 -0.04 25.86
N GLY G 175 19.01 1.11 25.20
CA GLY G 175 18.24 1.36 24.00
C GLY G 175 17.56 2.71 24.02
N THR G 176 17.37 3.31 22.84
CA THR G 176 16.72 4.61 22.73
C THR G 176 15.46 4.46 21.86
N MET G 177 14.69 5.53 21.73
CA MET G 177 13.46 5.46 20.95
C MET G 177 12.91 6.83 20.54
N THR G 178 12.45 6.90 19.29
CA THR G 178 11.85 8.13 18.76
C THR G 178 10.64 7.72 17.95
N THR G 179 9.53 8.42 18.15
CA THR G 179 8.29 8.12 17.47
C THR G 179 7.80 9.21 16.53
N THR G 180 7.49 8.79 15.30
CA THR G 180 6.96 9.70 14.30
C THR G 180 5.46 9.50 14.47
N HIS G 181 4.87 10.44 15.21
CA HIS G 181 3.46 10.43 15.59
C HIS G 181 2.62 11.44 14.79
N SER G 182 1.38 11.04 14.47
CA SER G 182 0.45 11.91 13.74
C SER G 182 0.06 13.01 14.72
N TYR G 183 -0.39 14.17 14.23
CA TYR G 183 -0.80 15.21 15.15
C TYR G 183 -2.10 14.87 15.86
N THR G 184 -2.32 15.54 16.99
CA THR G 184 -3.52 15.34 17.79
C THR G 184 -4.13 16.69 18.14
N GLY G 185 -5.35 16.65 18.67
CA GLY G 185 -6.06 17.85 19.04
C GLY G 185 -5.27 18.81 19.91
N ASP G 186 -4.35 18.28 20.71
CA ASP G 186 -3.56 19.12 21.57
C ASP G 186 -2.87 20.19 20.74
N GLN G 187 -2.33 19.79 19.59
CA GLN G 187 -1.65 20.72 18.70
C GLN G 187 -2.64 21.72 18.08
N ARG G 188 -2.12 22.84 17.61
CA ARG G 188 -2.94 23.91 17.02
C ARG G 188 -3.04 23.86 15.49
N LEU G 189 -4.20 24.19 14.94
CA LEU G 189 -4.36 24.17 13.50
C LEU G 189 -3.37 25.14 12.86
N LEU G 190 -3.30 26.36 13.39
CA LEU G 190 -2.36 27.37 12.91
C LEU G 190 -1.47 27.72 14.11
N ASP G 191 -0.62 28.74 14.01
CA ASP G 191 0.24 29.10 15.14
C ASP G 191 -0.56 29.85 16.22
N ALA G 192 -0.64 29.26 17.42
CA ALA G 192 -1.38 29.90 18.51
C ALA G 192 -0.93 29.41 19.89
N SER G 193 -1.41 30.11 20.92
CA SER G 193 -1.11 29.83 22.33
C SER G 193 -0.97 28.36 22.72
N HIS G 194 -0.01 28.06 23.57
CA HIS G 194 0.20 26.69 24.02
C HIS G 194 1.44 26.57 24.90
N ARG G 195 1.23 26.09 26.13
CA ARG G 195 2.30 25.92 27.11
C ARG G 195 3.59 25.46 26.43
N ASP G 196 3.46 24.52 25.50
CA ASP G 196 4.60 23.97 24.77
C ASP G 196 4.77 24.73 23.45
N LEU G 197 5.66 25.72 23.46
CA LEU G 197 5.91 26.55 22.28
C LEU G 197 5.89 25.75 20.99
N ARG G 198 6.63 24.65 20.97
CA ARG G 198 6.70 23.80 19.79
C ARG G 198 5.36 23.25 19.35
N ARG G 199 4.43 23.10 20.29
CA ARG G 199 3.10 22.56 19.95
C ARG G 199 2.14 23.66 19.59
N ALA G 200 2.57 24.90 19.76
CA ALA G 200 1.75 26.05 19.44
C ALA G 200 1.77 26.28 17.92
N ARG G 201 2.66 25.54 17.26
CA ARG G 201 2.87 25.63 15.82
C ARG G 201 1.82 24.87 15.01
N ALA G 202 1.41 25.48 13.89
CA ALA G 202 0.39 24.93 13.00
C ALA G 202 0.64 23.49 12.57
N ALA G 203 0.46 22.54 13.49
CA ALA G 203 0.67 21.12 13.23
C ALA G 203 0.36 20.64 11.80
N ALA G 204 -0.57 21.31 11.14
CA ALA G 204 -0.95 20.95 9.76
C ALA G 204 0.23 21.02 8.80
N LEU G 205 1.10 22.00 9.02
CA LEU G 205 2.26 22.25 8.18
C LEU G 205 3.57 21.59 8.60
N ASN G 206 4.33 22.27 9.42
CA ASN G 206 5.63 21.78 9.87
C ASN G 206 5.68 20.43 10.57
N ILE G 207 6.83 20.16 11.17
CA ILE G 207 7.11 18.93 11.92
C ILE G 207 7.44 19.42 13.33
N VAL G 208 6.84 18.80 14.33
CA VAL G 208 7.10 19.24 15.69
C VAL G 208 7.61 18.15 16.63
N PRO G 209 8.67 18.46 17.37
CA PRO G 209 9.22 17.48 18.31
C PRO G 209 8.60 17.84 19.66
N THR G 210 8.42 16.87 20.53
CA THR G 210 7.84 17.15 21.81
C THR G 210 8.17 16.05 22.79
N SER G 211 8.03 16.35 24.08
CA SER G 211 8.32 15.40 25.15
C SER G 211 7.55 14.09 24.99
N THR G 212 7.77 13.17 25.91
CA THR G 212 7.08 11.89 25.90
C THR G 212 7.65 10.93 26.94
N GLY G 213 7.11 10.98 28.15
CA GLY G 213 7.57 10.10 29.19
C GLY G 213 7.31 8.64 28.82
N ALA G 214 6.96 8.41 27.56
CA ALA G 214 6.68 7.08 27.05
C ALA G 214 7.83 6.14 27.36
N ALA G 215 9.03 6.70 27.32
CA ALA G 215 10.23 5.92 27.60
C ALA G 215 10.21 5.53 29.07
N LYS G 216 10.17 6.56 29.92
CA LYS G 216 10.13 6.38 31.37
C LYS G 216 8.96 5.44 31.67
N ALA G 217 7.82 5.73 31.07
CA ALA G 217 6.61 4.95 31.24
C ALA G 217 6.88 3.45 31.31
N VAL G 218 7.33 2.90 30.19
CA VAL G 218 7.63 1.46 30.06
C VAL G 218 8.22 0.85 31.33
N ALA G 219 8.92 1.66 32.11
CA ALA G 219 9.53 1.22 33.35
C ALA G 219 8.46 0.67 34.30
N LEU G 220 7.30 1.32 34.29
CA LEU G 220 6.16 0.95 35.14
C LEU G 220 5.58 -0.42 34.80
N VAL G 221 5.49 -0.74 33.51
CA VAL G 221 4.97 -2.05 33.08
C VAL G 221 6.10 -3.06 32.92
N LEU G 222 7.33 -2.56 32.90
CA LEU G 222 8.50 -3.42 32.79
C LEU G 222 9.59 -2.81 33.65
N PRO G 223 9.58 -3.13 34.95
CA PRO G 223 10.55 -2.63 35.94
C PRO G 223 12.02 -2.75 35.51
N ASN G 224 12.46 -3.97 35.21
CA ASN G 224 13.83 -4.26 34.79
C ASN G 224 14.41 -3.15 33.92
N LEU G 225 13.53 -2.47 33.19
CA LEU G 225 13.92 -1.42 32.28
C LEU G 225 13.95 -0.01 32.84
N LYS G 226 13.65 0.14 34.12
CA LYS G 226 13.65 1.47 34.72
C LYS G 226 14.85 2.34 34.32
N GLY G 227 14.64 3.66 34.34
CA GLY G 227 15.68 4.63 34.00
C GLY G 227 16.64 4.40 32.83
N LYS G 228 16.54 3.24 32.18
CA LYS G 228 17.41 2.95 31.05
C LYS G 228 17.03 3.76 29.80
N LEU G 229 15.94 3.33 29.15
CA LEU G 229 15.44 3.97 27.93
C LEU G 229 15.21 5.47 28.02
N ASN G 230 14.63 5.99 26.94
CA ASN G 230 14.27 7.39 26.79
C ASN G 230 14.07 7.72 25.31
N GLY G 231 13.70 8.96 25.03
CA GLY G 231 13.49 9.36 23.66
C GLY G 231 12.61 10.58 23.53
N ILE G 232 12.19 10.87 22.30
CA ILE G 232 11.32 12.00 22.06
C ILE G 232 10.34 11.63 20.96
N ALA G 233 9.54 12.61 20.54
CA ALA G 233 8.55 12.37 19.51
C ALA G 233 8.56 13.42 18.43
N LEU G 234 8.16 13.00 17.23
CA LEU G 234 8.10 13.88 16.07
C LEU G 234 6.66 13.96 15.56
N ARG G 235 6.07 15.14 15.66
CA ARG G 235 4.70 15.35 15.21
C ARG G 235 4.67 15.74 13.73
N VAL G 236 4.33 14.78 12.89
CA VAL G 236 4.29 15.00 11.45
C VAL G 236 2.85 15.18 10.96
N PRO G 237 2.67 15.94 9.87
CA PRO G 237 1.36 16.23 9.26
C PRO G 237 0.54 15.07 8.71
N THR G 238 0.21 14.11 9.56
CA THR G 238 -0.63 12.98 9.19
C THR G 238 -1.75 12.91 10.23
N PRO G 239 -3.01 12.87 9.78
CA PRO G 239 -4.18 12.82 10.68
C PRO G 239 -4.13 11.70 11.71
N ASN G 240 -3.69 10.52 11.29
CA ASN G 240 -3.61 9.36 12.18
C ASN G 240 -2.59 8.34 11.71
N VAL G 241 -2.14 7.53 12.67
CA VAL G 241 -1.14 6.46 12.49
C VAL G 241 0.26 6.95 12.87
N SER G 242 0.93 6.15 13.68
CA SER G 242 2.26 6.48 14.14
C SER G 242 3.22 5.28 14.08
N VAL G 243 4.49 5.55 14.35
CA VAL G 243 5.51 4.52 14.31
C VAL G 243 6.67 4.85 15.27
N VAL G 244 7.09 3.86 16.06
CA VAL G 244 8.20 4.07 17.00
C VAL G 244 9.51 3.65 16.34
N ASP G 245 10.60 4.27 16.79
CA ASP G 245 11.94 4.01 16.27
C ASP G 245 12.94 3.86 17.42
N LEU G 246 13.05 2.65 17.97
CA LEU G 246 13.98 2.43 19.07
C LEU G 246 15.14 1.52 18.67
N VAL G 247 16.18 1.50 19.50
CA VAL G 247 17.35 0.66 19.26
C VAL G 247 17.90 0.19 20.60
N VAL G 248 17.78 -1.11 20.86
CA VAL G 248 18.26 -1.71 22.10
C VAL G 248 19.64 -2.38 21.93
N GLN G 249 20.44 -2.32 23.00
CA GLN G 249 21.78 -2.89 23.02
C GLN G 249 21.74 -4.21 23.79
N VAL G 250 21.08 -5.21 23.23
CA VAL G 250 20.94 -6.52 23.87
C VAL G 250 22.21 -7.09 24.50
N SER G 251 22.03 -8.07 25.37
CA SER G 251 23.14 -8.70 26.07
C SER G 251 23.56 -10.03 25.43
N LYS G 252 22.93 -10.38 24.32
CA LYS G 252 23.22 -11.64 23.65
C LYS G 252 23.23 -11.47 22.14
N LYS G 253 24.32 -11.91 21.51
CA LYS G 253 24.46 -11.82 20.06
C LYS G 253 23.24 -12.43 19.38
N THR G 254 22.77 -11.80 18.31
CA THR G 254 21.61 -12.29 17.60
C THR G 254 21.64 -11.83 16.17
N PHE G 255 20.57 -12.11 15.44
CA PHE G 255 20.45 -11.73 14.05
C PHE G 255 19.06 -11.18 13.79
N ALA G 256 18.86 -10.61 12.62
CA ALA G 256 17.57 -10.04 12.26
C ALA G 256 16.49 -11.10 12.10
N GLU G 257 16.82 -12.22 11.47
CA GLU G 257 15.86 -13.31 11.28
C GLU G 257 15.33 -13.86 12.60
N GLU G 258 16.25 -14.02 13.57
CA GLU G 258 15.89 -14.55 14.89
C GLU G 258 15.13 -13.53 15.73
N VAL G 259 15.45 -12.26 15.53
CA VAL G 259 14.79 -11.18 16.24
C VAL G 259 13.31 -11.39 15.99
N ASN G 260 12.96 -11.58 14.72
CA ASN G 260 11.57 -11.77 14.32
C ASN G 260 10.90 -13.00 14.89
N ALA G 261 11.66 -14.08 15.03
CA ALA G 261 11.11 -15.32 15.58
C ALA G 261 10.43 -14.99 16.91
N ALA G 262 11.16 -14.30 17.79
CA ALA G 262 10.61 -13.91 19.08
C ALA G 262 9.29 -13.18 18.90
N PHE G 263 9.23 -12.32 17.90
CA PHE G 263 8.02 -11.58 17.61
C PHE G 263 6.93 -12.53 17.14
N ARG G 264 7.23 -13.26 16.08
CA ARG G 264 6.30 -14.21 15.47
C ARG G 264 5.81 -15.27 16.46
N ASP G 265 6.65 -15.61 17.43
CA ASP G 265 6.30 -16.61 18.45
C ASP G 265 5.26 -16.07 19.41
N SER G 266 5.65 -15.06 20.18
CA SER G 266 4.74 -14.43 21.11
C SER G 266 3.47 -14.20 20.30
N ALA G 267 3.67 -13.77 19.06
CA ALA G 267 2.59 -13.49 18.13
C ALA G 267 1.48 -14.54 18.10
N GLU G 268 1.87 -15.81 18.16
CA GLU G 268 0.88 -16.88 18.12
C GLU G 268 0.63 -17.56 19.47
N LYS G 269 1.29 -17.07 20.52
CA LYS G 269 1.08 -17.63 21.84
C LYS G 269 0.81 -16.54 22.89
N GLU G 270 1.86 -15.85 23.30
CA GLU G 270 1.73 -14.79 24.30
C GLU G 270 1.09 -13.52 23.75
N LEU G 271 1.84 -12.75 22.97
CA LEU G 271 1.33 -11.50 22.40
C LEU G 271 0.36 -11.70 21.23
N LYS G 272 -0.59 -12.61 21.37
CA LYS G 272 -1.58 -12.85 20.33
C LYS G 272 -2.70 -11.82 20.44
N GLY G 273 -2.80 -10.97 19.41
CA GLY G 273 -3.80 -9.91 19.40
C GLY G 273 -3.10 -8.61 19.72
N ILE G 274 -2.12 -8.68 20.62
CA ILE G 274 -1.36 -7.52 21.02
C ILE G 274 -0.25 -7.28 20.01
N LEU G 275 0.34 -8.38 19.54
CA LEU G 275 1.42 -8.31 18.57
C LEU G 275 1.15 -9.08 17.28
N ASP G 276 1.55 -8.46 16.16
CA ASP G 276 1.40 -9.04 14.83
C ASP G 276 2.62 -8.64 14.01
N VAL G 277 3.09 -9.55 13.18
CA VAL G 277 4.26 -9.30 12.35
C VAL G 277 3.95 -9.26 10.87
N CYS G 278 3.78 -8.06 10.34
CA CYS G 278 3.51 -7.89 8.91
C CYS G 278 4.88 -7.82 8.24
N ASP G 279 4.99 -8.41 7.05
CA ASP G 279 6.25 -8.45 6.33
C ASP G 279 6.39 -7.52 5.11
N GLU G 280 5.28 -7.30 4.40
CA GLU G 280 5.28 -6.47 3.20
C GLU G 280 5.76 -5.01 3.39
N PRO G 281 6.02 -4.31 2.28
CA PRO G 281 6.50 -2.92 2.31
C PRO G 281 5.41 -1.83 2.39
N LEU G 282 4.40 -2.06 3.23
CA LEU G 282 3.30 -1.12 3.40
C LEU G 282 3.73 0.25 3.91
N VAL G 283 2.77 1.19 3.95
CA VAL G 283 3.00 2.55 4.46
C VAL G 283 1.98 2.86 5.58
N SER G 284 2.10 4.04 6.18
CA SER G 284 1.21 4.42 7.28
C SER G 284 -0.29 4.30 6.97
N VAL G 285 -0.72 4.91 5.88
CA VAL G 285 -2.14 4.85 5.53
C VAL G 285 -2.68 3.42 5.51
N ASP G 286 -1.79 2.43 5.51
CA ASP G 286 -2.22 1.03 5.44
C ASP G 286 -2.35 0.34 6.77
N PHE G 287 -1.85 0.96 7.83
CA PHE G 287 -1.92 0.34 9.15
C PHE G 287 -3.10 0.84 9.98
N ARG G 288 -4.04 1.49 9.32
CA ARG G 288 -5.23 2.00 9.99
C ARG G 288 -6.05 0.84 10.53
N CYS G 289 -6.94 1.16 11.46
CA CYS G 289 -7.81 0.17 12.07
C CYS G 289 -7.16 -1.17 12.45
N SER G 290 -5.83 -1.16 12.59
CA SER G 290 -5.13 -2.38 12.96
C SER G 290 -5.23 -2.52 14.47
N ASP G 291 -5.79 -3.63 14.93
CA ASP G 291 -5.97 -3.90 16.34
C ASP G 291 -4.70 -4.33 17.06
N PHE G 292 -3.57 -4.20 16.39
CA PHE G 292 -2.31 -4.61 16.97
C PHE G 292 -1.50 -3.45 17.52
N SER G 293 -1.54 -3.34 18.86
CA SER G 293 -0.83 -2.30 19.59
C SER G 293 0.50 -1.99 18.94
N THR G 294 1.22 -3.05 18.57
CA THR G 294 2.51 -2.92 17.94
C THR G 294 2.61 -3.92 16.78
N THR G 295 2.77 -3.39 15.56
CA THR G 295 2.89 -4.24 14.39
C THR G 295 4.35 -4.19 13.99
N ILE G 296 5.00 -5.35 14.04
CA ILE G 296 6.41 -5.51 13.72
C ILE G 296 6.67 -5.66 12.22
N ASP G 297 7.29 -4.64 11.62
CA ASP G 297 7.60 -4.67 10.20
C ASP G 297 8.95 -5.37 9.93
N SER G 298 8.89 -6.66 9.63
CA SER G 298 10.07 -7.49 9.38
C SER G 298 11.16 -6.84 8.51
N SER G 299 10.82 -6.55 7.26
CA SER G 299 11.77 -5.95 6.33
C SER G 299 12.41 -4.66 6.87
N LEU G 300 12.18 -4.40 8.15
CA LEU G 300 12.73 -3.21 8.76
C LEU G 300 13.65 -3.60 9.91
N THR G 301 13.38 -4.75 10.52
CA THR G 301 14.20 -5.23 11.64
C THR G 301 15.61 -5.40 11.12
N MET G 302 16.61 -5.05 11.93
CA MET G 302 18.00 -5.18 11.49
C MET G 302 18.99 -5.26 12.66
N VAL G 303 20.11 -5.95 12.47
CA VAL G 303 21.11 -6.05 13.51
C VAL G 303 22.34 -5.21 13.21
N MET G 304 22.75 -4.41 14.18
CA MET G 304 23.92 -3.56 14.03
C MET G 304 25.08 -4.10 14.85
N GLY G 305 25.96 -4.86 14.19
CA GLY G 305 27.11 -5.42 14.90
C GLY G 305 26.75 -6.48 15.92
N ASP G 306 25.79 -7.36 15.58
CA ASP G 306 25.35 -8.45 16.49
C ASP G 306 24.56 -8.05 17.77
N ASP G 307 24.97 -6.98 18.43
CA ASP G 307 24.32 -6.54 19.66
C ASP G 307 23.70 -5.14 19.69
N MET G 308 22.87 -4.84 18.70
CA MET G 308 22.17 -3.56 18.63
C MET G 308 21.07 -3.63 17.57
N VAL G 309 19.92 -4.18 17.97
CA VAL G 309 18.79 -4.32 17.07
C VAL G 309 18.03 -2.99 17.08
N LYS G 310 17.49 -2.62 15.94
CA LYS G 310 16.71 -1.40 15.81
C LYS G 310 15.35 -1.83 15.26
N VAL G 311 14.38 -1.98 16.15
CA VAL G 311 13.04 -2.40 15.72
C VAL G 311 12.20 -1.20 15.31
N ILE G 312 11.41 -1.40 14.26
CA ILE G 312 10.50 -0.39 13.73
C ILE G 312 9.09 -0.96 13.71
N ALA G 313 8.20 -0.37 14.50
CA ALA G 313 6.81 -0.85 14.58
C ALA G 313 5.79 0.26 14.33
N TRP G 314 4.70 -0.13 13.68
CA TRP G 314 3.62 0.80 13.38
C TRP G 314 2.46 0.55 14.33
N TYR G 315 1.70 1.60 14.60
CA TYR G 315 0.53 1.49 15.47
C TYR G 315 -0.46 2.60 15.15
N ASP G 316 -1.74 2.30 15.35
CA ASP G 316 -2.81 3.27 15.13
C ASP G 316 -3.09 3.89 16.50
N ASN G 317 -2.61 5.12 16.73
CA ASN G 317 -2.81 5.78 18.03
C ASN G 317 -4.28 5.88 18.44
N GLU G 318 -5.16 6.15 17.48
CA GLU G 318 -6.57 6.26 17.79
C GLU G 318 -7.18 4.87 17.95
N TRP G 319 -7.40 4.22 16.83
CA TRP G 319 -8.01 2.89 16.83
C TRP G 319 -7.20 1.84 17.61
N GLY G 320 -5.91 1.76 17.33
CA GLY G 320 -5.07 0.81 18.02
C GLY G 320 -5.28 0.90 19.51
N TYR G 321 -4.92 2.06 20.06
CA TYR G 321 -5.04 2.30 21.49
C TYR G 321 -6.43 2.00 22.04
N SER G 322 -7.46 2.48 21.35
CA SER G 322 -8.84 2.28 21.77
C SER G 322 -9.21 0.84 22.06
N GLN G 323 -8.86 -0.06 21.14
CA GLN G 323 -9.17 -1.48 21.32
C GLN G 323 -8.53 -1.99 22.62
N ARG G 324 -7.40 -1.40 23.00
CA ARG G 324 -6.70 -1.78 24.22
C ARG G 324 -7.47 -1.35 25.44
N VAL G 325 -8.02 -0.13 25.42
CA VAL G 325 -8.80 0.34 26.56
C VAL G 325 -9.93 -0.66 26.76
N VAL G 326 -10.49 -1.13 25.65
CA VAL G 326 -11.57 -2.12 25.73
C VAL G 326 -11.03 -3.37 26.42
N ASP G 327 -9.94 -3.91 25.89
CA ASP G 327 -9.33 -5.10 26.48
C ASP G 327 -9.18 -4.90 27.99
N LEU G 328 -8.50 -3.82 28.35
CA LEU G 328 -8.27 -3.51 29.76
C LEU G 328 -9.59 -3.49 30.52
N ALA G 329 -10.59 -2.83 29.94
CA ALA G 329 -11.90 -2.75 30.56
C ALA G 329 -12.48 -4.15 30.75
N ASP G 330 -12.22 -5.04 29.78
CA ASP G 330 -12.71 -6.40 29.89
C ASP G 330 -12.06 -7.03 31.11
N ILE G 331 -10.75 -6.85 31.23
CA ILE G 331 -10.02 -7.38 32.37
C ILE G 331 -10.77 -6.99 33.63
N VAL G 332 -10.78 -5.71 33.97
CA VAL G 332 -11.46 -5.22 35.16
C VAL G 332 -12.86 -5.83 35.26
N ALA G 333 -13.53 -5.94 34.11
CA ALA G 333 -14.87 -6.49 34.04
C ALA G 333 -14.86 -7.95 34.46
N ASN G 334 -13.98 -8.73 33.85
CA ASN G 334 -13.86 -10.15 34.13
C ASN G 334 -13.09 -10.45 35.42
N ASN G 335 -12.60 -9.39 36.06
CA ASN G 335 -11.88 -9.48 37.33
C ASN G 335 -12.54 -8.45 38.23
N TRP G 336 -13.81 -8.73 38.53
CA TRP G 336 -14.60 -7.82 39.35
C TRP G 336 -15.13 -8.53 40.58
N LYS G 337 -14.95 -7.90 41.73
CA LYS G 337 -15.43 -8.48 42.98
C LYS G 337 -16.55 -7.63 43.58
N LYS H 2 -18.78 -12.90 -19.82
CA LYS H 2 -18.96 -13.29 -21.24
C LYS H 2 -18.12 -12.42 -22.18
N LEU H 3 -17.96 -11.15 -21.84
CA LEU H 3 -17.17 -10.25 -22.67
C LEU H 3 -15.82 -9.99 -22.01
N LYS H 4 -14.77 -10.52 -22.62
CA LYS H 4 -13.41 -10.36 -22.10
C LYS H 4 -12.95 -8.92 -22.33
N VAL H 5 -12.53 -8.26 -21.26
CA VAL H 5 -12.08 -6.87 -21.37
C VAL H 5 -10.63 -6.67 -20.92
N ALA H 6 -9.93 -5.78 -21.61
CA ALA H 6 -8.55 -5.47 -21.29
C ALA H 6 -8.54 -4.15 -20.53
N ILE H 7 -7.41 -3.82 -19.91
CA ILE H 7 -7.30 -2.57 -19.16
C ILE H 7 -5.94 -1.92 -19.43
N ASN H 8 -5.89 -0.99 -20.38
CA ASN H 8 -4.64 -0.32 -20.68
C ASN H 8 -4.51 0.85 -19.72
N GLY H 9 -3.35 0.95 -19.08
CA GLY H 9 -3.13 2.02 -18.11
C GLY H 9 -3.69 1.54 -16.78
N PHE H 10 -2.83 1.06 -15.90
CA PHE H 10 -3.28 0.56 -14.62
C PHE H 10 -2.99 1.56 -13.50
N GLY H 11 -3.60 2.73 -13.61
CA GLY H 11 -3.41 3.76 -12.61
C GLY H 11 -4.63 3.95 -11.73
N ARG H 12 -4.94 5.20 -11.41
CA ARG H 12 -6.09 5.50 -10.56
C ARG H 12 -7.38 4.88 -11.09
N ILE H 13 -7.90 5.44 -12.17
CA ILE H 13 -9.14 4.92 -12.74
C ILE H 13 -8.96 3.44 -13.08
N GLY H 14 -7.76 3.09 -13.54
CA GLY H 14 -7.49 1.71 -13.88
C GLY H 14 -7.81 0.80 -12.71
N ARG H 15 -7.12 1.02 -11.60
CA ARG H 15 -7.32 0.22 -10.41
C ARG H 15 -8.69 0.44 -9.78
N ASN H 16 -9.18 1.68 -9.83
CA ASN H 16 -10.50 1.98 -9.27
C ASN H 16 -11.53 1.14 -10.04
N PHE H 17 -11.39 1.14 -11.37
CA PHE H 17 -12.27 0.41 -12.25
C PHE H 17 -12.27 -1.08 -11.92
N LEU H 18 -11.07 -1.65 -11.81
CA LEU H 18 -10.90 -3.06 -11.49
C LEU H 18 -11.59 -3.43 -10.18
N ARG H 19 -11.45 -2.58 -9.18
CA ARG H 19 -12.07 -2.84 -7.89
C ARG H 19 -13.57 -2.58 -7.90
N CYS H 20 -14.02 -1.66 -8.74
CA CYS H 20 -15.44 -1.34 -8.86
C CYS H 20 -16.17 -2.55 -9.42
N TRP H 21 -15.59 -3.13 -10.47
CA TRP H 21 -16.17 -4.29 -11.10
C TRP H 21 -16.22 -5.47 -10.15
N HIS H 22 -15.10 -5.71 -9.46
CA HIS H 22 -14.98 -6.81 -8.51
C HIS H 22 -16.15 -6.83 -7.53
N GLY H 23 -16.67 -5.65 -7.22
CA GLY H 23 -17.79 -5.56 -6.28
C GLY H 23 -19.14 -5.69 -6.95
N ARG H 24 -19.14 -5.71 -8.28
CA ARG H 24 -20.37 -5.83 -9.06
C ARG H 24 -20.88 -7.26 -9.07
N LYS H 25 -22.20 -7.43 -8.99
CA LYS H 25 -22.81 -8.75 -9.02
C LYS H 25 -22.59 -9.35 -10.40
N ASP H 26 -21.60 -10.25 -10.51
CA ASP H 26 -21.27 -10.89 -11.78
C ASP H 26 -21.85 -10.12 -12.96
N SER H 27 -21.14 -9.08 -13.37
CA SER H 27 -21.57 -8.23 -14.48
C SER H 27 -21.27 -8.89 -15.82
N PRO H 28 -21.96 -8.44 -16.88
CA PRO H 28 -21.74 -9.01 -18.22
C PRO H 28 -20.35 -8.64 -18.71
N LEU H 29 -19.35 -8.90 -17.87
CA LEU H 29 -17.96 -8.62 -18.18
C LEU H 29 -16.99 -9.47 -17.36
N ASP H 30 -15.75 -9.53 -17.83
CA ASP H 30 -14.68 -10.26 -17.16
C ASP H 30 -13.37 -9.76 -17.74
N ILE H 31 -12.49 -9.32 -16.85
CA ILE H 31 -11.19 -8.80 -17.26
C ILE H 31 -10.42 -9.93 -17.94
N ILE H 32 -9.10 -9.90 -17.86
CA ILE H 32 -8.27 -10.91 -18.49
C ILE H 32 -6.82 -10.43 -18.54
N ALA H 33 -6.62 -9.18 -18.93
CA ALA H 33 -5.28 -8.63 -19.03
C ALA H 33 -5.19 -7.17 -18.65
N ILE H 34 -4.00 -6.78 -18.22
CA ILE H 34 -3.73 -5.42 -17.80
C ILE H 34 -2.38 -5.04 -18.39
N ASN H 35 -2.31 -3.85 -18.97
CA ASN H 35 -1.08 -3.36 -19.57
C ASN H 35 -0.71 -2.04 -18.91
N ASP H 36 0.55 -1.88 -18.53
CA ASP H 36 0.99 -0.65 -17.86
C ASP H 36 2.51 -0.54 -17.92
N THR H 37 3.02 0.63 -18.28
CA THR H 37 4.45 0.84 -18.36
C THR H 37 5.18 0.29 -17.13
N GLY H 38 4.48 0.23 -16.01
CA GLY H 38 5.07 -0.31 -14.79
C GLY H 38 5.24 -1.81 -14.93
N GLY H 39 5.87 -2.44 -13.93
CA GLY H 39 6.08 -3.87 -13.99
C GLY H 39 4.99 -4.68 -13.33
N VAL H 40 5.07 -5.99 -13.49
CA VAL H 40 4.10 -6.91 -12.91
C VAL H 40 4.18 -6.89 -11.39
N LYS H 41 5.33 -6.46 -10.89
CA LYS H 41 5.56 -6.39 -9.44
C LYS H 41 4.65 -5.32 -8.83
N GLN H 42 4.66 -4.13 -9.42
CA GLN H 42 3.84 -3.02 -8.95
C GLN H 42 2.35 -3.36 -9.04
N ALA H 43 1.92 -3.79 -10.22
CA ALA H 43 0.53 -4.15 -10.46
C ALA H 43 -0.05 -4.96 -9.30
N SER H 44 0.81 -5.64 -8.56
CA SER H 44 0.38 -6.47 -7.43
C SER H 44 0.27 -5.75 -6.08
N HIS H 45 1.05 -4.70 -5.89
CA HIS H 45 1.03 -3.97 -4.63
C HIS H 45 -0.08 -2.94 -4.69
N LEU H 46 0.09 -1.95 -5.56
CA LEU H 46 -0.87 -0.86 -5.73
C LEU H 46 -2.35 -1.27 -5.84
N LEU H 47 -2.64 -2.55 -5.97
CA LEU H 47 -4.03 -2.99 -6.07
C LEU H 47 -4.50 -3.56 -4.73
N LYS H 48 -3.55 -3.82 -3.84
CA LYS H 48 -3.90 -4.36 -2.53
C LYS H 48 -3.74 -3.27 -1.50
N TYR H 49 -2.85 -2.32 -1.79
CA TYR H 49 -2.62 -1.23 -0.87
C TYR H 49 -2.87 0.12 -1.52
N ASP H 50 -4.09 0.60 -1.36
CA ASP H 50 -4.53 1.88 -1.90
C ASP H 50 -4.52 2.98 -0.84
N SER H 51 -3.74 4.03 -1.08
CA SER H 51 -3.64 5.13 -0.14
C SER H 51 -4.86 6.05 -0.18
N THR H 52 -5.96 5.55 -0.77
CA THR H 52 -7.21 6.30 -0.88
C THR H 52 -8.41 5.39 -0.58
N LEU H 53 -8.40 4.19 -1.15
CA LEU H 53 -9.48 3.24 -0.94
C LEU H 53 -9.14 2.28 0.20
N GLY H 54 -7.89 2.34 0.68
CA GLY H 54 -7.46 1.48 1.76
C GLY H 54 -6.94 0.14 1.26
N ILE H 55 -7.20 -0.92 2.03
CA ILE H 55 -6.76 -2.27 1.67
C ILE H 55 -7.88 -3.05 0.98
N PHE H 56 -7.65 -3.37 -0.30
CA PHE H 56 -8.61 -4.11 -1.10
C PHE H 56 -8.84 -5.49 -0.49
N ASP H 57 -10.04 -5.70 0.06
CA ASP H 57 -10.37 -6.97 0.68
C ASP H 57 -10.45 -8.15 -0.30
N ALA H 58 -9.28 -8.69 -0.64
CA ALA H 58 -9.19 -9.81 -1.57
C ALA H 58 -7.81 -10.46 -1.44
N ASP H 59 -7.18 -10.78 -2.57
CA ASP H 59 -5.87 -11.41 -2.58
C ASP H 59 -5.06 -10.99 -3.80
N VAL H 60 -4.31 -9.90 -3.66
CA VAL H 60 -3.50 -9.39 -4.75
C VAL H 60 -2.04 -9.86 -4.65
N LYS H 61 -1.74 -10.96 -5.32
CA LYS H 61 -0.40 -11.53 -5.34
C LYS H 61 0.03 -11.81 -6.78
N PRO H 62 1.34 -11.78 -7.05
CA PRO H 62 1.78 -12.05 -8.41
C PRO H 62 1.77 -13.55 -8.71
N SER H 63 1.10 -13.94 -9.78
CA SER H 63 1.02 -15.35 -10.18
C SER H 63 1.93 -15.60 -11.37
N GLY H 64 3.24 -15.66 -11.11
CA GLY H 64 4.18 -15.88 -12.18
C GLY H 64 5.07 -14.67 -12.41
N GLU H 65 5.90 -14.73 -13.43
CA GLU H 65 6.80 -13.64 -13.77
C GLU H 65 6.09 -12.63 -14.67
N THR H 66 4.79 -12.83 -14.89
CA THR H 66 4.05 -11.92 -15.76
C THR H 66 2.53 -11.98 -15.63
N ALA H 67 2.03 -11.95 -14.40
CA ALA H 67 0.59 -12.00 -14.16
C ALA H 67 0.30 -11.79 -12.67
N ILE H 68 -0.99 -11.68 -12.32
CA ILE H 68 -1.37 -11.49 -10.93
C ILE H 68 -2.65 -12.23 -10.59
N SER H 69 -2.65 -12.89 -9.44
CA SER H 69 -3.80 -13.63 -8.98
C SER H 69 -4.67 -12.76 -8.06
N VAL H 70 -5.98 -12.85 -8.25
CA VAL H 70 -6.92 -12.08 -7.45
C VAL H 70 -8.13 -12.94 -7.12
N ASP H 71 -8.18 -13.41 -5.88
CA ASP H 71 -9.29 -14.24 -5.42
C ASP H 71 -9.36 -15.61 -6.11
N GLY H 72 -8.25 -16.01 -6.73
CA GLY H 72 -8.23 -17.31 -7.41
C GLY H 72 -8.16 -17.23 -8.92
N LYS H 73 -8.81 -16.21 -9.49
CA LYS H 73 -8.81 -16.01 -10.92
C LYS H 73 -7.57 -15.20 -11.26
N ILE H 74 -6.85 -15.63 -12.28
CA ILE H 74 -5.62 -14.96 -12.71
C ILE H 74 -5.95 -13.87 -13.74
N ILE H 75 -4.94 -13.14 -14.16
CA ILE H 75 -5.12 -12.08 -15.14
C ILE H 75 -3.76 -11.57 -15.56
N GLN H 76 -3.23 -12.18 -16.62
CA GLN H 76 -1.92 -11.85 -17.16
C GLN H 76 -1.66 -10.34 -17.23
N VAL H 77 -0.46 -9.95 -16.80
CA VAL H 77 -0.04 -8.55 -16.79
C VAL H 77 0.96 -8.33 -17.90
N VAL H 78 0.52 -7.80 -19.03
CA VAL H 78 1.43 -7.55 -20.12
C VAL H 78 2.11 -6.21 -19.84
N SER H 79 2.79 -5.69 -20.86
CA SER H 79 3.48 -4.41 -20.75
C SER H 79 4.10 -4.07 -22.09
N ASN H 80 3.86 -2.84 -22.53
CA ASN H 80 4.39 -2.36 -23.79
C ASN H 80 3.81 -0.97 -24.03
N ARG H 81 4.66 0.04 -23.89
CA ARG H 81 4.26 1.43 -24.05
C ARG H 81 3.23 1.65 -25.14
N ASN H 82 3.50 1.14 -26.34
CA ASN H 82 2.58 1.32 -27.46
C ASN H 82 1.51 0.23 -27.55
N PRO H 83 0.26 0.63 -27.89
CA PRO H 83 -0.88 -0.28 -28.01
C PRO H 83 -0.74 -1.31 -29.13
N SER H 84 -0.72 -0.83 -30.36
CA SER H 84 -0.61 -1.67 -31.55
C SER H 84 0.11 -3.00 -31.29
N LEU H 85 1.32 -2.91 -30.72
CA LEU H 85 2.12 -4.10 -30.42
C LEU H 85 1.37 -5.06 -29.50
N LEU H 86 0.80 -4.54 -28.43
CA LEU H 86 0.07 -5.34 -27.45
C LEU H 86 -0.67 -6.53 -28.04
N PRO H 87 -0.56 -7.71 -27.38
CA PRO H 87 -1.18 -8.97 -27.78
C PRO H 87 -2.69 -9.00 -27.51
N TRP H 88 -3.40 -8.01 -28.05
CA TRP H 88 -4.84 -7.93 -27.88
C TRP H 88 -5.57 -8.98 -28.71
N LYS H 89 -5.08 -9.19 -29.93
CA LYS H 89 -5.70 -10.15 -30.84
C LYS H 89 -5.50 -11.61 -30.48
N GLU H 90 -4.48 -11.91 -29.67
CA GLU H 90 -4.17 -13.28 -29.26
C GLU H 90 -5.42 -14.11 -29.02
N LEU H 91 -6.46 -13.47 -28.49
CA LEU H 91 -7.76 -14.12 -28.21
C LEU H 91 -8.52 -13.41 -27.10
N GLY H 92 -9.81 -13.23 -27.31
CA GLY H 92 -10.64 -12.57 -26.31
C GLY H 92 -10.82 -11.08 -26.50
N ILE H 93 -9.92 -10.30 -25.91
CA ILE H 93 -9.93 -8.84 -25.96
C ILE H 93 -11.11 -8.23 -26.71
N ASP H 94 -12.25 -8.18 -26.03
CA ASP H 94 -13.48 -7.62 -26.61
C ASP H 94 -13.47 -6.09 -26.51
N ILE H 95 -13.13 -5.57 -25.33
CA ILE H 95 -13.10 -4.13 -25.11
C ILE H 95 -11.89 -3.70 -24.28
N VAL H 96 -11.33 -2.54 -24.63
CA VAL H 96 -10.16 -2.00 -23.95
C VAL H 96 -10.45 -0.68 -23.21
N ILE H 97 -10.54 -0.75 -21.89
CA ILE H 97 -10.79 0.44 -21.08
C ILE H 97 -9.53 1.30 -21.15
N GLU H 98 -9.57 2.34 -21.98
CA GLU H 98 -8.41 3.22 -22.13
C GLU H 98 -8.09 4.00 -20.87
N GLY H 99 -7.47 3.33 -19.90
CA GLY H 99 -7.13 3.98 -18.65
C GLY H 99 -5.85 4.80 -18.63
N THR H 100 -4.99 4.61 -19.63
CA THR H 100 -3.72 5.33 -19.68
C THR H 100 -3.90 6.84 -19.75
N GLY H 101 -5.04 7.28 -20.27
CA GLY H 101 -5.28 8.71 -20.38
C GLY H 101 -4.32 9.36 -21.39
N VAL H 102 -3.68 8.54 -22.22
CA VAL H 102 -2.75 9.06 -23.20
C VAL H 102 -3.28 8.92 -24.63
N PHE H 103 -4.26 8.03 -24.79
CA PHE H 103 -4.87 7.78 -26.09
C PHE H 103 -6.30 8.34 -26.09
N VAL H 104 -6.42 9.60 -26.46
CA VAL H 104 -7.70 10.28 -26.48
C VAL H 104 -8.29 10.45 -27.87
N ASP H 105 -7.44 10.74 -28.85
CA ASP H 105 -7.90 10.93 -30.23
C ASP H 105 -8.15 9.65 -31.00
N ARG H 106 -8.58 9.80 -32.25
CA ARG H 106 -8.89 8.67 -33.12
C ARG H 106 -7.73 7.70 -33.29
N GLU H 107 -6.66 8.15 -33.92
CA GLU H 107 -5.49 7.30 -34.13
C GLU H 107 -5.14 6.57 -32.84
N GLY H 108 -5.35 7.25 -31.71
CA GLY H 108 -5.05 6.67 -30.42
C GLY H 108 -5.74 5.35 -30.15
N ALA H 109 -6.95 5.42 -29.60
CA ALA H 109 -7.73 4.22 -29.27
C ALA H 109 -7.84 3.23 -30.42
N GLY H 110 -7.55 3.68 -31.64
CA GLY H 110 -7.62 2.81 -32.79
C GLY H 110 -6.57 1.71 -32.68
N LYS H 111 -5.40 2.08 -32.17
CA LYS H 111 -4.29 1.16 -31.99
C LYS H 111 -4.70 -0.12 -31.25
N HIS H 112 -5.65 0.01 -30.33
CA HIS H 112 -6.14 -1.15 -29.59
C HIS H 112 -6.93 -2.01 -30.55
N ILE H 113 -7.62 -1.36 -31.49
CA ILE H 113 -8.41 -2.06 -32.49
C ILE H 113 -7.44 -2.71 -33.48
N GLU H 114 -6.36 -1.99 -33.79
CA GLU H 114 -5.33 -2.50 -34.69
C GLU H 114 -4.72 -3.75 -34.06
N ALA H 115 -4.50 -3.71 -32.75
CA ALA H 115 -3.92 -4.84 -32.06
C ALA H 115 -4.92 -6.00 -32.05
N GLY H 116 -6.17 -5.73 -32.42
CA GLY H 116 -7.19 -6.77 -32.47
C GLY H 116 -8.26 -6.74 -31.40
N ALA H 117 -8.65 -5.54 -30.98
CA ALA H 117 -9.69 -5.39 -29.95
C ALA H 117 -11.05 -5.05 -30.56
N LYS H 118 -12.06 -5.82 -30.18
CA LYS H 118 -13.42 -5.64 -30.68
C LYS H 118 -13.99 -4.26 -30.44
N LYS H 119 -13.54 -3.58 -29.38
CA LYS H 119 -14.05 -2.24 -29.07
C LYS H 119 -13.19 -1.52 -28.03
N VAL H 120 -13.24 -0.18 -28.04
CA VAL H 120 -12.46 0.62 -27.11
C VAL H 120 -13.21 1.82 -26.52
N ILE H 121 -13.25 1.87 -25.19
CA ILE H 121 -13.94 2.94 -24.47
C ILE H 121 -12.96 3.81 -23.66
N ILE H 122 -12.82 5.06 -24.06
CA ILE H 122 -11.94 6.03 -23.41
C ILE H 122 -12.49 6.55 -22.09
N THR H 123 -11.62 6.73 -21.09
CA THR H 123 -12.08 7.23 -19.80
C THR H 123 -11.84 8.74 -19.67
N ALA H 124 -12.17 9.49 -20.72
CA ALA H 124 -11.99 10.94 -20.70
C ALA H 124 -12.45 11.58 -22.01
N PRO H 125 -12.61 12.91 -22.03
CA PRO H 125 -13.04 13.64 -23.22
C PRO H 125 -12.10 13.49 -24.42
N GLY H 126 -12.59 12.85 -25.47
CA GLY H 126 -11.79 12.67 -26.67
C GLY H 126 -11.42 14.04 -27.23
N LYS H 127 -10.29 14.11 -27.92
CA LYS H 127 -9.84 15.37 -28.48
C LYS H 127 -10.37 15.59 -29.90
N GLY H 128 -11.27 14.71 -30.33
CA GLY H 128 -11.81 14.84 -31.66
C GLY H 128 -13.30 14.65 -31.81
N ASP H 129 -13.67 13.80 -32.76
CA ASP H 129 -15.06 13.50 -33.07
C ASP H 129 -15.53 12.20 -32.40
N ILE H 130 -14.90 11.85 -31.29
CA ILE H 130 -15.26 10.63 -30.58
C ILE H 130 -16.63 10.75 -29.91
N PRO H 131 -17.51 9.77 -30.13
CA PRO H 131 -18.86 9.73 -29.56
C PRO H 131 -18.87 9.67 -28.03
N THR H 132 -19.29 10.76 -27.38
CA THR H 132 -19.32 10.82 -25.92
C THR H 132 -20.67 10.37 -25.35
N TYR H 133 -20.64 9.82 -24.14
CA TYR H 133 -21.84 9.35 -23.44
C TYR H 133 -21.74 9.64 -21.94
N VAL H 134 -22.89 9.74 -21.26
CA VAL H 134 -22.95 9.99 -19.82
C VAL H 134 -24.13 9.23 -19.24
N VAL H 135 -23.85 8.29 -18.34
CA VAL H 135 -24.89 7.46 -17.73
C VAL H 135 -26.02 8.25 -17.06
N GLY H 136 -27.23 8.10 -17.57
CA GLY H 136 -28.37 8.82 -17.02
C GLY H 136 -28.61 10.12 -17.74
N VAL H 137 -27.95 10.30 -18.89
CA VAL H 137 -28.06 11.51 -19.68
C VAL H 137 -28.10 11.20 -21.19
N ASN H 138 -28.03 9.91 -21.53
CA ASN H 138 -28.07 9.45 -22.92
C ASN H 138 -27.37 8.10 -23.00
N ALA H 139 -27.18 7.49 -21.84
CA ALA H 139 -26.52 6.20 -21.75
C ALA H 139 -27.15 5.20 -22.71
N ASP H 140 -28.42 5.45 -23.04
CA ASP H 140 -29.15 4.56 -23.93
C ASP H 140 -28.92 4.84 -25.41
N ALA H 141 -28.57 6.08 -25.75
CA ALA H 141 -28.33 6.46 -27.14
C ALA H 141 -27.01 5.93 -27.70
N TYR H 142 -26.69 4.69 -27.36
CA TYR H 142 -25.46 4.02 -27.83
C TYR H 142 -25.74 2.98 -28.91
N SER H 143 -25.08 3.12 -30.05
CA SER H 143 -25.26 2.19 -31.17
C SER H 143 -24.03 1.27 -31.29
N HIS H 144 -24.27 -0.04 -31.35
CA HIS H 144 -23.22 -1.05 -31.46
C HIS H 144 -22.09 -0.68 -32.41
N ASP H 145 -22.43 -0.11 -33.56
CA ASP H 145 -21.42 0.26 -34.56
C ASP H 145 -20.48 1.38 -34.09
N GLU H 146 -20.29 1.49 -32.78
CA GLU H 146 -19.41 2.50 -32.20
C GLU H 146 -18.07 1.89 -31.77
N PRO H 147 -16.99 2.19 -32.49
CA PRO H 147 -15.65 1.66 -32.17
C PRO H 147 -15.04 2.30 -30.93
N ILE H 148 -14.93 3.63 -30.95
CA ILE H 148 -14.35 4.37 -29.84
C ILE H 148 -15.40 5.30 -29.21
N ILE H 149 -15.65 5.15 -27.92
CA ILE H 149 -16.62 5.99 -27.21
C ILE H 149 -16.04 6.48 -25.89
N SER H 150 -16.44 7.67 -25.47
CA SER H 150 -15.94 8.28 -24.25
C SER H 150 -16.98 8.47 -23.13
N ASN H 151 -16.54 8.21 -21.89
CA ASN H 151 -17.40 8.36 -20.71
C ASN H 151 -17.27 9.81 -20.22
N ALA H 152 -16.64 10.65 -21.04
CA ALA H 152 -16.45 12.07 -20.72
C ALA H 152 -15.64 12.33 -19.46
N SER H 153 -15.72 13.57 -18.96
CA SER H 153 -15.00 14.00 -17.76
C SER H 153 -15.73 13.69 -16.46
N CYS H 154 -14.97 13.35 -15.41
CA CYS H 154 -15.56 13.06 -14.11
C CYS H 154 -16.45 14.23 -13.66
N THR H 155 -16.04 15.44 -14.03
CA THR H 155 -16.79 16.65 -13.69
C THR H 155 -18.06 16.73 -14.53
N THR H 156 -17.99 16.20 -15.75
CA THR H 156 -19.15 16.21 -16.65
C THR H 156 -20.24 15.25 -16.19
N ASN H 157 -19.85 14.18 -15.49
CA ASN H 157 -20.83 13.21 -15.00
C ASN H 157 -21.57 13.75 -13.77
N CYS H 158 -21.05 14.83 -13.21
CA CYS H 158 -21.64 15.46 -12.03
C CYS H 158 -22.62 16.53 -12.45
N LEU H 159 -22.28 17.29 -13.49
CA LEU H 159 -23.15 18.36 -13.99
C LEU H 159 -24.33 17.78 -14.76
N ALA H 160 -24.02 17.18 -15.91
CA ALA H 160 -25.04 16.60 -16.78
C ALA H 160 -26.32 16.17 -16.06
N PRO H 161 -26.21 15.29 -15.07
CA PRO H 161 -27.40 14.84 -14.34
C PRO H 161 -28.31 15.93 -13.76
N PHE H 162 -27.75 16.80 -12.92
CA PHE H 162 -28.57 17.84 -12.31
C PHE H 162 -28.72 19.10 -13.15
N VAL H 163 -28.11 19.10 -14.33
CA VAL H 163 -28.22 20.22 -15.25
C VAL H 163 -29.34 19.84 -16.21
N LYS H 164 -29.55 18.53 -16.36
CA LYS H 164 -30.60 18.02 -17.22
C LYS H 164 -31.90 18.31 -16.48
N VAL H 165 -31.84 18.27 -15.16
CA VAL H 165 -33.02 18.54 -14.33
C VAL H 165 -33.32 20.03 -14.34
N LEU H 166 -32.36 20.83 -13.90
CA LEU H 166 -32.53 22.27 -13.88
C LEU H 166 -33.13 22.78 -15.18
N ASP H 167 -32.67 22.20 -16.30
CA ASP H 167 -33.15 22.59 -17.61
C ASP H 167 -34.63 22.26 -17.79
N GLN H 168 -35.01 21.02 -17.50
CA GLN H 168 -36.40 20.59 -17.61
C GLN H 168 -37.35 21.47 -16.82
N LYS H 169 -37.32 21.31 -15.49
CA LYS H 169 -38.19 22.04 -14.56
C LYS H 169 -38.02 23.54 -14.46
N PHE H 170 -37.01 24.11 -15.12
CA PHE H 170 -36.80 25.56 -15.03
C PHE H 170 -36.26 26.21 -16.30
N GLY H 171 -35.55 25.44 -17.12
CA GLY H 171 -35.00 25.98 -18.35
C GLY H 171 -33.86 26.95 -18.07
N ILE H 172 -32.66 26.58 -18.53
CA ILE H 172 -31.47 27.41 -18.33
C ILE H 172 -31.19 28.30 -19.52
N ILE H 173 -30.75 29.52 -19.25
CA ILE H 173 -30.42 30.48 -20.29
C ILE H 173 -28.91 30.36 -20.50
N LYS H 174 -28.17 30.39 -19.40
CA LYS H 174 -26.72 30.30 -19.41
C LYS H 174 -26.23 30.22 -17.97
N GLY H 175 -25.14 29.49 -17.74
CA GLY H 175 -24.64 29.37 -16.38
C GLY H 175 -23.15 29.16 -16.19
N THR H 176 -22.57 30.00 -15.34
CA THR H 176 -21.16 29.91 -15.02
C THR H 176 -21.00 28.72 -14.07
N MET H 177 -19.85 28.03 -14.15
CA MET H 177 -19.60 26.88 -13.29
C MET H 177 -18.18 26.89 -12.74
N THR H 178 -18.03 26.59 -11.45
CA THR H 178 -16.72 26.54 -10.80
C THR H 178 -16.61 25.27 -9.97
N THR H 179 -15.66 24.40 -10.30
CA THR H 179 -15.48 23.17 -9.55
C THR H 179 -14.24 23.13 -8.69
N THR H 180 -14.44 23.06 -7.38
CA THR H 180 -13.34 22.98 -6.43
C THR H 180 -12.98 21.49 -6.44
N HIS H 181 -11.99 21.16 -7.27
CA HIS H 181 -11.54 19.79 -7.49
C HIS H 181 -10.36 19.31 -6.64
N SER H 182 -10.30 18.01 -6.38
CA SER H 182 -9.20 17.42 -5.63
C SER H 182 -8.05 17.41 -6.60
N TYR H 183 -6.81 17.27 -6.11
CA TYR H 183 -5.67 17.24 -7.03
C TYR H 183 -5.57 15.82 -7.60
N THR H 184 -4.90 15.67 -8.73
CA THR H 184 -4.75 14.37 -9.35
C THR H 184 -3.44 14.25 -10.10
N GLY H 185 -3.30 13.16 -10.85
CA GLY H 185 -2.10 12.91 -11.62
C GLY H 185 -1.39 14.12 -12.21
N ASP H 186 -2.04 14.80 -13.16
CA ASP H 186 -1.46 15.97 -13.83
C ASP H 186 -0.59 16.91 -13.02
N GLN H 187 -1.07 17.29 -11.85
CA GLN H 187 -0.36 18.20 -10.99
C GLN H 187 0.98 17.66 -10.48
N ARG H 188 1.93 18.54 -10.25
CA ARG H 188 3.24 18.14 -9.78
C ARG H 188 3.30 18.14 -8.26
N LEU H 189 3.87 17.07 -7.70
CA LEU H 189 4.00 16.91 -6.26
C LEU H 189 4.88 18.02 -5.66
N LEU H 190 5.65 18.67 -6.52
CA LEU H 190 6.53 19.77 -6.16
C LEU H 190 6.90 20.49 -7.45
N ASP H 191 6.56 21.78 -7.54
CA ASP H 191 6.82 22.60 -8.73
C ASP H 191 7.74 21.98 -9.78
N ALA H 192 7.17 21.44 -10.84
CA ALA H 192 7.96 20.82 -11.89
C ALA H 192 7.52 21.27 -13.28
N SER H 193 8.14 20.70 -14.30
CA SER H 193 7.83 21.02 -15.68
C SER H 193 6.43 20.56 -16.07
N HIS H 194 5.67 21.46 -16.70
CA HIS H 194 4.30 21.17 -17.12
C HIS H 194 3.78 22.28 -18.04
N ARG H 195 3.03 21.90 -19.07
CA ARG H 195 2.48 22.86 -20.03
C ARG H 195 1.58 23.90 -19.36
N ASP H 196 0.82 23.48 -18.36
CA ASP H 196 -0.05 24.39 -17.63
C ASP H 196 0.80 25.07 -16.56
N LEU H 197 1.08 26.35 -16.74
CA LEU H 197 1.91 27.07 -15.78
C LEU H 197 1.28 27.12 -14.38
N ARG H 198 0.15 26.43 -14.27
CA ARG H 198 -0.57 26.37 -13.01
C ARG H 198 -0.64 24.92 -12.53
N ARG H 199 -1.08 24.03 -13.41
CA ARG H 199 -1.20 22.63 -13.08
C ARG H 199 0.18 22.01 -12.82
N ALA H 200 1.17 22.87 -12.63
CA ALA H 200 2.54 22.42 -12.38
C ALA H 200 2.98 22.70 -10.94
N ARG H 201 2.37 23.68 -10.31
CA ARG H 201 2.71 24.05 -8.94
C ARG H 201 2.27 22.95 -7.96
N ALA H 202 3.09 22.74 -6.93
CA ALA H 202 2.84 21.72 -5.92
C ALA H 202 1.36 21.58 -5.63
N ALA H 203 0.81 20.42 -5.98
CA ALA H 203 -0.60 20.13 -5.81
C ALA H 203 -1.12 20.27 -4.37
N ALA H 204 -0.49 19.60 -3.44
CA ALA H 204 -0.93 19.63 -2.05
C ALA H 204 -0.44 20.83 -1.25
N LEU H 205 -0.20 21.96 -1.91
CA LEU H 205 0.29 23.13 -1.18
C LEU H 205 -0.38 24.46 -1.49
N ASN H 206 -1.27 24.48 -2.47
CA ASN H 206 -1.99 25.71 -2.81
C ASN H 206 -3.22 25.50 -3.69
N ILE H 207 -3.91 26.60 -4.00
CA ILE H 207 -5.11 26.55 -4.83
C ILE H 207 -4.69 26.73 -6.28
N VAL H 208 -4.99 25.72 -7.12
CA VAL H 208 -4.61 25.76 -8.53
C VAL H 208 -5.76 25.98 -9.49
N PRO H 209 -5.88 27.20 -10.05
CA PRO H 209 -6.96 27.50 -10.99
C PRO H 209 -6.65 26.88 -12.34
N THR H 210 -7.22 25.72 -12.64
CA THR H 210 -6.97 25.08 -13.92
C THR H 210 -8.16 25.30 -14.86
N SER H 211 -8.14 24.61 -15.99
CA SER H 211 -9.22 24.75 -16.97
C SER H 211 -9.99 23.45 -17.14
N THR H 212 -11.22 23.57 -17.64
CA THR H 212 -12.08 22.40 -17.82
C THR H 212 -13.20 22.63 -18.82
N GLY H 213 -13.11 21.95 -19.96
CA GLY H 213 -14.14 22.07 -20.96
C GLY H 213 -15.35 21.26 -20.55
N ALA H 214 -15.34 20.80 -19.29
CA ALA H 214 -16.43 19.99 -18.76
C ALA H 214 -17.76 20.72 -18.90
N ALA H 215 -17.72 22.03 -19.01
CA ALA H 215 -18.93 22.82 -19.16
C ALA H 215 -19.41 22.70 -20.60
N LYS H 216 -18.57 23.13 -21.52
CA LYS H 216 -18.91 23.06 -22.93
C LYS H 216 -19.07 21.58 -23.31
N ALA H 217 -18.62 20.70 -22.42
CA ALA H 217 -18.72 19.25 -22.65
C ALA H 217 -20.11 18.73 -22.35
N VAL H 218 -20.88 19.49 -21.57
CA VAL H 218 -22.23 19.08 -21.24
C VAL H 218 -23.09 19.38 -22.47
N ALA H 219 -22.52 20.17 -23.38
CA ALA H 219 -23.20 20.52 -24.62
C ALA H 219 -23.39 19.32 -25.54
N LEU H 220 -22.59 18.28 -25.34
CA LEU H 220 -22.65 17.07 -26.15
C LEU H 220 -23.67 16.07 -25.62
N VAL H 221 -23.68 15.89 -24.30
CA VAL H 221 -24.59 14.96 -23.65
C VAL H 221 -25.97 15.56 -23.48
N LEU H 222 -26.08 16.86 -23.72
CA LEU H 222 -27.34 17.59 -23.63
C LEU H 222 -27.23 18.72 -24.63
N PRO H 223 -27.31 18.38 -25.93
CA PRO H 223 -27.23 19.36 -27.03
C PRO H 223 -28.05 20.62 -26.81
N ASN H 224 -29.06 20.51 -25.96
CA ASN H 224 -29.94 21.63 -25.65
C ASN H 224 -29.23 22.77 -24.90
N LEU H 225 -28.07 22.47 -24.33
CA LEU H 225 -27.30 23.46 -23.58
C LEU H 225 -26.14 24.08 -24.33
N LYS H 226 -25.92 23.65 -25.57
CA LYS H 226 -24.81 24.18 -26.38
C LYS H 226 -24.79 25.71 -26.43
N GLY H 227 -23.60 26.28 -26.23
CA GLY H 227 -23.45 27.71 -26.27
C GLY H 227 -24.21 28.37 -25.14
N LYS H 228 -24.05 27.85 -23.93
CA LYS H 228 -24.74 28.40 -22.77
C LYS H 228 -23.93 28.27 -21.47
N LEU H 229 -23.01 27.31 -21.42
CA LEU H 229 -22.22 27.13 -20.20
C LEU H 229 -20.72 27.36 -20.39
N ASN H 230 -20.00 27.32 -19.28
CA ASN H 230 -18.54 27.51 -19.27
C ASN H 230 -18.06 27.40 -17.83
N GLY H 231 -16.87 27.91 -17.57
CA GLY H 231 -16.33 27.88 -16.21
C GLY H 231 -14.94 27.28 -16.11
N ILE H 232 -14.30 27.54 -14.98
CA ILE H 232 -12.96 27.04 -14.72
C ILE H 232 -12.99 26.07 -13.56
N ALA H 233 -11.82 25.59 -13.16
CA ALA H 233 -11.73 24.64 -12.05
C ALA H 233 -10.69 25.10 -11.02
N LEU H 234 -10.94 24.79 -9.76
CA LEU H 234 -10.01 25.14 -8.69
C LEU H 234 -9.53 23.85 -8.04
N ARG H 235 -8.27 23.52 -8.26
CA ARG H 235 -7.68 22.33 -7.67
C ARG H 235 -7.19 22.72 -6.26
N VAL H 236 -7.50 21.88 -5.28
CA VAL H 236 -7.10 22.15 -3.89
C VAL H 236 -6.50 20.93 -3.22
N PRO H 237 -5.70 21.15 -2.17
CA PRO H 237 -5.03 20.11 -1.40
C PRO H 237 -5.90 19.01 -0.77
N THR H 238 -6.41 18.10 -1.60
CA THR H 238 -7.22 16.97 -1.17
C THR H 238 -7.03 15.89 -2.23
N PRO H 239 -6.75 14.65 -1.82
CA PRO H 239 -6.52 13.54 -2.74
C PRO H 239 -7.72 13.20 -3.63
N ASN H 240 -8.86 12.93 -3.01
CA ASN H 240 -10.06 12.57 -3.77
C ASN H 240 -11.34 13.22 -3.23
N VAL H 241 -12.37 13.25 -4.08
CA VAL H 241 -13.68 13.84 -3.77
C VAL H 241 -13.70 15.31 -4.19
N SER H 242 -14.55 15.65 -5.15
CA SER H 242 -14.64 17.01 -5.65
C SER H 242 -16.06 17.55 -5.56
N VAL H 243 -16.21 18.85 -5.78
CA VAL H 243 -17.53 19.50 -5.70
C VAL H 243 -17.71 20.65 -6.68
N VAL H 244 -18.78 20.63 -7.47
CA VAL H 244 -19.01 21.72 -8.41
C VAL H 244 -19.94 22.79 -7.81
N ASP H 245 -19.65 24.03 -8.15
CA ASP H 245 -20.42 25.19 -7.69
C ASP H 245 -21.07 25.78 -8.94
N LEU H 246 -22.31 25.40 -9.19
CA LEU H 246 -23.02 25.87 -10.38
C LEU H 246 -23.93 27.07 -10.17
N VAL H 247 -23.85 28.00 -11.10
CA VAL H 247 -24.67 29.20 -11.05
C VAL H 247 -25.30 29.35 -12.43
N VAL H 248 -26.61 29.56 -12.47
CA VAL H 248 -27.30 29.71 -13.75
C VAL H 248 -28.46 30.70 -13.66
N GLN H 249 -28.80 31.26 -14.81
CA GLN H 249 -29.91 32.19 -14.93
C GLN H 249 -31.05 31.39 -15.58
N VAL H 250 -32.15 31.23 -14.85
CA VAL H 250 -33.28 30.48 -15.37
C VAL H 250 -34.36 31.44 -15.86
N SER H 251 -35.34 30.89 -16.57
CA SER H 251 -36.44 31.69 -17.10
C SER H 251 -37.66 31.66 -16.18
N LYS H 252 -37.79 30.57 -15.44
CA LYS H 252 -38.92 30.37 -14.52
C LYS H 252 -38.54 30.73 -13.09
N LYS H 253 -39.01 31.89 -12.62
CA LYS H 253 -38.72 32.34 -11.26
C LYS H 253 -38.96 31.20 -10.28
N THR H 254 -38.20 31.18 -9.20
CA THR H 254 -38.34 30.13 -8.19
C THR H 254 -37.62 30.43 -6.87
N PHE H 255 -37.52 29.43 -6.01
CA PHE H 255 -36.84 29.57 -4.73
C PHE H 255 -36.05 28.31 -4.42
N ALA H 256 -35.17 28.39 -3.42
CA ALA H 256 -34.32 27.28 -3.02
C ALA H 256 -35.04 25.94 -2.80
N GLU H 257 -36.05 25.93 -1.94
CA GLU H 257 -36.78 24.70 -1.64
C GLU H 257 -37.38 24.05 -2.89
N GLU H 258 -37.83 24.86 -3.82
CA GLU H 258 -38.43 24.35 -5.04
C GLU H 258 -37.37 23.63 -5.86
N VAL H 259 -36.16 24.18 -5.85
CA VAL H 259 -35.05 23.59 -6.57
C VAL H 259 -34.73 22.22 -5.99
N ASN H 260 -34.41 22.19 -4.70
CA ASN H 260 -34.06 20.95 -4.02
C ASN H 260 -35.19 19.93 -4.06
N ALA H 261 -36.43 20.40 -4.18
CA ALA H 261 -37.57 19.51 -4.25
C ALA H 261 -37.60 18.96 -5.68
N ALA H 262 -37.26 19.82 -6.62
CA ALA H 262 -37.20 19.45 -8.03
C ALA H 262 -36.11 18.41 -8.21
N PHE H 263 -35.08 18.49 -7.37
CA PHE H 263 -33.97 17.55 -7.44
C PHE H 263 -34.32 16.20 -6.81
N ARG H 264 -34.88 16.24 -5.60
CA ARG H 264 -35.24 15.02 -4.87
C ARG H 264 -36.07 14.03 -5.67
N ASP H 265 -37.08 14.54 -6.37
CA ASP H 265 -37.94 13.67 -7.18
C ASP H 265 -37.14 12.92 -8.24
N SER H 266 -36.19 13.60 -8.86
CA SER H 266 -35.36 13.00 -9.89
C SER H 266 -34.49 11.88 -9.31
N ALA H 267 -34.10 12.05 -8.04
CA ALA H 267 -33.25 11.08 -7.36
C ALA H 267 -33.91 9.71 -7.20
N GLU H 268 -35.20 9.62 -7.52
CA GLU H 268 -35.92 8.36 -7.39
C GLU H 268 -36.62 7.96 -8.69
N LYS H 269 -36.67 8.88 -9.65
CA LYS H 269 -37.32 8.62 -10.92
C LYS H 269 -36.36 8.36 -12.06
N GLU H 270 -36.22 9.32 -12.97
CA GLU H 270 -35.33 9.15 -14.11
C GLU H 270 -33.84 9.01 -13.72
N LEU H 271 -33.46 9.62 -12.59
CA LEU H 271 -32.06 9.54 -12.15
C LEU H 271 -31.87 8.87 -10.80
N LYS H 272 -32.57 7.76 -10.59
CA LYS H 272 -32.47 7.03 -9.34
C LYS H 272 -31.17 6.22 -9.33
N GLY H 273 -30.33 6.47 -8.34
CA GLY H 273 -29.07 5.75 -8.25
C GLY H 273 -27.92 6.53 -8.87
N ILE H 274 -28.25 7.57 -9.62
CA ILE H 274 -27.24 8.40 -10.28
C ILE H 274 -27.21 9.80 -9.64
N LEU H 275 -28.37 10.28 -9.23
CA LEU H 275 -28.47 11.57 -8.58
C LEU H 275 -28.98 11.30 -7.18
N ASP H 276 -28.40 11.98 -6.19
CA ASP H 276 -28.83 11.81 -4.81
C ASP H 276 -28.96 13.18 -4.18
N VAL H 277 -29.57 13.24 -3.00
CA VAL H 277 -29.74 14.53 -2.32
C VAL H 277 -29.38 14.43 -0.85
N CYS H 278 -28.30 15.10 -0.46
CA CYS H 278 -27.86 15.10 0.92
C CYS H 278 -28.45 16.29 1.63
N ASP H 279 -29.13 16.03 2.75
CA ASP H 279 -29.74 17.11 3.50
C ASP H 279 -29.08 17.27 4.86
N GLU H 280 -27.84 16.77 4.98
CA GLU H 280 -27.10 16.89 6.24
C GLU H 280 -25.87 17.76 6.06
N PRO H 281 -25.25 18.20 7.17
CA PRO H 281 -24.05 19.04 7.14
C PRO H 281 -22.77 18.22 7.00
N LEU H 282 -22.57 17.62 5.83
CA LEU H 282 -21.38 16.80 5.60
C LEU H 282 -20.21 17.57 5.00
N VAL H 283 -19.12 16.86 4.76
CA VAL H 283 -17.92 17.44 4.16
C VAL H 283 -17.32 16.42 3.20
N SER H 284 -16.37 16.86 2.39
CA SER H 284 -15.71 16.01 1.39
C SER H 284 -15.49 14.54 1.77
N VAL H 285 -14.69 14.29 2.81
CA VAL H 285 -14.41 12.91 3.18
C VAL H 285 -15.67 12.06 3.32
N ASP H 286 -16.76 12.65 3.80
CA ASP H 286 -18.02 11.93 4.00
C ASP H 286 -18.58 11.32 2.73
N PHE H 287 -18.28 11.94 1.59
CA PHE H 287 -18.78 11.45 0.31
C PHE H 287 -17.87 10.42 -0.36
N ARG H 288 -16.82 10.01 0.34
CA ARG H 288 -15.89 9.00 -0.20
C ARG H 288 -16.66 7.75 -0.63
N CYS H 289 -16.27 7.19 -1.78
CA CYS H 289 -16.90 5.98 -2.30
C CYS H 289 -18.41 6.09 -2.56
N SER H 290 -18.85 7.29 -2.94
CA SER H 290 -20.26 7.51 -3.23
C SER H 290 -20.55 6.97 -4.62
N ASP H 291 -21.49 6.04 -4.72
CA ASP H 291 -21.83 5.47 -6.02
C ASP H 291 -22.54 6.45 -6.96
N PHE H 292 -23.01 7.57 -6.41
CA PHE H 292 -23.71 8.55 -7.24
C PHE H 292 -22.77 9.49 -7.97
N SER H 293 -23.13 9.81 -9.21
CA SER H 293 -22.33 10.70 -10.02
C SER H 293 -22.48 12.12 -9.53
N THR H 294 -23.58 12.39 -8.83
CA THR H 294 -23.84 13.73 -8.34
C THR H 294 -24.77 13.81 -7.14
N THR H 295 -24.25 14.25 -6.00
CA THR H 295 -25.04 14.38 -4.78
C THR H 295 -25.17 15.86 -4.43
N ILE H 296 -26.40 16.36 -4.41
CA ILE H 296 -26.65 17.76 -4.11
C ILE H 296 -26.67 18.02 -2.61
N ASP H 297 -26.00 19.09 -2.19
CA ASP H 297 -25.97 19.50 -0.79
C ASP H 297 -27.10 20.53 -0.73
N SER H 298 -28.29 20.06 -0.41
CA SER H 298 -29.49 20.89 -0.34
C SER H 298 -29.38 22.16 0.49
N SER H 299 -28.94 22.05 1.73
CA SER H 299 -28.85 23.24 2.58
C SER H 299 -27.91 24.30 2.07
N LEU H 300 -27.63 24.26 0.77
CA LEU H 300 -26.73 25.22 0.12
C LEU H 300 -27.36 25.88 -1.11
N THR H 301 -28.37 25.24 -1.66
CA THR H 301 -29.04 25.79 -2.84
C THR H 301 -29.50 27.22 -2.53
N MET H 302 -28.93 28.18 -3.24
CA MET H 302 -29.29 29.58 -3.07
C MET H 302 -29.88 30.13 -4.36
N VAL H 303 -30.88 31.00 -4.23
CA VAL H 303 -31.49 31.61 -5.39
C VAL H 303 -31.65 33.10 -5.14
N MET H 304 -30.97 33.89 -5.97
CA MET H 304 -31.02 35.34 -5.89
C MET H 304 -31.86 35.80 -7.08
N GLY H 305 -32.28 37.06 -7.08
CA GLY H 305 -33.08 37.57 -8.18
C GLY H 305 -34.23 36.70 -8.66
N ASP H 306 -34.64 35.73 -7.84
CA ASP H 306 -35.75 34.84 -8.18
C ASP H 306 -35.52 33.92 -9.39
N ASP H 307 -34.39 34.06 -10.08
CA ASP H 307 -34.13 33.20 -11.23
C ASP H 307 -32.66 32.84 -11.44
N MET H 308 -31.81 33.26 -10.50
CA MET H 308 -30.39 32.95 -10.55
C MET H 308 -30.23 31.86 -9.50
N VAL H 309 -29.89 30.66 -9.92
CA VAL H 309 -29.75 29.55 -8.99
C VAL H 309 -28.32 29.04 -8.80
N LYS H 310 -27.91 28.88 -7.55
CA LYS H 310 -26.57 28.38 -7.25
C LYS H 310 -26.66 27.03 -6.55
N VAL H 311 -26.34 25.97 -7.29
CA VAL H 311 -26.38 24.60 -6.76
C VAL H 311 -24.97 24.11 -6.45
N ILE H 312 -24.84 23.31 -5.39
CA ILE H 312 -23.55 22.77 -4.98
C ILE H 312 -23.67 21.26 -4.90
N ALA H 313 -22.90 20.56 -5.74
CA ALA H 313 -22.94 19.10 -5.80
C ALA H 313 -21.60 18.42 -5.51
N TRP H 314 -21.67 17.24 -4.88
CA TRP H 314 -20.51 16.44 -4.54
C TRP H 314 -20.39 15.20 -5.41
N TYR H 315 -19.15 14.78 -5.67
CA TYR H 315 -18.88 13.60 -6.47
C TYR H 315 -17.48 13.05 -6.22
N ASP H 316 -17.39 11.72 -6.16
CA ASP H 316 -16.14 11.01 -5.95
C ASP H 316 -15.53 10.81 -7.34
N ASN H 317 -14.70 11.76 -7.77
CA ASN H 317 -14.06 11.71 -9.09
C ASN H 317 -13.38 10.39 -9.45
N GLU H 318 -12.70 9.76 -8.50
CA GLU H 318 -12.03 8.50 -8.76
C GLU H 318 -13.02 7.34 -8.79
N TRP H 319 -13.61 7.05 -7.62
CA TRP H 319 -14.55 5.95 -7.45
C TRP H 319 -15.94 6.16 -8.06
N GLY H 320 -16.55 7.33 -7.83
CA GLY H 320 -17.86 7.61 -8.37
C GLY H 320 -17.88 7.47 -9.88
N TYR H 321 -16.94 8.14 -10.55
CA TYR H 321 -16.85 8.09 -11.99
C TYR H 321 -16.58 6.65 -12.46
N SER H 322 -15.51 6.04 -11.93
CA SER H 322 -15.16 4.68 -12.31
C SER H 322 -16.33 3.72 -12.25
N GLN H 323 -17.32 4.05 -11.43
CA GLN H 323 -18.51 3.22 -11.32
C GLN H 323 -19.29 3.30 -12.62
N ARG H 324 -19.34 4.49 -13.21
CA ARG H 324 -20.04 4.68 -14.48
C ARG H 324 -19.32 3.92 -15.58
N VAL H 325 -17.98 3.95 -15.56
CA VAL H 325 -17.20 3.23 -16.57
C VAL H 325 -17.62 1.77 -16.64
N VAL H 326 -17.97 1.21 -15.49
CA VAL H 326 -18.40 -0.19 -15.45
C VAL H 326 -19.82 -0.29 -15.99
N ASP H 327 -20.66 0.69 -15.63
CA ASP H 327 -22.04 0.70 -16.10
C ASP H 327 -22.05 0.94 -17.60
N LEU H 328 -21.21 1.88 -18.05
CA LEU H 328 -21.11 2.21 -19.47
C LEU H 328 -20.59 1.03 -20.26
N ALA H 329 -19.93 0.11 -19.56
CA ALA H 329 -19.38 -1.08 -20.19
C ALA H 329 -20.41 -2.19 -20.13
N ASP H 330 -21.46 -1.97 -19.35
CA ASP H 330 -22.54 -2.94 -19.24
C ASP H 330 -23.64 -2.63 -20.24
N ILE H 331 -23.73 -1.36 -20.65
CA ILE H 331 -24.71 -0.93 -21.63
C ILE H 331 -24.20 -1.47 -22.97
N VAL H 332 -22.88 -1.44 -23.14
CA VAL H 332 -22.22 -1.94 -24.33
C VAL H 332 -22.15 -3.46 -24.24
N ALA H 333 -22.19 -3.99 -23.02
CA ALA H 333 -22.15 -5.43 -22.80
C ALA H 333 -23.48 -6.03 -23.25
N ASN H 334 -24.58 -5.50 -22.73
CA ASN H 334 -25.91 -5.97 -23.09
C ASN H 334 -26.20 -5.67 -24.55
N ASN H 335 -26.04 -4.40 -24.92
CA ASN H 335 -26.27 -3.96 -26.29
C ASN H 335 -25.17 -4.51 -27.21
N TRP H 336 -24.74 -5.73 -26.92
CA TRP H 336 -23.69 -6.39 -27.70
C TRP H 336 -24.27 -7.71 -28.21
N ALA I 1 -102.08 60.65 26.66
CA ALA I 1 -102.45 60.03 27.96
C ALA I 1 -101.47 58.93 28.37
N LYS I 2 -100.26 58.96 27.82
CA LYS I 2 -99.26 57.95 28.20
C LYS I 2 -98.90 58.20 29.65
N LEU I 3 -98.53 57.13 30.35
CA LEU I 3 -98.15 57.26 31.75
C LEU I 3 -96.73 57.80 31.81
N LYS I 4 -96.54 58.90 32.53
CA LYS I 4 -95.22 59.50 32.66
C LYS I 4 -94.39 58.72 33.69
N VAL I 5 -93.17 58.36 33.32
CA VAL I 5 -92.31 57.60 34.23
C VAL I 5 -90.98 58.27 34.51
N ALA I 6 -90.49 58.07 35.73
CA ALA I 6 -89.19 58.63 36.12
C ALA I 6 -88.34 57.46 36.55
N ILE I 7 -87.04 57.56 36.30
CA ILE I 7 -86.12 56.50 36.66
C ILE I 7 -85.27 56.99 37.78
N ASN I 8 -85.43 56.41 38.96
CA ASN I 8 -84.62 56.84 40.09
C ASN I 8 -83.46 55.89 40.29
N GLY I 9 -82.27 56.35 39.93
CA GLY I 9 -81.10 55.52 40.06
C GLY I 9 -80.73 55.00 38.67
N PHE I 10 -79.92 55.77 37.96
CA PHE I 10 -79.52 55.45 36.62
C PHE I 10 -78.32 54.54 36.64
N GLY I 11 -78.45 53.41 37.35
CA GLY I 11 -77.35 52.47 37.40
C GLY I 11 -77.45 51.44 36.30
N ARG I 12 -77.05 50.21 36.58
CA ARG I 12 -77.12 49.20 35.55
C ARG I 12 -78.56 48.94 35.18
N ILE I 13 -79.40 48.66 36.18
CA ILE I 13 -80.80 48.38 35.87
C ILE I 13 -81.44 49.60 35.24
N GLY I 14 -81.16 50.77 35.82
CA GLY I 14 -81.73 51.99 35.30
C GLY I 14 -81.48 52.23 33.82
N ARG I 15 -80.23 52.08 33.37
CA ARG I 15 -79.90 52.32 31.97
C ARG I 15 -80.37 51.19 31.06
N ASN I 16 -80.27 49.95 31.54
CA ASN I 16 -80.74 48.81 30.77
C ASN I 16 -82.25 49.08 30.55
N PHE I 17 -82.93 49.46 31.62
CA PHE I 17 -84.35 49.71 31.53
C PHE I 17 -84.57 50.68 30.39
N LEU I 18 -83.89 51.81 30.41
CA LEU I 18 -84.07 52.79 29.35
C LEU I 18 -83.87 52.19 27.95
N ARG I 19 -82.77 51.46 27.73
CA ARG I 19 -82.53 50.87 26.42
C ARG I 19 -83.64 49.85 26.10
N CYS I 20 -83.99 49.02 27.07
CA CYS I 20 -85.06 48.05 26.85
C CYS I 20 -86.31 48.75 26.38
N TRP I 21 -86.71 49.77 27.13
CA TRP I 21 -87.89 50.53 26.78
C TRP I 21 -87.75 51.16 25.42
N HIS I 22 -86.59 51.78 25.19
CA HIS I 22 -86.34 52.44 23.93
C HIS I 22 -86.63 51.54 22.74
N GLY I 23 -86.31 50.25 22.88
CA GLY I 23 -86.49 49.30 21.81
C GLY I 23 -87.86 48.68 21.67
N ARG I 24 -88.78 48.98 22.58
CA ARG I 24 -90.13 48.42 22.48
C ARG I 24 -90.91 49.24 21.47
N LYS I 25 -91.99 48.69 20.92
CA LYS I 25 -92.80 49.51 20.02
C LYS I 25 -94.17 49.73 20.64
N ASP I 26 -94.63 50.98 20.57
CA ASP I 26 -95.92 51.39 21.12
C ASP I 26 -95.98 51.31 22.64
N SER I 27 -94.88 51.61 23.31
CA SER I 27 -94.88 51.54 24.77
C SER I 27 -95.93 52.48 25.34
N PRO I 28 -96.70 52.00 26.33
CA PRO I 28 -97.72 52.90 26.89
C PRO I 28 -97.04 53.86 27.88
N LEU I 29 -95.73 53.70 28.05
CA LEU I 29 -94.96 54.53 28.96
C LEU I 29 -94.26 55.68 28.26
N ASP I 30 -93.86 56.68 29.04
CA ASP I 30 -93.15 57.81 28.49
C ASP I 30 -92.14 58.34 29.51
N ILE I 31 -90.88 57.94 29.35
CA ILE I 31 -89.81 58.34 30.24
C ILE I 31 -89.49 59.82 30.08
N ILE I 32 -89.81 60.60 31.12
CA ILE I 32 -89.58 62.03 31.08
C ILE I 32 -88.57 62.52 32.08
N ALA I 33 -88.17 61.68 33.03
CA ALA I 33 -87.19 62.12 34.02
C ALA I 33 -86.27 61.03 34.52
N ILE I 34 -85.05 61.44 34.85
CA ILE I 34 -84.02 60.58 35.37
C ILE I 34 -83.40 61.29 36.55
N ASN I 35 -83.11 60.54 37.60
CA ASN I 35 -82.49 61.11 38.77
C ASN I 35 -81.37 60.18 39.22
N ASP I 36 -80.19 60.73 39.43
CA ASP I 36 -79.07 59.94 39.88
C ASP I 36 -78.16 60.88 40.67
N THR I 37 -77.22 60.33 41.42
CA THR I 37 -76.35 61.21 42.17
C THR I 37 -75.19 61.67 41.30
N GLY I 38 -75.27 61.39 40.00
CA GLY I 38 -74.18 61.75 39.12
C GLY I 38 -74.31 62.83 38.06
N GLY I 39 -75.51 63.38 37.85
CA GLY I 39 -75.63 64.44 36.84
C GLY I 39 -75.61 64.10 35.34
N VAL I 40 -75.94 65.10 34.54
CA VAL I 40 -76.03 64.98 33.10
C VAL I 40 -74.86 64.35 32.35
N LYS I 41 -73.67 64.94 32.51
CA LYS I 41 -72.45 64.46 31.87
C LYS I 41 -72.29 62.94 31.96
N GLN I 42 -72.42 62.39 33.16
CA GLN I 42 -72.29 60.97 33.31
C GLN I 42 -73.47 60.22 32.72
N ALA I 43 -74.68 60.73 32.89
CA ALA I 43 -75.85 60.04 32.36
C ALA I 43 -75.78 59.90 30.84
N SER I 44 -75.47 60.98 30.14
CA SER I 44 -75.38 60.89 28.70
C SER I 44 -74.27 59.94 28.28
N HIS I 45 -73.07 60.18 28.76
CA HIS I 45 -71.93 59.34 28.40
C HIS I 45 -72.17 57.86 28.65
N LEU I 46 -72.61 57.52 29.87
CA LEU I 46 -72.84 56.13 30.24
C LEU I 46 -74.09 55.48 29.62
N LEU I 47 -74.92 56.27 28.96
CA LEU I 47 -76.07 55.68 28.28
C LEU I 47 -75.54 55.37 26.88
N LYS I 48 -74.61 56.19 26.38
CA LYS I 48 -74.06 55.98 25.06
C LYS I 48 -73.11 54.81 24.95
N TYR I 49 -72.16 54.70 25.88
CA TYR I 49 -71.16 53.62 25.87
C TYR I 49 -71.35 52.67 27.05
N ASP I 50 -71.37 51.36 26.79
CA ASP I 50 -71.61 50.40 27.86
C ASP I 50 -70.74 49.16 27.68
N SER I 51 -69.80 48.97 28.61
CA SER I 51 -68.89 47.82 28.54
C SER I 51 -69.59 46.46 28.43
N THR I 52 -70.87 46.41 28.78
CA THR I 52 -71.63 45.16 28.73
C THR I 52 -72.52 45.13 27.50
N LEU I 53 -73.31 46.18 27.34
CA LEU I 53 -74.24 46.29 26.23
C LEU I 53 -73.69 46.75 24.89
N GLY I 54 -72.61 47.52 24.88
CA GLY I 54 -72.08 48.03 23.64
C GLY I 54 -72.56 49.46 23.43
N ILE I 55 -72.16 50.07 22.33
CA ILE I 55 -72.56 51.45 22.08
C ILE I 55 -74.04 51.49 21.77
N PHE I 56 -74.75 52.40 22.42
CA PHE I 56 -76.19 52.52 22.22
C PHE I 56 -76.50 53.07 20.85
N ASP I 57 -77.22 52.30 20.06
CA ASP I 57 -77.56 52.73 18.71
C ASP I 57 -78.68 53.77 18.65
N ALA I 58 -78.39 54.95 19.18
CA ALA I 58 -79.35 56.04 19.17
C ALA I 58 -78.55 57.29 19.35
N ASP I 59 -79.08 58.41 18.91
CA ASP I 59 -78.38 59.67 19.04
C ASP I 59 -78.60 60.18 20.47
N VAL I 60 -77.61 59.98 21.33
CA VAL I 60 -77.68 60.40 22.71
C VAL I 60 -76.80 61.62 22.92
N LYS I 61 -77.32 62.65 23.57
CA LYS I 61 -76.49 63.84 23.77
C LYS I 61 -77.10 64.77 24.80
N PRO I 62 -76.25 65.47 25.56
CA PRO I 62 -76.83 66.38 26.55
C PRO I 62 -77.72 67.39 25.83
N SER I 63 -78.80 67.79 26.50
CA SER I 63 -79.75 68.78 25.97
C SER I 63 -79.92 69.85 27.01
N GLY I 64 -79.01 70.81 27.01
CA GLY I 64 -79.07 71.86 27.99
C GLY I 64 -78.24 71.41 29.18
N GLU I 65 -78.16 72.30 30.16
CA GLU I 65 -77.39 72.09 31.38
C GLU I 65 -78.04 71.03 32.31
N THR I 66 -79.32 70.77 32.12
CA THR I 66 -80.01 69.82 33.00
C THR I 66 -80.91 68.79 32.35
N ALA I 67 -80.51 68.28 31.20
CA ALA I 67 -81.30 67.25 30.52
C ALA I 67 -80.48 66.58 29.40
N ILE I 68 -80.92 65.38 29.00
CA ILE I 68 -80.26 64.66 27.92
C ILE I 68 -81.31 64.45 26.83
N SER I 69 -80.84 64.18 25.63
CA SER I 69 -81.73 63.97 24.51
C SER I 69 -81.44 62.60 23.97
N VAL I 70 -82.49 61.83 23.72
CA VAL I 70 -82.31 60.49 23.17
C VAL I 70 -83.11 60.38 21.88
N ASP I 71 -82.40 60.25 20.77
CA ASP I 71 -83.00 60.18 19.47
C ASP I 71 -83.97 61.32 19.34
N GLY I 72 -83.62 62.46 19.93
CA GLY I 72 -84.48 63.61 19.85
C GLY I 72 -85.45 63.84 20.98
N LYS I 73 -85.76 62.81 21.77
CA LYS I 73 -86.68 63.00 22.89
C LYS I 73 -85.95 63.53 24.11
N ILE I 74 -86.44 64.64 24.63
CA ILE I 74 -85.80 65.25 25.78
C ILE I 74 -86.20 64.57 27.09
N ILE I 75 -85.23 64.36 27.96
CA ILE I 75 -85.50 63.73 29.23
C ILE I 75 -84.80 64.52 30.32
N GLN I 76 -85.58 65.01 31.27
CA GLN I 76 -85.05 65.77 32.38
C GLN I 76 -84.14 64.92 33.25
N VAL I 77 -83.06 65.53 33.77
CA VAL I 77 -82.10 64.85 34.66
C VAL I 77 -81.95 65.64 35.97
N VAL I 78 -82.06 64.97 37.12
CA VAL I 78 -81.91 65.67 38.39
C VAL I 78 -81.00 64.91 39.35
N SER I 79 -80.30 65.61 40.25
CA SER I 79 -79.39 64.94 41.20
C SER I 79 -79.74 65.21 42.66
N ASN I 80 -80.67 64.44 43.18
CA ASN I 80 -81.15 64.58 44.54
C ASN I 80 -81.17 63.20 45.23
N ARG I 81 -80.26 62.98 46.17
CA ARG I 81 -80.19 61.74 46.89
C ARG I 81 -81.38 61.49 47.82
N ASN I 82 -82.20 62.52 48.05
CA ASN I 82 -83.36 62.36 48.93
C ASN I 82 -84.65 62.37 48.10
N PRO I 83 -85.23 61.17 47.88
CA PRO I 83 -86.46 61.01 47.09
C PRO I 83 -87.56 61.99 47.45
N SER I 84 -87.82 62.12 48.74
CA SER I 84 -88.85 63.02 49.24
C SER I 84 -88.80 64.37 48.58
N LEU I 85 -87.61 64.81 48.19
CA LEU I 85 -87.46 66.12 47.57
C LEU I 85 -87.43 66.19 46.05
N LEU I 86 -87.68 65.08 45.36
CA LEU I 86 -87.65 65.11 43.90
C LEU I 86 -88.88 65.87 43.39
N PRO I 87 -88.78 66.50 42.23
CA PRO I 87 -89.89 67.27 41.64
C PRO I 87 -90.88 66.38 40.92
N TRP I 88 -91.28 65.29 41.56
CA TRP I 88 -92.21 64.37 40.92
C TRP I 88 -93.58 65.00 40.71
N LYS I 89 -94.02 65.76 41.70
CA LYS I 89 -95.31 66.42 41.61
C LYS I 89 -95.35 67.46 40.49
N GLU I 90 -94.36 68.35 40.47
CA GLU I 90 -94.37 69.36 39.44
C GLU I 90 -94.24 68.81 38.02
N LEU I 91 -93.72 67.59 37.86
CA LEU I 91 -93.58 66.95 36.54
C LEU I 91 -94.75 66.00 36.28
N GLY I 92 -95.55 65.74 37.32
CA GLY I 92 -96.68 64.85 37.15
C GLY I 92 -96.25 63.43 36.88
N ILE I 93 -95.32 62.93 37.68
CA ILE I 93 -94.82 61.59 37.49
C ILE I 93 -95.83 60.56 37.95
N ASP I 94 -96.16 59.62 37.07
CA ASP I 94 -97.11 58.60 37.46
C ASP I 94 -96.41 57.42 38.09
N ILE I 95 -95.42 56.88 37.38
CA ILE I 95 -94.69 55.71 37.84
C ILE I 95 -93.22 55.96 38.07
N VAL I 96 -92.71 55.56 39.22
CA VAL I 96 -91.28 55.74 39.48
C VAL I 96 -90.57 54.40 39.49
N ILE I 97 -89.57 54.26 38.64
CA ILE I 97 -88.80 53.02 38.61
C ILE I 97 -87.66 53.21 39.60
N GLU I 98 -87.82 52.62 40.79
CA GLU I 98 -86.85 52.72 41.90
C GLU I 98 -85.70 51.76 41.73
N GLY I 99 -84.63 52.19 41.09
CA GLY I 99 -83.53 51.28 40.92
C GLY I 99 -82.23 51.75 41.55
N THR I 100 -82.30 52.30 42.76
CA THR I 100 -81.09 52.78 43.40
C THR I 100 -80.52 51.73 44.33
N GLY I 101 -81.35 50.79 44.74
CA GLY I 101 -80.89 49.78 45.66
C GLY I 101 -81.04 50.22 47.12
N VAL I 102 -81.25 51.51 47.37
CA VAL I 102 -81.34 51.99 48.75
C VAL I 102 -82.70 52.48 49.25
N PHE I 103 -83.77 52.08 48.58
CA PHE I 103 -85.13 52.47 48.96
C PHE I 103 -86.00 51.29 48.66
N VAL I 104 -85.70 50.18 49.31
CA VAL I 104 -86.46 48.98 49.05
C VAL I 104 -87.57 48.71 50.04
N ASP I 105 -87.63 49.46 51.12
CA ASP I 105 -88.72 49.22 52.06
C ASP I 105 -89.87 50.19 51.79
N ARG I 106 -91.00 49.95 52.43
CA ARG I 106 -92.16 50.80 52.22
C ARG I 106 -91.87 52.21 52.68
N GLU I 107 -91.19 52.32 53.80
CA GLU I 107 -90.86 53.62 54.35
C GLU I 107 -90.06 54.45 53.35
N GLY I 108 -89.04 53.84 52.76
CA GLY I 108 -88.18 54.52 51.81
C GLY I 108 -88.79 54.69 50.43
N ALA I 109 -89.27 53.58 49.87
CA ALA I 109 -89.89 53.63 48.55
C ALA I 109 -91.00 54.66 48.52
N GLY I 110 -91.67 54.83 49.66
CA GLY I 110 -92.79 55.76 49.75
C GLY I 110 -92.48 57.23 49.51
N LYS I 111 -91.26 57.63 49.86
CA LYS I 111 -90.85 59.01 49.68
C LYS I 111 -91.14 59.55 48.28
N HIS I 112 -91.24 58.67 47.29
CA HIS I 112 -91.53 59.10 45.93
C HIS I 112 -92.97 59.56 45.84
N ILE I 113 -93.83 58.88 46.57
CA ILE I 113 -95.23 59.27 46.56
C ILE I 113 -95.42 60.62 47.30
N GLU I 114 -94.76 60.77 48.45
CA GLU I 114 -94.80 62.03 49.19
C GLU I 114 -94.28 63.12 48.26
N ALA I 115 -93.35 62.73 47.41
CA ALA I 115 -92.75 63.67 46.49
C ALA I 115 -93.66 63.98 45.32
N GLY I 116 -94.77 63.28 45.23
CA GLY I 116 -95.70 63.56 44.15
C GLY I 116 -95.98 62.47 43.13
N ALA I 117 -95.26 61.36 43.19
CA ALA I 117 -95.51 60.30 42.23
C ALA I 117 -96.72 59.54 42.71
N LYS I 118 -97.29 58.72 41.83
CA LYS I 118 -98.48 57.94 42.18
C LYS I 118 -98.19 56.45 42.40
N LYS I 119 -97.13 55.94 41.77
CA LYS I 119 -96.81 54.54 41.94
C LYS I 119 -95.28 54.32 41.90
N VAL I 120 -94.81 53.28 42.59
CA VAL I 120 -93.37 53.01 42.62
C VAL I 120 -93.09 51.53 42.37
N ILE I 121 -92.28 51.21 41.38
CA ILE I 121 -91.95 49.81 41.14
C ILE I 121 -90.50 49.57 41.56
N ILE I 122 -90.29 48.87 42.68
CA ILE I 122 -88.92 48.59 43.15
C ILE I 122 -88.25 47.50 42.30
N THR I 123 -87.13 47.83 41.66
CA THR I 123 -86.41 46.88 40.80
C THR I 123 -85.53 45.98 41.65
N ALA I 124 -86.13 45.40 42.68
CA ALA I 124 -85.44 44.52 43.60
C ALA I 124 -86.43 43.95 44.61
N PRO I 125 -86.00 42.99 45.43
CA PRO I 125 -86.92 42.45 46.42
C PRO I 125 -87.23 43.57 47.40
N GLY I 126 -88.49 43.75 47.75
CA GLY I 126 -88.79 44.81 48.70
C GLY I 126 -88.67 44.26 50.10
N LYS I 127 -88.55 45.13 51.10
CA LYS I 127 -88.47 44.66 52.47
C LYS I 127 -89.82 44.90 53.11
N GLY I 128 -90.16 44.11 54.13
CA GLY I 128 -91.45 44.28 54.75
C GLY I 128 -92.50 43.70 53.83
N ASP I 129 -93.76 43.73 54.23
CA ASP I 129 -94.79 43.16 53.38
C ASP I 129 -95.07 44.06 52.17
N ILE I 130 -94.36 43.80 51.07
CA ILE I 130 -94.55 44.58 49.86
C ILE I 130 -94.94 43.68 48.72
N PRO I 131 -96.06 43.99 48.07
CA PRO I 131 -96.59 43.22 46.94
C PRO I 131 -95.46 42.89 45.98
N THR I 132 -95.19 41.60 45.79
CA THR I 132 -94.12 41.18 44.89
C THR I 132 -94.66 40.44 43.67
N TYR I 133 -94.08 40.74 42.51
CA TYR I 133 -94.52 40.11 41.26
C TYR I 133 -93.45 39.64 40.33
N VAL I 134 -93.77 38.58 39.61
CA VAL I 134 -92.91 37.95 38.60
C VAL I 134 -93.80 37.78 37.38
N VAL I 135 -93.50 38.50 36.31
CA VAL I 135 -94.31 38.41 35.11
C VAL I 135 -94.20 36.99 34.61
N GLY I 136 -95.35 36.39 34.28
CA GLY I 136 -95.37 35.03 33.79
C GLY I 136 -95.82 34.09 34.88
N VAL I 137 -95.72 34.54 36.12
CA VAL I 137 -96.13 33.72 37.25
C VAL I 137 -97.35 34.28 38.01
N ASN I 138 -97.32 35.53 38.45
CA ASN I 138 -98.45 36.06 39.20
C ASN I 138 -98.77 37.52 38.92
N ALA I 139 -98.22 38.07 37.85
CA ALA I 139 -98.47 39.46 37.54
C ALA I 139 -99.96 39.70 37.33
N ASP I 140 -100.71 38.65 37.08
CA ASP I 140 -102.14 38.80 36.88
C ASP I 140 -102.83 39.13 38.22
N ALA I 141 -102.06 39.14 39.30
CA ALA I 141 -102.60 39.43 40.62
C ALA I 141 -102.37 40.88 41.01
N TYR I 142 -101.49 41.55 40.28
CA TYR I 142 -101.21 42.94 40.58
C TYR I 142 -102.51 43.72 40.55
N SER I 143 -102.65 44.65 41.49
CA SER I 143 -103.85 45.44 41.56
C SER I 143 -103.47 46.90 41.71
N HIS I 144 -104.13 47.77 40.95
CA HIS I 144 -103.87 49.21 40.99
C HIS I 144 -103.95 49.78 42.41
N ASP I 145 -104.63 49.08 43.31
CA ASP I 145 -104.77 49.53 44.70
C ASP I 145 -103.41 49.62 45.39
N GLU I 146 -102.39 48.99 44.82
CA GLU I 146 -101.06 48.98 45.43
C GLU I 146 -100.08 50.01 44.90
N PRO I 147 -99.80 51.05 45.71
CA PRO I 147 -98.87 52.12 45.33
C PRO I 147 -97.40 51.75 45.21
N ILE I 148 -96.95 50.74 45.95
CA ILE I 148 -95.54 50.29 45.89
C ILE I 148 -95.45 48.79 45.65
N ILE I 149 -94.74 48.36 44.62
CA ILE I 149 -94.60 46.93 44.34
C ILE I 149 -93.17 46.57 43.98
N SER I 150 -92.85 45.29 44.07
CA SER I 150 -91.51 44.80 43.79
C SER I 150 -91.52 43.83 42.64
N ASN I 151 -90.53 43.92 41.77
CA ASN I 151 -90.45 43.00 40.64
C ASN I 151 -89.47 41.89 40.98
N ALA I 152 -89.28 41.65 42.28
CA ALA I 152 -88.38 40.63 42.79
C ALA I 152 -86.96 40.82 42.27
N SER I 153 -86.15 39.77 42.38
CA SER I 153 -84.78 39.84 41.93
C SER I 153 -84.59 39.10 40.61
N CYS I 154 -83.46 39.32 39.98
CA CYS I 154 -83.15 38.65 38.73
C CYS I 154 -83.26 37.14 38.98
N THR I 155 -82.57 36.64 40.00
CA THR I 155 -82.61 35.22 40.34
C THR I 155 -84.03 34.67 40.55
N THR I 156 -84.87 35.41 41.27
CA THR I 156 -86.23 34.94 41.48
C THR I 156 -86.97 34.86 40.13
N ASN I 157 -86.84 35.87 39.28
CA ASN I 157 -87.52 35.82 37.98
C ASN I 157 -87.09 34.64 37.13
N CYS I 158 -85.86 34.17 37.30
CA CYS I 158 -85.44 33.01 36.52
C CYS I 158 -86.07 31.78 37.15
N LEU I 159 -85.96 31.64 38.47
CA LEU I 159 -86.53 30.50 39.15
C LEU I 159 -88.04 30.33 39.01
N ALA I 160 -88.79 31.30 39.49
CA ALA I 160 -90.26 31.22 39.45
C ALA I 160 -90.87 30.59 38.21
N PRO I 161 -90.56 31.10 37.01
CA PRO I 161 -91.16 30.50 35.82
C PRO I 161 -90.98 29.00 35.65
N PHE I 162 -89.83 28.43 36.01
CA PHE I 162 -89.72 27.00 35.81
C PHE I 162 -90.08 26.14 37.02
N VAL I 163 -90.16 26.77 38.19
CA VAL I 163 -90.60 26.07 39.38
C VAL I 163 -92.12 25.98 39.22
N LYS I 164 -92.70 26.99 38.58
CA LYS I 164 -94.13 27.00 38.34
C LYS I 164 -94.47 25.76 37.52
N VAL I 165 -93.69 25.52 36.47
CA VAL I 165 -93.89 24.37 35.61
C VAL I 165 -93.67 23.04 36.34
N LEU I 166 -92.56 22.95 37.05
CA LEU I 166 -92.23 21.75 37.79
C LEU I 166 -93.34 21.38 38.75
N ASP I 167 -93.78 22.33 39.56
CA ASP I 167 -94.83 22.02 40.53
C ASP I 167 -96.19 21.66 39.91
N GLN I 168 -96.58 22.32 38.81
CA GLN I 168 -97.84 22.02 38.16
C GLN I 168 -97.83 20.68 37.42
N LYS I 169 -96.67 20.28 36.91
CA LYS I 169 -96.61 19.05 36.17
C LYS I 169 -95.97 17.85 36.87
N PHE I 170 -95.31 18.07 38.01
CA PHE I 170 -94.68 16.95 38.71
C PHE I 170 -94.85 17.05 40.21
N GLY I 171 -95.26 18.22 40.68
CA GLY I 171 -95.43 18.39 42.11
C GLY I 171 -94.10 18.42 42.85
N ILE I 172 -93.76 19.59 43.39
CA ILE I 172 -92.51 19.76 44.13
C ILE I 172 -92.70 19.44 45.60
N ILE I 173 -91.91 18.52 46.13
CA ILE I 173 -91.99 18.17 47.55
C ILE I 173 -91.11 19.20 48.27
N LYS I 174 -89.92 19.43 47.74
CA LYS I 174 -88.99 20.39 48.33
C LYS I 174 -87.76 20.46 47.47
N GLY I 175 -87.02 21.55 47.57
CA GLY I 175 -85.82 21.66 46.77
C GLY I 175 -84.79 22.60 47.32
N THR I 176 -83.62 22.58 46.72
CA THR I 176 -82.53 23.43 47.13
C THR I 176 -82.04 24.09 45.85
N MET I 177 -81.37 25.23 45.97
CA MET I 177 -80.90 25.93 44.79
C MET I 177 -79.62 26.73 44.96
N THR I 178 -78.79 26.73 43.93
CA THR I 178 -77.54 27.49 43.93
C THR I 178 -77.44 28.27 42.65
N THR I 179 -77.13 29.54 42.76
CA THR I 179 -76.97 30.40 41.59
C THR I 179 -75.50 30.79 41.45
N THR I 180 -74.94 30.56 40.26
CA THR I 180 -73.57 30.95 39.96
C THR I 180 -73.83 32.21 39.15
N HIS I 181 -73.62 33.32 39.86
CA HIS I 181 -73.96 34.63 39.40
C HIS I 181 -72.78 35.55 39.08
N SER I 182 -72.95 36.33 38.00
CA SER I 182 -71.96 37.31 37.58
C SER I 182 -71.83 38.24 38.77
N TYR I 183 -70.71 38.93 38.90
CA TYR I 183 -70.54 39.85 40.04
C TYR I 183 -71.34 41.11 39.77
N THR I 184 -71.68 41.84 40.83
CA THR I 184 -72.41 43.09 40.64
C THR I 184 -71.76 44.26 41.40
N GLY I 185 -72.33 45.45 41.22
CA GLY I 185 -71.77 46.63 41.85
C GLY I 185 -71.75 46.67 43.37
N ASP I 186 -72.37 45.70 44.02
CA ASP I 186 -72.39 45.69 45.48
C ASP I 186 -71.12 45.07 46.04
N GLN I 187 -70.33 44.49 45.13
CA GLN I 187 -69.06 43.86 45.47
C GLN I 187 -67.94 44.87 45.27
N ARG I 188 -66.84 44.69 45.99
CA ARG I 188 -65.70 45.60 45.89
C ARG I 188 -64.70 45.16 44.83
N LEU I 189 -64.10 46.12 44.12
CA LEU I 189 -63.13 45.77 43.08
C LEU I 189 -61.88 45.10 43.67
N LEU I 190 -61.43 45.55 44.83
CA LEU I 190 -60.30 44.93 45.53
C LEU I 190 -60.74 44.82 46.98
N ASP I 191 -60.08 43.99 47.79
CA ASP I 191 -60.48 43.85 49.18
C ASP I 191 -60.69 45.20 49.83
N ALA I 192 -61.96 45.52 50.09
CA ALA I 192 -62.36 46.79 50.71
C ALA I 192 -63.52 46.58 51.69
N SER I 193 -63.72 47.56 52.56
CA SER I 193 -64.78 47.50 53.57
C SER I 193 -66.17 47.28 53.02
N HIS I 194 -66.91 46.37 53.66
CA HIS I 194 -68.27 46.05 53.25
C HIS I 194 -68.87 45.37 54.47
N ARG I 195 -70.19 45.43 54.62
CA ARG I 195 -70.81 44.80 55.78
C ARG I 195 -70.93 43.30 55.66
N ASP I 196 -70.69 42.80 54.45
CA ASP I 196 -70.72 41.38 54.13
C ASP I 196 -69.25 41.02 53.91
N LEU I 197 -68.59 40.49 54.93
CA LEU I 197 -67.17 40.17 54.81
C LEU I 197 -66.78 39.46 53.50
N ARG I 198 -67.72 38.76 52.87
CA ARG I 198 -67.43 38.08 51.61
C ARG I 198 -67.57 38.99 50.42
N ARG I 199 -68.56 39.86 50.43
CA ARG I 199 -68.74 40.76 49.30
C ARG I 199 -67.65 41.82 49.36
N ALA I 200 -66.94 41.85 50.47
CA ALA I 200 -65.87 42.82 50.64
C ALA I 200 -64.64 42.41 49.84
N ARG I 201 -64.60 41.13 49.44
CA ARG I 201 -63.45 40.60 48.71
C ARG I 201 -63.46 40.87 47.23
N ALA I 202 -62.26 41.02 46.67
CA ALA I 202 -62.07 41.28 45.25
C ALA I 202 -62.94 40.45 44.30
N ALA I 203 -63.99 41.08 43.78
CA ALA I 203 -64.95 40.46 42.88
C ALA I 203 -64.42 39.70 41.67
N ALA I 204 -63.50 40.29 40.92
CA ALA I 204 -62.99 39.62 39.73
C ALA I 204 -61.84 38.65 40.00
N LEU I 205 -61.59 38.32 41.25
CA LEU I 205 -60.52 37.39 41.55
C LEU I 205 -61.03 36.14 42.25
N ASN I 206 -62.24 36.21 42.81
CA ASN I 206 -62.77 35.10 43.57
C ASN I 206 -64.14 34.56 43.24
N ILE I 207 -64.41 33.36 43.78
CA ILE I 207 -65.72 32.75 43.70
C ILE I 207 -66.20 33.24 45.07
N VAL I 208 -67.27 34.02 45.10
CA VAL I 208 -67.74 34.56 46.37
C VAL I 208 -69.08 34.04 46.88
N PRO I 209 -69.07 33.27 47.98
CA PRO I 209 -70.32 32.74 48.51
C PRO I 209 -71.12 33.91 49.08
N THR I 210 -72.38 34.02 48.69
CA THR I 210 -73.20 35.08 49.25
C THR I 210 -74.62 34.55 49.41
N SER I 211 -75.25 34.94 50.50
CA SER I 211 -76.61 34.48 50.79
C SER I 211 -77.57 35.22 49.89
N THR I 212 -78.66 34.53 49.60
CA THR I 212 -79.70 35.06 48.73
C THR I 212 -81.03 34.71 49.37
N GLY I 213 -82.08 35.38 48.92
CA GLY I 213 -83.38 35.08 49.47
C GLY I 213 -84.28 34.64 48.33
N ALA I 214 -83.71 34.64 47.12
CA ALA I 214 -84.44 34.26 45.93
C ALA I 214 -85.27 33.02 46.12
N ALA I 215 -84.67 31.97 46.68
CA ALA I 215 -85.41 30.73 46.90
C ALA I 215 -86.66 30.99 47.74
N LYS I 216 -86.51 31.74 48.83
CA LYS I 216 -87.66 32.04 49.65
C LYS I 216 -88.60 33.03 48.96
N ALA I 217 -88.07 33.83 48.06
CA ALA I 217 -88.89 34.80 47.34
C ALA I 217 -89.89 34.09 46.41
N VAL I 218 -89.44 32.98 45.82
CA VAL I 218 -90.28 32.20 44.93
C VAL I 218 -91.60 31.96 45.65
N ALA I 219 -91.54 31.44 46.88
CA ALA I 219 -92.73 31.16 47.64
C ALA I 219 -93.68 32.35 47.71
N LEU I 220 -93.18 33.55 47.45
CA LEU I 220 -94.04 34.74 47.48
C LEU I 220 -94.99 34.77 46.29
N VAL I 221 -94.47 34.46 45.10
CA VAL I 221 -95.27 34.44 43.88
C VAL I 221 -95.91 33.06 43.63
N LEU I 222 -95.46 32.06 44.39
CA LEU I 222 -95.98 30.69 44.29
C LEU I 222 -96.14 30.23 45.73
N PRO I 223 -97.20 30.71 46.40
CA PRO I 223 -97.54 30.40 47.78
C PRO I 223 -97.31 28.95 48.13
N ASN I 224 -97.82 28.10 47.26
CA ASN I 224 -97.71 26.67 47.40
C ASN I 224 -96.32 26.18 47.76
N LEU I 225 -95.30 26.97 47.44
CA LEU I 225 -93.93 26.57 47.74
C LEU I 225 -93.34 27.08 49.05
N LYS I 226 -94.16 27.66 49.93
CA LYS I 226 -93.64 28.17 51.20
C LYS I 226 -92.79 27.13 51.93
N GLY I 227 -91.64 27.56 52.44
CA GLY I 227 -90.75 26.66 53.16
C GLY I 227 -90.32 25.40 52.43
N LYS I 228 -90.42 25.39 51.10
CA LYS I 228 -90.03 24.21 50.35
C LYS I 228 -88.70 24.39 49.59
N LEU I 229 -88.25 25.64 49.46
CA LEU I 229 -87.02 25.93 48.74
C LEU I 229 -86.05 26.81 49.55
N ASN I 230 -84.76 26.60 49.33
CA ASN I 230 -83.71 27.38 49.99
C ASN I 230 -82.57 27.51 48.99
N GLY I 231 -81.51 28.20 49.35
CA GLY I 231 -80.40 28.32 48.42
C GLY I 231 -79.30 29.25 48.83
N ILE I 232 -78.29 29.36 47.97
CA ILE I 232 -77.16 30.26 48.21
C ILE I 232 -76.71 30.77 46.86
N ALA I 233 -75.88 31.79 46.88
CA ALA I 233 -75.38 32.35 45.65
C ALA I 233 -73.88 32.23 45.67
N LEU I 234 -73.30 32.13 44.49
CA LEU I 234 -71.85 32.08 44.33
C LEU I 234 -71.53 33.14 43.27
N ARG I 235 -70.88 34.22 43.70
CA ARG I 235 -70.49 35.28 42.80
C ARG I 235 -69.19 34.87 42.10
N VAL I 236 -69.18 34.93 40.78
CA VAL I 236 -67.98 34.54 40.06
C VAL I 236 -67.50 35.67 39.15
N PRO I 237 -66.27 35.57 38.62
CA PRO I 237 -65.75 36.62 37.76
C PRO I 237 -66.25 36.88 36.35
N THR I 238 -67.56 37.01 36.17
CA THR I 238 -68.09 37.37 34.85
C THR I 238 -68.79 38.69 35.14
N PRO I 239 -68.82 39.60 34.17
CA PRO I 239 -69.49 40.86 34.49
C PRO I 239 -71.00 40.87 34.28
N ASN I 240 -71.56 39.82 33.69
CA ASN I 240 -73.00 39.76 33.43
C ASN I 240 -73.45 38.39 32.90
N VAL I 241 -74.68 38.03 33.22
CA VAL I 241 -75.28 36.74 32.84
C VAL I 241 -74.98 35.74 33.95
N SER I 242 -76.03 35.13 34.50
CA SER I 242 -75.88 34.17 35.56
C SER I 242 -76.66 32.88 35.28
N VAL I 243 -76.38 31.84 36.06
CA VAL I 243 -77.03 30.55 35.86
C VAL I 243 -77.50 29.98 37.19
N VAL I 244 -78.70 29.36 37.18
CA VAL I 244 -79.27 28.75 38.39
C VAL I 244 -79.26 27.25 38.26
N ASP I 245 -78.94 26.62 39.37
CA ASP I 245 -78.85 25.17 39.43
C ASP I 245 -79.85 24.75 40.50
N LEU I 246 -81.03 24.32 40.07
CA LEU I 246 -82.11 23.92 40.96
C LEU I 246 -82.24 22.41 41.12
N VAL I 247 -82.29 21.94 42.36
CA VAL I 247 -82.47 20.51 42.61
C VAL I 247 -83.76 20.33 43.41
N VAL I 248 -84.72 19.61 42.85
CA VAL I 248 -85.99 19.40 43.55
C VAL I 248 -86.39 17.95 43.59
N GLN I 249 -87.11 17.57 44.65
CA GLN I 249 -87.63 16.22 44.81
C GLN I 249 -89.07 16.39 44.36
N VAL I 250 -89.56 15.51 43.50
CA VAL I 250 -90.94 15.65 43.02
C VAL I 250 -91.78 14.42 43.34
N SER I 251 -93.10 14.54 43.20
CA SER I 251 -93.99 13.42 43.47
C SER I 251 -93.94 12.39 42.36
N LYS I 252 -94.37 12.82 41.18
CA LYS I 252 -94.40 12.00 39.97
C LYS I 252 -93.03 11.57 39.48
N LYS I 253 -92.71 10.28 39.60
CA LYS I 253 -91.42 9.79 39.12
C LYS I 253 -91.37 10.18 37.66
N THR I 254 -90.19 10.57 37.20
CA THR I 254 -90.01 11.03 35.83
C THR I 254 -88.59 10.83 35.32
N PHE I 255 -88.33 11.35 34.13
CA PHE I 255 -87.01 11.24 33.51
C PHE I 255 -86.73 12.56 32.80
N ALA I 256 -85.43 12.84 32.61
CA ALA I 256 -84.96 14.08 32.00
C ALA I 256 -85.76 14.60 30.81
N GLU I 257 -85.95 13.74 29.82
CA GLU I 257 -86.67 14.11 28.60
C GLU I 257 -88.10 14.60 28.87
N GLU I 258 -88.78 14.00 29.84
CA GLU I 258 -90.13 14.42 30.13
C GLU I 258 -90.11 15.82 30.69
N VAL I 259 -89.24 16.03 31.67
CA VAL I 259 -89.10 17.34 32.29
C VAL I 259 -88.83 18.38 31.21
N ASN I 260 -87.86 18.13 30.35
CA ASN I 260 -87.53 19.08 29.27
C ASN I 260 -88.71 19.32 28.38
N ALA I 261 -89.47 18.26 28.15
CA ALA I 261 -90.66 18.30 27.31
C ALA I 261 -91.67 19.23 27.96
N ALA I 262 -91.79 19.11 29.27
CA ALA I 262 -92.70 19.95 30.02
C ALA I 262 -92.34 21.42 29.79
N PHE I 263 -91.05 21.75 29.84
CA PHE I 263 -90.61 23.13 29.64
C PHE I 263 -90.92 23.63 28.23
N ARG I 264 -90.63 22.82 27.23
CA ARG I 264 -90.89 23.26 25.86
C ARG I 264 -92.39 23.58 25.67
N ASP I 265 -93.25 22.80 26.30
CA ASP I 265 -94.68 23.05 26.19
C ASP I 265 -94.95 24.42 26.81
N SER I 266 -94.55 24.58 28.07
CA SER I 266 -94.75 25.86 28.73
C SER I 266 -94.21 26.96 27.84
N ALA I 267 -92.98 26.76 27.36
CA ALA I 267 -92.34 27.73 26.50
C ALA I 267 -93.23 28.16 25.34
N GLU I 268 -93.82 27.19 24.67
CA GLU I 268 -94.70 27.50 23.56
C GLU I 268 -96.06 28.03 24.00
N LYS I 269 -96.53 27.62 25.18
CA LYS I 269 -97.86 28.06 25.63
C LYS I 269 -98.00 29.20 26.65
N GLU I 270 -98.25 28.87 27.92
CA GLU I 270 -98.44 29.92 28.93
C GLU I 270 -97.23 30.74 29.32
N LEU I 271 -96.04 30.32 28.91
CA LEU I 271 -94.84 31.06 29.24
C LEU I 271 -94.11 31.55 28.01
N LYS I 272 -94.82 31.65 26.89
CA LYS I 272 -94.16 32.11 25.69
C LYS I 272 -93.55 33.47 25.97
N GLY I 273 -92.31 33.66 25.55
CA GLY I 273 -91.64 34.92 25.76
C GLY I 273 -91.00 35.06 27.13
N ILE I 274 -91.32 34.16 28.05
CA ILE I 274 -90.78 34.19 29.41
C ILE I 274 -89.78 33.08 29.68
N LEU I 275 -90.14 31.85 29.32
CA LEU I 275 -89.25 30.71 29.51
C LEU I 275 -88.88 30.16 28.15
N ASP I 276 -87.68 29.62 28.05
CA ASP I 276 -87.19 29.13 26.78
C ASP I 276 -86.32 27.93 27.03
N VAL I 277 -86.20 27.06 26.03
CA VAL I 277 -85.36 25.88 26.13
C VAL I 277 -84.34 25.91 25.02
N CYS I 278 -83.07 25.86 25.40
CA CYS I 278 -81.95 25.89 24.48
C CYS I 278 -81.30 24.52 24.35
N ASP I 279 -81.32 23.98 23.13
CA ASP I 279 -80.77 22.66 22.87
C ASP I 279 -79.36 22.61 22.29
N GLU I 280 -78.60 23.68 22.42
CA GLU I 280 -77.23 23.70 21.93
C GLU I 280 -76.30 23.91 23.11
N PRO I 281 -75.08 23.35 23.04
CA PRO I 281 -74.09 23.46 24.11
C PRO I 281 -73.42 24.83 24.07
N LEU I 282 -74.02 25.79 24.78
CA LEU I 282 -73.52 27.14 24.81
C LEU I 282 -72.87 27.53 26.13
N VAL I 283 -72.38 28.75 26.20
CA VAL I 283 -71.75 29.26 27.42
C VAL I 283 -72.37 30.59 27.76
N SER I 284 -72.19 31.02 29.00
CA SER I 284 -72.75 32.27 29.50
C SER I 284 -72.80 33.45 28.54
N VAL I 285 -71.72 33.71 27.84
CA VAL I 285 -71.70 34.85 26.94
C VAL I 285 -72.76 34.75 25.84
N ASP I 286 -73.12 33.54 25.43
CA ASP I 286 -74.09 33.39 24.35
C ASP I 286 -75.48 33.84 24.77
N PHE I 287 -75.69 34.05 26.07
CA PHE I 287 -77.01 34.46 26.54
C PHE I 287 -77.18 35.96 26.82
N ARG I 288 -76.13 36.74 26.59
CA ARG I 288 -76.23 38.18 26.79
C ARG I 288 -77.42 38.64 26.00
N CYS I 289 -78.09 39.67 26.48
CA CYS I 289 -79.27 40.23 25.82
C CYS I 289 -80.43 39.29 25.57
N SER I 290 -80.49 38.15 26.25
CA SER I 290 -81.62 37.26 26.09
C SER I 290 -82.88 37.94 26.68
N ASP I 291 -83.95 38.04 25.89
CA ASP I 291 -85.19 38.65 26.39
C ASP I 291 -85.98 37.71 27.31
N PHE I 292 -85.56 36.46 27.37
CA PHE I 292 -86.24 35.49 28.20
C PHE I 292 -85.76 35.59 29.62
N SER I 293 -86.70 35.49 30.53
CA SER I 293 -86.41 35.55 31.94
C SER I 293 -85.77 34.25 32.40
N THR I 294 -86.11 33.16 31.69
CA THR I 294 -85.57 31.82 31.97
C THR I 294 -85.25 31.03 30.70
N THR I 295 -84.05 30.46 30.63
CA THR I 295 -83.66 29.64 29.49
C THR I 295 -83.08 28.35 30.06
N ILE I 296 -83.69 27.23 29.71
CA ILE I 296 -83.27 25.92 30.20
C ILE I 296 -82.17 25.28 29.35
N ASP I 297 -81.13 24.75 29.98
CA ASP I 297 -80.07 24.11 29.24
C ASP I 297 -80.46 22.65 29.24
N SER I 298 -81.37 22.31 28.33
CA SER I 298 -81.93 20.97 28.21
C SER I 298 -80.99 19.78 28.35
N SER I 299 -79.81 19.86 27.76
CA SER I 299 -78.86 18.74 27.84
C SER I 299 -78.17 18.64 29.18
N LEU I 300 -78.54 19.53 30.09
CA LEU I 300 -77.95 19.48 31.41
C LEU I 300 -78.96 18.91 32.39
N THR I 301 -80.22 18.80 31.96
CA THR I 301 -81.25 18.26 32.86
C THR I 301 -80.92 16.84 33.26
N MET I 302 -81.04 16.54 34.53
CA MET I 302 -80.75 15.21 35.00
C MET I 302 -81.83 14.80 36.00
N VAL I 303 -82.01 13.48 36.18
CA VAL I 303 -82.95 12.97 37.16
C VAL I 303 -82.28 11.82 37.88
N MET I 304 -82.33 11.81 39.20
CA MET I 304 -81.71 10.75 39.98
C MET I 304 -82.70 10.03 40.88
N GLY I 305 -82.81 8.71 40.68
CA GLY I 305 -83.73 7.93 41.49
C GLY I 305 -85.16 8.25 41.17
N ASP I 306 -85.41 8.61 39.90
CA ASP I 306 -86.76 8.92 39.43
C ASP I 306 -87.42 10.22 39.89
N ASP I 307 -87.03 10.73 41.07
CA ASP I 307 -87.66 11.94 41.60
C ASP I 307 -86.77 13.13 42.04
N MET I 308 -85.46 13.04 41.85
CA MET I 308 -84.59 14.15 42.21
C MET I 308 -84.18 14.81 40.91
N VAL I 309 -84.88 15.87 40.55
CA VAL I 309 -84.62 16.58 39.30
C VAL I 309 -83.67 17.74 39.46
N LYS I 310 -82.73 17.86 38.54
CA LYS I 310 -81.77 18.96 38.54
C LYS I 310 -81.93 19.70 37.22
N VAL I 311 -82.15 21.02 37.28
CA VAL I 311 -82.31 21.81 36.07
C VAL I 311 -81.35 22.98 36.16
N ILE I 312 -80.77 23.35 35.03
CA ILE I 312 -79.85 24.47 34.98
C ILE I 312 -80.48 25.47 34.04
N ALA I 313 -80.52 26.74 34.45
CA ALA I 313 -81.14 27.76 33.62
C ALA I 313 -80.28 29.01 33.56
N TRP I 314 -80.26 29.63 32.38
CA TRP I 314 -79.48 30.82 32.13
C TRP I 314 -80.35 32.06 32.15
N TYR I 315 -79.75 33.18 32.49
CA TYR I 315 -80.45 34.45 32.45
C TYR I 315 -79.48 35.61 32.43
N ASP I 316 -79.84 36.64 31.68
CA ASP I 316 -79.04 37.85 31.59
C ASP I 316 -79.59 38.70 32.72
N ASN I 317 -79.01 38.58 33.92
CA ASN I 317 -79.51 39.30 35.09
C ASN I 317 -79.71 40.80 34.95
N GLU I 318 -79.00 41.45 34.04
CA GLU I 318 -79.18 42.87 33.86
C GLU I 318 -80.29 43.15 32.86
N TRP I 319 -80.11 42.66 31.64
CA TRP I 319 -81.05 42.87 30.55
C TRP I 319 -82.35 42.07 30.63
N GLY I 320 -82.25 40.78 30.89
CA GLY I 320 -83.47 39.98 30.99
C GLY I 320 -84.41 40.57 32.01
N TYR I 321 -83.86 40.89 33.17
CA TYR I 321 -84.61 41.46 34.28
C TYR I 321 -85.27 42.78 33.89
N SER I 322 -84.52 43.65 33.24
CA SER I 322 -85.02 44.96 32.84
C SER I 322 -86.13 44.88 31.80
N GLN I 323 -86.22 43.76 31.10
CA GLN I 323 -87.30 43.62 30.14
C GLN I 323 -88.52 43.36 31.01
N ARG I 324 -88.34 42.49 32.00
CA ARG I 324 -89.41 42.17 32.92
C ARG I 324 -89.89 43.42 33.66
N VAL I 325 -89.00 44.37 33.91
CA VAL I 325 -89.39 45.59 34.61
C VAL I 325 -90.26 46.40 33.65
N VAL I 326 -89.83 46.52 32.40
CA VAL I 326 -90.64 47.25 31.43
C VAL I 326 -92.01 46.57 31.34
N ASP I 327 -92.00 45.24 31.30
CA ASP I 327 -93.25 44.48 31.24
C ASP I 327 -94.18 44.86 32.39
N LEU I 328 -93.71 44.66 33.61
CA LEU I 328 -94.53 44.99 34.78
C LEU I 328 -95.05 46.44 34.72
N ALA I 329 -94.28 47.35 34.16
CA ALA I 329 -94.75 48.73 34.07
C ALA I 329 -95.91 48.78 33.08
N ASP I 330 -95.78 48.05 31.98
CA ASP I 330 -96.84 48.01 30.96
C ASP I 330 -98.12 47.53 31.64
N ILE I 331 -97.98 46.47 32.41
CA ILE I 331 -99.13 45.94 33.11
C ILE I 331 -99.70 47.04 34.01
N VAL I 332 -98.83 47.64 34.82
CA VAL I 332 -99.29 48.69 35.68
C VAL I 332 -100.09 49.67 34.82
N ALA I 333 -99.53 50.07 33.68
CA ALA I 333 -100.22 51.01 32.79
C ALA I 333 -101.56 50.45 32.34
N ASN I 334 -101.60 49.14 32.13
CA ASN I 334 -102.79 48.47 31.68
C ASN I 334 -103.92 48.43 32.72
N ASN I 335 -103.58 48.46 33.99
CA ASN I 335 -104.59 48.42 35.06
C ASN I 335 -104.79 49.76 35.75
N TRP I 336 -104.35 50.83 35.11
CA TRP I 336 -104.46 52.16 35.69
C TRP I 336 -105.94 52.59 35.73
N LYS I 337 -106.32 53.24 36.83
CA LYS I 337 -107.68 53.74 36.99
C LYS I 337 -107.59 55.26 37.18
N LYS J 2 -35.74 7.50 49.40
CA LYS J 2 -35.13 6.14 49.29
C LYS J 2 -35.84 5.25 48.27
N LEU J 3 -36.96 5.71 47.71
CA LEU J 3 -37.68 4.90 46.74
C LEU J 3 -37.56 5.28 45.27
N LYS J 4 -36.68 6.24 44.95
CA LYS J 4 -36.44 6.66 43.56
C LYS J 4 -37.66 6.91 42.66
N VAL J 5 -37.99 8.19 42.44
CA VAL J 5 -39.14 8.56 41.63
C VAL J 5 -38.87 9.36 40.35
N ALA J 6 -39.72 9.17 39.35
CA ALA J 6 -39.59 9.90 38.09
C ALA J 6 -40.90 10.65 37.81
N ILE J 7 -40.80 11.85 37.25
CA ILE J 7 -41.98 12.63 36.93
C ILE J 7 -42.14 12.71 35.43
N ASN J 8 -43.29 12.27 34.93
CA ASN J 8 -43.54 12.30 33.49
C ASN J 8 -44.63 13.29 33.18
N GLY J 9 -44.22 14.47 32.74
CA GLY J 9 -45.17 15.53 32.43
C GLY J 9 -45.01 16.60 33.49
N PHE J 10 -44.14 17.56 33.21
CA PHE J 10 -43.87 18.64 34.14
C PHE J 10 -44.81 19.80 33.86
N GLY J 11 -46.10 19.55 34.05
CA GLY J 11 -47.11 20.57 33.83
C GLY J 11 -47.59 21.09 35.17
N ARG J 12 -48.78 21.69 35.19
CA ARG J 12 -49.29 22.18 36.46
C ARG J 12 -49.08 21.09 37.55
N ILE J 13 -49.72 19.94 37.39
CA ILE J 13 -49.59 18.88 38.38
C ILE J 13 -48.15 18.39 38.61
N GLY J 14 -47.42 18.18 37.53
CA GLY J 14 -46.05 17.73 37.67
C GLY J 14 -45.25 18.67 38.56
N ARG J 15 -45.31 19.96 38.25
CA ARG J 15 -44.56 20.94 39.02
C ARG J 15 -45.09 21.09 40.42
N ASN J 16 -46.41 21.09 40.57
CA ASN J 16 -47.03 21.18 41.89
C ASN J 16 -46.57 19.98 42.70
N PHE J 17 -46.51 18.83 42.04
CA PHE J 17 -46.09 17.60 42.68
C PHE J 17 -44.69 17.77 43.26
N LEU J 18 -43.75 18.17 42.40
CA LEU J 18 -42.37 18.35 42.84
C LEU J 18 -42.34 19.25 44.06
N ARG J 19 -43.07 20.36 44.01
CA ARG J 19 -43.06 21.29 45.14
C ARG J 19 -43.72 20.73 46.38
N CYS J 20 -44.85 20.05 46.23
CA CYS J 20 -45.47 19.46 47.41
C CYS J 20 -44.44 18.58 48.09
N TRP J 21 -43.83 17.70 47.30
CA TRP J 21 -42.81 16.77 47.78
C TRP J 21 -41.68 17.47 48.53
N HIS J 22 -41.16 18.53 47.92
CA HIS J 22 -40.05 19.30 48.50
C HIS J 22 -40.32 19.75 49.93
N GLY J 23 -41.58 20.03 50.25
CA GLY J 23 -41.92 20.51 51.57
C GLY J 23 -42.02 19.47 52.67
N ARG J 24 -42.03 18.19 52.29
CA ARG J 24 -42.13 17.11 53.28
C ARG J 24 -40.84 16.87 54.04
N LYS J 25 -40.97 16.46 55.29
CA LYS J 25 -39.82 16.14 56.12
C LYS J 25 -39.70 14.62 56.13
N ASP J 26 -38.49 14.13 55.87
CA ASP J 26 -38.25 12.69 55.86
C ASP J 26 -39.21 11.98 54.88
N SER J 27 -39.04 12.26 53.61
CA SER J 27 -39.87 11.66 52.56
C SER J 27 -39.28 10.33 52.11
N PRO J 28 -40.12 9.29 52.00
CA PRO J 28 -39.66 7.98 51.57
C PRO J 28 -39.31 7.96 50.09
N LEU J 29 -39.60 9.05 49.38
CA LEU J 29 -39.32 9.11 47.95
C LEU J 29 -38.09 9.96 47.67
N ASP J 30 -37.64 9.89 46.43
CA ASP J 30 -36.50 10.69 45.98
C ASP J 30 -36.66 10.93 44.50
N ILE J 31 -36.88 12.19 44.13
CA ILE J 31 -37.06 12.55 42.74
C ILE J 31 -35.65 12.52 42.13
N ILE J 32 -35.49 11.81 41.02
CA ILE J 32 -34.17 11.74 40.43
C ILE J 32 -34.21 12.07 38.93
N ALA J 33 -35.39 12.00 38.34
CA ALA J 33 -35.54 12.32 36.93
C ALA J 33 -36.88 12.97 36.61
N ILE J 34 -36.92 13.71 35.50
CA ILE J 34 -38.11 14.39 35.03
C ILE J 34 -38.10 14.29 33.52
N ASN J 35 -39.26 14.10 32.93
CA ASN J 35 -39.37 14.03 31.48
C ASN J 35 -40.47 14.98 31.03
N ASP J 36 -40.26 15.63 29.89
CA ASP J 36 -41.26 16.56 29.36
C ASP J 36 -40.79 17.13 28.02
N THR J 37 -41.76 17.51 27.19
CA THR J 37 -41.47 18.07 25.88
C THR J 37 -41.20 19.59 25.93
N GLY J 38 -40.18 19.99 26.69
CA GLY J 38 -39.88 21.42 26.81
C GLY J 38 -38.44 21.87 27.01
N GLY J 39 -37.55 20.97 27.43
CA GLY J 39 -36.16 21.38 27.63
C GLY J 39 -35.79 21.65 29.07
N VAL J 40 -34.51 21.82 29.34
CA VAL J 40 -34.07 22.07 30.70
C VAL J 40 -34.19 23.54 31.10
N LYS J 41 -33.81 24.45 30.20
CA LYS J 41 -33.92 25.88 30.48
C LYS J 41 -35.37 26.18 30.83
N GLN J 42 -36.26 25.70 29.97
CA GLN J 42 -37.69 25.89 30.11
C GLN J 42 -38.33 25.19 31.31
N ALA J 43 -37.54 24.43 32.06
CA ALA J 43 -38.06 23.68 33.20
C ALA J 43 -37.69 24.34 34.51
N SER J 44 -36.43 24.73 34.67
CA SER J 44 -36.04 25.38 35.92
C SER J 44 -36.86 26.67 36.06
N HIS J 45 -37.09 27.32 34.94
CA HIS J 45 -37.85 28.57 34.92
C HIS J 45 -39.27 28.37 35.44
N LEU J 46 -40.01 27.44 34.85
CA LEU J 46 -41.38 27.19 35.27
C LEU J 46 -41.51 26.47 36.60
N LEU J 47 -40.40 26.09 37.20
CA LEU J 47 -40.44 25.46 38.51
C LEU J 47 -40.16 26.58 39.51
N LYS J 48 -39.48 27.61 39.03
CA LYS J 48 -39.11 28.76 39.87
C LYS J 48 -40.16 29.86 39.85
N TYR J 49 -40.74 30.10 38.68
CA TYR J 49 -41.73 31.16 38.56
C TYR J 49 -43.11 30.61 38.22
N ASP J 50 -44.05 30.75 39.15
CA ASP J 50 -45.39 30.24 38.94
C ASP J 50 -46.45 31.32 39.23
N SER J 51 -47.26 31.65 38.24
CA SER J 51 -48.31 32.66 38.39
C SER J 51 -49.34 32.27 39.43
N THR J 52 -49.36 31.01 39.85
CA THR J 52 -50.35 30.56 40.82
C THR J 52 -49.75 30.23 42.18
N LEU J 53 -48.67 29.48 42.19
CA LEU J 53 -48.05 29.14 43.47
C LEU J 53 -47.11 30.25 43.92
N GLY J 54 -46.59 30.98 42.94
CA GLY J 54 -45.65 32.02 43.28
C GLY J 54 -44.24 31.52 43.01
N ILE J 55 -43.27 32.22 43.56
CA ILE J 55 -41.88 31.87 43.35
C ILE J 55 -41.46 30.77 44.31
N PHE J 56 -40.92 29.69 43.76
CA PHE J 56 -40.47 28.56 44.56
C PHE J 56 -39.33 29.05 45.46
N ASP J 57 -39.55 29.00 46.76
CA ASP J 57 -38.55 29.44 47.69
C ASP J 57 -37.45 28.42 47.80
N ALA J 58 -36.76 28.21 46.69
CA ALA J 58 -35.66 27.26 46.63
C ALA J 58 -34.65 27.73 45.60
N ASP J 59 -33.48 27.09 45.61
CA ASP J 59 -32.40 27.41 44.68
C ASP J 59 -32.59 26.53 43.46
N VAL J 60 -33.10 27.11 42.39
CA VAL J 60 -33.37 26.36 41.18
C VAL J 60 -32.54 26.86 40.01
N LYS J 61 -31.62 26.03 39.54
CA LYS J 61 -30.76 26.38 38.42
C LYS J 61 -30.32 25.15 37.68
N PRO J 62 -30.14 25.26 36.36
CA PRO J 62 -29.71 24.09 35.60
C PRO J 62 -28.35 23.55 36.09
N SER J 63 -28.06 22.31 35.71
CA SER J 63 -26.80 21.66 36.04
C SER J 63 -26.47 20.96 34.73
N GLY J 64 -25.77 21.68 33.86
CA GLY J 64 -25.46 21.11 32.56
C GLY J 64 -26.73 21.31 31.76
N GLU J 65 -26.77 20.83 30.52
CA GLU J 65 -27.97 21.00 29.72
C GLU J 65 -28.89 19.79 29.75
N THR J 66 -28.76 18.99 30.81
CA THR J 66 -29.59 17.80 30.94
C THR J 66 -30.08 17.57 32.36
N ALA J 67 -30.05 18.61 33.18
CA ALA J 67 -30.51 18.47 34.55
C ALA J 67 -30.74 19.81 35.22
N ILE J 68 -31.30 19.75 36.42
CA ILE J 68 -31.56 20.95 37.18
C ILE J 68 -31.23 20.67 38.62
N SER J 69 -30.82 21.69 39.35
CA SER J 69 -30.47 21.53 40.74
C SER J 69 -31.52 22.24 41.58
N VAL J 70 -32.05 21.55 42.58
CA VAL J 70 -33.05 22.11 43.46
C VAL J 70 -32.46 22.10 44.84
N ASP J 71 -32.11 23.27 45.35
CA ASP J 71 -31.51 23.35 46.67
C ASP J 71 -30.41 22.29 46.81
N GLY J 72 -29.71 22.03 45.70
CA GLY J 72 -28.63 21.05 45.73
C GLY J 72 -28.90 19.76 44.97
N LYS J 73 -29.92 18.99 45.39
CA LYS J 73 -30.26 17.74 44.73
C LYS J 73 -30.35 17.92 43.21
N ILE J 74 -29.67 17.05 42.47
CA ILE J 74 -29.68 17.14 41.01
C ILE J 74 -30.68 16.16 40.40
N ILE J 75 -31.57 16.67 39.58
CA ILE J 75 -32.56 15.81 38.94
C ILE J 75 -32.32 15.83 37.45
N GLN J 76 -32.25 14.65 36.84
CA GLN J 76 -32.03 14.59 35.41
C GLN J 76 -33.29 14.99 34.70
N VAL J 77 -33.15 15.67 33.57
CA VAL J 77 -34.31 16.06 32.82
C VAL J 77 -34.15 15.39 31.48
N VAL J 78 -35.08 14.51 31.16
CA VAL J 78 -35.05 13.84 29.88
C VAL J 78 -36.22 14.41 29.10
N SER J 79 -36.24 14.16 27.80
CA SER J 79 -37.33 14.65 26.98
C SER J 79 -37.57 13.61 25.92
N ASN J 80 -38.81 13.13 25.84
CA ASN J 80 -39.17 12.11 24.89
C ASN J 80 -40.69 11.90 24.87
N ARG J 81 -41.31 12.17 23.73
CA ARG J 81 -42.74 12.00 23.58
C ARG J 81 -43.18 10.57 23.81
N ASN J 82 -42.30 9.61 23.55
CA ASN J 82 -42.64 8.20 23.73
C ASN J 82 -42.09 7.63 25.05
N PRO J 83 -42.99 7.23 25.96
CA PRO J 83 -42.53 6.69 27.25
C PRO J 83 -41.67 5.44 27.10
N SER J 84 -41.99 4.61 26.12
CA SER J 84 -41.27 3.36 25.88
C SER J 84 -39.78 3.60 25.80
N LEU J 85 -39.41 4.80 25.37
CA LEU J 85 -38.03 5.18 25.19
C LEU J 85 -37.34 5.73 26.43
N LEU J 86 -38.09 6.29 27.37
CA LEU J 86 -37.50 6.84 28.58
C LEU J 86 -36.50 5.89 29.23
N PRO J 87 -35.44 6.42 29.84
CA PRO J 87 -34.36 5.68 30.53
C PRO J 87 -34.72 5.22 31.93
N TRP J 88 -35.93 4.67 32.09
CA TRP J 88 -36.37 4.23 33.41
C TRP J 88 -35.59 3.04 34.01
N LYS J 89 -35.34 2.02 33.17
CA LYS J 89 -34.60 0.84 33.62
C LYS J 89 -33.18 1.19 34.01
N GLU J 90 -32.64 2.24 33.38
CA GLU J 90 -31.27 2.70 33.63
C GLU J 90 -31.09 3.45 34.95
N LEU J 91 -32.05 4.30 35.29
CA LEU J 91 -31.96 5.08 36.53
C LEU J 91 -32.50 4.36 37.76
N GLY J 92 -33.01 3.14 37.58
CA GLY J 92 -33.54 2.41 38.72
C GLY J 92 -34.85 3.05 39.17
N ILE J 93 -35.66 3.47 38.19
CA ILE J 93 -36.93 4.11 38.49
C ILE J 93 -37.96 3.17 39.09
N ASP J 94 -38.37 3.46 40.33
CA ASP J 94 -39.38 2.65 40.98
C ASP J 94 -40.79 3.10 40.63
N ILE J 95 -41.09 4.37 40.90
CA ILE J 95 -42.41 4.94 40.64
C ILE J 95 -42.36 6.04 39.57
N VAL J 96 -43.30 6.00 38.64
CA VAL J 96 -43.38 7.02 37.61
C VAL J 96 -44.70 7.74 37.77
N ILE J 97 -44.64 9.02 38.15
CA ILE J 97 -45.84 9.84 38.32
C ILE J 97 -46.25 10.33 36.93
N GLU J 98 -47.34 9.79 36.40
CA GLU J 98 -47.80 10.16 35.06
C GLU J 98 -48.74 11.34 35.07
N GLY J 99 -48.25 12.51 34.67
CA GLY J 99 -49.09 13.69 34.66
C GLY J 99 -49.19 14.34 33.30
N THR J 100 -49.04 13.56 32.25
CA THR J 100 -49.12 14.12 30.92
C THR J 100 -50.56 14.26 30.47
N GLY J 101 -51.43 13.44 31.07
CA GLY J 101 -52.82 13.46 30.70
C GLY J 101 -53.05 12.73 29.39
N VAL J 102 -52.03 12.06 28.88
CA VAL J 102 -52.18 11.34 27.61
C VAL J 102 -51.78 9.88 27.71
N PHE J 103 -51.65 9.37 28.93
CA PHE J 103 -51.28 7.97 29.15
C PHE J 103 -52.05 7.46 30.35
N VAL J 104 -53.35 7.71 30.33
CA VAL J 104 -54.22 7.34 31.41
C VAL J 104 -54.83 5.94 31.27
N ASP J 105 -54.41 5.18 30.27
CA ASP J 105 -54.95 3.83 30.11
C ASP J 105 -53.84 2.82 30.33
N ARG J 106 -54.17 1.55 30.43
CA ARG J 106 -53.18 0.52 30.68
C ARG J 106 -52.18 0.35 29.53
N GLU J 107 -52.61 0.65 28.31
CA GLU J 107 -51.74 0.54 27.15
C GLU J 107 -50.61 1.58 27.28
N GLY J 108 -51.01 2.84 27.41
CA GLY J 108 -50.06 3.93 27.53
C GLY J 108 -49.24 3.92 28.80
N ALA J 109 -49.90 3.79 29.94
CA ALA J 109 -49.20 3.79 31.21
C ALA J 109 -48.29 2.58 31.35
N GLY J 110 -48.54 1.55 30.53
CA GLY J 110 -47.72 0.35 30.59
C GLY J 110 -46.34 0.61 30.03
N LYS J 111 -46.28 1.49 29.04
CA LYS J 111 -45.03 1.82 28.42
C LYS J 111 -43.92 2.12 29.42
N HIS J 112 -44.24 2.83 30.50
CA HIS J 112 -43.20 3.15 31.49
C HIS J 112 -42.66 1.88 32.10
N ILE J 113 -43.57 0.95 32.36
CA ILE J 113 -43.19 -0.34 32.96
C ILE J 113 -42.24 -1.02 31.99
N GLU J 114 -42.47 -0.82 30.69
CA GLU J 114 -41.63 -1.40 29.65
C GLU J 114 -40.23 -0.82 29.73
N ALA J 115 -40.17 0.49 29.83
CA ALA J 115 -38.93 1.23 29.91
C ALA J 115 -38.15 0.85 31.15
N GLY J 116 -38.73 -0.03 31.97
CA GLY J 116 -38.02 -0.48 33.15
C GLY J 116 -38.48 0.07 34.49
N ALA J 117 -39.51 0.91 34.48
CA ALA J 117 -40.02 1.45 35.73
C ALA J 117 -40.92 0.38 36.33
N LYS J 118 -40.90 0.28 37.66
CA LYS J 118 -41.70 -0.70 38.37
C LYS J 118 -43.19 -0.37 38.43
N LYS J 119 -43.53 0.88 38.74
CA LYS J 119 -44.92 1.26 38.91
C LYS J 119 -45.26 2.66 38.41
N VAL J 120 -46.49 2.83 37.92
CA VAL J 120 -46.94 4.11 37.41
C VAL J 120 -48.22 4.60 38.12
N ILE J 121 -48.18 5.81 38.67
CA ILE J 121 -49.34 6.39 39.33
C ILE J 121 -49.88 7.47 38.39
N ILE J 122 -51.09 7.28 37.90
CA ILE J 122 -51.70 8.24 36.99
C ILE J 122 -52.41 9.34 37.78
N THR J 123 -52.08 10.59 37.47
CA THR J 123 -52.66 11.75 38.14
C THR J 123 -53.95 12.19 37.46
N ALA J 124 -54.87 11.25 37.31
CA ALA J 124 -56.15 11.50 36.68
C ALA J 124 -56.95 10.19 36.67
N PRO J 125 -58.22 10.24 36.24
CA PRO J 125 -58.99 9.00 36.21
C PRO J 125 -58.34 8.06 35.21
N GLY J 126 -58.19 6.79 35.56
CA GLY J 126 -57.61 5.86 34.62
C GLY J 126 -58.68 5.28 33.70
N LYS J 127 -58.30 4.76 32.54
CA LYS J 127 -59.27 4.16 31.62
C LYS J 127 -59.39 2.67 31.90
N GLY J 128 -60.63 2.19 31.96
CA GLY J 128 -60.88 0.79 32.22
C GLY J 128 -60.31 0.25 33.51
N ASP J 129 -60.22 -1.08 33.56
CA ASP J 129 -59.73 -1.89 34.67
C ASP J 129 -58.52 -1.40 35.52
N ILE J 130 -58.32 -0.10 35.65
CA ILE J 130 -57.20 0.40 36.46
C ILE J 130 -57.64 0.75 37.88
N PRO J 131 -56.95 0.16 38.89
CA PRO J 131 -57.26 0.40 40.30
C PRO J 131 -57.28 1.90 40.58
N THR J 132 -58.28 2.36 41.30
CA THR J 132 -58.38 3.77 41.63
C THR J 132 -58.40 4.00 43.14
N TYR J 133 -57.69 5.02 43.61
CA TYR J 133 -57.60 5.33 45.03
C TYR J 133 -57.73 6.82 45.38
N VAL J 134 -58.30 7.08 46.55
CA VAL J 134 -58.46 8.43 47.07
C VAL J 134 -58.01 8.34 48.53
N VAL J 135 -56.82 8.84 48.82
CA VAL J 135 -56.32 8.76 50.18
C VAL J 135 -57.40 9.29 51.10
N GLY J 136 -57.61 8.62 52.22
CA GLY J 136 -58.63 9.03 53.17
C GLY J 136 -59.89 8.20 52.99
N VAL J 137 -60.16 7.83 51.75
CA VAL J 137 -61.34 7.06 51.43
C VAL J 137 -61.06 5.56 51.29
N ASN J 138 -60.30 5.16 50.27
CA ASN J 138 -59.99 3.74 50.07
C ASN J 138 -58.53 3.45 49.77
N ALA J 139 -57.62 4.24 50.31
CA ALA J 139 -56.21 4.01 50.05
C ALA J 139 -55.75 2.82 50.88
N ASP J 140 -56.56 2.42 51.86
CA ASP J 140 -56.20 1.27 52.67
C ASP J 140 -56.18 0.03 51.77
N ALA J 141 -57.12 -0.02 50.83
CA ALA J 141 -57.25 -1.14 49.91
C ALA J 141 -56.15 -1.24 48.86
N TYR J 142 -55.04 -0.53 49.06
CA TYR J 142 -53.95 -0.59 48.08
C TYR J 142 -53.29 -1.95 48.13
N SER J 143 -52.89 -2.44 46.96
CA SER J 143 -52.23 -3.74 46.84
C SER J 143 -50.94 -3.67 46.01
N HIS J 144 -49.81 -3.96 46.66
CA HIS J 144 -48.49 -3.91 46.02
C HIS J 144 -48.39 -4.63 44.68
N ASP J 145 -49.26 -5.60 44.43
CA ASP J 145 -49.19 -6.34 43.18
C ASP J 145 -49.88 -5.56 42.06
N GLU J 146 -50.17 -4.29 42.32
CA GLU J 146 -50.79 -3.43 41.30
C GLU J 146 -49.70 -2.54 40.68
N PRO J 147 -49.48 -2.67 39.37
CA PRO J 147 -48.47 -1.90 38.65
C PRO J 147 -48.93 -0.51 38.18
N ILE J 148 -50.22 -0.39 37.83
CA ILE J 148 -50.78 0.88 37.36
C ILE J 148 -52.00 1.33 38.18
N ILE J 149 -51.84 2.33 39.04
CA ILE J 149 -52.97 2.82 39.83
C ILE J 149 -53.36 4.24 39.43
N SER J 150 -54.55 4.67 39.86
CA SER J 150 -55.04 6.00 39.55
C SER J 150 -55.32 6.73 40.85
N ASN J 151 -55.09 8.04 40.85
CA ASN J 151 -55.33 8.87 42.02
C ASN J 151 -56.61 9.66 41.79
N ALA J 152 -57.40 9.20 40.82
CA ALA J 152 -58.67 9.82 40.48
C ALA J 152 -58.51 11.24 39.94
N SER J 153 -59.57 12.03 40.05
CA SER J 153 -59.53 13.41 39.58
C SER J 153 -59.53 14.31 40.81
N CYS J 154 -59.24 15.60 40.62
CA CYS J 154 -59.22 16.54 41.74
C CYS J 154 -60.60 16.66 42.41
N THR J 155 -61.65 16.74 41.60
CA THR J 155 -63.00 16.85 42.14
C THR J 155 -63.33 15.62 42.98
N THR J 156 -63.14 14.44 42.38
CA THR J 156 -63.42 13.21 43.07
C THR J 156 -62.67 13.22 44.40
N ASN J 157 -61.46 13.74 44.40
CA ASN J 157 -60.68 13.80 45.63
C ASN J 157 -61.28 14.72 46.68
N CYS J 158 -62.08 15.69 46.24
CA CYS J 158 -62.73 16.59 47.18
C CYS J 158 -64.07 15.98 47.60
N LEU J 159 -64.86 15.61 46.60
CA LEU J 159 -66.17 15.03 46.81
C LEU J 159 -66.20 13.75 47.65
N ALA J 160 -65.32 12.81 47.33
CA ALA J 160 -65.28 11.54 48.03
C ALA J 160 -65.20 11.59 49.55
N PRO J 161 -64.20 12.27 50.10
CA PRO J 161 -64.12 12.30 51.57
C PRO J 161 -65.38 12.71 52.34
N PHE J 162 -66.21 13.60 51.79
CA PHE J 162 -67.39 13.94 52.56
C PHE J 162 -68.64 13.18 52.14
N VAL J 163 -68.61 12.58 50.96
CA VAL J 163 -69.74 11.75 50.53
C VAL J 163 -69.66 10.52 51.44
N LYS J 164 -68.45 10.19 51.85
CA LYS J 164 -68.21 9.07 52.73
C LYS J 164 -68.82 9.29 54.10
N VAL J 165 -68.50 10.43 54.72
CA VAL J 165 -69.01 10.75 56.05
C VAL J 165 -70.53 10.77 56.00
N LEU J 166 -71.07 11.48 55.04
CA LEU J 166 -72.52 11.57 54.89
C LEU J 166 -73.15 10.18 54.82
N ASP J 167 -72.69 9.37 53.88
CA ASP J 167 -73.25 8.04 53.74
C ASP J 167 -73.09 7.20 55.00
N GLN J 168 -71.93 7.29 55.65
CA GLN J 168 -71.68 6.53 56.89
C GLN J 168 -72.72 6.81 57.96
N LYS J 169 -72.85 8.10 58.29
CA LYS J 169 -73.73 8.53 59.37
C LYS J 169 -75.18 8.87 59.11
N PHE J 170 -75.55 9.13 57.87
CA PHE J 170 -76.95 9.48 57.56
C PHE J 170 -77.59 8.56 56.52
N GLY J 171 -76.76 7.90 55.73
CA GLY J 171 -77.25 7.01 54.69
C GLY J 171 -77.71 7.75 53.45
N ILE J 172 -76.89 7.72 52.40
CA ILE J 172 -77.23 8.42 51.16
C ILE J 172 -78.12 7.54 50.31
N ILE J 173 -79.31 8.05 50.01
CA ILE J 173 -80.26 7.31 49.17
C ILE J 173 -79.95 7.67 47.73
N LYS J 174 -79.87 8.95 47.43
CA LYS J 174 -79.56 9.41 46.07
C LYS J 174 -79.04 10.85 46.14
N GLY J 175 -78.32 11.29 45.12
CA GLY J 175 -77.81 12.64 45.16
C GLY J 175 -77.36 13.18 43.82
N THR J 176 -77.04 14.48 43.81
CA THR J 176 -76.57 15.15 42.59
C THR J 176 -75.46 16.15 42.97
N MET J 177 -74.63 16.55 42.02
CA MET J 177 -73.54 17.45 42.35
C MET J 177 -73.08 18.43 41.25
N THR J 178 -72.66 19.62 41.68
CA THR J 178 -72.16 20.62 40.74
C THR J 178 -70.87 21.24 41.26
N THR J 179 -69.83 21.23 40.44
CA THR J 179 -68.56 21.80 40.85
C THR J 179 -68.29 23.06 40.04
N THR J 180 -68.27 24.20 40.72
CA THR J 180 -67.96 25.47 40.09
C THR J 180 -66.44 25.44 40.17
N HIS J 181 -65.85 25.10 39.02
CA HIS J 181 -64.42 24.86 38.89
C HIS J 181 -63.61 25.93 38.18
N SER J 182 -62.37 26.10 38.61
CA SER J 182 -61.45 27.05 37.98
C SER J 182 -61.16 26.48 36.61
N TYR J 183 -60.84 27.33 35.63
CA TYR J 183 -60.52 26.80 34.32
C TYR J 183 -59.19 26.05 34.43
N THR J 184 -58.92 25.16 33.47
CA THR J 184 -57.67 24.38 33.46
C THR J 184 -57.05 24.37 32.07
N GLY J 185 -55.78 24.02 32.01
CA GLY J 185 -55.05 23.98 30.76
C GLY J 185 -55.81 23.36 29.59
N ASP J 186 -56.79 22.53 29.88
CA ASP J 186 -57.56 21.88 28.84
C ASP J 186 -58.56 22.78 28.11
N GLN J 187 -58.87 23.94 28.68
CA GLN J 187 -59.80 24.86 28.04
C GLN J 187 -59.04 25.80 27.12
N ARG J 188 -59.75 26.47 26.23
CA ARG J 188 -59.14 27.40 25.29
C ARG J 188 -59.14 28.84 25.82
N LEU J 189 -58.11 29.61 25.46
CA LEU J 189 -57.99 31.01 25.88
C LEU J 189 -58.96 31.88 25.12
N LEU J 190 -59.17 31.57 23.86
CA LEU J 190 -60.14 32.29 23.04
C LEU J 190 -60.87 31.21 22.28
N ASP J 191 -62.10 31.50 21.85
CA ASP J 191 -62.90 30.52 21.12
C ASP J 191 -62.07 29.83 20.04
N ALA J 192 -61.83 28.54 20.24
CA ALA J 192 -61.04 27.73 19.30
C ALA J 192 -61.40 26.25 19.36
N SER J 193 -61.05 25.51 18.32
CA SER J 193 -61.34 24.08 18.26
C SER J 193 -61.08 23.28 19.53
N HIS J 194 -62.05 22.44 19.86
CA HIS J 194 -61.98 21.53 21.00
C HIS J 194 -63.02 20.50 20.60
N ARG J 195 -62.94 19.29 21.16
CA ARG J 195 -63.91 18.26 20.82
C ARG J 195 -65.18 18.60 21.56
N ASP J 196 -65.02 19.15 22.76
CA ASP J 196 -66.13 19.58 23.60
C ASP J 196 -66.43 21.00 23.13
N LEU J 197 -67.62 21.22 22.59
CA LEU J 197 -67.98 22.55 22.08
C LEU J 197 -68.20 23.60 23.15
N ARG J 198 -67.98 23.23 24.40
CA ARG J 198 -68.14 24.20 25.45
C ARG J 198 -66.75 24.53 26.00
N ARG J 199 -65.90 23.52 26.10
CA ARG J 199 -64.53 23.74 26.59
C ARG J 199 -63.73 24.48 25.52
N ALA J 200 -64.35 24.71 24.37
CA ALA J 200 -63.69 25.40 23.28
C ALA J 200 -63.90 26.91 23.37
N ARG J 201 -64.79 27.35 24.27
CA ARG J 201 -65.06 28.77 24.40
C ARG J 201 -64.11 29.47 25.39
N ALA J 202 -63.77 30.72 25.08
CA ALA J 202 -62.87 31.54 25.89
C ALA J 202 -63.05 31.29 27.39
N ALA J 203 -62.07 30.63 27.99
CA ALA J 203 -62.15 30.29 29.43
C ALA J 203 -62.20 31.41 30.46
N ALA J 204 -61.52 32.53 30.23
CA ALA J 204 -61.52 33.60 31.21
C ALA J 204 -62.68 34.56 30.99
N LEU J 205 -63.52 34.26 30.02
CA LEU J 205 -64.65 35.12 29.72
C LEU J 205 -66.01 34.52 30.02
N ASN J 206 -66.08 33.21 30.28
CA ASN J 206 -67.36 32.54 30.50
C ASN J 206 -67.53 31.60 31.66
N ILE J 207 -68.80 31.31 31.91
CA ILE J 207 -69.19 30.32 32.87
C ILE J 207 -69.40 29.19 31.84
N VAL J 208 -68.59 28.14 31.94
CA VAL J 208 -68.64 27.05 30.98
C VAL J 208 -69.01 25.71 31.60
N PRO J 209 -70.19 25.18 31.26
CA PRO J 209 -70.67 23.90 31.79
C PRO J 209 -69.98 22.76 31.05
N THR J 210 -69.42 21.82 31.80
CA THR J 210 -68.76 20.68 31.19
C THR J 210 -69.15 19.49 32.05
N SER J 211 -69.10 18.31 31.43
CA SER J 211 -69.45 17.09 32.16
C SER J 211 -68.32 16.71 33.09
N THR J 212 -68.61 15.80 34.03
CA THR J 212 -67.60 15.33 34.96
C THR J 212 -67.83 13.85 35.20
N GLY J 213 -66.83 13.18 35.75
CA GLY J 213 -66.96 11.78 36.04
C GLY J 213 -66.99 11.59 37.55
N ALA J 214 -66.50 12.62 38.25
CA ALA J 214 -66.43 12.63 39.71
C ALA J 214 -67.64 11.97 40.34
N ALA J 215 -68.80 12.22 39.75
CA ALA J 215 -70.05 11.64 40.24
C ALA J 215 -69.94 10.12 40.32
N LYS J 216 -69.82 9.50 39.15
CA LYS J 216 -69.71 8.05 39.05
C LYS J 216 -68.34 7.53 39.47
N ALA J 217 -67.33 8.40 39.42
CA ALA J 217 -65.98 8.03 39.82
C ALA J 217 -65.96 7.70 41.30
N VAL J 218 -66.78 8.40 42.07
CA VAL J 218 -66.87 8.17 43.51
C VAL J 218 -67.31 6.73 43.79
N ALA J 219 -68.10 6.19 42.87
CA ALA J 219 -68.58 4.82 43.01
C ALA J 219 -67.37 3.87 43.17
N LEU J 220 -66.31 4.11 42.42
CA LEU J 220 -65.10 3.29 42.47
C LEU J 220 -64.40 3.27 43.83
N VAL J 221 -64.57 4.31 44.62
CA VAL J 221 -63.90 4.35 45.90
C VAL J 221 -64.86 4.05 47.02
N LEU J 222 -66.16 4.17 46.73
CA LEU J 222 -67.23 3.88 47.69
C LEU J 222 -68.29 3.15 46.86
N PRO J 223 -68.05 1.85 46.58
CA PRO J 223 -68.94 0.99 45.79
C PRO J 223 -70.39 1.19 46.16
N ASN J 224 -70.62 1.41 47.45
CA ASN J 224 -71.95 1.60 47.99
C ASN J 224 -72.70 2.77 47.36
N LEU J 225 -71.97 3.68 46.72
CA LEU J 225 -72.59 4.85 46.10
C LEU J 225 -72.92 4.59 44.64
N LYS J 226 -72.57 3.40 44.17
CA LYS J 226 -72.81 3.03 42.78
C LYS J 226 -74.23 3.34 42.29
N GLY J 227 -74.33 4.16 41.25
CA GLY J 227 -75.61 4.50 40.67
C GLY J 227 -76.42 5.52 41.44
N LYS J 228 -75.88 5.99 42.56
CA LYS J 228 -76.58 6.95 43.40
C LYS J 228 -76.28 8.44 43.16
N LEU J 229 -75.17 8.74 42.49
CA LEU J 229 -74.81 10.13 42.25
C LEU J 229 -74.68 10.44 40.76
N ASN J 230 -74.57 11.73 40.46
CA ASN J 230 -74.43 12.19 39.10
C ASN J 230 -74.31 13.69 39.19
N GLY J 231 -73.49 14.29 38.34
CA GLY J 231 -73.35 15.72 38.43
C GLY J 231 -72.74 16.36 37.22
N ILE J 232 -72.50 17.67 37.30
CA ILE J 232 -71.90 18.40 36.20
C ILE J 232 -70.88 19.38 36.74
N ALA J 233 -70.22 20.08 35.83
CA ALA J 233 -69.23 21.05 36.20
C ALA J 233 -69.55 22.37 35.57
N LEU J 234 -69.11 23.43 36.23
CA LEU J 234 -69.28 24.78 35.73
C LEU J 234 -67.93 25.47 35.84
N ARG J 235 -67.23 25.56 34.71
CA ARG J 235 -65.93 26.21 34.65
C ARG J 235 -66.12 27.72 34.76
N VAL J 236 -65.37 28.33 35.66
CA VAL J 236 -65.49 29.78 35.87
C VAL J 236 -64.16 30.49 35.71
N PRO J 237 -64.19 31.81 35.46
CA PRO J 237 -62.94 32.55 35.28
C PRO J 237 -61.97 32.74 36.44
N THR J 238 -61.54 31.66 37.08
CA THR J 238 -60.53 31.76 38.14
C THR J 238 -59.49 30.69 37.78
N PRO J 239 -58.19 31.04 37.82
CA PRO J 239 -57.05 30.17 37.52
C PRO J 239 -56.77 29.02 38.50
N ASN J 240 -57.42 29.03 39.66
CA ASN J 240 -57.21 27.96 40.62
C ASN J 240 -58.11 28.06 41.85
N VAL J 241 -58.38 26.89 42.43
CA VAL J 241 -59.25 26.70 43.60
C VAL J 241 -60.68 26.53 43.12
N SER J 242 -61.28 25.41 43.47
CA SER J 242 -62.64 25.17 43.04
C SER J 242 -63.44 24.75 44.25
N VAL J 243 -64.75 24.68 44.07
CA VAL J 243 -65.65 24.30 45.13
C VAL J 243 -66.68 23.30 44.57
N VAL J 244 -67.03 22.27 45.35
CA VAL J 244 -68.04 21.31 44.89
C VAL J 244 -69.29 21.51 45.73
N ASP J 245 -70.43 21.55 45.05
CA ASP J 245 -71.74 21.77 45.66
C ASP J 245 -72.52 20.47 45.59
N LEU J 246 -72.70 19.82 46.74
CA LEU J 246 -73.42 18.56 46.82
C LEU J 246 -74.82 18.64 47.40
N VAL J 247 -75.73 17.88 46.83
CA VAL J 247 -77.11 17.82 47.30
C VAL J 247 -77.45 16.34 47.40
N VAL J 248 -77.79 15.87 48.59
CA VAL J 248 -78.13 14.48 48.76
C VAL J 248 -79.37 14.27 49.60
N GLN J 249 -80.12 13.22 49.28
CA GLN J 249 -81.28 12.89 50.09
C GLN J 249 -80.71 11.83 51.00
N VAL J 250 -80.92 11.97 52.30
CA VAL J 250 -80.37 11.01 53.24
C VAL J 250 -81.47 10.21 53.91
N SER J 251 -81.09 9.29 54.80
CA SER J 251 -82.07 8.47 55.48
C SER J 251 -82.40 8.99 56.86
N LYS J 252 -81.40 8.99 57.73
CA LYS J 252 -81.54 9.50 59.08
C LYS J 252 -81.98 10.95 58.92
N LYS J 253 -83.11 11.33 59.50
CA LYS J 253 -83.52 12.72 59.39
C LYS J 253 -82.45 13.51 60.12
N THR J 254 -82.12 14.69 59.60
CA THR J 254 -81.09 15.51 60.24
C THR J 254 -81.29 17.03 60.10
N PHE J 255 -80.37 17.77 60.69
CA PHE J 255 -80.39 19.22 60.64
C PHE J 255 -78.98 19.73 60.36
N ALA J 256 -78.91 20.90 59.72
CA ALA J 256 -77.65 21.50 59.35
C ALA J 256 -76.52 21.48 60.36
N GLU J 257 -76.80 21.84 61.60
CA GLU J 257 -75.73 21.86 62.57
C GLU J 257 -75.17 20.49 62.90
N GLU J 258 -76.00 19.47 62.78
CA GLU J 258 -75.57 18.09 63.06
C GLU J 258 -74.68 17.58 61.93
N VAL J 259 -75.04 17.92 60.71
CA VAL J 259 -74.27 17.52 59.56
C VAL J 259 -72.85 18.08 59.74
N ASN J 260 -72.77 19.35 60.13
CA ASN J 260 -71.49 20.00 60.34
C ASN J 260 -70.71 19.36 61.49
N ALA J 261 -71.41 18.95 62.53
CA ALA J 261 -70.76 18.33 63.68
C ALA J 261 -70.12 17.04 63.19
N ALA J 262 -70.82 16.39 62.27
CA ALA J 262 -70.33 15.14 61.68
C ALA J 262 -68.99 15.40 61.04
N PHE J 263 -68.94 16.41 60.17
CA PHE J 263 -67.72 16.75 59.45
C PHE J 263 -66.58 17.15 60.39
N ARG J 264 -66.86 17.95 61.41
CA ARG J 264 -65.82 18.33 62.34
C ARG J 264 -65.25 17.10 63.04
N ASP J 265 -66.13 16.23 63.53
CA ASP J 265 -65.65 15.03 64.21
C ASP J 265 -64.74 14.24 63.26
N SER J 266 -65.19 14.00 62.03
CA SER J 266 -64.38 13.24 61.07
C SER J 266 -63.06 13.96 60.80
N ALA J 267 -63.07 15.28 60.87
CA ALA J 267 -61.85 16.06 60.62
C ALA J 267 -60.85 15.91 61.75
N GLU J 268 -61.31 15.49 62.91
CA GLU J 268 -60.40 15.31 64.03
C GLU J 268 -59.98 13.84 64.13
N LYS J 269 -60.69 12.98 63.41
CA LYS J 269 -60.40 11.55 63.47
C LYS J 269 -60.07 10.83 62.16
N GLU J 270 -60.97 9.98 61.69
CA GLU J 270 -60.68 9.20 60.49
C GLU J 270 -60.36 9.99 59.23
N LEU J 271 -60.50 11.30 59.26
CA LEU J 271 -60.17 12.08 58.07
C LEU J 271 -59.17 13.18 58.36
N LYS J 272 -58.54 13.09 59.53
CA LYS J 272 -57.57 14.08 59.91
C LYS J 272 -56.63 14.36 58.74
N GLY J 273 -56.31 15.64 58.55
CA GLY J 273 -55.41 16.02 57.48
C GLY J 273 -56.02 15.91 56.08
N ILE J 274 -57.22 15.35 55.96
CA ILE J 274 -57.85 15.21 54.64
C ILE J 274 -59.08 16.07 54.45
N LEU J 275 -59.93 16.10 55.49
CA LEU J 275 -61.14 16.90 55.47
C LEU J 275 -61.01 17.92 56.58
N ASP J 276 -61.46 19.14 56.28
CA ASP J 276 -61.39 20.26 57.21
C ASP J 276 -62.70 21.05 57.16
N VAL J 277 -63.12 21.58 58.30
CA VAL J 277 -64.34 22.38 58.39
C VAL J 277 -63.99 23.84 58.67
N CYS J 278 -64.41 24.73 57.77
CA CYS J 278 -64.12 26.17 57.91
C CYS J 278 -65.32 26.98 58.39
N ASP J 279 -65.11 27.82 59.41
CA ASP J 279 -66.16 28.66 59.96
C ASP J 279 -66.08 30.17 59.64
N GLU J 280 -65.11 30.61 58.86
CA GLU J 280 -65.01 32.03 58.51
C GLU J 280 -65.67 32.25 57.15
N PRO J 281 -66.26 33.44 56.94
CA PRO J 281 -66.89 33.71 55.64
C PRO J 281 -65.74 34.04 54.68
N LEU J 282 -65.08 33.03 54.14
CA LEU J 282 -63.93 33.25 53.26
C LEU J 282 -64.28 33.13 51.79
N VAL J 283 -63.31 33.38 50.92
CA VAL J 283 -63.58 33.27 49.49
C VAL J 283 -62.58 32.33 48.83
N SER J 284 -62.73 32.10 47.53
CA SER J 284 -61.85 31.15 46.86
C SER J 284 -60.35 31.31 47.10
N VAL J 285 -59.87 32.54 47.03
CA VAL J 285 -58.46 32.75 47.19
C VAL J 285 -57.91 32.42 48.58
N ASP J 286 -58.74 32.49 49.61
CA ASP J 286 -58.25 32.21 50.96
C ASP J 286 -57.87 30.73 51.12
N PHE J 287 -58.17 29.96 50.10
CA PHE J 287 -57.91 28.53 50.10
C PHE J 287 -56.75 28.10 49.23
N ARG J 288 -56.03 29.06 48.65
CA ARG J 288 -54.89 28.71 47.82
C ARG J 288 -53.86 28.02 48.71
N CYS J 289 -53.40 26.85 48.27
CA CYS J 289 -52.40 26.07 49.00
C CYS J 289 -52.93 25.32 50.22
N SER J 290 -54.22 25.09 50.25
CA SER J 290 -54.76 24.33 51.35
C SER J 290 -54.38 22.87 51.13
N ASP J 291 -53.88 22.22 52.17
CA ASP J 291 -53.48 20.81 52.06
C ASP J 291 -54.63 19.80 52.17
N PHE J 292 -55.81 20.29 52.52
CA PHE J 292 -56.96 19.42 52.68
C PHE J 292 -57.63 19.07 51.35
N SER J 293 -58.11 17.84 51.25
CA SER J 293 -58.79 17.40 50.05
C SER J 293 -60.14 18.11 49.99
N THR J 294 -60.70 18.38 51.16
CA THR J 294 -61.99 19.04 51.20
C THR J 294 -62.16 19.86 52.47
N THR J 295 -62.60 21.10 52.30
CA THR J 295 -62.85 22.00 53.43
C THR J 295 -64.32 22.42 53.37
N ILE J 296 -65.07 22.03 54.39
CA ILE J 296 -66.49 22.34 54.46
C ILE J 296 -66.74 23.80 54.85
N ASP J 297 -67.58 24.49 54.10
CA ASP J 297 -67.91 25.87 54.45
C ASP J 297 -69.09 25.72 55.40
N SER J 298 -68.79 25.43 56.66
CA SER J 298 -69.85 25.20 57.64
C SER J 298 -71.08 26.08 57.50
N SER J 299 -70.89 27.39 57.39
CA SER J 299 -72.02 28.29 57.29
C SER J 299 -72.86 28.19 56.01
N LEU J 300 -72.47 27.34 55.07
CA LEU J 300 -73.24 27.20 53.84
C LEU J 300 -74.12 25.97 53.88
N THR J 301 -73.81 25.06 54.81
CA THR J 301 -74.58 23.84 54.97
C THR J 301 -76.02 24.13 55.31
N MET J 302 -76.93 23.59 54.50
CA MET J 302 -78.34 23.77 54.77
C MET J 302 -79.07 22.47 54.54
N VAL J 303 -80.09 22.21 55.36
CA VAL J 303 -80.89 21.01 55.25
C VAL J 303 -82.33 21.42 54.98
N MET J 304 -82.93 20.80 53.96
CA MET J 304 -84.30 21.11 53.60
C MET J 304 -85.19 19.88 53.81
N GLY J 305 -86.28 20.05 54.54
CA GLY J 305 -87.18 18.93 54.78
C GLY J 305 -86.55 17.70 55.43
N ASP J 306 -85.79 17.94 56.51
CA ASP J 306 -85.12 16.88 57.29
C ASP J 306 -84.18 15.93 56.57
N ASP J 307 -84.28 15.82 55.24
CA ASP J 307 -83.42 14.86 54.53
C ASP J 307 -82.75 15.27 53.24
N MET J 308 -82.96 16.51 52.79
CA MET J 308 -82.27 16.95 51.58
C MET J 308 -81.14 17.80 52.12
N VAL J 309 -79.94 17.26 52.08
CA VAL J 309 -78.77 17.95 52.59
C VAL J 309 -77.94 18.54 51.47
N LYS J 310 -77.54 19.79 51.64
CA LYS J 310 -76.72 20.47 50.66
C LYS J 310 -75.43 20.88 51.39
N VAL J 311 -74.29 20.48 50.83
CA VAL J 311 -73.00 20.83 51.42
C VAL J 311 -72.07 21.45 50.39
N ILE J 312 -71.30 22.45 50.83
CA ILE J 312 -70.37 23.14 49.95
C ILE J 312 -68.95 22.97 50.48
N ALA J 313 -68.03 22.55 49.61
CA ALA J 313 -66.66 22.31 50.03
C ALA J 313 -65.65 22.95 49.09
N TRP J 314 -64.58 23.51 49.64
CA TRP J 314 -63.55 24.15 48.82
C TRP J 314 -62.36 23.24 48.75
N TYR J 315 -61.51 23.45 47.75
CA TYR J 315 -60.29 22.66 47.59
C TYR J 315 -59.41 23.28 46.54
N ASP J 316 -58.10 23.16 46.76
CA ASP J 316 -57.13 23.67 45.80
C ASP J 316 -56.93 22.53 44.81
N ASN J 317 -57.65 22.58 43.70
CA ASN J 317 -57.57 21.54 42.69
C ASN J 317 -56.16 21.27 42.19
N GLU J 318 -55.22 22.19 42.38
CA GLU J 318 -53.86 21.92 41.95
C GLU J 318 -53.02 21.46 43.12
N TRP J 319 -52.95 22.25 44.18
CA TRP J 319 -52.10 21.87 45.30
C TRP J 319 -52.66 20.75 46.16
N GLY J 320 -53.92 20.86 46.55
CA GLY J 320 -54.50 19.83 47.40
C GLY J 320 -54.31 18.47 46.75
N TYR J 321 -54.80 18.34 45.52
CA TYR J 321 -54.72 17.09 44.77
C TYR J 321 -53.29 16.54 44.77
N SER J 322 -52.34 17.39 44.41
CA SER J 322 -50.95 16.99 44.35
C SER J 322 -50.42 16.54 45.70
N GLN J 323 -50.85 17.19 46.76
CA GLN J 323 -50.40 16.76 48.09
C GLN J 323 -50.89 15.33 48.27
N ARG J 324 -52.03 15.03 47.66
CA ARG J 324 -52.61 13.70 47.75
C ARG J 324 -51.79 12.70 46.94
N VAL J 325 -51.35 13.10 45.75
CA VAL J 325 -50.55 12.23 44.92
C VAL J 325 -49.31 11.87 45.73
N VAL J 326 -48.66 12.86 46.32
CA VAL J 326 -47.50 12.58 47.15
C VAL J 326 -47.90 11.64 48.26
N ASP J 327 -49.11 11.80 48.80
CA ASP J 327 -49.58 10.92 49.87
C ASP J 327 -49.72 9.49 49.35
N LEU J 328 -50.30 9.35 48.16
CA LEU J 328 -50.48 8.04 47.58
C LEU J 328 -49.12 7.37 47.37
N ALA J 329 -48.24 8.03 46.62
CA ALA J 329 -46.90 7.51 46.35
C ALA J 329 -46.20 7.10 47.65
N ASP J 330 -46.48 7.81 48.73
CA ASP J 330 -45.89 7.47 50.01
C ASP J 330 -46.44 6.13 50.46
N ILE J 331 -47.73 5.93 50.25
CA ILE J 331 -48.36 4.67 50.61
C ILE J 331 -47.69 3.57 49.78
N VAL J 332 -47.71 3.76 48.46
CA VAL J 332 -47.09 2.82 47.55
C VAL J 332 -45.65 2.55 47.98
N ALA J 333 -45.04 3.52 48.65
CA ALA J 333 -43.68 3.36 49.11
C ALA J 333 -43.65 2.55 50.39
N ASN J 334 -44.53 2.86 51.34
CA ASN J 334 -44.53 2.14 52.61
C ASN J 334 -45.12 0.73 52.58
N ASN J 335 -45.66 0.33 51.44
CA ASN J 335 -46.24 -0.99 51.26
C ASN J 335 -45.44 -1.76 50.23
N TRP J 336 -44.29 -1.20 49.87
CA TRP J 336 -43.41 -1.79 48.88
C TRP J 336 -42.79 -3.08 49.39
N LYS J 337 -42.75 -4.11 48.54
CA LYS J 337 -42.19 -5.40 48.91
C LYS J 337 -41.04 -5.77 47.99
#